data_2L5O
#
_entry.id   2L5O
#
_cell.length_a   1.000
_cell.length_b   1.000
_cell.length_c   1.000
_cell.angle_alpha   90.00
_cell.angle_beta   90.00
_cell.angle_gamma   90.00
#
_symmetry.space_group_name_H-M   'P 1'
#
_entity_poly.entity_id   1
_entity_poly.type   'polypeptide(L)'
_entity_poly.pdbx_seq_one_letter_code
;MSLDSKTAPAFSLPDLHGKTVSNADLQGKVTLINFWFPSCPGCVSEMPKIIKTANDYKNKNFQVLAVAQPIDPIESVRQY
VKDYGLPFTVMYDADKAVGQAFGTQVYPTSVLIGKKGEILKTYVGEPDFGKLYQEIDTAWRNSDAEGHHHHHH
;
_entity_poly.pdbx_strand_id   A
#
# COMPACT_ATOMS: atom_id res chain seq x y z
N ASP A 4 -8.14 -6.25 -6.68
CA ASP A 4 -8.39 -6.29 -5.22
C ASP A 4 -7.49 -7.33 -4.57
N SER A 5 -7.48 -8.54 -5.13
CA SER A 5 -6.61 -9.59 -4.65
C SER A 5 -5.21 -9.45 -5.28
N LYS A 6 -4.44 -10.51 -5.21
CA LYS A 6 -3.09 -10.53 -5.77
C LYS A 6 -3.16 -10.71 -7.29
N THR A 7 -2.14 -10.20 -7.99
CA THR A 7 -2.15 -10.10 -9.44
C THR A 7 -3.20 -9.07 -9.89
N ALA A 8 -3.65 -8.29 -8.91
CA ALA A 8 -4.57 -7.17 -9.09
C ALA A 8 -5.76 -7.48 -10.00
N PRO A 9 -6.74 -8.28 -9.52
CA PRO A 9 -8.03 -8.41 -10.18
C PRO A 9 -8.77 -7.07 -10.20
N ALA A 10 -9.86 -7.02 -10.96
CA ALA A 10 -10.61 -5.77 -11.13
C ALA A 10 -11.12 -5.22 -9.81
N PHE A 11 -10.65 -4.04 -9.44
CA PHE A 11 -11.10 -3.37 -8.22
C PHE A 11 -11.23 -1.88 -8.46
N SER A 12 -12.24 -1.29 -7.87
CA SER A 12 -12.42 0.16 -7.89
C SER A 12 -12.86 0.61 -6.50
N LEU A 13 -11.92 1.13 -5.73
CA LEU A 13 -12.18 1.44 -4.33
C LEU A 13 -12.08 2.94 -4.07
N PRO A 14 -13.18 3.55 -3.59
CA PRO A 14 -13.17 4.94 -3.14
C PRO A 14 -12.48 5.07 -1.77
N ASP A 15 -11.55 6.00 -1.68
CA ASP A 15 -10.83 6.23 -0.43
C ASP A 15 -11.60 7.20 0.47
N LEU A 16 -10.95 7.60 1.56
CA LEU A 16 -11.60 8.44 2.57
C LEU A 16 -11.91 9.84 2.05
N HIS A 17 -11.42 10.18 0.87
CA HIS A 17 -11.71 11.48 0.26
C HIS A 17 -12.88 11.36 -0.71
N GLY A 18 -13.27 10.13 -1.00
CA GLY A 18 -14.41 9.91 -1.88
C GLY A 18 -14.01 9.68 -3.32
N LYS A 19 -12.72 9.65 -3.59
CA LYS A 19 -12.25 9.41 -4.96
C LYS A 19 -11.91 7.94 -5.13
N THR A 20 -12.18 7.41 -6.32
CA THR A 20 -12.02 6.00 -6.57
C THR A 20 -10.65 5.67 -7.17
N VAL A 21 -9.93 4.76 -6.53
CA VAL A 21 -8.69 4.23 -7.07
C VAL A 21 -8.95 2.85 -7.67
N SER A 22 -8.31 2.56 -8.79
CA SER A 22 -8.58 1.34 -9.52
C SER A 22 -7.31 0.80 -10.18
N ASN A 23 -7.46 -0.31 -10.91
CA ASN A 23 -6.34 -1.02 -11.55
C ASN A 23 -5.52 -0.08 -12.43
N ALA A 24 -6.21 0.81 -13.15
CA ALA A 24 -5.55 1.72 -14.08
C ALA A 24 -4.51 2.59 -13.38
N ASP A 25 -4.71 2.84 -12.10
CA ASP A 25 -3.84 3.73 -11.35
C ASP A 25 -2.54 3.01 -10.95
N LEU A 26 -2.59 1.69 -10.88
CA LEU A 26 -1.43 0.91 -10.48
C LEU A 26 -0.44 0.77 -11.63
N GLN A 27 -0.93 0.94 -12.84
CA GLN A 27 -0.11 0.78 -14.03
C GLN A 27 0.88 1.93 -14.17
N GLY A 28 2.13 1.65 -13.82
CA GLY A 28 3.17 2.66 -13.95
C GLY A 28 3.69 3.13 -12.60
N LYS A 29 2.86 3.01 -11.58
CA LYS A 29 3.27 3.40 -10.24
C LYS A 29 3.52 2.15 -9.40
N VAL A 30 4.44 2.26 -8.47
CA VAL A 30 4.66 1.21 -7.50
C VAL A 30 4.02 1.64 -6.19
N THR A 31 3.35 0.72 -5.53
CA THR A 31 2.47 1.09 -4.45
C THR A 31 2.71 0.23 -3.21
N LEU A 32 2.75 0.89 -2.07
CA LEU A 32 2.83 0.19 -0.79
C LEU A 32 1.49 0.29 -0.10
N ILE A 33 0.75 -0.81 -0.07
CA ILE A 33 -0.52 -0.84 0.61
C ILE A 33 -0.38 -1.60 1.91
N ASN A 34 -0.49 -0.90 3.03
CA ASN A 34 -0.37 -1.54 4.33
C ASN A 34 -1.71 -1.58 5.04
N PHE A 35 -2.03 -2.74 5.58
CA PHE A 35 -3.25 -2.91 6.35
C PHE A 35 -2.97 -2.64 7.80
N TRP A 36 -3.65 -1.64 8.35
CA TRP A 36 -3.39 -1.18 9.69
C TRP A 36 -4.67 -0.67 10.34
N PHE A 37 -4.52 -0.11 11.53
CA PHE A 37 -5.59 0.54 12.25
C PHE A 37 -4.97 1.56 13.21
N PRO A 38 -5.68 2.66 13.52
CA PRO A 38 -5.18 3.74 14.37
C PRO A 38 -4.45 3.24 15.63
N SER A 39 -5.04 2.28 16.34
CA SER A 39 -4.45 1.77 17.57
C SER A 39 -3.44 0.65 17.32
N CYS A 40 -2.81 0.66 16.15
CA CYS A 40 -1.85 -0.37 15.80
C CYS A 40 -0.49 -0.09 16.44
N PRO A 41 0.08 -1.10 17.11
CA PRO A 41 1.41 -0.99 17.72
C PRO A 41 2.50 -0.79 16.67
N GLY A 42 2.24 -1.27 15.46
CA GLY A 42 3.21 -1.15 14.38
C GLY A 42 3.37 0.28 13.89
N CYS A 43 2.42 1.14 14.23
CA CYS A 43 2.46 2.55 13.82
C CYS A 43 3.74 3.22 14.31
N VAL A 44 4.27 2.77 15.43
CA VAL A 44 5.52 3.30 15.96
C VAL A 44 6.62 3.21 14.91
N SER A 45 6.68 2.09 14.22
CA SER A 45 7.64 1.88 13.16
C SER A 45 7.11 2.42 11.82
N GLU A 46 5.94 1.93 11.42
CA GLU A 46 5.37 2.24 10.11
C GLU A 46 5.15 3.73 9.91
N MET A 47 4.50 4.40 10.86
CA MET A 47 3.95 5.73 10.59
C MET A 47 5.03 6.75 10.18
N PRO A 48 6.05 7.05 11.01
CA PRO A 48 7.11 8.00 10.63
C PRO A 48 7.84 7.54 9.38
N LYS A 49 8.00 6.24 9.29
CA LYS A 49 8.61 5.58 8.15
C LYS A 49 7.84 5.89 6.86
N ILE A 50 6.53 5.72 6.91
CA ILE A 50 5.68 5.86 5.73
C ILE A 50 5.52 7.34 5.38
N ILE A 51 5.54 8.20 6.40
CA ILE A 51 5.46 9.65 6.17
C ILE A 51 6.56 10.08 5.21
N LYS A 52 7.79 9.70 5.54
CA LYS A 52 8.93 10.08 4.72
C LYS A 52 8.94 9.30 3.40
N THR A 53 8.52 8.03 3.46
CA THR A 53 8.50 7.18 2.28
C THR A 53 7.54 7.74 1.21
N ALA A 54 6.31 7.98 1.60
CA ALA A 54 5.29 8.43 0.67
C ALA A 54 5.59 9.85 0.19
N ASN A 55 6.27 10.61 1.02
CA ASN A 55 6.67 11.98 0.68
C ASN A 55 7.83 11.99 -0.31
N ASP A 56 8.78 11.08 -0.11
CA ASP A 56 10.00 11.07 -0.89
C ASP A 56 9.76 10.53 -2.29
N TYR A 57 9.16 9.35 -2.36
CA TYR A 57 8.96 8.67 -3.63
C TYR A 57 7.76 9.22 -4.38
N LYS A 58 7.06 10.16 -3.75
CA LYS A 58 5.92 10.83 -4.38
C LYS A 58 6.36 11.52 -5.67
N ASN A 59 7.56 12.08 -5.62
CA ASN A 59 8.10 12.86 -6.72
C ASN A 59 8.90 11.96 -7.65
N LYS A 60 8.76 10.66 -7.46
CA LYS A 60 9.46 9.70 -8.29
C LYS A 60 8.48 8.93 -9.16
N ASN A 61 7.56 8.19 -8.50
CA ASN A 61 6.54 7.37 -9.17
C ASN A 61 5.94 6.35 -8.19
N PHE A 62 6.19 6.56 -6.91
CA PHE A 62 5.76 5.61 -5.89
C PHE A 62 4.67 6.22 -5.03
N GLN A 63 3.71 5.41 -4.64
CA GLN A 63 2.60 5.87 -3.82
C GLN A 63 2.30 4.86 -2.71
N VAL A 64 1.85 5.38 -1.57
CA VAL A 64 1.49 4.52 -0.46
C VAL A 64 0.01 4.62 -0.17
N LEU A 65 -0.64 3.48 -0.01
CA LEU A 65 -2.04 3.43 0.30
C LEU A 65 -2.25 2.67 1.59
N ALA A 66 -2.66 3.38 2.62
CA ALA A 66 -2.86 2.77 3.93
C ALA A 66 -4.30 2.36 4.10
N VAL A 67 -4.54 1.08 4.25
CA VAL A 67 -5.91 0.58 4.39
C VAL A 67 -6.18 0.18 5.83
N ALA A 68 -7.06 0.93 6.48
CA ALA A 68 -7.44 0.64 7.85
C ALA A 68 -8.72 -0.16 7.85
N GLN A 69 -8.70 -1.31 8.50
CA GLN A 69 -9.87 -2.17 8.56
C GLN A 69 -10.63 -1.93 9.87
N PRO A 70 -11.86 -2.46 10.04
CA PRO A 70 -12.70 -2.16 11.20
C PRO A 70 -12.16 -2.68 12.52
N ILE A 71 -11.22 -1.95 13.08
CA ILE A 71 -10.77 -2.17 14.45
C ILE A 71 -11.07 -0.91 15.25
N ASP A 72 -10.58 0.20 14.74
CA ASP A 72 -10.96 1.51 15.26
C ASP A 72 -11.98 2.14 14.31
N PRO A 73 -12.86 3.01 14.83
CA PRO A 73 -13.89 3.68 14.01
C PRO A 73 -13.31 4.42 12.81
N ILE A 74 -14.10 4.52 11.74
CA ILE A 74 -13.67 5.17 10.51
C ILE A 74 -13.20 6.61 10.74
N GLU A 75 -13.87 7.31 11.66
CA GLU A 75 -13.48 8.67 11.97
C GLU A 75 -12.15 8.71 12.69
N SER A 76 -11.91 7.71 13.53
CA SER A 76 -10.67 7.62 14.27
C SER A 76 -9.49 7.50 13.30
N VAL A 77 -9.74 6.83 12.17
CA VAL A 77 -8.74 6.74 11.11
C VAL A 77 -8.48 8.12 10.53
N ARG A 78 -9.56 8.86 10.29
CA ARG A 78 -9.46 10.22 9.78
C ARG A 78 -8.76 11.12 10.78
N GLN A 79 -8.95 10.84 12.06
CA GLN A 79 -8.27 11.62 13.10
C GLN A 79 -6.78 11.49 12.93
N TYR A 80 -6.32 10.27 12.69
CA TYR A 80 -4.92 10.00 12.48
C TYR A 80 -4.42 10.72 11.23
N VAL A 81 -5.19 10.61 10.14
CA VAL A 81 -4.79 11.19 8.87
C VAL A 81 -4.78 12.73 8.92
N LYS A 82 -5.74 13.30 9.64
CA LYS A 82 -5.85 14.76 9.76
C LYS A 82 -4.81 15.33 10.72
N ASP A 83 -4.68 14.72 11.89
CA ASP A 83 -3.84 15.24 12.96
C ASP A 83 -2.35 15.21 12.58
N TYR A 84 -1.90 14.06 12.09
CA TYR A 84 -0.47 13.87 11.81
C TYR A 84 -0.11 14.25 10.39
N GLY A 85 -1.10 14.72 9.62
CA GLY A 85 -0.86 15.16 8.26
C GLY A 85 -0.27 14.07 7.39
N LEU A 86 -1.03 13.01 7.19
CA LEU A 86 -0.56 11.87 6.39
C LEU A 86 -0.54 12.20 4.89
N PRO A 87 0.67 12.21 4.29
CA PRO A 87 0.85 12.54 2.86
C PRO A 87 0.54 11.36 1.94
N PHE A 88 -0.12 10.36 2.46
CA PHE A 88 -0.48 9.18 1.69
C PHE A 88 -1.97 8.89 1.83
N THR A 89 -2.54 8.24 0.82
CA THR A 89 -3.96 8.02 0.78
C THR A 89 -4.37 6.85 1.67
N VAL A 90 -5.37 7.08 2.51
CA VAL A 90 -5.82 6.07 3.44
C VAL A 90 -7.26 5.67 3.13
N MET A 91 -7.56 4.39 3.23
CA MET A 91 -8.90 3.88 3.01
C MET A 91 -9.41 3.20 4.27
N TYR A 92 -10.69 2.89 4.27
CA TYR A 92 -11.30 2.16 5.38
C TYR A 92 -11.96 0.90 4.85
N ASP A 93 -11.38 -0.25 5.18
CA ASP A 93 -11.86 -1.53 4.67
C ASP A 93 -13.05 -2.01 5.48
N ALA A 94 -14.19 -1.35 5.29
CA ALA A 94 -15.37 -1.59 6.12
C ALA A 94 -15.85 -3.04 6.06
N ASP A 95 -15.93 -3.58 4.86
CA ASP A 95 -16.38 -4.96 4.68
C ASP A 95 -15.20 -5.93 4.79
N LYS A 96 -13.99 -5.37 4.79
CA LYS A 96 -12.75 -6.14 4.91
C LYS A 96 -12.48 -6.98 3.67
N ALA A 97 -13.29 -6.80 2.62
CA ALA A 97 -13.22 -7.66 1.45
C ALA A 97 -11.94 -7.45 0.66
N VAL A 98 -11.42 -6.22 0.66
CA VAL A 98 -10.18 -5.95 -0.05
C VAL A 98 -9.01 -6.59 0.68
N GLY A 99 -9.01 -6.48 2.00
CA GLY A 99 -8.01 -7.16 2.81
C GLY A 99 -8.15 -8.67 2.73
N GLN A 100 -9.39 -9.13 2.69
CA GLN A 100 -9.69 -10.55 2.56
C GLN A 100 -9.26 -11.08 1.19
N ALA A 101 -9.34 -10.21 0.17
CA ALA A 101 -8.92 -10.57 -1.18
C ALA A 101 -7.42 -10.84 -1.23
N PHE A 102 -6.64 -9.98 -0.61
CA PHE A 102 -5.20 -10.17 -0.53
C PHE A 102 -4.86 -11.40 0.32
N GLY A 103 -5.74 -11.70 1.28
CA GLY A 103 -5.53 -12.83 2.15
C GLY A 103 -4.42 -12.57 3.14
N THR A 104 -4.59 -11.54 3.96
CA THR A 104 -3.60 -11.17 4.95
C THR A 104 -3.99 -11.69 6.33
N GLN A 105 -5.08 -11.14 6.87
CA GLN A 105 -5.65 -11.55 8.16
C GLN A 105 -4.79 -11.11 9.34
N VAL A 106 -3.49 -11.16 9.19
CA VAL A 106 -2.57 -10.73 10.25
C VAL A 106 -2.09 -9.31 9.99
N TYR A 107 -2.15 -8.48 11.01
CA TYR A 107 -1.81 -7.07 10.89
C TYR A 107 -0.79 -6.68 11.96
N PRO A 108 0.04 -5.66 11.70
CA PRO A 108 0.02 -4.91 10.44
C PRO A 108 0.77 -5.63 9.32
N THR A 109 0.48 -5.24 8.09
CA THR A 109 1.14 -5.86 6.95
C THR A 109 1.26 -4.87 5.78
N SER A 110 2.48 -4.73 5.28
CA SER A 110 2.75 -3.88 4.14
C SER A 110 2.88 -4.72 2.87
N VAL A 111 2.05 -4.42 1.87
CA VAL A 111 2.10 -5.15 0.61
C VAL A 111 2.73 -4.28 -0.47
N LEU A 112 3.66 -4.85 -1.21
CA LEU A 112 4.35 -4.13 -2.26
C LEU A 112 3.79 -4.50 -3.62
N ILE A 113 3.26 -3.52 -4.32
CA ILE A 113 2.66 -3.74 -5.63
C ILE A 113 3.64 -3.30 -6.72
N GLY A 114 3.90 -4.18 -7.67
CA GLY A 114 4.78 -3.86 -8.76
C GLY A 114 4.15 -2.89 -9.75
N LYS A 115 4.89 -2.54 -10.79
CA LYS A 115 4.43 -1.54 -11.76
C LYS A 115 3.58 -2.20 -12.85
N LYS A 116 3.49 -3.51 -12.79
CA LYS A 116 2.72 -4.27 -13.77
C LYS A 116 1.34 -4.61 -13.21
N GLY A 117 1.29 -4.78 -11.89
CA GLY A 117 0.04 -5.11 -11.23
C GLY A 117 0.08 -6.50 -10.63
N GLU A 118 1.28 -7.02 -10.44
CA GLU A 118 1.48 -8.40 -10.02
C GLU A 118 1.12 -8.63 -8.55
N ILE A 119 1.22 -7.56 -7.74
CA ILE A 119 1.18 -7.68 -6.29
C ILE A 119 2.30 -8.61 -5.82
N LEU A 120 3.41 -8.00 -5.41
CA LEU A 120 4.66 -8.74 -5.23
C LEU A 120 4.88 -9.24 -3.81
N LYS A 121 5.25 -8.33 -2.93
CA LYS A 121 5.81 -8.71 -1.64
C LYS A 121 4.85 -8.44 -0.49
N THR A 122 4.88 -9.31 0.52
CA THR A 122 4.08 -9.12 1.71
C THR A 122 4.94 -9.09 2.97
N TYR A 123 5.08 -7.91 3.55
CA TYR A 123 5.77 -7.75 4.82
C TYR A 123 4.76 -7.77 5.97
N VAL A 124 5.01 -8.61 6.96
CA VAL A 124 4.09 -8.74 8.09
C VAL A 124 4.78 -8.37 9.40
N GLY A 125 4.12 -7.55 10.20
CA GLY A 125 4.69 -7.15 11.47
C GLY A 125 5.64 -5.97 11.33
N GLU A 126 6.93 -6.27 11.37
CA GLU A 126 7.94 -5.23 11.25
C GLU A 126 8.61 -5.31 9.89
N PRO A 127 8.35 -4.33 9.00
CA PRO A 127 8.95 -4.29 7.68
C PRO A 127 10.40 -3.81 7.74
N ASP A 128 11.33 -4.76 7.58
CA ASP A 128 12.77 -4.46 7.56
C ASP A 128 13.07 -3.31 6.61
N PHE A 129 13.40 -2.16 7.17
CA PHE A 129 13.57 -0.93 6.41
C PHE A 129 14.68 -1.07 5.37
N GLY A 130 15.80 -1.67 5.77
CA GLY A 130 16.94 -1.77 4.88
C GLY A 130 16.62 -2.51 3.60
N LYS A 131 16.03 -3.69 3.75
CA LYS A 131 15.69 -4.51 2.59
C LYS A 131 14.41 -4.04 1.94
N LEU A 132 13.59 -3.32 2.68
CA LEU A 132 12.38 -2.74 2.12
C LEU A 132 12.72 -1.65 1.12
N TYR A 133 13.62 -0.75 1.49
CA TYR A 133 14.02 0.33 0.60
C TYR A 133 14.77 -0.20 -0.60
N GLN A 134 15.64 -1.19 -0.37
CA GLN A 134 16.39 -1.81 -1.46
C GLN A 134 15.47 -2.61 -2.37
N GLU A 135 14.40 -3.15 -1.81
CA GLU A 135 13.42 -3.92 -2.59
C GLU A 135 12.52 -2.96 -3.37
N ILE A 136 12.21 -1.80 -2.79
CA ILE A 136 11.48 -0.76 -3.50
C ILE A 136 12.35 -0.23 -4.64
N ASP A 137 13.65 -0.10 -4.38
CA ASP A 137 14.63 0.24 -5.41
C ASP A 137 14.71 -0.86 -6.46
N THR A 138 14.58 -2.10 -6.02
CA THR A 138 14.52 -3.22 -6.93
C THR A 138 13.28 -3.11 -7.83
N ALA A 139 12.21 -2.54 -7.28
CA ALA A 139 10.99 -2.30 -8.05
C ALA A 139 11.27 -1.29 -9.16
N TRP A 140 12.20 -0.37 -8.93
CA TRP A 140 12.65 0.54 -9.98
C TRP A 140 13.43 -0.25 -11.01
N ARG A 141 14.45 -0.95 -10.52
CA ARG A 141 15.38 -1.73 -11.32
C ARG A 141 14.68 -2.76 -12.19
N ASN A 142 13.66 -3.42 -11.64
CA ASN A 142 12.82 -4.32 -12.41
C ASN A 142 12.07 -3.52 -13.46
N SER A 143 12.65 -3.46 -14.66
CA SER A 143 12.15 -2.61 -15.72
C SER A 143 10.73 -2.97 -16.13
N ASP A 144 10.56 -4.17 -16.66
CA ASP A 144 9.28 -4.57 -17.22
C ASP A 144 8.47 -5.42 -16.24
N ALA A 145 9.16 -6.38 -15.61
CA ALA A 145 8.51 -7.44 -14.84
C ALA A 145 7.78 -8.40 -15.79
N GLU A 146 8.54 -8.86 -16.79
CA GLU A 146 8.08 -9.81 -17.79
C GLU A 146 6.96 -9.25 -18.67
N GLY A 147 7.33 -8.82 -19.86
CA GLY A 147 6.35 -8.40 -20.85
C GLY A 147 6.41 -9.32 -22.06
N HIS A 148 6.82 -10.55 -21.82
CA HIS A 148 7.00 -11.56 -22.85
C HIS A 148 8.12 -11.14 -23.80
N HIS A 149 9.01 -10.31 -23.27
CA HIS A 149 10.22 -9.85 -23.97
C HIS A 149 9.87 -8.96 -25.16
N HIS A 150 8.60 -8.56 -25.24
CA HIS A 150 8.14 -7.62 -26.25
C HIS A 150 7.01 -6.78 -25.67
N HIS A 151 7.38 -5.73 -24.95
CA HIS A 151 6.42 -4.92 -24.20
C HIS A 151 5.47 -4.21 -25.15
N HIS A 152 4.20 -4.58 -25.08
CA HIS A 152 3.15 -3.93 -25.84
C HIS A 152 1.93 -3.72 -24.95
N HIS A 153 2.18 -3.77 -23.64
CA HIS A 153 1.16 -3.53 -22.64
C HIS A 153 1.83 -3.28 -21.30
N ASP A 4 -6.65 -11.23 -10.23
CA ASP A 4 -7.45 -11.04 -9.00
C ASP A 4 -6.90 -11.93 -7.90
N SER A 5 -6.92 -11.41 -6.67
CA SER A 5 -6.38 -12.11 -5.51
C SER A 5 -4.87 -12.35 -5.67
N LYS A 6 -4.07 -11.50 -5.01
CA LYS A 6 -2.61 -11.62 -5.03
C LYS A 6 -2.06 -11.33 -6.42
N THR A 7 -2.93 -10.77 -7.23
CA THR A 7 -2.60 -10.27 -8.56
C THR A 7 -3.50 -9.08 -8.85
N ALA A 8 -3.75 -8.33 -7.79
CA ALA A 8 -4.71 -7.22 -7.78
C ALA A 8 -6.13 -7.71 -7.97
N PRO A 9 -6.94 -7.68 -6.90
CA PRO A 9 -8.35 -8.04 -6.96
C PRO A 9 -9.17 -6.98 -7.69
N ALA A 10 -10.37 -7.34 -8.11
CA ALA A 10 -11.26 -6.38 -8.74
C ALA A 10 -11.86 -5.46 -7.69
N PHE A 11 -11.17 -4.36 -7.40
CA PHE A 11 -11.61 -3.43 -6.38
C PHE A 11 -11.63 -2.00 -6.89
N SER A 12 -12.56 -1.22 -6.36
CA SER A 12 -12.61 0.20 -6.61
C SER A 12 -13.00 0.91 -5.32
N LEU A 13 -11.99 1.27 -4.54
CA LEU A 13 -12.21 1.82 -3.22
C LEU A 13 -11.81 3.29 -3.17
N PRO A 14 -12.73 4.17 -2.77
CA PRO A 14 -12.44 5.59 -2.61
C PRO A 14 -11.57 5.87 -1.39
N ASP A 15 -10.61 6.76 -1.55
CA ASP A 15 -9.78 7.18 -0.44
C ASP A 15 -10.59 8.12 0.46
N LEU A 16 -10.06 8.45 1.64
CA LEU A 16 -10.79 9.27 2.60
C LEU A 16 -11.00 10.69 2.10
N HIS A 17 -10.22 11.09 1.10
CA HIS A 17 -10.36 12.40 0.49
C HIS A 17 -11.41 12.38 -0.63
N GLY A 18 -11.71 11.19 -1.14
CA GLY A 18 -12.73 11.06 -2.17
C GLY A 18 -12.17 10.59 -3.50
N LYS A 19 -10.89 10.28 -3.53
CA LYS A 19 -10.24 9.81 -4.74
C LYS A 19 -10.41 8.30 -4.89
N THR A 20 -11.21 7.89 -5.87
CA THR A 20 -11.43 6.48 -6.14
C THR A 20 -10.13 5.81 -6.58
N VAL A 21 -9.73 4.78 -5.85
CA VAL A 21 -8.53 4.04 -6.16
C VAL A 21 -8.90 2.64 -6.64
N SER A 22 -8.42 2.27 -7.81
CA SER A 22 -8.73 0.99 -8.40
C SER A 22 -7.50 0.42 -9.09
N ASN A 23 -7.68 -0.72 -9.77
CA ASN A 23 -6.60 -1.38 -10.49
C ASN A 23 -5.96 -0.43 -11.50
N ALA A 24 -6.77 0.46 -12.06
CA ALA A 24 -6.32 1.39 -13.10
C ALA A 24 -5.31 2.40 -12.56
N ASP A 25 -5.41 2.73 -11.28
CA ASP A 25 -4.56 3.76 -10.68
C ASP A 25 -3.17 3.21 -10.40
N LEU A 26 -3.09 1.90 -10.24
CA LEU A 26 -1.83 1.24 -9.91
C LEU A 26 -0.93 1.11 -11.13
N GLN A 27 -1.53 1.22 -12.31
CA GLN A 27 -0.82 1.00 -13.56
C GLN A 27 0.27 2.06 -13.79
N GLY A 28 1.51 1.60 -13.88
CA GLY A 28 2.61 2.49 -14.22
C GLY A 28 3.37 2.97 -13.01
N LYS A 29 2.75 2.91 -11.85
CA LYS A 29 3.34 3.44 -10.62
C LYS A 29 3.56 2.35 -9.59
N VAL A 30 4.42 2.61 -8.64
CA VAL A 30 4.74 1.62 -7.61
C VAL A 30 3.99 1.99 -6.33
N THR A 31 3.56 0.98 -5.58
CA THR A 31 2.62 1.22 -4.50
C THR A 31 2.95 0.39 -3.26
N LEU A 32 2.80 1.00 -2.10
CA LEU A 32 2.91 0.29 -0.83
C LEU A 32 1.54 0.20 -0.20
N ILE A 33 0.94 -0.97 -0.23
CA ILE A 33 -0.34 -1.16 0.43
C ILE A 33 -0.11 -1.62 1.86
N ASN A 34 -0.44 -0.77 2.80
CA ASN A 34 -0.25 -1.07 4.20
C ASN A 34 -1.59 -1.31 4.87
N PHE A 35 -1.83 -2.53 5.33
CA PHE A 35 -3.07 -2.85 6.01
C PHE A 35 -2.93 -2.56 7.49
N TRP A 36 -3.74 -1.65 7.98
CA TRP A 36 -3.66 -1.23 9.37
C TRP A 36 -5.04 -0.94 9.92
N PHE A 37 -5.06 -0.42 11.14
CA PHE A 37 -6.29 0.00 11.79
C PHE A 37 -5.96 0.92 12.94
N PRO A 38 -6.81 1.93 13.19
CA PRO A 38 -6.65 2.84 14.33
C PRO A 38 -6.67 2.08 15.66
N SER A 39 -6.20 2.75 16.71
CA SER A 39 -6.12 2.16 18.05
C SER A 39 -5.10 1.02 18.10
N CYS A 40 -4.29 0.90 17.06
CA CYS A 40 -3.25 -0.11 17.01
C CYS A 40 -1.91 0.48 17.47
N PRO A 41 -1.27 -0.15 18.46
CA PRO A 41 0.02 0.31 19.00
C PRO A 41 1.14 0.31 17.96
N GLY A 42 0.94 -0.42 16.86
CA GLY A 42 1.96 -0.52 15.83
C GLY A 42 2.16 0.78 15.06
N CYS A 43 1.30 1.76 15.33
CA CYS A 43 1.39 3.06 14.67
C CYS A 43 2.71 3.74 14.99
N VAL A 44 3.25 3.47 16.19
CA VAL A 44 4.49 4.09 16.62
C VAL A 44 5.66 3.62 15.77
N SER A 45 5.57 2.40 15.25
CA SER A 45 6.61 1.83 14.42
C SER A 45 6.41 2.20 12.94
N GLU A 46 5.25 1.86 12.40
CA GLU A 46 5.01 1.95 10.98
C GLU A 46 4.82 3.39 10.50
N MET A 47 4.09 4.21 11.25
CA MET A 47 3.71 5.54 10.78
C MET A 47 4.93 6.42 10.46
N PRO A 48 5.89 6.63 11.40
CA PRO A 48 7.09 7.42 11.13
C PRO A 48 7.88 6.86 9.95
N LYS A 49 7.88 5.53 9.83
CA LYS A 49 8.50 4.86 8.71
C LYS A 49 7.83 5.28 7.40
N ILE A 50 6.50 5.16 7.37
CA ILE A 50 5.73 5.50 6.17
C ILE A 50 5.99 6.94 5.75
N ILE A 51 6.07 7.84 6.72
CA ILE A 51 6.33 9.24 6.45
C ILE A 51 7.64 9.42 5.70
N LYS A 52 8.69 8.75 6.15
CA LYS A 52 10.00 8.86 5.52
C LYS A 52 10.05 8.10 4.20
N THR A 53 9.46 6.91 4.16
CA THR A 53 9.40 6.12 2.95
C THR A 53 8.68 6.88 1.85
N ALA A 54 7.50 7.41 2.16
CA ALA A 54 6.73 8.18 1.21
C ALA A 54 7.45 9.49 0.86
N ASN A 55 8.18 10.03 1.83
CA ASN A 55 8.92 11.27 1.66
C ASN A 55 9.84 11.20 0.44
N ASP A 56 10.54 10.08 0.31
CA ASP A 56 11.41 9.86 -0.85
C ASP A 56 10.60 9.44 -2.07
N TYR A 57 9.79 8.43 -1.89
CA TYR A 57 9.15 7.74 -3.01
C TYR A 57 8.04 8.57 -3.68
N LYS A 58 7.49 9.56 -2.98
CA LYS A 58 6.48 10.43 -3.57
C LYS A 58 7.09 11.29 -4.66
N ASN A 59 8.41 11.37 -4.68
CA ASN A 59 9.12 12.13 -5.71
C ASN A 59 9.79 11.18 -6.69
N LYS A 60 9.48 9.90 -6.54
CA LYS A 60 10.02 8.86 -7.39
C LYS A 60 9.02 8.46 -8.46
N ASN A 61 7.95 7.79 -8.00
CA ASN A 61 6.94 7.16 -8.87
C ASN A 61 6.14 6.19 -8.00
N PHE A 62 6.06 6.53 -6.72
CA PHE A 62 5.57 5.60 -5.73
C PHE A 62 4.51 6.26 -4.85
N GLN A 63 3.46 5.51 -4.56
CA GLN A 63 2.39 5.99 -3.72
C GLN A 63 2.11 5.00 -2.60
N VAL A 64 1.83 5.52 -1.41
CA VAL A 64 1.52 4.68 -0.27
C VAL A 64 0.01 4.64 -0.05
N LEU A 65 -0.53 3.44 0.00
CA LEU A 65 -1.96 3.23 0.22
C LEU A 65 -2.19 2.58 1.57
N ALA A 66 -2.53 3.39 2.56
CA ALA A 66 -2.82 2.89 3.88
C ALA A 66 -4.26 2.44 3.96
N VAL A 67 -4.48 1.13 4.01
CA VAL A 67 -5.81 0.58 4.03
C VAL A 67 -6.21 0.22 5.44
N ALA A 68 -7.07 1.03 6.03
CA ALA A 68 -7.59 0.74 7.36
C ALA A 68 -8.88 -0.05 7.22
N GLN A 69 -8.90 -1.23 7.78
CA GLN A 69 -10.06 -2.10 7.66
C GLN A 69 -10.96 -1.91 8.88
N PRO A 70 -12.20 -2.49 8.88
CA PRO A 70 -13.27 -2.11 9.84
C PRO A 70 -13.03 -2.55 11.28
N ILE A 71 -11.94 -2.13 11.87
CA ILE A 71 -11.71 -2.33 13.30
C ILE A 71 -12.23 -1.11 14.05
N ASP A 72 -11.78 0.07 13.61
CA ASP A 72 -12.27 1.33 14.14
C ASP A 72 -13.11 2.01 13.06
N PRO A 73 -14.12 2.81 13.47
CA PRO A 73 -14.98 3.55 12.52
C PRO A 73 -14.19 4.34 11.46
N ILE A 74 -14.86 4.60 10.34
CA ILE A 74 -14.25 5.34 9.23
C ILE A 74 -13.71 6.69 9.68
N GLU A 75 -14.45 7.39 10.54
CA GLU A 75 -14.00 8.69 11.04
C GLU A 75 -12.76 8.54 11.89
N SER A 76 -12.65 7.43 12.61
CA SER A 76 -11.48 7.20 13.44
C SER A 76 -10.22 7.22 12.58
N VAL A 77 -10.32 6.62 11.41
CA VAL A 77 -9.22 6.63 10.44
C VAL A 77 -8.98 8.06 9.94
N ARG A 78 -10.07 8.76 9.63
CA ARG A 78 -10.01 10.14 9.14
C ARG A 78 -9.51 11.08 10.22
N GLN A 79 -9.69 10.71 11.47
CA GLN A 79 -9.18 11.49 12.57
C GLN A 79 -7.65 11.43 12.58
N TYR A 80 -7.13 10.24 12.36
CA TYR A 80 -5.70 10.03 12.30
C TYR A 80 -5.10 10.79 11.11
N VAL A 81 -5.73 10.66 9.95
CA VAL A 81 -5.28 11.35 8.75
C VAL A 81 -5.44 12.86 8.89
N LYS A 82 -6.39 13.27 9.73
CA LYS A 82 -6.71 14.69 9.93
C LYS A 82 -5.63 15.36 10.77
N ASP A 83 -5.33 14.76 11.93
CA ASP A 83 -4.40 15.35 12.90
C ASP A 83 -2.97 15.40 12.38
N TYR A 84 -2.48 14.28 11.85
CA TYR A 84 -1.09 14.21 11.44
C TYR A 84 -0.88 14.71 10.01
N GLY A 85 -1.98 14.94 9.30
CA GLY A 85 -1.88 15.40 7.92
C GLY A 85 -1.16 14.40 7.03
N LEU A 86 -1.71 13.20 6.94
CA LEU A 86 -1.09 12.12 6.19
C LEU A 86 -1.00 12.45 4.70
N PRO A 87 0.23 12.57 4.15
CA PRO A 87 0.47 12.95 2.76
C PRO A 87 0.45 11.76 1.80
N PHE A 88 -0.25 10.70 2.17
CA PHE A 88 -0.37 9.52 1.34
C PHE A 88 -1.81 9.02 1.33
N THR A 89 -2.15 8.24 0.32
CA THR A 89 -3.52 7.79 0.12
C THR A 89 -3.96 6.83 1.23
N VAL A 90 -5.04 7.19 1.91
CA VAL A 90 -5.58 6.36 2.96
C VAL A 90 -7.00 5.93 2.62
N MET A 91 -7.25 4.64 2.68
CA MET A 91 -8.56 4.10 2.33
C MET A 91 -9.13 3.30 3.50
N TYR A 92 -10.43 3.04 3.45
CA TYR A 92 -11.10 2.30 4.51
C TYR A 92 -11.84 1.10 3.93
N ASP A 93 -11.55 -0.08 4.48
CA ASP A 93 -12.20 -1.30 4.04
C ASP A 93 -13.47 -1.52 4.86
N ALA A 94 -14.55 -1.89 4.18
CA ALA A 94 -15.84 -2.10 4.82
C ALA A 94 -15.89 -3.40 5.61
N ASP A 95 -15.20 -4.44 5.15
CA ASP A 95 -15.32 -5.76 5.77
C ASP A 95 -13.97 -6.40 6.11
N LYS A 96 -12.88 -5.80 5.62
CA LYS A 96 -11.53 -6.37 5.74
C LYS A 96 -11.32 -7.40 4.60
N ALA A 97 -12.19 -7.29 3.61
CA ALA A 97 -12.19 -8.21 2.47
C ALA A 97 -11.03 -7.97 1.52
N VAL A 98 -10.53 -6.73 1.47
CA VAL A 98 -9.38 -6.43 0.63
C VAL A 98 -8.14 -7.11 1.19
N GLY A 99 -8.01 -7.07 2.52
CA GLY A 99 -6.94 -7.79 3.19
C GLY A 99 -7.08 -9.28 3.00
N GLN A 100 -8.32 -9.74 2.95
CA GLN A 100 -8.63 -11.14 2.70
C GLN A 100 -8.17 -11.57 1.32
N ALA A 101 -8.34 -10.68 0.34
CA ALA A 101 -7.94 -10.96 -1.03
C ALA A 101 -6.43 -11.11 -1.14
N PHE A 102 -5.71 -10.27 -0.42
CA PHE A 102 -4.25 -10.34 -0.39
C PHE A 102 -3.79 -11.54 0.42
N GLY A 103 -4.61 -11.94 1.38
CA GLY A 103 -4.29 -13.11 2.18
C GLY A 103 -3.64 -12.73 3.49
N THR A 104 -4.06 -11.61 4.05
CA THR A 104 -3.52 -11.15 5.32
C THR A 104 -4.52 -11.35 6.45
N GLN A 105 -4.09 -12.02 7.51
CA GLN A 105 -4.94 -12.25 8.67
C GLN A 105 -4.47 -11.41 9.86
N VAL A 106 -3.16 -11.26 9.99
CA VAL A 106 -2.58 -10.50 11.07
C VAL A 106 -2.14 -9.12 10.58
N TYR A 107 -2.34 -8.11 11.41
CA TYR A 107 -2.02 -6.75 11.02
C TYR A 107 -1.17 -6.08 12.11
N PRO A 108 -0.43 -5.01 11.77
CA PRO A 108 -0.38 -4.45 10.42
C PRO A 108 0.56 -5.21 9.48
N THR A 109 0.42 -4.96 8.18
CA THR A 109 1.24 -5.61 7.17
C THR A 109 1.42 -4.72 5.96
N SER A 110 2.65 -4.60 5.49
CA SER A 110 2.95 -3.77 4.33
C SER A 110 3.29 -4.64 3.11
N VAL A 111 2.48 -4.53 2.07
CA VAL A 111 2.70 -5.29 0.85
C VAL A 111 3.22 -4.38 -0.27
N LEU A 112 4.07 -4.94 -1.11
CA LEU A 112 4.72 -4.18 -2.17
C LEU A 112 4.05 -4.47 -3.50
N ILE A 113 3.60 -3.42 -4.17
CA ILE A 113 2.98 -3.54 -5.48
C ILE A 113 3.98 -3.07 -6.52
N GLY A 114 4.13 -3.83 -7.61
CA GLY A 114 5.05 -3.44 -8.67
C GLY A 114 4.61 -2.19 -9.38
N LYS A 115 3.89 -2.37 -10.48
CA LYS A 115 3.24 -1.25 -11.16
C LYS A 115 2.24 -1.75 -12.18
N LYS A 116 1.75 -2.96 -11.96
CA LYS A 116 0.71 -3.55 -12.77
C LYS A 116 -0.30 -4.21 -11.85
N GLY A 117 -0.14 -3.95 -10.56
CA GLY A 117 -1.02 -4.53 -9.56
C GLY A 117 -0.67 -5.98 -9.24
N GLU A 118 0.53 -6.38 -9.60
CA GLU A 118 0.92 -7.79 -9.52
C GLU A 118 1.04 -8.26 -8.09
N ILE A 119 1.30 -7.33 -7.17
CA ILE A 119 1.55 -7.64 -5.78
C ILE A 119 2.82 -8.49 -5.65
N LEU A 120 3.94 -7.79 -5.50
CA LEU A 120 5.25 -8.41 -5.63
C LEU A 120 5.76 -9.00 -4.32
N LYS A 121 5.44 -8.37 -3.21
CA LYS A 121 6.08 -8.72 -1.96
C LYS A 121 5.16 -8.47 -0.77
N THR A 122 5.43 -9.15 0.33
CA THR A 122 4.64 -8.98 1.54
C THR A 122 5.55 -9.00 2.78
N TYR A 123 5.71 -7.83 3.39
CA TYR A 123 6.43 -7.72 4.66
C TYR A 123 5.43 -7.59 5.80
N VAL A 124 5.29 -8.65 6.59
CA VAL A 124 4.37 -8.65 7.73
C VAL A 124 5.03 -8.00 8.94
N GLY A 125 4.36 -7.01 9.51
CA GLY A 125 4.90 -6.31 10.66
C GLY A 125 5.93 -5.27 10.25
N GLU A 126 7.01 -5.18 11.01
CA GLU A 126 8.05 -4.20 10.75
C GLU A 126 9.17 -4.84 9.93
N PRO A 127 9.30 -4.45 8.66
CA PRO A 127 10.31 -4.99 7.75
C PRO A 127 11.68 -4.34 7.90
N ASP A 128 12.66 -4.87 7.18
CA ASP A 128 13.99 -4.29 7.17
C ASP A 128 14.09 -3.23 6.07
N PHE A 129 14.40 -2.02 6.48
CA PHE A 129 14.39 -0.86 5.59
C PHE A 129 15.35 -1.01 4.40
N GLY A 130 16.57 -1.45 4.68
CA GLY A 130 17.61 -1.47 3.65
C GLY A 130 17.22 -2.27 2.42
N LYS A 131 16.82 -3.50 2.63
CA LYS A 131 16.47 -4.39 1.52
C LYS A 131 15.10 -4.02 0.96
N LEU A 132 14.25 -3.44 1.79
CA LEU A 132 12.95 -3.00 1.33
C LEU A 132 13.09 -1.90 0.29
N TYR A 133 13.94 -0.92 0.58
CA TYR A 133 14.17 0.20 -0.33
C TYR A 133 14.75 -0.28 -1.66
N GLN A 134 15.87 -0.98 -1.61
CA GLN A 134 16.54 -1.43 -2.83
C GLN A 134 15.64 -2.34 -3.66
N GLU A 135 14.76 -3.07 -2.98
CA GLU A 135 13.84 -3.99 -3.64
C GLU A 135 12.75 -3.23 -4.39
N ILE A 136 12.30 -2.11 -3.83
CA ILE A 136 11.26 -1.31 -4.47
C ILE A 136 11.78 -0.62 -5.73
N ASP A 137 12.90 0.10 -5.62
CA ASP A 137 13.44 0.87 -6.75
C ASP A 137 13.84 -0.06 -7.90
N THR A 138 14.19 -1.30 -7.58
CA THR A 138 14.55 -2.28 -8.60
C THR A 138 13.30 -2.76 -9.36
N ALA A 139 12.17 -2.79 -8.66
CA ALA A 139 10.91 -3.28 -9.24
C ALA A 139 10.43 -2.39 -10.37
N TRP A 140 10.95 -1.16 -10.42
CA TRP A 140 10.57 -0.19 -11.42
C TRP A 140 10.80 -0.71 -12.84
N ARG A 141 11.88 -1.46 -13.02
CA ARG A 141 12.28 -1.92 -14.34
C ARG A 141 11.49 -3.14 -14.77
N ASN A 142 10.81 -3.79 -13.82
CA ASN A 142 10.09 -5.05 -14.07
C ASN A 142 8.80 -4.82 -14.87
N SER A 143 8.84 -3.86 -15.79
CA SER A 143 7.73 -3.60 -16.70
C SER A 143 8.25 -3.06 -18.02
N ASP A 144 9.56 -3.18 -18.21
CA ASP A 144 10.22 -2.71 -19.42
C ASP A 144 10.36 -3.85 -20.42
N ALA A 145 10.34 -3.53 -21.71
CA ALA A 145 10.37 -4.56 -22.73
C ALA A 145 10.92 -4.04 -24.05
N GLU A 146 12.18 -4.35 -24.31
CA GLU A 146 12.77 -4.07 -25.61
C GLU A 146 12.12 -4.96 -26.66
N GLY A 147 11.92 -4.42 -27.85
CA GLY A 147 11.18 -5.12 -28.87
C GLY A 147 10.11 -4.22 -29.45
N HIS A 148 9.60 -3.32 -28.62
CA HIS A 148 8.62 -2.35 -29.05
C HIS A 148 9.27 -1.27 -29.90
N HIS A 149 9.50 -1.57 -31.16
CA HIS A 149 10.27 -0.71 -32.04
C HIS A 149 9.37 0.14 -32.92
N HIS A 150 9.35 1.44 -32.65
CA HIS A 150 8.66 2.37 -33.54
C HIS A 150 9.65 2.96 -34.53
N HIS A 151 10.90 2.54 -34.42
CA HIS A 151 11.94 2.94 -35.35
C HIS A 151 12.36 1.75 -36.20
N HIS A 152 12.17 1.88 -37.50
CA HIS A 152 12.39 0.79 -38.43
C HIS A 152 13.74 0.91 -39.11
N HIS A 153 14.28 -0.22 -39.55
CA HIS A 153 15.42 -0.21 -40.44
C HIS A 153 14.96 -0.63 -41.83
N ASP A 4 -8.20 -14.76 -6.47
CA ASP A 4 -7.20 -14.65 -5.38
C ASP A 4 -6.43 -13.36 -5.53
N SER A 5 -5.31 -13.24 -4.83
CA SER A 5 -4.46 -12.05 -4.92
C SER A 5 -3.86 -11.94 -6.32
N LYS A 6 -2.89 -12.81 -6.62
CA LYS A 6 -2.32 -12.92 -7.95
C LYS A 6 -1.80 -11.57 -8.45
N THR A 7 -2.26 -11.16 -9.61
CA THR A 7 -1.89 -9.89 -10.21
C THR A 7 -2.85 -8.77 -9.83
N ALA A 8 -3.45 -8.92 -8.66
CA ALA A 8 -4.39 -7.96 -8.10
C ALA A 8 -5.74 -7.99 -8.82
N PRO A 9 -6.82 -8.21 -8.07
CA PRO A 9 -8.18 -8.25 -8.62
C PRO A 9 -8.65 -6.85 -9.03
N ALA A 10 -9.76 -6.79 -9.75
CA ALA A 10 -10.32 -5.51 -10.17
C ALA A 10 -11.09 -4.87 -9.02
N PHE A 11 -10.48 -3.89 -8.38
CA PHE A 11 -11.11 -3.22 -7.26
C PHE A 11 -11.19 -1.72 -7.52
N SER A 12 -12.30 -1.13 -7.12
CA SER A 12 -12.48 0.31 -7.18
C SER A 12 -12.92 0.83 -5.82
N LEU A 13 -11.97 1.19 -4.98
CA LEU A 13 -12.26 1.59 -3.62
C LEU A 13 -11.90 3.06 -3.42
N PRO A 14 -12.85 3.87 -2.95
CA PRO A 14 -12.59 5.28 -2.66
C PRO A 14 -11.82 5.47 -1.35
N ASP A 15 -11.08 6.57 -1.27
CA ASP A 15 -10.34 6.88 -0.05
C ASP A 15 -11.25 7.56 0.96
N LEU A 16 -10.67 8.15 1.99
CA LEU A 16 -11.44 8.76 3.07
C LEU A 16 -12.03 10.12 2.69
N HIS A 17 -11.84 10.56 1.44
CA HIS A 17 -12.40 11.86 1.04
C HIS A 17 -13.23 11.74 -0.24
N GLY A 18 -13.00 10.68 -1.02
CA GLY A 18 -13.84 10.44 -2.18
C GLY A 18 -13.05 10.29 -3.48
N LYS A 19 -11.82 9.83 -3.39
CA LYS A 19 -11.02 9.54 -4.58
C LYS A 19 -11.05 8.04 -4.84
N THR A 20 -11.68 7.65 -5.94
CA THR A 20 -11.75 6.25 -6.30
C THR A 20 -10.36 5.72 -6.68
N VAL A 21 -9.91 4.69 -5.98
CA VAL A 21 -8.63 4.08 -6.25
C VAL A 21 -8.83 2.71 -6.88
N SER A 22 -8.11 2.44 -7.96
CA SER A 22 -8.25 1.18 -8.66
C SER A 22 -6.92 0.71 -9.24
N ASN A 23 -6.96 -0.37 -10.01
CA ASN A 23 -5.76 -0.97 -10.58
C ASN A 23 -5.05 0.00 -11.52
N ALA A 24 -5.80 0.95 -12.07
CA ALA A 24 -5.26 1.92 -13.02
C ALA A 24 -4.16 2.77 -12.37
N ASP A 25 -4.32 3.05 -11.08
CA ASP A 25 -3.34 3.84 -10.33
C ASP A 25 -2.06 3.05 -10.13
N LEU A 26 -2.20 1.73 -10.06
CA LEU A 26 -1.11 0.84 -9.69
C LEU A 26 -0.26 0.45 -10.89
N GLN A 27 -0.92 0.20 -12.02
CA GLN A 27 -0.33 -0.59 -13.12
C GLN A 27 0.77 0.12 -13.91
N GLY A 28 1.41 1.11 -13.33
CA GLY A 28 2.51 1.77 -14.02
C GLY A 28 3.52 2.37 -13.07
N LYS A 29 3.42 2.04 -11.79
CA LYS A 29 4.34 2.55 -10.78
C LYS A 29 4.28 1.63 -9.57
N VAL A 30 5.05 1.93 -8.54
CA VAL A 30 5.14 1.05 -7.39
C VAL A 30 4.30 1.63 -6.24
N THR A 31 3.59 0.75 -5.54
CA THR A 31 2.61 1.18 -4.54
C THR A 31 2.72 0.34 -3.28
N LEU A 32 2.44 0.94 -2.13
CA LEU A 32 2.41 0.20 -0.88
C LEU A 32 0.99 0.14 -0.35
N ILE A 33 0.37 -1.02 -0.45
CA ILE A 33 -0.92 -1.23 0.17
C ILE A 33 -0.68 -1.72 1.59
N ASN A 34 -0.99 -0.89 2.57
CA ASN A 34 -0.68 -1.22 3.94
C ASN A 34 -1.94 -1.27 4.79
N PHE A 35 -2.30 -2.48 5.20
CA PHE A 35 -3.48 -2.70 6.01
C PHE A 35 -3.17 -2.46 7.47
N TRP A 36 -3.88 -1.51 8.07
CA TRP A 36 -3.63 -1.14 9.45
C TRP A 36 -4.91 -0.63 10.11
N PHE A 37 -4.76 -0.11 11.31
CA PHE A 37 -5.85 0.52 12.03
C PHE A 37 -5.28 1.51 13.04
N PRO A 38 -5.89 2.69 13.18
CA PRO A 38 -5.39 3.79 14.03
C PRO A 38 -4.83 3.37 15.39
N SER A 39 -5.56 2.51 16.10
CA SER A 39 -5.18 2.17 17.47
C SER A 39 -4.07 1.10 17.54
N CYS A 40 -3.49 0.76 16.40
CA CYS A 40 -2.46 -0.27 16.36
C CYS A 40 -1.14 0.27 16.90
N PRO A 41 -0.23 -0.63 17.36
CA PRO A 41 1.10 -0.23 17.84
C PRO A 41 1.93 0.41 16.74
N GLY A 42 1.44 0.31 15.51
CA GLY A 42 2.11 0.88 14.37
C GLY A 42 1.96 2.39 14.29
N CYS A 43 1.33 2.99 15.27
CA CYS A 43 1.21 4.43 15.27
C CYS A 43 2.52 5.08 15.73
N VAL A 44 2.99 4.69 16.91
CA VAL A 44 4.16 5.31 17.51
C VAL A 44 5.45 4.89 16.78
N SER A 45 5.55 3.61 16.45
CA SER A 45 6.77 3.08 15.84
C SER A 45 6.75 3.24 14.33
N GLU A 46 5.61 2.94 13.71
CA GLU A 46 5.53 2.87 12.26
C GLU A 46 5.34 4.22 11.59
N MET A 47 4.48 5.07 12.16
CA MET A 47 4.09 6.32 11.50
C MET A 47 5.30 7.16 11.03
N PRO A 48 6.28 7.47 11.92
CA PRO A 48 7.47 8.23 11.53
C PRO A 48 8.22 7.58 10.37
N LYS A 49 8.33 6.26 10.41
CA LYS A 49 9.04 5.50 9.38
C LYS A 49 8.25 5.51 8.06
N ILE A 50 6.93 5.48 8.18
CA ILE A 50 6.05 5.56 7.02
C ILE A 50 6.11 6.95 6.38
N ILE A 51 6.10 7.99 7.22
CA ILE A 51 6.15 9.37 6.74
C ILE A 51 7.36 9.60 5.84
N LYS A 52 8.54 9.25 6.34
CA LYS A 52 9.77 9.41 5.58
C LYS A 52 9.70 8.65 4.26
N THR A 53 9.25 7.41 4.34
CA THR A 53 9.16 6.55 3.15
C THR A 53 8.20 7.13 2.11
N ALA A 54 6.98 7.43 2.54
CA ALA A 54 5.92 7.85 1.63
C ALA A 54 6.20 9.23 1.04
N ASN A 55 6.78 10.11 1.83
CA ASN A 55 7.06 11.48 1.39
C ASN A 55 8.25 11.49 0.44
N ASP A 56 9.20 10.60 0.69
CA ASP A 56 10.40 10.50 -0.14
C ASP A 56 10.03 9.93 -1.51
N TYR A 57 9.34 8.81 -1.47
CA TYR A 57 8.93 8.11 -2.68
C TYR A 57 7.83 8.84 -3.44
N LYS A 58 7.30 9.90 -2.83
CA LYS A 58 6.20 10.67 -3.41
C LYS A 58 6.59 11.21 -4.78
N ASN A 59 7.82 11.69 -4.90
CA ASN A 59 8.32 12.28 -6.14
C ASN A 59 9.20 11.28 -6.88
N LYS A 60 9.20 10.05 -6.40
CA LYS A 60 10.03 8.99 -6.96
C LYS A 60 9.25 8.17 -7.98
N ASN A 61 8.19 7.52 -7.51
CA ASN A 61 7.30 6.69 -8.35
C ASN A 61 6.36 5.89 -7.47
N PHE A 62 6.40 6.17 -6.19
CA PHE A 62 5.79 5.29 -5.22
C PHE A 62 4.68 5.99 -4.48
N GLN A 63 3.67 5.24 -4.08
CA GLN A 63 2.54 5.79 -3.37
C GLN A 63 2.09 4.82 -2.29
N VAL A 64 1.93 5.33 -1.08
CA VAL A 64 1.46 4.51 0.02
C VAL A 64 -0.05 4.67 0.17
N LEU A 65 -0.76 3.59 -0.04
CA LEU A 65 -2.19 3.56 0.13
C LEU A 65 -2.53 2.70 1.33
N ALA A 66 -2.71 3.36 2.47
CA ALA A 66 -3.00 2.68 3.71
C ALA A 66 -4.47 2.31 3.78
N VAL A 67 -4.73 1.03 4.00
CA VAL A 67 -6.10 0.56 4.07
C VAL A 67 -6.49 0.27 5.50
N ALA A 68 -7.45 1.01 6.02
CA ALA A 68 -7.92 0.81 7.37
C ALA A 68 -9.03 -0.23 7.39
N GLN A 69 -8.75 -1.37 8.00
CA GLN A 69 -9.73 -2.45 8.07
C GLN A 69 -10.51 -2.36 9.39
N PRO A 70 -11.68 -3.03 9.50
CA PRO A 70 -12.66 -2.76 10.56
C PRO A 70 -12.25 -3.18 11.98
N ILE A 71 -11.24 -2.52 12.52
CA ILE A 71 -10.98 -2.55 13.95
C ILE A 71 -11.35 -1.19 14.54
N ASP A 72 -10.83 -0.14 13.92
CA ASP A 72 -11.18 1.22 14.28
C ASP A 72 -12.18 1.77 13.27
N PRO A 73 -13.24 2.44 13.75
CA PRO A 73 -14.24 3.07 12.89
C PRO A 73 -13.62 4.09 11.93
N ILE A 74 -14.35 4.41 10.86
CA ILE A 74 -13.84 5.33 9.85
C ILE A 74 -13.46 6.68 10.44
N GLU A 75 -14.24 7.14 11.43
CA GLU A 75 -13.95 8.43 12.07
C GLU A 75 -12.67 8.38 12.89
N SER A 76 -12.35 7.21 13.42
CA SER A 76 -11.08 7.05 14.13
C SER A 76 -9.93 7.21 13.15
N VAL A 77 -10.12 6.70 11.94
CA VAL A 77 -9.11 6.78 10.90
C VAL A 77 -8.99 8.21 10.36
N ARG A 78 -10.13 8.81 10.03
CA ARG A 78 -10.16 10.15 9.47
C ARG A 78 -9.78 11.21 10.51
N GLN A 79 -9.97 10.91 11.78
CA GLN A 79 -9.46 11.76 12.85
C GLN A 79 -7.93 11.66 12.89
N TYR A 80 -7.42 10.45 12.75
CA TYR A 80 -5.97 10.22 12.75
C TYR A 80 -5.33 10.94 11.55
N VAL A 81 -5.89 10.73 10.37
CA VAL A 81 -5.39 11.36 9.16
C VAL A 81 -5.49 12.89 9.25
N LYS A 82 -6.45 13.36 10.04
CA LYS A 82 -6.68 14.79 10.20
C LYS A 82 -5.60 15.41 11.09
N ASP A 83 -5.45 14.84 12.28
CA ASP A 83 -4.59 15.41 13.31
C ASP A 83 -3.12 15.48 12.89
N TYR A 84 -2.63 14.41 12.28
CA TYR A 84 -1.22 14.31 11.96
C TYR A 84 -0.93 14.68 10.51
N GLY A 85 -1.99 14.97 9.75
CA GLY A 85 -1.83 15.35 8.36
C GLY A 85 -1.09 14.30 7.56
N LEU A 86 -1.70 13.13 7.42
CA LEU A 86 -1.07 12.00 6.75
C LEU A 86 -0.92 12.25 5.24
N PRO A 87 0.34 12.28 4.76
CA PRO A 87 0.65 12.55 3.35
C PRO A 87 0.44 11.35 2.44
N PHE A 88 0.10 10.21 3.03
CA PHE A 88 -0.20 9.01 2.28
C PHE A 88 -1.70 8.76 2.29
N THR A 89 -2.23 8.36 1.14
CA THR A 89 -3.66 8.22 0.97
C THR A 89 -4.21 7.01 1.73
N VAL A 90 -5.21 7.25 2.58
CA VAL A 90 -5.80 6.19 3.37
C VAL A 90 -7.20 5.88 2.90
N MET A 91 -7.48 4.60 2.72
CA MET A 91 -8.80 4.12 2.34
C MET A 91 -9.39 3.33 3.50
N TYR A 92 -10.67 3.01 3.43
CA TYR A 92 -11.31 2.25 4.49
C TYR A 92 -11.91 0.97 3.93
N ASP A 93 -11.56 -0.15 4.54
CA ASP A 93 -12.09 -1.44 4.15
C ASP A 93 -13.12 -1.90 5.17
N ALA A 94 -14.38 -1.85 4.80
CA ALA A 94 -15.47 -2.12 5.72
C ALA A 94 -15.60 -3.60 6.06
N ASP A 95 -15.57 -4.44 5.03
CA ASP A 95 -15.78 -5.88 5.21
C ASP A 95 -14.44 -6.58 5.39
N LYS A 96 -13.36 -5.81 5.25
CA LYS A 96 -12.01 -6.37 5.27
C LYS A 96 -11.81 -7.25 4.03
N ALA A 97 -12.67 -7.04 3.04
CA ALA A 97 -12.68 -7.87 1.83
C ALA A 97 -11.48 -7.55 0.94
N VAL A 98 -10.97 -6.33 1.05
CA VAL A 98 -9.77 -5.96 0.33
C VAL A 98 -8.58 -6.63 1.00
N GLY A 99 -8.62 -6.66 2.32
CA GLY A 99 -7.63 -7.39 3.09
C GLY A 99 -7.70 -8.89 2.83
N GLN A 100 -8.93 -9.36 2.59
CA GLN A 100 -9.15 -10.76 2.25
C GLN A 100 -8.54 -11.09 0.89
N ALA A 101 -8.54 -10.11 -0.01
CA ALA A 101 -8.03 -10.29 -1.35
C ALA A 101 -6.50 -10.40 -1.36
N PHE A 102 -5.85 -9.59 -0.53
CA PHE A 102 -4.39 -9.60 -0.47
C PHE A 102 -3.88 -10.64 0.51
N GLY A 103 -4.69 -10.96 1.52
CA GLY A 103 -4.32 -12.00 2.46
C GLY A 103 -3.71 -11.44 3.74
N THR A 104 -4.49 -10.66 4.48
CA THR A 104 -4.03 -10.08 5.73
C THR A 104 -4.11 -11.09 6.86
N GLN A 105 -2.95 -11.52 7.36
CA GLN A 105 -2.90 -12.45 8.47
C GLN A 105 -2.54 -11.73 9.77
N VAL A 106 -1.64 -10.76 9.67
CA VAL A 106 -1.23 -9.98 10.83
C VAL A 106 -0.96 -8.54 10.41
N TYR A 107 -1.30 -7.60 11.27
CA TYR A 107 -1.23 -6.18 10.93
C TYR A 107 -0.08 -5.51 11.66
N PRO A 108 0.54 -4.50 11.02
CA PRO A 108 0.17 -4.06 9.67
C PRO A 108 0.62 -5.01 8.58
N THR A 109 -0.13 -5.04 7.49
CA THR A 109 0.23 -5.84 6.33
C THR A 109 0.70 -4.93 5.20
N SER A 110 1.98 -5.02 4.87
CA SER A 110 2.56 -4.15 3.87
C SER A 110 2.74 -4.90 2.54
N VAL A 111 1.93 -4.54 1.55
CA VAL A 111 1.98 -5.19 0.25
C VAL A 111 2.60 -4.26 -0.78
N LEU A 112 3.53 -4.79 -1.57
CA LEU A 112 4.20 -4.01 -2.59
C LEU A 112 3.61 -4.32 -3.96
N ILE A 113 3.02 -3.30 -4.56
CA ILE A 113 2.40 -3.42 -5.87
C ILE A 113 3.26 -2.69 -6.88
N GLY A 114 3.13 -3.06 -8.15
CA GLY A 114 3.87 -2.37 -9.17
C GLY A 114 3.12 -2.28 -10.48
N LYS A 115 3.88 -2.12 -11.55
CA LYS A 115 3.38 -2.06 -12.90
C LYS A 115 2.58 -3.30 -13.19
N LYS A 116 1.69 -3.18 -14.14
CA LYS A 116 0.82 -4.27 -14.53
C LYS A 116 -0.25 -4.56 -13.45
N GLY A 117 -0.01 -4.05 -12.25
CA GLY A 117 -0.87 -4.35 -11.12
C GLY A 117 -0.38 -5.57 -10.37
N GLU A 118 0.81 -6.02 -10.76
CA GLU A 118 1.40 -7.23 -10.20
C GLU A 118 1.78 -7.02 -8.73
N ILE A 119 1.45 -8.00 -7.91
CA ILE A 119 1.86 -7.98 -6.52
C ILE A 119 3.30 -8.45 -6.40
N LEU A 120 4.19 -7.52 -6.14
CA LEU A 120 5.61 -7.78 -6.14
C LEU A 120 6.05 -8.48 -4.86
N LYS A 121 5.50 -8.07 -3.73
CA LYS A 121 5.99 -8.55 -2.45
C LYS A 121 4.97 -8.34 -1.34
N THR A 122 5.05 -9.14 -0.29
CA THR A 122 4.17 -9.00 0.86
C THR A 122 4.96 -9.16 2.17
N TYR A 123 5.01 -8.08 2.94
CA TYR A 123 5.61 -8.10 4.27
C TYR A 123 4.53 -8.01 5.34
N VAL A 124 4.73 -8.68 6.46
CA VAL A 124 3.80 -8.63 7.57
C VAL A 124 4.51 -8.18 8.85
N GLY A 125 3.87 -7.30 9.61
CA GLY A 125 4.43 -6.85 10.86
C GLY A 125 5.31 -5.63 10.69
N GLU A 126 6.57 -5.86 10.34
CA GLU A 126 7.51 -4.78 10.12
C GLU A 126 8.37 -5.11 8.90
N PRO A 127 8.13 -4.43 7.78
CA PRO A 127 8.90 -4.63 6.56
C PRO A 127 10.26 -3.98 6.63
N ASP A 128 11.32 -4.80 6.50
CA ASP A 128 12.70 -4.28 6.50
C ASP A 128 12.83 -3.20 5.44
N PHE A 129 12.66 -1.94 5.82
CA PHE A 129 12.62 -0.86 4.86
C PHE A 129 13.92 -0.71 4.08
N GLY A 130 15.06 -1.01 4.71
CA GLY A 130 16.30 -0.98 3.97
C GLY A 130 16.28 -1.96 2.81
N LYS A 131 15.87 -3.18 3.11
CA LYS A 131 15.74 -4.24 2.11
C LYS A 131 14.59 -3.91 1.16
N LEU A 132 13.52 -3.33 1.71
CA LEU A 132 12.36 -2.94 0.92
C LEU A 132 12.72 -1.86 -0.09
N TYR A 133 13.49 -0.86 0.33
CA TYR A 133 13.91 0.22 -0.55
C TYR A 133 14.64 -0.33 -1.76
N GLN A 134 15.70 -1.10 -1.51
CA GLN A 134 16.50 -1.65 -2.60
C GLN A 134 15.68 -2.65 -3.42
N GLU A 135 14.79 -3.37 -2.75
CA GLU A 135 13.94 -4.36 -3.42
C GLU A 135 13.00 -3.71 -4.42
N ILE A 136 12.48 -2.53 -4.07
CA ILE A 136 11.61 -1.78 -4.97
C ILE A 136 12.36 -1.38 -6.24
N ASP A 137 13.51 -0.74 -6.07
CA ASP A 137 14.32 -0.33 -7.22
C ASP A 137 14.96 -1.53 -7.93
N THR A 138 15.01 -2.69 -7.26
CA THR A 138 15.43 -3.92 -7.92
C THR A 138 14.35 -4.39 -8.90
N ALA A 139 13.11 -4.01 -8.60
CA ALA A 139 11.98 -4.37 -9.45
C ALA A 139 12.05 -3.69 -10.80
N TRP A 140 12.85 -2.63 -10.91
CA TRP A 140 13.07 -1.97 -12.19
C TRP A 140 13.64 -2.96 -13.19
N ARG A 141 14.68 -3.66 -12.75
CA ARG A 141 15.36 -4.66 -13.57
C ARG A 141 14.39 -5.75 -14.01
N ASN A 142 13.44 -6.05 -13.15
CA ASN A 142 12.39 -7.00 -13.46
C ASN A 142 11.26 -6.28 -14.19
N SER A 143 11.60 -5.69 -15.32
CA SER A 143 10.68 -4.87 -16.09
C SER A 143 9.47 -5.69 -16.55
N ASP A 144 9.73 -6.82 -17.19
CA ASP A 144 8.68 -7.69 -17.69
C ASP A 144 9.32 -8.88 -18.40
N ALA A 145 8.54 -9.61 -19.19
CA ALA A 145 9.02 -10.76 -19.96
C ALA A 145 9.52 -11.86 -19.03
N GLU A 146 8.97 -11.91 -17.83
CA GLU A 146 9.33 -12.92 -16.85
C GLU A 146 8.48 -14.16 -17.08
N GLY A 147 9.15 -15.25 -17.43
CA GLY A 147 8.43 -16.48 -17.74
C GLY A 147 8.77 -17.60 -16.79
N HIS A 148 8.98 -17.24 -15.52
CA HIS A 148 9.33 -18.17 -14.44
C HIS A 148 10.36 -19.19 -14.90
N HIS A 149 11.55 -18.69 -15.18
CA HIS A 149 12.64 -19.52 -15.66
C HIS A 149 13.11 -20.47 -14.57
N HIS A 150 12.73 -21.73 -14.70
CA HIS A 150 13.07 -22.78 -13.74
C HIS A 150 14.60 -22.93 -13.61
N HIS A 151 15.17 -22.24 -12.62
CA HIS A 151 16.60 -22.33 -12.36
C HIS A 151 16.86 -23.26 -11.17
N HIS A 152 16.77 -24.54 -11.45
CA HIS A 152 16.91 -25.58 -10.43
C HIS A 152 16.63 -26.92 -11.11
N HIS A 153 16.98 -28.01 -10.46
CA HIS A 153 16.54 -29.32 -10.92
C HIS A 153 15.05 -29.45 -10.60
N ASP A 4 -10.72 -10.15 -4.02
CA ASP A 4 -10.92 -11.45 -4.71
C ASP A 4 -9.60 -12.18 -4.90
N SER A 5 -8.93 -11.93 -6.02
CA SER A 5 -7.67 -12.59 -6.32
C SER A 5 -6.49 -11.65 -6.07
N LYS A 6 -5.30 -12.05 -6.49
CA LYS A 6 -4.13 -11.19 -6.44
C LYS A 6 -3.85 -10.62 -7.82
N THR A 7 -2.66 -10.03 -8.00
CA THR A 7 -2.33 -9.33 -9.24
C THR A 7 -3.18 -8.06 -9.34
N ALA A 8 -3.52 -7.54 -8.16
CA ALA A 8 -4.40 -6.37 -8.01
C ALA A 8 -5.86 -6.75 -8.27
N PRO A 9 -6.64 -6.93 -7.18
CA PRO A 9 -8.02 -7.40 -7.24
C PRO A 9 -8.97 -6.39 -7.88
N ALA A 10 -10.19 -6.81 -8.13
CA ALA A 10 -11.19 -5.93 -8.73
C ALA A 10 -11.87 -5.09 -7.67
N PHE A 11 -11.18 -4.08 -7.18
CA PHE A 11 -11.72 -3.21 -6.16
C PHE A 11 -11.66 -1.76 -6.60
N SER A 12 -12.61 -0.97 -6.11
CA SER A 12 -12.65 0.46 -6.38
C SER A 12 -13.19 1.20 -5.16
N LEU A 13 -12.28 1.61 -4.26
CA LEU A 13 -12.68 2.18 -2.99
C LEU A 13 -12.37 3.67 -2.93
N PRO A 14 -13.31 4.49 -2.45
CA PRO A 14 -13.08 5.91 -2.23
C PRO A 14 -12.18 6.16 -1.02
N ASP A 15 -11.17 6.99 -1.20
CA ASP A 15 -10.27 7.33 -0.11
C ASP A 15 -10.93 8.38 0.78
N LEU A 16 -10.28 8.73 1.86
CA LEU A 16 -10.87 9.62 2.86
C LEU A 16 -11.02 11.06 2.37
N HIS A 17 -10.37 11.41 1.26
CA HIS A 17 -10.51 12.78 0.73
C HIS A 17 -11.47 12.81 -0.46
N GLY A 18 -11.96 11.64 -0.87
CA GLY A 18 -13.04 11.60 -1.85
C GLY A 18 -12.61 11.15 -3.25
N LYS A 19 -11.46 10.51 -3.36
CA LYS A 19 -11.04 9.96 -4.64
C LYS A 19 -11.18 8.45 -4.62
N THR A 20 -11.88 7.91 -5.60
CA THR A 20 -11.96 6.47 -5.73
C THR A 20 -10.63 5.93 -6.23
N VAL A 21 -10.08 4.99 -5.47
CA VAL A 21 -8.83 4.35 -5.80
C VAL A 21 -9.08 2.89 -6.11
N SER A 22 -8.65 2.48 -7.29
CA SER A 22 -8.88 1.12 -7.75
C SER A 22 -7.55 0.44 -8.05
N ASN A 23 -7.61 -0.76 -8.59
CA ASN A 23 -6.39 -1.51 -8.94
C ASN A 23 -5.69 -0.85 -10.12
N ALA A 24 -6.44 -0.08 -10.90
CA ALA A 24 -5.87 0.67 -12.00
C ALA A 24 -4.89 1.74 -11.49
N ASP A 25 -5.13 2.20 -10.27
CA ASP A 25 -4.30 3.23 -9.64
C ASP A 25 -2.94 2.66 -9.26
N LEU A 26 -2.81 1.34 -9.29
CA LEU A 26 -1.57 0.69 -8.92
C LEU A 26 -0.59 0.63 -10.10
N GLN A 27 -1.14 0.61 -11.31
CA GLN A 27 -0.36 0.34 -12.51
C GLN A 27 0.52 1.53 -12.90
N GLY A 28 1.70 1.23 -13.43
CA GLY A 28 2.54 2.27 -14.02
C GLY A 28 3.78 2.61 -13.22
N LYS A 29 3.73 2.37 -11.92
CA LYS A 29 4.84 2.69 -11.04
C LYS A 29 4.94 1.64 -9.97
N VAL A 30 5.74 1.90 -8.94
CA VAL A 30 5.85 1.00 -7.82
C VAL A 30 5.03 1.55 -6.66
N THR A 31 4.41 0.69 -5.89
CA THR A 31 3.50 1.14 -4.85
C THR A 31 3.66 0.28 -3.59
N LEU A 32 3.42 0.87 -2.43
CA LEU A 32 3.42 0.15 -1.18
C LEU A 32 2.06 0.31 -0.52
N ILE A 33 1.36 -0.79 -0.34
CA ILE A 33 0.06 -0.77 0.31
C ILE A 33 0.19 -1.26 1.75
N ASN A 34 -0.16 -0.42 2.70
CA ASN A 34 -0.07 -0.79 4.10
C ASN A 34 -1.44 -0.98 4.71
N PHE A 35 -1.65 -2.16 5.28
CA PHE A 35 -2.91 -2.49 5.93
C PHE A 35 -2.76 -2.30 7.43
N TRP A 36 -3.69 -1.58 8.03
CA TRP A 36 -3.62 -1.28 9.45
C TRP A 36 -4.97 -0.81 9.96
N PHE A 37 -5.07 -0.63 11.27
CA PHE A 37 -6.23 -0.02 11.87
C PHE A 37 -5.77 1.05 12.84
N PRO A 38 -6.50 2.18 12.91
CA PRO A 38 -6.10 3.36 13.69
C PRO A 38 -5.99 3.13 15.20
N SER A 39 -6.25 1.91 15.65
CA SER A 39 -6.06 1.57 17.04
C SER A 39 -4.76 0.76 17.23
N CYS A 40 -3.87 0.83 16.23
CA CYS A 40 -2.58 0.18 16.30
C CYS A 40 -1.54 1.05 17.00
N PRO A 41 -0.74 0.45 17.90
CA PRO A 41 0.39 1.14 18.55
C PRO A 41 1.54 1.38 17.59
N GLY A 42 1.43 0.80 16.39
CA GLY A 42 2.47 0.91 15.37
C GLY A 42 2.63 2.30 14.79
N CYS A 43 1.91 3.27 15.34
CA CYS A 43 1.97 4.63 14.84
C CYS A 43 3.23 5.36 15.32
N VAL A 44 3.73 4.99 16.50
CA VAL A 44 4.74 5.78 17.18
C VAL A 44 6.00 6.03 16.34
N SER A 45 6.75 4.98 16.01
CA SER A 45 7.95 5.15 15.19
C SER A 45 7.63 4.92 13.72
N GLU A 46 6.78 3.93 13.47
CA GLU A 46 6.53 3.44 12.11
C GLU A 46 5.89 4.48 11.22
N MET A 47 4.92 5.23 11.76
CA MET A 47 4.24 6.24 10.96
C MET A 47 5.22 7.30 10.44
N PRO A 48 6.04 7.94 11.31
CA PRO A 48 7.11 8.84 10.86
C PRO A 48 8.01 8.20 9.80
N LYS A 49 8.30 6.91 9.96
CA LYS A 49 9.08 6.18 8.97
C LYS A 49 8.39 6.17 7.61
N ILE A 50 7.07 6.00 7.62
CA ILE A 50 6.28 6.03 6.40
C ILE A 50 6.18 7.47 5.87
N ILE A 51 6.17 8.45 6.77
CA ILE A 51 6.07 9.85 6.38
C ILE A 51 7.18 10.20 5.38
N LYS A 52 8.42 9.88 5.74
CA LYS A 52 9.56 10.19 4.89
C LYS A 52 9.50 9.41 3.58
N THR A 53 9.18 8.11 3.68
CA THR A 53 9.22 7.24 2.52
C THR A 53 8.08 7.54 1.54
N ALA A 54 6.87 7.68 2.07
CA ALA A 54 5.69 7.86 1.24
C ALA A 54 5.69 9.22 0.54
N ASN A 55 6.24 10.23 1.18
CA ASN A 55 6.27 11.56 0.58
C ASN A 55 7.33 11.65 -0.50
N ASP A 56 8.54 11.24 -0.15
CA ASP A 56 9.70 11.41 -1.02
C ASP A 56 9.56 10.61 -2.31
N TYR A 57 9.17 9.36 -2.20
CA TYR A 57 9.11 8.49 -3.36
C TYR A 57 7.86 8.74 -4.18
N LYS A 58 6.94 9.53 -3.62
CA LYS A 58 5.70 9.87 -4.32
C LYS A 58 6.01 10.68 -5.59
N ASN A 59 7.18 11.29 -5.60
CA ASN A 59 7.64 12.04 -6.77
C ASN A 59 8.74 11.28 -7.50
N LYS A 60 8.84 9.97 -7.22
CA LYS A 60 9.87 9.14 -7.83
C LYS A 60 9.32 7.79 -8.27
N ASN A 61 8.14 7.81 -8.91
CA ASN A 61 7.52 6.60 -9.49
C ASN A 61 7.18 5.59 -8.39
N PHE A 62 6.87 6.10 -7.21
CA PHE A 62 6.47 5.25 -6.11
C PHE A 62 5.26 5.87 -5.40
N GLN A 63 4.29 5.03 -5.06
CA GLN A 63 3.09 5.48 -4.38
C GLN A 63 2.86 4.66 -3.13
N VAL A 64 2.12 5.22 -2.18
CA VAL A 64 1.78 4.50 -0.96
C VAL A 64 0.28 4.61 -0.69
N LEU A 65 -0.36 3.47 -0.52
CA LEU A 65 -1.80 3.43 -0.29
C LEU A 65 -2.11 2.76 1.03
N ALA A 66 -2.78 3.50 1.90
CA ALA A 66 -3.15 3.00 3.21
C ALA A 66 -4.53 2.37 3.16
N VAL A 67 -4.65 1.18 3.72
CA VAL A 67 -5.93 0.51 3.79
C VAL A 67 -6.28 0.16 5.22
N ALA A 68 -7.15 0.98 5.81
CA ALA A 68 -7.65 0.71 7.14
C ALA A 68 -8.84 -0.22 7.08
N GLN A 69 -8.69 -1.40 7.67
CA GLN A 69 -9.74 -2.42 7.60
C GLN A 69 -10.69 -2.26 8.79
N PRO A 70 -11.89 -2.88 8.73
CA PRO A 70 -12.96 -2.62 9.70
C PRO A 70 -12.65 -3.16 11.09
N ILE A 71 -12.07 -2.31 11.93
CA ILE A 71 -11.85 -2.60 13.33
C ILE A 71 -12.48 -1.49 14.15
N ASP A 72 -12.00 -0.28 13.93
CA ASP A 72 -12.66 0.92 14.43
C ASP A 72 -13.35 1.62 13.26
N PRO A 73 -14.40 2.41 13.53
CA PRO A 73 -15.25 2.99 12.48
C PRO A 73 -14.55 4.09 11.65
N ILE A 74 -15.30 4.64 10.70
CA ILE A 74 -14.75 5.53 9.68
C ILE A 74 -14.20 6.84 10.26
N GLU A 75 -14.85 7.35 11.30
CA GLU A 75 -14.42 8.62 11.89
C GLU A 75 -13.14 8.44 12.68
N SER A 76 -12.95 7.24 13.23
CA SER A 76 -11.74 6.90 13.94
C SER A 76 -10.56 6.83 12.96
N VAL A 77 -10.81 6.23 11.79
CA VAL A 77 -9.82 6.15 10.73
C VAL A 77 -9.40 7.55 10.26
N ARG A 78 -10.38 8.35 9.86
CA ARG A 78 -10.12 9.69 9.35
C ARG A 78 -9.47 10.58 10.40
N GLN A 79 -9.77 10.28 11.66
CA GLN A 79 -9.22 11.02 12.79
C GLN A 79 -7.72 10.82 12.87
N TYR A 80 -7.30 9.56 12.74
CA TYR A 80 -5.88 9.21 12.83
C TYR A 80 -5.09 9.87 11.71
N VAL A 81 -5.72 9.97 10.54
CA VAL A 81 -5.11 10.64 9.38
C VAL A 81 -4.84 12.10 9.71
N LYS A 82 -5.76 12.73 10.41
CA LYS A 82 -5.62 14.14 10.81
C LYS A 82 -4.53 14.29 11.87
N ASP A 83 -4.51 13.36 12.82
CA ASP A 83 -3.63 13.44 13.99
C ASP A 83 -2.16 13.47 13.60
N TYR A 84 -1.74 12.55 12.74
CA TYR A 84 -0.33 12.47 12.36
C TYR A 84 -0.06 13.13 11.02
N GLY A 85 -1.10 13.74 10.44
CA GLY A 85 -0.95 14.38 9.14
C GLY A 85 -0.47 13.40 8.08
N LEU A 86 -1.22 12.33 7.90
CA LEU A 86 -0.86 11.26 6.97
C LEU A 86 -0.76 11.77 5.53
N PRO A 87 0.46 11.77 4.95
CA PRO A 87 0.71 12.26 3.60
C PRO A 87 0.57 11.18 2.53
N PHE A 88 -0.03 10.06 2.91
CA PHE A 88 -0.30 8.97 1.98
C PHE A 88 -1.80 8.74 1.87
N THR A 89 -2.25 8.29 0.70
CA THR A 89 -3.67 8.13 0.42
C THR A 89 -4.29 7.01 1.25
N VAL A 90 -5.21 7.37 2.13
CA VAL A 90 -5.82 6.40 3.03
C VAL A 90 -7.24 6.07 2.58
N MET A 91 -7.51 4.79 2.42
CA MET A 91 -8.85 4.32 2.09
C MET A 91 -9.42 3.53 3.26
N TYR A 92 -10.71 3.23 3.18
CA TYR A 92 -11.37 2.42 4.19
C TYR A 92 -11.85 1.11 3.58
N ASP A 93 -11.40 0.01 4.16
CA ASP A 93 -11.80 -1.32 3.73
C ASP A 93 -13.07 -1.74 4.49
N ALA A 94 -14.19 -1.73 3.78
CA ALA A 94 -15.48 -2.02 4.41
C ALA A 94 -15.69 -3.51 4.67
N ASP A 95 -15.43 -4.34 3.67
CA ASP A 95 -15.81 -5.75 3.73
C ASP A 95 -14.65 -6.65 4.13
N LYS A 96 -13.44 -6.10 4.12
CA LYS A 96 -12.23 -6.82 4.54
C LYS A 96 -11.86 -7.95 3.58
N ALA A 97 -12.69 -8.16 2.55
CA ALA A 97 -12.46 -9.24 1.59
C ALA A 97 -11.39 -8.84 0.59
N VAL A 98 -11.20 -7.54 0.40
CA VAL A 98 -10.09 -7.05 -0.40
C VAL A 98 -8.78 -7.27 0.37
N GLY A 99 -8.85 -7.07 1.68
CA GLY A 99 -7.71 -7.37 2.53
C GLY A 99 -7.43 -8.85 2.58
N GLN A 100 -8.50 -9.65 2.50
CA GLN A 100 -8.39 -11.09 2.42
C GLN A 100 -7.74 -11.53 1.12
N ALA A 101 -7.97 -10.77 0.07
CA ALA A 101 -7.35 -11.04 -1.24
C ALA A 101 -5.84 -10.89 -1.15
N PHE A 102 -5.40 -9.88 -0.41
CA PHE A 102 -3.98 -9.69 -0.17
C PHE A 102 -3.48 -10.73 0.83
N GLY A 103 -4.37 -11.18 1.70
CA GLY A 103 -4.01 -12.21 2.67
C GLY A 103 -3.64 -11.62 4.02
N THR A 104 -4.42 -10.66 4.49
CA THR A 104 -4.11 -9.99 5.73
C THR A 104 -5.02 -10.46 6.87
N GLN A 105 -4.42 -11.13 7.85
CA GLN A 105 -5.16 -11.60 9.01
C GLN A 105 -4.71 -10.84 10.26
N VAL A 106 -3.41 -10.61 10.36
CA VAL A 106 -2.85 -9.84 11.47
C VAL A 106 -2.19 -8.56 10.94
N TYR A 107 -2.20 -7.52 11.75
CA TYR A 107 -1.74 -6.21 11.30
C TYR A 107 -0.72 -5.63 12.28
N PRO A 108 0.08 -4.63 11.85
CA PRO A 108 0.01 -4.07 10.49
C PRO A 108 0.59 -4.99 9.42
N THR A 109 0.30 -4.67 8.17
CA THR A 109 0.82 -5.41 7.03
C THR A 109 1.31 -4.43 5.97
N SER A 110 2.33 -4.82 5.22
CA SER A 110 2.85 -3.97 4.16
C SER A 110 3.15 -4.79 2.91
N VAL A 111 2.41 -4.52 1.85
CA VAL A 111 2.58 -5.25 0.60
C VAL A 111 3.27 -4.39 -0.46
N LEU A 112 4.10 -5.03 -1.28
CA LEU A 112 4.80 -4.34 -2.33
C LEU A 112 4.11 -4.59 -3.66
N ILE A 113 3.91 -3.52 -4.40
CA ILE A 113 3.21 -3.59 -5.67
C ILE A 113 4.17 -3.36 -6.82
N GLY A 114 4.06 -4.18 -7.86
CA GLY A 114 4.92 -4.04 -9.01
C GLY A 114 4.47 -2.90 -9.90
N LYS A 115 4.71 -3.02 -11.19
CA LYS A 115 4.40 -1.94 -12.12
C LYS A 115 3.12 -2.29 -12.82
N LYS A 116 2.69 -3.51 -12.57
CA LYS A 116 1.54 -4.10 -13.19
C LYS A 116 0.56 -4.56 -12.12
N GLY A 117 0.72 -4.02 -10.93
CA GLY A 117 -0.03 -4.47 -9.78
C GLY A 117 0.63 -5.68 -9.18
N GLU A 118 0.23 -6.85 -9.65
CA GLU A 118 0.93 -8.11 -9.39
C GLU A 118 0.84 -8.60 -7.93
N ILE A 119 0.76 -7.66 -6.98
CA ILE A 119 0.89 -7.98 -5.56
C ILE A 119 2.20 -8.74 -5.34
N LEU A 120 3.28 -8.03 -5.60
CA LEU A 120 4.62 -8.59 -5.69
C LEU A 120 5.09 -9.21 -4.37
N LYS A 121 4.87 -8.51 -3.28
CA LYS A 121 5.47 -8.90 -2.01
C LYS A 121 4.55 -8.64 -0.84
N THR A 122 4.71 -9.39 0.23
CA THR A 122 3.89 -9.21 1.42
C THR A 122 4.72 -9.36 2.70
N TYR A 123 4.96 -8.24 3.38
CA TYR A 123 5.56 -8.25 4.70
C TYR A 123 4.48 -8.10 5.77
N VAL A 124 4.60 -8.87 6.84
CA VAL A 124 3.67 -8.77 7.95
C VAL A 124 4.39 -8.16 9.16
N GLY A 125 3.69 -7.30 9.89
CA GLY A 125 4.29 -6.61 11.01
C GLY A 125 5.06 -5.40 10.52
N GLU A 126 6.38 -5.47 10.61
CA GLU A 126 7.23 -4.43 10.06
C GLU A 126 7.99 -4.97 8.86
N PRO A 127 7.90 -4.28 7.71
CA PRO A 127 8.66 -4.64 6.53
C PRO A 127 10.14 -4.30 6.69
N ASP A 128 11.00 -5.29 6.49
CA ASP A 128 12.44 -5.07 6.57
C ASP A 128 12.84 -4.00 5.56
N PHE A 129 13.43 -2.93 6.05
CA PHE A 129 13.76 -1.78 5.22
C PHE A 129 14.88 -2.08 4.25
N GLY A 130 15.79 -2.98 4.62
CA GLY A 130 16.96 -3.24 3.81
C GLY A 130 16.60 -3.86 2.47
N LYS A 131 15.87 -4.97 2.52
CA LYS A 131 15.49 -5.66 1.32
C LYS A 131 14.35 -4.94 0.64
N LEU A 132 13.48 -4.30 1.42
CA LEU A 132 12.36 -3.55 0.86
C LEU A 132 12.86 -2.46 -0.08
N TYR A 133 13.83 -1.67 0.36
CA TYR A 133 14.35 -0.58 -0.46
C TYR A 133 15.06 -1.10 -1.70
N GLN A 134 15.91 -2.11 -1.53
CA GLN A 134 16.64 -2.69 -2.66
C GLN A 134 15.68 -3.34 -3.66
N GLU A 135 14.64 -3.95 -3.12
CA GLU A 135 13.67 -4.70 -3.90
C GLU A 135 12.76 -3.75 -4.67
N ILE A 136 12.36 -2.67 -4.02
CA ILE A 136 11.60 -1.61 -4.69
C ILE A 136 12.48 -0.95 -5.76
N ASP A 137 13.74 -0.73 -5.42
CA ASP A 137 14.73 -0.16 -6.33
C ASP A 137 14.82 -0.96 -7.63
N THR A 138 14.73 -2.28 -7.52
CA THR A 138 14.75 -3.16 -8.68
C THR A 138 13.56 -2.87 -9.60
N ALA A 139 12.41 -2.58 -8.99
CA ALA A 139 11.19 -2.34 -9.74
C ALA A 139 11.21 -0.95 -10.38
N TRP A 140 12.06 -0.07 -9.88
CA TRP A 140 12.20 1.27 -10.45
C TRP A 140 12.77 1.21 -11.86
N ARG A 141 13.93 0.56 -11.99
CA ARG A 141 14.58 0.42 -13.29
C ARG A 141 13.79 -0.48 -14.22
N ASN A 142 12.86 -1.24 -13.64
CA ASN A 142 11.96 -2.09 -14.41
C ASN A 142 10.94 -1.23 -15.15
N SER A 143 11.44 -0.43 -16.10
CA SER A 143 10.63 0.50 -16.89
C SER A 143 11.56 1.41 -17.68
N ASP A 144 11.42 1.41 -18.99
CA ASP A 144 12.24 2.26 -19.85
C ASP A 144 11.82 3.72 -19.74
N ALA A 145 12.43 4.42 -18.77
CA ALA A 145 12.15 5.83 -18.56
C ALA A 145 13.24 6.46 -17.72
N GLU A 146 14.05 7.30 -18.34
CA GLU A 146 15.14 7.98 -17.64
C GLU A 146 14.81 9.45 -17.44
N GLY A 147 14.77 9.86 -16.18
CA GLY A 147 14.46 11.23 -15.85
C GLY A 147 15.68 12.02 -15.44
N HIS A 148 16.84 11.36 -15.44
CA HIS A 148 18.11 12.02 -15.13
C HIS A 148 18.46 13.05 -16.19
N HIS A 149 17.95 14.25 -16.00
CA HIS A 149 18.33 15.38 -16.84
C HIS A 149 18.94 16.45 -15.94
N HIS A 150 20.10 16.10 -15.40
CA HIS A 150 20.83 16.93 -14.44
C HIS A 150 20.01 17.14 -13.16
N HIS A 151 19.14 18.15 -13.17
CA HIS A 151 18.43 18.60 -11.96
C HIS A 151 19.44 19.06 -10.91
N HIS A 152 19.96 18.11 -10.13
CA HIS A 152 20.96 18.41 -9.12
C HIS A 152 22.28 17.74 -9.45
N HIS A 153 22.24 16.84 -10.42
CA HIS A 153 23.43 16.12 -10.86
C HIS A 153 23.25 15.66 -12.30
N ASP A 4 -9.12 -10.92 -7.41
CA ASP A 4 -8.80 -12.26 -6.85
C ASP A 4 -7.32 -12.35 -6.48
N SER A 5 -6.69 -11.19 -6.24
CA SER A 5 -5.24 -11.10 -6.11
C SER A 5 -4.59 -11.52 -7.43
N LYS A 6 -3.28 -11.74 -7.42
CA LYS A 6 -2.56 -12.08 -8.67
C LYS A 6 -2.63 -10.91 -9.64
N THR A 7 -1.56 -10.12 -9.69
CA THR A 7 -1.55 -8.88 -10.46
C THR A 7 -2.57 -7.91 -9.87
N ALA A 8 -2.52 -7.81 -8.55
CA ALA A 8 -3.41 -6.96 -7.74
C ALA A 8 -4.78 -7.62 -7.60
N PRO A 9 -5.50 -7.34 -6.49
CA PRO A 9 -6.76 -8.02 -6.19
C PRO A 9 -7.94 -7.52 -7.00
N ALA A 10 -7.65 -6.58 -7.90
CA ALA A 10 -8.67 -5.91 -8.71
C ALA A 10 -9.72 -5.25 -7.81
N PHE A 11 -9.43 -4.04 -7.37
CA PHE A 11 -10.31 -3.35 -6.44
C PHE A 11 -10.58 -1.92 -6.88
N SER A 12 -11.55 -1.31 -6.24
CA SER A 12 -11.84 0.12 -6.41
C SER A 12 -12.37 0.66 -5.09
N LEU A 13 -11.48 1.23 -4.30
CA LEU A 13 -11.81 1.62 -2.94
C LEU A 13 -11.71 3.14 -2.79
N PRO A 14 -12.70 3.78 -2.17
CA PRO A 14 -12.69 5.23 -1.93
C PRO A 14 -11.70 5.63 -0.84
N ASP A 15 -10.95 6.68 -1.11
CA ASP A 15 -10.03 7.25 -0.14
C ASP A 15 -10.81 8.07 0.89
N LEU A 16 -10.18 8.39 2.02
CA LEU A 16 -10.87 8.99 3.15
C LEU A 16 -11.39 10.41 2.89
N HIS A 17 -11.06 11.00 1.75
CA HIS A 17 -11.61 12.31 1.40
C HIS A 17 -12.32 12.26 0.06
N GLY A 18 -12.63 11.04 -0.38
CA GLY A 18 -13.51 10.87 -1.53
C GLY A 18 -12.78 10.71 -2.84
N LYS A 19 -11.52 10.31 -2.79
CA LYS A 19 -10.79 9.99 -4.02
C LYS A 19 -10.86 8.49 -4.26
N THR A 20 -11.71 8.06 -5.18
CA THR A 20 -11.82 6.65 -5.51
C THR A 20 -10.51 6.15 -6.10
N VAL A 21 -9.93 5.14 -5.48
CA VAL A 21 -8.70 4.54 -5.95
C VAL A 21 -8.99 3.19 -6.58
N SER A 22 -8.73 3.08 -7.87
CA SER A 22 -9.01 1.87 -8.60
C SER A 22 -7.74 1.07 -8.84
N ASN A 23 -7.88 -0.03 -9.55
CA ASN A 23 -6.73 -0.87 -9.90
C ASN A 23 -5.90 -0.17 -10.97
N ALA A 24 -6.54 0.73 -11.70
CA ALA A 24 -5.86 1.50 -12.75
C ALA A 24 -4.87 2.48 -12.14
N ASP A 25 -5.14 2.92 -10.93
CA ASP A 25 -4.27 3.87 -10.22
C ASP A 25 -2.97 3.19 -9.80
N LEU A 26 -2.97 1.87 -9.83
CA LEU A 26 -1.82 1.09 -9.40
C LEU A 26 -0.79 0.95 -10.51
N GLN A 27 -1.21 1.15 -11.75
CA GLN A 27 -0.33 0.87 -12.88
C GLN A 27 0.30 2.14 -13.45
N GLY A 28 1.57 2.01 -13.83
CA GLY A 28 2.36 3.12 -14.32
C GLY A 28 3.19 3.73 -13.21
N LYS A 29 2.93 3.27 -11.99
CA LYS A 29 3.64 3.71 -10.81
C LYS A 29 3.86 2.54 -9.88
N VAL A 30 4.75 2.69 -8.91
CA VAL A 30 5.06 1.59 -8.00
C VAL A 30 4.36 1.82 -6.66
N THR A 31 3.85 0.77 -6.04
CA THR A 31 2.92 0.92 -4.94
C THR A 31 3.27 0.05 -3.73
N LEU A 32 3.13 0.63 -2.55
CA LEU A 32 3.23 -0.10 -1.29
C LEU A 32 1.93 0.07 -0.51
N ILE A 33 1.19 -1.02 -0.36
CA ILE A 33 -0.08 -0.98 0.35
C ILE A 33 0.08 -1.55 1.75
N ASN A 34 -0.09 -0.71 2.75
CA ASN A 34 0.01 -1.15 4.13
C ASN A 34 -1.37 -1.19 4.79
N PHE A 35 -1.70 -2.33 5.36
CA PHE A 35 -2.97 -2.49 6.05
C PHE A 35 -2.79 -2.18 7.53
N TRP A 36 -3.62 -1.30 8.06
CA TRP A 36 -3.49 -0.86 9.44
C TRP A 36 -4.83 -0.43 10.02
N PHE A 37 -4.79 0.03 11.27
CA PHE A 37 -5.94 0.63 11.93
C PHE A 37 -5.44 1.67 12.93
N PRO A 38 -6.21 2.74 13.15
CA PRO A 38 -5.81 3.87 14.01
C PRO A 38 -5.17 3.47 15.34
N SER A 39 -5.80 2.54 16.05
CA SER A 39 -5.34 2.15 17.38
C SER A 39 -4.20 1.14 17.33
N CYS A 40 -3.56 0.99 16.18
CA CYS A 40 -2.44 0.05 16.03
C CYS A 40 -1.20 0.58 16.74
N PRO A 41 -0.61 -0.23 17.63
CA PRO A 41 0.61 0.17 18.38
C PRO A 41 1.81 0.41 17.48
N GLY A 42 1.79 -0.16 16.28
CA GLY A 42 2.91 -0.04 15.37
C GLY A 42 2.99 1.32 14.70
N CYS A 43 1.90 2.07 14.73
CA CYS A 43 1.85 3.34 14.02
C CYS A 43 2.80 4.36 14.65
N VAL A 44 2.84 4.42 15.97
CA VAL A 44 3.65 5.40 16.67
C VAL A 44 5.14 5.25 16.31
N SER A 45 5.55 4.03 16.03
CA SER A 45 6.93 3.76 15.67
C SER A 45 7.15 3.93 14.17
N GLU A 46 6.35 3.23 13.38
CA GLU A 46 6.60 3.09 11.95
C GLU A 46 6.05 4.25 11.11
N MET A 47 4.96 4.87 11.56
CA MET A 47 4.29 5.89 10.75
C MET A 47 5.20 7.06 10.37
N PRO A 48 5.98 7.65 11.32
CA PRO A 48 6.95 8.71 10.99
C PRO A 48 7.87 8.31 9.84
N LYS A 49 8.27 7.04 9.83
CA LYS A 49 9.08 6.51 8.74
C LYS A 49 8.29 6.53 7.44
N ILE A 50 7.03 6.11 7.54
CA ILE A 50 6.12 6.10 6.40
C ILE A 50 5.92 7.50 5.85
N ILE A 51 5.78 8.49 6.75
CA ILE A 51 5.62 9.89 6.36
C ILE A 51 6.75 10.31 5.44
N LYS A 52 7.98 10.00 5.86
CA LYS A 52 9.17 10.33 5.10
C LYS A 52 9.21 9.56 3.78
N THR A 53 9.16 8.24 3.86
CA THR A 53 9.34 7.38 2.71
C THR A 53 8.24 7.59 1.67
N ALA A 54 7.01 7.72 2.13
CA ALA A 54 5.88 7.88 1.24
C ALA A 54 5.93 9.20 0.50
N ASN A 55 6.13 10.29 1.24
CA ASN A 55 6.08 11.62 0.65
C ASN A 55 7.19 11.82 -0.36
N ASP A 56 8.39 11.37 0.01
CA ASP A 56 9.55 11.49 -0.85
C ASP A 56 9.34 10.77 -2.18
N TYR A 57 8.75 9.59 -2.11
CA TYR A 57 8.51 8.78 -3.30
C TYR A 57 7.26 9.22 -4.05
N LYS A 58 6.30 9.82 -3.34
CA LYS A 58 5.09 10.37 -3.96
C LYS A 58 5.45 11.40 -5.01
N ASN A 59 6.56 12.09 -4.78
CA ASN A 59 7.02 13.14 -5.69
C ASN A 59 8.02 12.59 -6.70
N LYS A 60 8.02 11.27 -6.87
CA LYS A 60 8.87 10.63 -7.86
C LYS A 60 8.07 9.70 -8.77
N ASN A 61 7.41 8.71 -8.18
CA ASN A 61 6.68 7.69 -8.96
C ASN A 61 6.08 6.64 -8.04
N PHE A 62 6.52 6.61 -6.79
CA PHE A 62 6.10 5.58 -5.87
C PHE A 62 4.96 6.10 -4.99
N GLN A 63 4.07 5.21 -4.61
CA GLN A 63 2.90 5.59 -3.82
C GLN A 63 2.63 4.59 -2.71
N VAL A 64 2.51 5.11 -1.50
CA VAL A 64 2.13 4.29 -0.36
C VAL A 64 0.65 4.46 -0.08
N LEU A 65 -0.08 3.36 -0.14
CA LEU A 65 -1.52 3.38 0.08
C LEU A 65 -1.85 2.62 1.35
N ALA A 66 -2.32 3.34 2.35
CA ALA A 66 -2.64 2.74 3.63
C ALA A 66 -4.10 2.34 3.69
N VAL A 67 -4.36 1.04 3.65
CA VAL A 67 -5.72 0.55 3.70
C VAL A 67 -6.09 0.16 5.13
N ALA A 68 -7.02 0.89 5.70
CA ALA A 68 -7.52 0.58 7.02
C ALA A 68 -8.64 -0.45 6.92
N GLN A 69 -8.57 -1.49 7.72
CA GLN A 69 -9.60 -2.51 7.74
C GLN A 69 -10.53 -2.26 8.92
N PRO A 70 -11.73 -2.88 8.95
CA PRO A 70 -12.74 -2.62 10.00
C PRO A 70 -12.29 -3.04 11.39
N ILE A 71 -11.47 -2.21 12.01
CA ILE A 71 -11.09 -2.38 13.40
C ILE A 71 -11.58 -1.15 14.17
N ASP A 72 -11.04 0.00 13.81
CA ASP A 72 -11.57 1.28 14.27
C ASP A 72 -12.49 1.83 13.19
N PRO A 73 -13.52 2.59 13.57
CA PRO A 73 -14.47 3.18 12.61
C PRO A 73 -13.77 4.01 11.51
N ILE A 74 -14.39 4.06 10.34
CA ILE A 74 -13.84 4.79 9.20
C ILE A 74 -13.57 6.25 9.55
N GLU A 75 -14.46 6.85 10.34
CA GLU A 75 -14.30 8.23 10.75
C GLU A 75 -13.08 8.38 11.65
N SER A 76 -12.86 7.39 12.50
CA SER A 76 -11.74 7.40 13.42
C SER A 76 -10.43 7.44 12.65
N VAL A 77 -10.40 6.77 11.50
CA VAL A 77 -9.23 6.76 10.65
C VAL A 77 -8.98 8.15 10.06
N ARG A 78 -10.07 8.81 9.66
CA ARG A 78 -9.99 10.16 9.10
C ARG A 78 -9.60 11.16 10.19
N GLN A 79 -10.04 10.91 11.41
CA GLN A 79 -9.64 11.74 12.53
C GLN A 79 -8.13 11.65 12.71
N TYR A 80 -7.61 10.44 12.51
CA TYR A 80 -6.18 10.20 12.62
C TYR A 80 -5.43 10.90 11.48
N VAL A 81 -5.91 10.72 10.25
CA VAL A 81 -5.26 11.29 9.08
C VAL A 81 -5.25 12.83 9.12
N LYS A 82 -6.28 13.40 9.72
CA LYS A 82 -6.37 14.86 9.89
C LYS A 82 -5.42 15.35 10.97
N ASP A 83 -5.55 14.77 12.16
CA ASP A 83 -4.84 15.25 13.34
C ASP A 83 -3.34 15.08 13.21
N TYR A 84 -2.91 13.95 12.67
CA TYR A 84 -1.49 13.64 12.58
C TYR A 84 -0.89 14.14 11.26
N GLY A 85 -1.74 14.35 10.26
CA GLY A 85 -1.27 14.85 8.99
C GLY A 85 -0.59 13.77 8.16
N LEU A 86 -1.40 12.90 7.58
CA LEU A 86 -0.88 11.78 6.80
C LEU A 86 -0.83 12.12 5.30
N PRO A 87 0.38 12.25 4.74
CA PRO A 87 0.58 12.59 3.32
C PRO A 87 0.42 11.39 2.38
N PHE A 88 0.36 10.19 2.94
CA PHE A 88 0.14 9.00 2.15
C PHE A 88 -1.35 8.70 2.07
N THR A 89 -1.79 8.19 0.93
CA THR A 89 -3.20 8.02 0.67
C THR A 89 -3.78 6.89 1.51
N VAL A 90 -4.73 7.24 2.37
CA VAL A 90 -5.35 6.27 3.26
C VAL A 90 -6.76 5.95 2.81
N MET A 91 -7.05 4.67 2.69
CA MET A 91 -8.38 4.21 2.30
C MET A 91 -8.95 3.34 3.41
N TYR A 92 -10.22 2.98 3.29
CA TYR A 92 -10.86 2.15 4.29
C TYR A 92 -11.73 1.08 3.62
N ASP A 93 -11.35 -0.17 3.81
CA ASP A 93 -12.11 -1.28 3.25
C ASP A 93 -13.01 -1.87 4.33
N ALA A 94 -14.29 -1.53 4.26
CA ALA A 94 -15.25 -1.96 5.27
C ALA A 94 -15.56 -3.43 5.12
N ASP A 95 -15.46 -3.93 3.90
CA ASP A 95 -15.75 -5.31 3.60
C ASP A 95 -14.56 -6.21 3.88
N LYS A 96 -13.42 -5.56 4.21
CA LYS A 96 -12.14 -6.24 4.52
C LYS A 96 -11.79 -7.31 3.48
N ALA A 97 -12.32 -7.15 2.27
CA ALA A 97 -12.21 -8.16 1.24
C ALA A 97 -10.87 -8.09 0.53
N VAL A 98 -10.32 -6.89 0.36
CA VAL A 98 -9.02 -6.78 -0.28
C VAL A 98 -7.93 -7.19 0.68
N GLY A 99 -8.17 -6.96 1.97
CA GLY A 99 -7.27 -7.45 2.99
C GLY A 99 -7.35 -8.97 3.09
N GLN A 100 -8.57 -9.49 2.96
CA GLN A 100 -8.79 -10.92 2.95
C GLN A 100 -8.25 -11.56 1.68
N ALA A 101 -8.13 -10.77 0.62
CA ALA A 101 -7.54 -11.24 -0.63
C ALA A 101 -6.05 -11.46 -0.48
N PHE A 102 -5.40 -10.60 0.29
CA PHE A 102 -3.97 -10.74 0.57
C PHE A 102 -3.73 -11.65 1.76
N GLY A 103 -4.76 -11.83 2.58
CA GLY A 103 -4.63 -12.65 3.76
C GLY A 103 -4.01 -11.89 4.91
N THR A 104 -4.43 -10.63 5.09
CA THR A 104 -3.89 -9.78 6.13
C THR A 104 -4.45 -10.16 7.49
N GLN A 105 -3.81 -11.12 8.14
CA GLN A 105 -4.25 -11.57 9.45
C GLN A 105 -3.52 -10.82 10.55
N VAL A 106 -2.21 -10.67 10.40
CA VAL A 106 -1.40 -9.97 11.39
C VAL A 106 -1.12 -8.55 10.90
N TYR A 107 -1.48 -7.58 11.72
CA TYR A 107 -1.31 -6.19 11.37
C TYR A 107 -0.13 -5.59 12.12
N PRO A 108 0.62 -4.67 11.49
CA PRO A 108 0.36 -4.22 10.11
C PRO A 108 0.80 -5.22 9.05
N THR A 109 0.32 -5.01 7.83
CA THR A 109 0.74 -5.84 6.69
C THR A 109 1.18 -4.94 5.54
N SER A 110 2.39 -5.14 5.04
CA SER A 110 2.91 -4.33 3.96
C SER A 110 3.04 -5.14 2.67
N VAL A 111 2.27 -4.77 1.67
CA VAL A 111 2.27 -5.47 0.40
C VAL A 111 2.98 -4.64 -0.67
N LEU A 112 3.91 -5.27 -1.38
CA LEU A 112 4.68 -4.59 -2.40
C LEU A 112 4.15 -4.92 -3.79
N ILE A 113 3.73 -3.87 -4.49
CA ILE A 113 3.21 -4.01 -5.84
C ILE A 113 4.17 -3.36 -6.83
N GLY A 114 4.29 -3.95 -8.00
CA GLY A 114 5.19 -3.43 -9.01
C GLY A 114 4.70 -2.15 -9.66
N LYS A 115 4.35 -2.23 -10.93
CA LYS A 115 3.98 -1.04 -11.69
C LYS A 115 2.82 -1.29 -12.64
N LYS A 116 2.39 -2.53 -12.78
CA LYS A 116 1.20 -2.82 -13.54
C LYS A 116 0.20 -3.54 -12.65
N GLY A 117 0.67 -3.91 -11.47
CA GLY A 117 -0.16 -4.61 -10.52
C GLY A 117 0.50 -5.87 -10.03
N GLU A 118 1.67 -6.18 -10.60
CA GLU A 118 2.38 -7.40 -10.26
C GLU A 118 2.70 -7.42 -8.76
N ILE A 119 2.13 -8.40 -8.07
CA ILE A 119 2.32 -8.53 -6.63
C ILE A 119 3.68 -9.14 -6.36
N LEU A 120 4.56 -8.36 -5.77
CA LEU A 120 5.94 -8.75 -5.59
C LEU A 120 6.13 -9.44 -4.25
N LYS A 121 5.65 -8.82 -3.20
CA LYS A 121 6.00 -9.25 -1.85
C LYS A 121 4.91 -8.91 -0.85
N THR A 122 4.90 -9.62 0.26
CA THR A 122 3.99 -9.32 1.35
C THR A 122 4.67 -9.54 2.70
N TYR A 123 5.05 -8.45 3.34
CA TYR A 123 5.60 -8.49 4.70
C TYR A 123 4.47 -8.39 5.72
N VAL A 124 4.17 -9.49 6.36
CA VAL A 124 3.11 -9.53 7.37
C VAL A 124 3.69 -9.34 8.76
N GLY A 125 3.25 -8.32 9.46
CA GLY A 125 3.74 -8.05 10.79
C GLY A 125 4.69 -6.88 10.83
N GLU A 126 5.95 -7.13 10.47
CA GLU A 126 6.96 -6.09 10.46
C GLU A 126 7.84 -6.21 9.23
N PRO A 127 7.84 -5.18 8.36
CA PRO A 127 8.59 -5.20 7.11
C PRO A 127 10.09 -4.95 7.30
N ASP A 128 10.90 -5.65 6.50
CA ASP A 128 12.33 -5.41 6.45
C ASP A 128 12.59 -4.16 5.62
N PHE A 129 12.97 -3.08 6.28
CA PHE A 129 13.15 -1.79 5.60
C PHE A 129 14.28 -1.80 4.60
N GLY A 130 15.41 -2.39 4.97
CA GLY A 130 16.54 -2.43 4.07
C GLY A 130 16.21 -3.22 2.81
N LYS A 131 15.55 -4.35 3.02
CA LYS A 131 15.14 -5.20 1.93
C LYS A 131 13.99 -4.55 1.16
N LEU A 132 13.18 -3.78 1.88
CA LEU A 132 12.07 -3.06 1.29
C LEU A 132 12.59 -2.14 0.18
N TYR A 133 13.63 -1.39 0.47
CA TYR A 133 14.19 -0.43 -0.47
C TYR A 133 14.79 -1.14 -1.69
N GLN A 134 15.61 -2.15 -1.45
CA GLN A 134 16.27 -2.87 -2.54
C GLN A 134 15.27 -3.67 -3.38
N GLU A 135 14.23 -4.16 -2.73
CA GLU A 135 13.21 -4.95 -3.39
C GLU A 135 12.31 -4.05 -4.25
N ILE A 136 12.09 -2.82 -3.79
CA ILE A 136 11.39 -1.82 -4.59
C ILE A 136 12.17 -1.51 -5.86
N ASP A 137 13.47 -1.24 -5.70
CA ASP A 137 14.34 -0.93 -6.84
C ASP A 137 14.31 -2.06 -7.86
N THR A 138 14.26 -3.29 -7.36
CA THR A 138 14.18 -4.47 -8.21
C THR A 138 12.98 -4.38 -9.16
N ALA A 139 11.86 -3.90 -8.65
CA ALA A 139 10.64 -3.74 -9.46
C ALA A 139 10.86 -2.74 -10.58
N TRP A 140 11.70 -1.76 -10.32
CA TRP A 140 12.04 -0.74 -11.30
C TRP A 140 12.95 -1.33 -12.38
N ARG A 141 13.73 -2.34 -11.99
CA ARG A 141 14.66 -2.98 -12.91
C ARG A 141 13.95 -4.09 -13.70
N ASN A 142 12.80 -4.51 -13.20
CA ASN A 142 12.01 -5.54 -13.87
C ASN A 142 11.20 -4.92 -15.00
N SER A 143 11.88 -4.45 -16.03
CA SER A 143 11.24 -3.88 -17.19
C SER A 143 11.09 -4.93 -18.28
N ASP A 144 12.22 -5.47 -18.71
CA ASP A 144 12.27 -6.40 -19.81
C ASP A 144 12.08 -7.83 -19.32
N ALA A 145 10.83 -8.28 -19.33
CA ALA A 145 10.52 -9.67 -19.00
C ALA A 145 10.51 -10.52 -20.26
N GLU A 146 10.39 -9.83 -21.40
CA GLU A 146 10.38 -10.46 -22.71
C GLU A 146 9.31 -11.54 -22.86
N GLY A 147 9.70 -12.80 -22.68
CA GLY A 147 8.81 -13.90 -22.98
C GLY A 147 8.32 -13.82 -24.42
N HIS A 148 9.25 -13.45 -25.31
CA HIS A 148 8.92 -13.13 -26.69
C HIS A 148 8.51 -14.35 -27.49
N HIS A 149 7.30 -14.82 -27.26
CA HIS A 149 6.71 -15.89 -28.06
C HIS A 149 5.26 -15.57 -28.37
N HIS A 150 4.78 -14.46 -27.84
CA HIS A 150 3.39 -14.06 -28.02
C HIS A 150 3.20 -13.32 -29.33
N HIS A 151 2.55 -13.99 -30.28
CA HIS A 151 2.21 -13.36 -31.55
C HIS A 151 0.97 -12.49 -31.40
N HIS A 152 0.90 -11.44 -32.20
CA HIS A 152 -0.33 -10.67 -32.34
C HIS A 152 -1.02 -11.12 -33.62
N HIS A 153 -0.26 -11.85 -34.41
CA HIS A 153 -0.69 -12.40 -35.69
C HIS A 153 0.52 -13.07 -36.34
N ASP A 4 -8.85 -12.58 -14.19
CA ASP A 4 -7.67 -11.70 -14.28
C ASP A 4 -6.61 -12.18 -13.29
N SER A 5 -6.85 -11.93 -12.00
CA SER A 5 -6.05 -12.50 -10.92
C SER A 5 -4.67 -11.85 -10.80
N LYS A 6 -4.52 -10.68 -11.40
CA LYS A 6 -3.29 -9.91 -11.28
C LYS A 6 -3.62 -8.51 -10.77
N THR A 7 -2.60 -7.74 -10.39
CA THR A 7 -2.78 -6.38 -9.90
C THR A 7 -3.82 -6.33 -8.77
N ALA A 8 -3.57 -7.17 -7.77
CA ALA A 8 -4.45 -7.31 -6.60
C ALA A 8 -5.82 -7.85 -6.98
N PRO A 9 -6.59 -8.35 -5.99
CA PRO A 9 -8.00 -8.66 -6.21
C PRO A 9 -8.74 -7.43 -6.67
N ALA A 10 -9.69 -7.60 -7.59
CA ALA A 10 -10.40 -6.48 -8.19
C ALA A 10 -10.97 -5.55 -7.14
N PHE A 11 -10.33 -4.40 -6.96
CA PHE A 11 -10.74 -3.44 -5.95
C PHE A 11 -10.90 -2.06 -6.56
N SER A 12 -11.98 -1.38 -6.19
CA SER A 12 -12.16 0.02 -6.54
C SER A 12 -13.00 0.70 -5.47
N LEU A 13 -12.33 1.22 -4.44
CA LEU A 13 -13.01 1.85 -3.33
C LEU A 13 -12.55 3.30 -3.17
N PRO A 14 -13.39 4.15 -2.57
CA PRO A 14 -13.04 5.55 -2.32
C PRO A 14 -12.03 5.72 -1.20
N ASP A 15 -10.99 6.47 -1.48
CA ASP A 15 -10.00 6.84 -0.47
C ASP A 15 -10.59 7.89 0.48
N LEU A 16 -10.00 8.04 1.65
CA LEU A 16 -10.55 8.92 2.68
C LEU A 16 -10.62 10.36 2.22
N HIS A 17 -9.81 10.74 1.25
CA HIS A 17 -9.79 12.11 0.75
C HIS A 17 -10.90 12.28 -0.28
N GLY A 18 -11.49 11.18 -0.72
CA GLY A 18 -12.63 11.23 -1.61
C GLY A 18 -12.36 10.61 -2.97
N LYS A 19 -11.10 10.40 -3.29
CA LYS A 19 -10.74 9.85 -4.58
C LYS A 19 -11.00 8.36 -4.65
N THR A 20 -11.84 7.94 -5.59
CA THR A 20 -12.04 6.52 -5.84
C THR A 20 -10.77 5.94 -6.47
N VAL A 21 -10.22 4.92 -5.82
CA VAL A 21 -8.97 4.34 -6.28
C VAL A 21 -9.15 2.86 -6.63
N SER A 22 -8.69 2.50 -7.81
CA SER A 22 -8.77 1.12 -8.26
C SER A 22 -7.41 0.69 -8.81
N ASN A 23 -7.29 -0.60 -9.16
CA ASN A 23 -6.01 -1.20 -9.53
C ASN A 23 -5.39 -0.55 -10.78
N ALA A 24 -6.22 0.09 -11.58
CA ALA A 24 -5.74 0.78 -12.77
C ALA A 24 -4.90 2.00 -12.42
N ASP A 25 -5.15 2.60 -11.27
CA ASP A 25 -4.42 3.80 -10.85
C ASP A 25 -2.96 3.48 -10.56
N LEU A 26 -2.72 2.27 -10.07
CA LEU A 26 -1.39 1.87 -9.66
C LEU A 26 -0.48 1.66 -10.86
N GLN A 27 -1.08 1.46 -12.03
CA GLN A 27 -0.34 1.22 -13.24
C GLN A 27 0.44 2.46 -13.66
N GLY A 28 1.73 2.50 -13.31
CA GLY A 28 2.55 3.65 -13.63
C GLY A 28 3.36 4.11 -12.43
N LYS A 29 2.89 3.77 -11.24
CA LYS A 29 3.57 4.14 -10.01
C LYS A 29 4.16 2.92 -9.33
N VAL A 30 5.09 3.12 -8.42
CA VAL A 30 5.55 2.07 -7.53
C VAL A 30 4.91 2.30 -6.17
N THR A 31 4.18 1.33 -5.67
CA THR A 31 3.27 1.57 -4.57
C THR A 31 3.53 0.62 -3.40
N LEU A 32 3.22 1.09 -2.19
CA LEU A 32 3.31 0.26 -1.00
C LEU A 32 1.96 0.24 -0.29
N ILE A 33 1.39 -0.94 -0.13
CA ILE A 33 0.15 -1.09 0.62
C ILE A 33 0.46 -1.53 2.04
N ASN A 34 -0.16 -0.88 3.00
CA ASN A 34 -0.02 -1.27 4.38
C ASN A 34 -1.40 -1.45 5.01
N PHE A 35 -1.64 -2.62 5.57
CA PHE A 35 -2.87 -2.90 6.26
C PHE A 35 -2.72 -2.55 7.73
N TRP A 36 -3.60 -1.68 8.20
CA TRP A 36 -3.57 -1.20 9.57
C TRP A 36 -5.00 -0.89 10.03
N PHE A 37 -5.12 -0.25 11.17
CA PHE A 37 -6.40 0.20 11.67
C PHE A 37 -6.21 1.31 12.69
N PRO A 38 -7.10 2.30 12.72
CA PRO A 38 -7.06 3.38 13.70
C PRO A 38 -7.16 2.84 15.13
N SER A 39 -6.70 3.64 16.09
CA SER A 39 -6.68 3.24 17.50
C SER A 39 -5.67 2.12 17.75
N CYS A 40 -4.74 1.96 16.82
CA CYS A 40 -3.68 0.95 16.95
C CYS A 40 -2.37 1.60 17.39
N PRO A 41 -1.67 0.98 18.34
CA PRO A 41 -0.38 1.48 18.85
C PRO A 41 0.74 1.42 17.79
N GLY A 42 0.48 0.69 16.70
CA GLY A 42 1.49 0.52 15.64
C GLY A 42 1.83 1.81 14.92
N CYS A 43 1.12 2.88 15.25
CA CYS A 43 1.39 4.19 14.68
C CYS A 43 2.79 4.67 15.07
N VAL A 44 3.23 4.35 16.28
CA VAL A 44 4.52 4.81 16.75
C VAL A 44 5.66 4.18 15.97
N SER A 45 5.48 2.93 15.55
CA SER A 45 6.50 2.21 14.81
C SER A 45 6.37 2.44 13.30
N GLU A 46 5.19 2.12 12.75
CA GLU A 46 5.02 2.05 11.31
C GLU A 46 4.74 3.40 10.66
N MET A 47 4.02 4.27 11.35
CA MET A 47 3.62 5.55 10.75
C MET A 47 4.83 6.42 10.35
N PRO A 48 5.84 6.62 11.22
CA PRO A 48 7.05 7.35 10.86
C PRO A 48 7.77 6.73 9.65
N LYS A 49 7.70 5.41 9.54
CA LYS A 49 8.29 4.71 8.39
C LYS A 49 7.55 5.11 7.13
N ILE A 50 6.23 5.00 7.16
CA ILE A 50 5.39 5.35 6.02
C ILE A 50 5.61 6.78 5.60
N ILE A 51 5.62 7.69 6.57
CA ILE A 51 5.81 9.10 6.30
C ILE A 51 7.11 9.36 5.54
N LYS A 52 8.22 8.84 6.08
CA LYS A 52 9.51 9.14 5.49
C LYS A 52 9.67 8.45 4.14
N THR A 53 9.42 7.14 4.09
CA THR A 53 9.60 6.38 2.86
C THR A 53 8.79 6.97 1.70
N ALA A 54 7.56 7.35 2.00
CA ALA A 54 6.68 7.93 0.99
C ALA A 54 7.18 9.31 0.59
N ASN A 55 7.80 10.02 1.54
CA ASN A 55 8.32 11.36 1.30
C ASN A 55 9.59 11.31 0.46
N ASP A 56 10.49 10.39 0.81
CA ASP A 56 11.76 10.23 0.12
C ASP A 56 11.54 10.02 -1.38
N TYR A 57 10.68 9.07 -1.71
CA TYR A 57 10.45 8.69 -3.09
C TYR A 57 9.22 9.39 -3.69
N LYS A 58 8.63 10.33 -2.96
CA LYS A 58 7.45 11.05 -3.44
C LYS A 58 7.77 11.78 -4.73
N ASN A 59 8.89 12.45 -4.73
CA ASN A 59 9.33 13.22 -5.89
C ASN A 59 10.18 12.35 -6.81
N LYS A 60 9.83 11.07 -6.86
CA LYS A 60 10.42 10.15 -7.82
C LYS A 60 9.31 9.46 -8.60
N ASN A 61 8.54 8.60 -7.92
CA ASN A 61 7.48 7.82 -8.56
C ASN A 61 6.80 6.87 -7.57
N PHE A 62 7.03 7.06 -6.28
CA PHE A 62 6.53 6.11 -5.30
C PHE A 62 5.26 6.63 -4.64
N GLN A 63 4.38 5.69 -4.30
CA GLN A 63 3.10 6.00 -3.71
C GLN A 63 2.79 5.02 -2.58
N VAL A 64 2.09 5.50 -1.56
CA VAL A 64 1.74 4.65 -0.43
C VAL A 64 0.24 4.74 -0.15
N LEU A 65 -0.40 3.58 -0.03
CA LEU A 65 -1.81 3.50 0.30
C LEU A 65 -1.99 2.70 1.58
N ALA A 66 -2.60 3.31 2.58
CA ALA A 66 -2.83 2.66 3.85
C ALA A 66 -4.28 2.19 3.95
N VAL A 67 -4.47 0.90 4.11
CA VAL A 67 -5.81 0.33 4.18
C VAL A 67 -6.24 0.14 5.62
N ALA A 68 -7.16 0.97 6.07
CA ALA A 68 -7.70 0.88 7.41
C ALA A 68 -8.95 0.01 7.41
N GLN A 69 -8.95 -1.00 8.26
CA GLN A 69 -10.07 -1.93 8.34
C GLN A 69 -11.02 -1.54 9.48
N PRO A 70 -12.23 -2.16 9.55
CA PRO A 70 -13.33 -1.65 10.40
C PRO A 70 -13.16 -1.94 11.91
N ILE A 71 -11.97 -1.71 12.43
CA ILE A 71 -11.76 -1.77 13.87
C ILE A 71 -12.27 -0.47 14.47
N ASP A 72 -12.14 0.60 13.70
CA ASP A 72 -12.75 1.88 14.01
C ASP A 72 -13.35 2.44 12.74
N PRO A 73 -14.58 2.99 12.81
CA PRO A 73 -15.32 3.47 11.64
C PRO A 73 -14.57 4.54 10.82
N ILE A 74 -15.15 4.90 9.69
CA ILE A 74 -14.46 5.73 8.71
C ILE A 74 -14.30 7.18 9.19
N GLU A 75 -15.20 7.66 10.03
CA GLU A 75 -15.04 9.00 10.57
C GLU A 75 -13.93 9.01 11.60
N SER A 76 -13.72 7.86 12.27
CA SER A 76 -12.61 7.71 13.20
C SER A 76 -11.28 7.81 12.46
N VAL A 77 -11.16 7.08 11.36
CA VAL A 77 -9.92 7.06 10.61
C VAL A 77 -9.68 8.43 9.94
N ARG A 78 -10.75 9.09 9.54
CA ARG A 78 -10.65 10.44 8.98
C ARG A 78 -10.32 11.46 10.08
N GLN A 79 -10.73 11.19 11.30
CA GLN A 79 -10.34 12.02 12.43
C GLN A 79 -8.84 11.92 12.61
N TYR A 80 -8.33 10.69 12.48
CA TYR A 80 -6.91 10.40 12.61
C TYR A 80 -6.11 11.08 11.49
N VAL A 81 -6.54 10.87 10.24
CA VAL A 81 -5.85 11.44 9.09
C VAL A 81 -5.87 12.97 9.14
N LYS A 82 -6.88 13.52 9.80
CA LYS A 82 -6.96 14.96 10.01
C LYS A 82 -5.92 15.39 11.03
N ASP A 83 -5.91 14.67 12.15
CA ASP A 83 -5.08 15.01 13.31
C ASP A 83 -3.60 15.09 12.96
N TYR A 84 -3.09 14.10 12.26
CA TYR A 84 -1.65 14.03 11.99
C TYR A 84 -1.35 14.46 10.56
N GLY A 85 -2.37 14.90 9.84
CA GLY A 85 -2.20 15.38 8.48
C GLY A 85 -1.56 14.36 7.56
N LEU A 86 -2.17 13.19 7.48
CA LEU A 86 -1.65 12.11 6.65
C LEU A 86 -1.84 12.44 5.17
N PRO A 87 -0.73 12.69 4.45
CA PRO A 87 -0.77 13.14 3.06
C PRO A 87 -0.88 12.00 2.03
N PHE A 88 -0.78 10.77 2.50
CA PHE A 88 -0.84 9.63 1.61
C PHE A 88 -2.28 9.13 1.45
N THR A 89 -2.47 8.24 0.50
CA THR A 89 -3.78 7.68 0.21
C THR A 89 -4.18 6.69 1.29
N VAL A 90 -5.39 6.82 1.79
CA VAL A 90 -5.88 5.94 2.86
C VAL A 90 -7.24 5.38 2.48
N MET A 91 -7.39 4.08 2.62
CA MET A 91 -8.63 3.41 2.28
C MET A 91 -9.31 2.87 3.52
N TYR A 92 -10.58 2.54 3.39
CA TYR A 92 -11.34 1.96 4.48
C TYR A 92 -11.98 0.65 4.03
N ASP A 93 -11.56 -0.45 4.61
CA ASP A 93 -12.14 -1.74 4.28
C ASP A 93 -13.35 -1.99 5.16
N ALA A 94 -14.48 -2.31 4.53
CA ALA A 94 -15.73 -2.50 5.25
C ALA A 94 -15.79 -3.84 5.99
N ASP A 95 -15.10 -4.85 5.46
CA ASP A 95 -15.26 -6.23 5.97
C ASP A 95 -13.91 -6.85 6.32
N LYS A 96 -12.82 -6.19 5.93
CA LYS A 96 -11.47 -6.75 5.99
C LYS A 96 -11.29 -7.73 4.84
N ALA A 97 -12.22 -7.67 3.88
CA ALA A 97 -12.31 -8.67 2.81
C ALA A 97 -11.06 -8.74 1.95
N VAL A 98 -10.51 -7.59 1.56
CA VAL A 98 -9.34 -7.60 0.69
C VAL A 98 -8.11 -8.05 1.48
N GLY A 99 -8.07 -7.70 2.76
CA GLY A 99 -7.03 -8.18 3.62
C GLY A 99 -7.20 -9.67 3.91
N GLN A 100 -8.44 -10.09 3.97
CA GLN A 100 -8.78 -11.49 4.17
C GLN A 100 -8.48 -12.30 2.91
N ALA A 101 -8.46 -11.62 1.77
CA ALA A 101 -8.06 -12.24 0.51
C ALA A 101 -6.55 -12.51 0.52
N PHE A 102 -5.80 -11.60 1.15
CA PHE A 102 -4.36 -11.80 1.33
C PHE A 102 -4.07 -12.69 2.54
N GLY A 103 -5.10 -12.95 3.34
CA GLY A 103 -4.95 -13.82 4.49
C GLY A 103 -4.25 -13.13 5.65
N THR A 104 -4.45 -11.83 5.76
CA THR A 104 -3.80 -11.07 6.80
C THR A 104 -4.50 -11.21 8.14
N GLN A 105 -3.99 -12.12 8.97
CA GLN A 105 -4.50 -12.29 10.31
C GLN A 105 -3.75 -11.38 11.27
N VAL A 106 -2.49 -11.15 10.94
CA VAL A 106 -1.60 -10.36 11.78
C VAL A 106 -1.35 -8.99 11.14
N TYR A 107 -1.11 -7.99 11.97
CA TYR A 107 -0.90 -6.64 11.50
C TYR A 107 0.21 -5.96 12.30
N PRO A 108 0.88 -4.96 11.71
CA PRO A 108 0.60 -4.48 10.35
C PRO A 108 1.18 -5.40 9.27
N THR A 109 0.68 -5.26 8.05
CA THR A 109 1.17 -6.05 6.93
C THR A 109 1.31 -5.20 5.68
N SER A 110 2.47 -5.29 5.02
CA SER A 110 2.72 -4.49 3.82
C SER A 110 2.89 -5.39 2.59
N VAL A 111 2.50 -4.88 1.44
CA VAL A 111 2.68 -5.60 0.18
C VAL A 111 3.45 -4.70 -0.79
N LEU A 112 4.25 -5.30 -1.65
CA LEU A 112 5.06 -4.54 -2.59
C LEU A 112 4.41 -4.52 -3.95
N ILE A 113 4.17 -3.33 -4.44
CA ILE A 113 3.53 -3.13 -5.72
C ILE A 113 4.56 -2.60 -6.72
N GLY A 114 4.63 -3.22 -7.88
CA GLY A 114 5.49 -2.73 -8.92
C GLY A 114 4.82 -1.65 -9.72
N LYS A 115 5.20 -1.51 -10.97
CA LYS A 115 4.61 -0.50 -11.84
C LYS A 115 3.78 -1.23 -12.88
N LYS A 116 3.54 -2.49 -12.60
CA LYS A 116 2.79 -3.37 -13.46
C LYS A 116 1.38 -3.58 -12.89
N GLY A 117 0.98 -2.67 -12.01
CA GLY A 117 -0.32 -2.73 -11.39
C GLY A 117 -0.26 -3.14 -9.93
N GLU A 118 -0.08 -4.42 -9.65
CA GLU A 118 -0.02 -4.88 -8.27
C GLU A 118 0.50 -6.31 -8.15
N ILE A 119 0.95 -6.62 -6.95
CA ILE A 119 1.44 -7.92 -6.54
C ILE A 119 2.84 -8.21 -7.06
N LEU A 120 3.82 -7.74 -6.30
CA LEU A 120 5.22 -8.07 -6.52
C LEU A 120 5.75 -8.95 -5.40
N LYS A 121 5.54 -8.50 -4.17
CA LYS A 121 6.08 -9.18 -3.00
C LYS A 121 5.24 -8.87 -1.77
N THR A 122 5.56 -9.51 -0.65
CA THR A 122 4.80 -9.32 0.58
C THR A 122 5.72 -9.30 1.80
N TYR A 123 5.50 -8.32 2.68
CA TYR A 123 6.29 -8.18 3.91
C TYR A 123 5.37 -7.96 5.11
N VAL A 124 5.28 -8.96 5.98
CA VAL A 124 4.44 -8.88 7.15
C VAL A 124 5.22 -8.37 8.35
N GLY A 125 4.57 -7.55 9.16
CA GLY A 125 5.20 -7.01 10.36
C GLY A 125 6.29 -5.99 10.02
N GLU A 126 7.52 -6.35 10.33
CA GLU A 126 8.65 -5.47 10.08
C GLU A 126 9.30 -5.79 8.73
N PRO A 127 9.15 -4.90 7.74
CA PRO A 127 9.75 -5.08 6.43
C PRO A 127 11.23 -4.74 6.41
N ASP A 128 12.05 -5.71 6.04
CA ASP A 128 13.49 -5.50 5.88
C ASP A 128 13.74 -4.38 4.88
N PHE A 129 14.11 -3.21 5.38
CA PHE A 129 14.29 -2.03 4.54
C PHE A 129 15.38 -2.24 3.50
N GLY A 130 16.38 -3.03 3.84
CA GLY A 130 17.45 -3.30 2.90
C GLY A 130 16.94 -4.02 1.67
N LYS A 131 16.18 -5.09 1.89
CA LYS A 131 15.58 -5.83 0.80
C LYS A 131 14.48 -4.99 0.16
N LEU A 132 13.80 -4.23 0.99
CA LEU A 132 12.71 -3.37 0.54
C LEU A 132 13.21 -2.41 -0.55
N TYR A 133 14.35 -1.76 -0.30
CA TYR A 133 14.91 -0.83 -1.27
C TYR A 133 15.30 -1.53 -2.55
N GLN A 134 16.15 -2.55 -2.42
CA GLN A 134 16.65 -3.29 -3.58
C GLN A 134 15.51 -3.90 -4.39
N GLU A 135 14.44 -4.26 -3.71
CA GLU A 135 13.29 -4.86 -4.34
C GLU A 135 12.40 -3.78 -4.98
N ILE A 136 12.41 -2.58 -4.40
CA ILE A 136 11.75 -1.43 -5.03
C ILE A 136 12.43 -1.13 -6.37
N ASP A 137 13.76 -1.14 -6.37
CA ASP A 137 14.55 -0.94 -7.60
C ASP A 137 14.20 -2.00 -8.63
N THR A 138 13.84 -3.18 -8.15
CA THR A 138 13.42 -4.26 -9.00
C THR A 138 12.09 -3.92 -9.69
N ALA A 139 11.22 -3.22 -8.97
CA ALA A 139 9.96 -2.75 -9.54
C ALA A 139 10.22 -1.64 -10.56
N TRP A 140 11.20 -0.81 -10.27
CA TRP A 140 11.65 0.23 -11.20
C TRP A 140 12.14 -0.39 -12.49
N ARG A 141 13.06 -1.33 -12.36
CA ARG A 141 13.72 -1.95 -13.51
C ARG A 141 12.81 -2.94 -14.24
N ASN A 142 12.35 -3.96 -13.53
CA ASN A 142 11.59 -5.04 -14.16
C ASN A 142 10.25 -4.54 -14.66
N SER A 143 10.01 -4.75 -15.95
CA SER A 143 8.78 -4.35 -16.58
C SER A 143 8.23 -5.52 -17.38
N ASP A 144 9.09 -6.51 -17.54
CA ASP A 144 8.87 -7.62 -18.45
C ASP A 144 7.97 -8.71 -17.87
N ALA A 145 8.59 -9.75 -17.30
CA ALA A 145 7.92 -11.00 -16.92
C ALA A 145 7.55 -11.78 -18.17
N GLU A 146 6.73 -11.15 -19.01
CA GLU A 146 6.40 -11.66 -20.34
C GLU A 146 5.46 -10.66 -21.03
N GLY A 147 4.53 -10.12 -20.25
CA GLY A 147 3.70 -9.02 -20.70
C GLY A 147 2.87 -9.31 -21.94
N HIS A 148 2.38 -10.54 -22.06
CA HIS A 148 1.57 -10.91 -23.23
C HIS A 148 0.58 -12.02 -22.93
N HIS A 149 0.39 -12.35 -21.65
CA HIS A 149 -0.62 -13.34 -21.25
C HIS A 149 -2.01 -12.86 -21.65
N HIS A 150 -2.22 -11.55 -21.61
CA HIS A 150 -3.47 -10.94 -22.05
C HIS A 150 -3.23 -9.52 -22.51
N HIS A 151 -2.09 -9.31 -23.16
CA HIS A 151 -1.77 -8.01 -23.73
C HIS A 151 -2.80 -7.68 -24.81
N HIS A 152 -3.30 -8.72 -25.45
CA HIS A 152 -4.41 -8.61 -26.38
C HIS A 152 -5.64 -9.25 -25.76
N HIS A 153 -6.76 -8.56 -25.82
CA HIS A 153 -8.02 -9.12 -25.38
C HIS A 153 -9.06 -8.99 -26.49
N ASP A 4 -6.45 -10.30 -11.28
CA ASP A 4 -6.76 -11.67 -10.82
C ASP A 4 -6.40 -11.82 -9.35
N SER A 5 -6.87 -12.88 -8.70
CA SER A 5 -6.59 -13.11 -7.30
C SER A 5 -5.08 -13.27 -7.06
N LYS A 6 -4.37 -13.77 -8.08
CA LYS A 6 -2.94 -13.96 -7.98
C LYS A 6 -2.22 -12.72 -8.46
N THR A 7 -2.68 -12.24 -9.58
CA THR A 7 -2.11 -11.05 -10.20
C THR A 7 -3.03 -9.84 -10.03
N ALA A 8 -2.84 -9.14 -8.91
CA ALA A 8 -3.56 -7.89 -8.60
C ALA A 8 -5.08 -8.07 -8.55
N PRO A 9 -5.64 -8.17 -7.33
CA PRO A 9 -7.09 -8.19 -7.13
C PRO A 9 -7.73 -6.90 -7.60
N ALA A 10 -8.95 -7.00 -8.11
CA ALA A 10 -9.64 -5.84 -8.64
C ALA A 10 -10.36 -5.09 -7.54
N PHE A 11 -9.91 -3.86 -7.28
CA PHE A 11 -10.53 -3.03 -6.26
C PHE A 11 -10.72 -1.61 -6.78
N SER A 12 -11.87 -1.03 -6.50
CA SER A 12 -12.12 0.37 -6.82
C SER A 12 -13.09 0.95 -5.79
N LEU A 13 -12.54 1.48 -4.71
CA LEU A 13 -13.35 2.08 -3.67
C LEU A 13 -12.94 3.53 -3.45
N PRO A 14 -13.89 4.40 -3.12
CA PRO A 14 -13.58 5.78 -2.73
C PRO A 14 -12.85 5.83 -1.40
N ASP A 15 -11.82 6.66 -1.31
CA ASP A 15 -11.06 6.82 -0.08
C ASP A 15 -11.92 7.51 0.98
N LEU A 16 -11.36 7.74 2.16
CA LEU A 16 -12.11 8.33 3.25
C LEU A 16 -12.42 9.81 2.99
N HIS A 17 -11.81 10.37 1.95
CA HIS A 17 -12.15 11.73 1.52
C HIS A 17 -13.24 11.69 0.45
N GLY A 18 -13.01 10.96 -0.63
CA GLY A 18 -14.01 10.85 -1.67
C GLY A 18 -13.44 10.64 -3.08
N LYS A 19 -12.23 10.12 -3.16
CA LYS A 19 -11.64 9.78 -4.46
C LYS A 19 -11.64 8.28 -4.64
N THR A 20 -12.20 7.81 -5.74
CA THR A 20 -12.15 6.40 -6.06
C THR A 20 -10.70 5.98 -6.33
N VAL A 21 -10.27 4.93 -5.64
CA VAL A 21 -8.93 4.39 -5.83
C VAL A 21 -9.05 3.02 -6.48
N SER A 22 -8.38 2.86 -7.60
CA SER A 22 -8.50 1.66 -8.39
C SER A 22 -7.14 1.08 -8.73
N ASN A 23 -7.14 0.02 -9.55
CA ASN A 23 -5.90 -0.61 -9.98
C ASN A 23 -5.22 0.27 -11.02
N ALA A 24 -6.00 1.11 -11.68
CA ALA A 24 -5.49 2.05 -12.68
C ALA A 24 -4.56 3.08 -12.03
N ASP A 25 -4.80 3.35 -10.74
CA ASP A 25 -3.98 4.29 -9.99
C ASP A 25 -2.58 3.71 -9.77
N LEU A 26 -2.48 2.38 -9.80
CA LEU A 26 -1.25 1.69 -9.49
C LEU A 26 -0.32 1.65 -10.71
N GLN A 27 -0.88 1.35 -11.88
CA GLN A 27 -0.08 1.20 -13.08
C GLN A 27 0.64 2.49 -13.43
N GLY A 28 1.95 2.38 -13.60
CA GLY A 28 2.77 3.55 -13.87
C GLY A 28 3.74 3.82 -12.74
N LYS A 29 3.37 3.36 -11.55
CA LYS A 29 4.21 3.50 -10.36
C LYS A 29 4.32 2.17 -9.63
N VAL A 30 5.13 2.14 -8.60
CA VAL A 30 5.18 1.00 -7.68
C VAL A 30 4.44 1.40 -6.41
N THR A 31 3.78 0.46 -5.76
CA THR A 31 2.88 0.82 -4.66
C THR A 31 3.08 -0.09 -3.46
N LEU A 32 2.96 0.49 -2.27
CA LEU A 32 2.95 -0.28 -1.04
C LEU A 32 1.59 -0.15 -0.38
N ILE A 33 0.86 -1.25 -0.31
CA ILE A 33 -0.41 -1.25 0.38
C ILE A 33 -0.22 -1.78 1.80
N ASN A 34 -0.40 -0.90 2.76
CA ASN A 34 -0.24 -1.28 4.15
C ASN A 34 -1.59 -1.25 4.85
N PHE A 35 -1.89 -2.33 5.55
CA PHE A 35 -3.14 -2.42 6.28
C PHE A 35 -2.90 -2.10 7.75
N TRP A 36 -3.58 -1.06 8.22
CA TRP A 36 -3.37 -0.55 9.56
C TRP A 36 -4.71 -0.18 10.18
N PHE A 37 -4.66 0.36 11.39
CA PHE A 37 -5.85 0.85 12.06
C PHE A 37 -5.46 1.87 13.12
N PRO A 38 -6.34 2.84 13.42
CA PRO A 38 -6.13 3.77 14.52
C PRO A 38 -6.03 3.02 15.86
N SER A 39 -5.40 3.66 16.84
CA SER A 39 -5.23 3.05 18.17
C SER A 39 -4.33 1.81 18.10
N CYS A 40 -3.58 1.69 17.00
CA CYS A 40 -2.68 0.57 16.80
C CYS A 40 -1.38 0.76 17.57
N PRO A 41 -0.93 -0.28 18.30
CA PRO A 41 0.37 -0.25 18.99
C PRO A 41 1.53 -0.14 18.01
N GLY A 42 1.31 -0.61 16.78
CA GLY A 42 2.34 -0.57 15.76
C GLY A 42 2.47 0.81 15.13
N CYS A 43 1.46 1.65 15.31
CA CYS A 43 1.41 2.97 14.68
C CYS A 43 2.62 3.81 15.05
N VAL A 44 3.17 3.61 16.24
CA VAL A 44 4.36 4.34 16.66
C VAL A 44 5.53 4.02 15.72
N SER A 45 5.55 2.80 15.21
CA SER A 45 6.54 2.38 14.23
C SER A 45 6.05 2.67 12.81
N GLU A 46 4.82 2.23 12.51
CA GLU A 46 4.27 2.30 11.16
C GLU A 46 4.23 3.72 10.62
N MET A 47 3.62 4.61 11.40
CA MET A 47 3.33 5.95 10.95
C MET A 47 4.58 6.72 10.52
N PRO A 48 5.59 6.91 11.41
CA PRO A 48 6.82 7.63 11.06
C PRO A 48 7.54 7.02 9.86
N LYS A 49 7.51 5.69 9.76
CA LYS A 49 8.13 4.99 8.66
C LYS A 49 7.44 5.33 7.35
N ILE A 50 6.11 5.18 7.34
CA ILE A 50 5.32 5.43 6.14
C ILE A 50 5.46 6.88 5.67
N ILE A 51 5.44 7.82 6.62
CA ILE A 51 5.56 9.24 6.29
C ILE A 51 6.81 9.50 5.46
N LYS A 52 7.96 9.05 5.97
CA LYS A 52 9.24 9.30 5.31
C LYS A 52 9.33 8.55 3.99
N THR A 53 9.07 7.25 4.03
CA THR A 53 9.16 6.40 2.85
C THR A 53 8.25 6.91 1.73
N ALA A 54 7.01 7.21 2.06
CA ALA A 54 6.04 7.65 1.08
C ALA A 54 6.37 9.03 0.53
N ASN A 55 7.10 9.82 1.32
CA ASN A 55 7.48 11.17 0.91
C ASN A 55 8.48 11.16 -0.24
N ASP A 56 9.56 10.39 -0.08
CA ASP A 56 10.59 10.31 -1.12
C ASP A 56 10.07 9.59 -2.36
N TYR A 57 9.52 8.41 -2.13
CA TYR A 57 9.09 7.54 -3.20
C TYR A 57 7.96 8.15 -4.01
N LYS A 58 7.23 9.09 -3.41
CA LYS A 58 6.11 9.75 -4.08
C LYS A 58 6.56 10.35 -5.42
N ASN A 59 7.67 11.09 -5.37
CA ASN A 59 8.18 11.77 -6.56
C ASN A 59 9.11 10.85 -7.33
N LYS A 60 9.60 9.82 -6.65
CA LYS A 60 10.45 8.81 -7.26
C LYS A 60 9.70 8.10 -8.39
N ASN A 61 8.73 7.28 -8.00
CA ASN A 61 7.91 6.48 -8.92
C ASN A 61 7.11 5.47 -8.11
N PHE A 62 6.78 5.86 -6.89
CA PHE A 62 6.19 4.97 -5.91
C PHE A 62 5.10 5.68 -5.13
N GLN A 63 4.16 4.92 -4.59
CA GLN A 63 3.08 5.46 -3.79
C GLN A 63 2.66 4.47 -2.71
N VAL A 64 2.01 4.96 -1.67
CA VAL A 64 1.61 4.12 -0.56
C VAL A 64 0.10 4.23 -0.33
N LEU A 65 -0.55 3.09 -0.23
CA LEU A 65 -1.98 3.04 0.03
C LEU A 65 -2.23 2.45 1.40
N ALA A 66 -2.58 3.30 2.35
CA ALA A 66 -2.83 2.86 3.70
C ALA A 66 -4.28 2.48 3.88
N VAL A 67 -4.56 1.18 3.89
CA VAL A 67 -5.92 0.71 4.04
C VAL A 67 -6.18 0.30 5.47
N ALA A 68 -7.07 1.02 6.13
CA ALA A 68 -7.49 0.68 7.47
C ALA A 68 -8.63 -0.34 7.41
N GLN A 69 -8.53 -1.37 8.23
CA GLN A 69 -9.56 -2.40 8.26
C GLN A 69 -10.48 -2.17 9.46
N PRO A 70 -11.67 -2.80 9.48
CA PRO A 70 -12.68 -2.54 10.53
C PRO A 70 -12.19 -2.88 11.94
N ILE A 71 -11.59 -1.89 12.58
CA ILE A 71 -11.19 -1.98 13.98
C ILE A 71 -11.67 -0.73 14.70
N ASP A 72 -11.12 0.41 14.32
CA ASP A 72 -11.61 1.70 14.79
C ASP A 72 -12.61 2.23 13.76
N PRO A 73 -13.63 2.98 14.21
CA PRO A 73 -14.65 3.55 13.32
C PRO A 73 -14.06 4.39 12.18
N ILE A 74 -14.86 4.56 11.12
CA ILE A 74 -14.47 5.35 9.96
C ILE A 74 -14.10 6.78 10.38
N GLU A 75 -14.78 7.29 11.40
CA GLU A 75 -14.51 8.63 11.89
C GLU A 75 -13.09 8.72 12.45
N SER A 76 -12.69 7.67 13.16
CA SER A 76 -11.40 7.62 13.80
C SER A 76 -10.28 7.73 12.77
N VAL A 77 -10.42 6.99 11.67
CA VAL A 77 -9.41 7.00 10.63
C VAL A 77 -9.40 8.34 9.88
N ARG A 78 -10.57 8.96 9.74
CA ARG A 78 -10.67 10.29 9.12
C ARG A 78 -9.77 11.27 9.85
N GLN A 79 -9.95 11.34 11.16
CA GLN A 79 -9.23 12.29 12.00
C GLN A 79 -7.74 12.00 11.97
N TYR A 80 -7.39 10.73 12.10
CA TYR A 80 -5.99 10.33 12.17
C TYR A 80 -5.21 10.84 10.96
N VAL A 81 -5.79 10.68 9.78
CA VAL A 81 -5.17 11.13 8.54
C VAL A 81 -4.99 12.63 8.51
N LYS A 82 -6.02 13.37 8.90
CA LYS A 82 -5.97 14.82 8.79
C LYS A 82 -5.13 15.45 9.90
N ASP A 83 -5.15 14.85 11.08
CA ASP A 83 -4.40 15.36 12.23
C ASP A 83 -2.90 15.31 11.96
N TYR A 84 -2.41 14.18 11.48
CA TYR A 84 -0.98 14.02 11.23
C TYR A 84 -0.65 14.27 9.75
N GLY A 85 -1.60 14.83 9.02
CA GLY A 85 -1.39 15.15 7.61
C GLY A 85 -1.54 13.93 6.71
N LEU A 86 -0.70 12.93 6.95
CA LEU A 86 -0.64 11.70 6.14
C LEU A 86 -0.59 12.00 4.63
N PRO A 87 0.63 12.19 4.09
CA PRO A 87 0.85 12.49 2.67
C PRO A 87 0.78 11.25 1.78
N PHE A 88 -0.22 10.42 2.03
CA PHE A 88 -0.44 9.20 1.25
C PHE A 88 -1.92 8.86 1.27
N THR A 89 -2.35 8.10 0.27
CA THR A 89 -3.76 7.78 0.12
C THR A 89 -4.22 6.76 1.15
N VAL A 90 -5.15 7.16 2.01
CA VAL A 90 -5.65 6.30 3.05
C VAL A 90 -7.09 5.88 2.77
N MET A 91 -7.32 4.58 2.78
CA MET A 91 -8.66 4.05 2.53
C MET A 91 -9.12 3.27 3.75
N TYR A 92 -10.40 2.94 3.78
CA TYR A 92 -10.96 2.19 4.89
C TYR A 92 -11.92 1.13 4.37
N ASP A 93 -11.59 -0.13 4.62
CA ASP A 93 -12.42 -1.24 4.17
C ASP A 93 -13.41 -1.61 5.26
N ALA A 94 -14.68 -1.69 4.90
CA ALA A 94 -15.74 -1.98 5.87
C ALA A 94 -15.75 -3.45 6.29
N ASP A 95 -15.37 -4.34 5.38
CA ASP A 95 -15.45 -5.77 5.65
C ASP A 95 -14.05 -6.38 5.75
N LYS A 96 -13.05 -5.60 5.34
CA LYS A 96 -11.66 -6.05 5.32
C LYS A 96 -11.45 -7.04 4.18
N ALA A 97 -12.41 -7.07 3.25
CA ALA A 97 -12.43 -8.06 2.19
C ALA A 97 -11.21 -7.98 1.28
N VAL A 98 -10.76 -6.77 0.97
CA VAL A 98 -9.59 -6.62 0.12
C VAL A 98 -8.33 -7.05 0.87
N GLY A 99 -8.36 -6.83 2.19
CA GLY A 99 -7.27 -7.31 3.03
C GLY A 99 -7.34 -8.80 3.19
N GLN A 100 -8.55 -9.33 3.21
CA GLN A 100 -8.78 -10.76 3.28
C GLN A 100 -8.26 -11.45 2.02
N ALA A 101 -8.26 -10.71 0.91
CA ALA A 101 -7.73 -11.22 -0.34
C ALA A 101 -6.19 -11.27 -0.31
N PHE A 102 -5.59 -10.26 0.30
CA PHE A 102 -4.13 -10.22 0.43
C PHE A 102 -3.65 -11.10 1.60
N GLY A 103 -4.60 -11.51 2.43
CA GLY A 103 -4.27 -12.40 3.54
C GLY A 103 -3.83 -11.67 4.78
N THR A 104 -4.55 -10.62 5.15
CA THR A 104 -4.22 -9.86 6.34
C THR A 104 -4.63 -10.59 7.60
N GLN A 105 -3.72 -11.41 8.12
CA GLN A 105 -3.97 -12.14 9.36
C GLN A 105 -3.38 -11.39 10.54
N VAL A 106 -2.10 -11.05 10.44
CA VAL A 106 -1.43 -10.30 11.47
C VAL A 106 -1.20 -8.87 11.00
N TYR A 107 -1.49 -7.91 11.86
CA TYR A 107 -1.35 -6.50 11.50
C TYR A 107 -0.12 -5.92 12.17
N PRO A 108 0.57 -4.97 11.50
CA PRO A 108 0.19 -4.49 10.17
C PRO A 108 0.53 -5.48 9.06
N THR A 109 -0.04 -5.26 7.89
CA THR A 109 0.27 -6.08 6.72
C THR A 109 0.75 -5.19 5.57
N SER A 110 1.83 -5.58 4.92
CA SER A 110 2.41 -4.74 3.88
C SER A 110 2.60 -5.53 2.58
N VAL A 111 1.81 -5.19 1.57
CA VAL A 111 1.93 -5.86 0.29
C VAL A 111 2.58 -4.94 -0.75
N LEU A 112 3.47 -5.50 -1.56
CA LEU A 112 4.20 -4.72 -2.54
C LEU A 112 3.60 -4.94 -3.93
N ILE A 113 3.23 -3.83 -4.56
CA ILE A 113 2.55 -3.83 -5.84
C ILE A 113 3.49 -3.34 -6.94
N GLY A 114 3.44 -4.00 -8.10
CA GLY A 114 4.31 -3.60 -9.19
C GLY A 114 3.72 -2.51 -10.05
N LYS A 115 4.44 -2.13 -11.10
CA LYS A 115 4.01 -1.04 -11.99
C LYS A 115 2.84 -1.44 -12.88
N LYS A 116 2.37 -2.67 -12.69
CA LYS A 116 1.23 -3.20 -13.42
C LYS A 116 0.31 -3.88 -12.41
N GLY A 117 0.67 -3.71 -11.14
CA GLY A 117 0.02 -4.43 -10.08
C GLY A 117 0.66 -5.78 -9.89
N GLU A 118 -0.06 -6.78 -10.36
CA GLU A 118 0.35 -8.20 -10.42
C GLU A 118 0.82 -8.81 -9.09
N ILE A 119 1.01 -7.99 -8.06
CA ILE A 119 1.50 -8.44 -6.76
C ILE A 119 2.96 -8.91 -6.84
N LEU A 120 3.84 -8.19 -6.15
CA LEU A 120 5.25 -8.53 -6.16
C LEU A 120 5.66 -9.27 -4.89
N LYS A 121 5.25 -8.72 -3.76
CA LYS A 121 5.73 -9.19 -2.47
C LYS A 121 4.66 -9.08 -1.39
N THR A 122 4.79 -9.90 -0.37
CA THR A 122 3.86 -9.89 0.75
C THR A 122 4.61 -9.98 2.07
N TYR A 123 4.59 -8.89 2.83
CA TYR A 123 5.21 -8.85 4.15
C TYR A 123 4.15 -8.70 5.24
N VAL A 124 4.43 -9.30 6.39
CA VAL A 124 3.54 -9.19 7.53
C VAL A 124 4.31 -8.63 8.73
N GLY A 125 3.71 -7.66 9.41
CA GLY A 125 4.36 -7.03 10.54
C GLY A 125 5.38 -5.99 10.09
N GLU A 126 6.51 -5.95 10.79
CA GLU A 126 7.58 -5.01 10.46
C GLU A 126 8.47 -5.60 9.37
N PRO A 127 8.45 -5.01 8.16
CA PRO A 127 9.22 -5.52 7.03
C PRO A 127 10.68 -5.09 7.05
N ASP A 128 11.50 -5.79 6.26
CA ASP A 128 12.91 -5.47 6.13
C ASP A 128 13.10 -4.24 5.26
N PHE A 129 12.84 -3.07 5.83
CA PHE A 129 12.89 -1.81 5.08
C PHE A 129 14.19 -1.61 4.33
N GLY A 130 15.31 -1.98 4.94
CA GLY A 130 16.60 -1.83 4.26
C GLY A 130 16.65 -2.59 2.95
N LYS A 131 16.28 -3.86 2.99
CA LYS A 131 16.31 -4.69 1.81
C LYS A 131 15.06 -4.43 0.97
N LEU A 132 14.05 -3.85 1.59
CA LEU A 132 12.84 -3.46 0.87
C LEU A 132 13.17 -2.27 -0.02
N TYR A 133 13.88 -1.29 0.52
CA TYR A 133 14.27 -0.10 -0.24
C TYR A 133 15.07 -0.50 -1.49
N GLN A 134 16.16 -1.25 -1.29
CA GLN A 134 16.99 -1.68 -2.40
C GLN A 134 16.20 -2.57 -3.36
N GLU A 135 15.19 -3.25 -2.83
CA GLU A 135 14.32 -4.11 -3.61
C GLU A 135 13.37 -3.27 -4.48
N ILE A 136 12.82 -2.21 -3.92
CA ILE A 136 11.92 -1.32 -4.64
C ILE A 136 12.67 -0.51 -5.69
N ASP A 137 13.77 0.11 -5.28
CA ASP A 137 14.57 0.95 -6.20
C ASP A 137 15.18 0.12 -7.33
N THR A 138 15.21 -1.19 -7.16
CA THR A 138 15.60 -2.10 -8.23
C THR A 138 14.57 -2.06 -9.36
N ALA A 139 13.32 -1.79 -9.01
CA ALA A 139 12.23 -1.76 -9.99
C ALA A 139 12.38 -0.59 -10.96
N TRP A 140 13.19 0.40 -10.59
CA TRP A 140 13.47 1.50 -11.50
C TRP A 140 14.45 1.03 -12.57
N ARG A 141 15.40 0.20 -12.15
CA ARG A 141 16.49 -0.22 -13.03
C ARG A 141 16.09 -1.41 -13.89
N ASN A 142 15.74 -2.51 -13.23
CA ASN A 142 15.36 -3.76 -13.89
C ASN A 142 16.43 -4.18 -14.91
N SER A 143 17.67 -3.82 -14.63
CA SER A 143 18.78 -4.09 -15.54
C SER A 143 19.61 -5.26 -15.02
N ASP A 144 19.02 -6.01 -14.11
CA ASP A 144 19.70 -7.10 -13.44
C ASP A 144 19.66 -8.38 -14.27
N ALA A 145 19.77 -8.22 -15.58
CA ALA A 145 19.73 -9.34 -16.52
C ALA A 145 21.05 -10.11 -16.50
N GLU A 146 20.99 -11.33 -15.99
CA GLU A 146 22.17 -12.20 -15.93
C GLU A 146 22.17 -13.15 -17.15
N GLY A 147 21.50 -12.72 -18.22
CA GLY A 147 21.44 -13.52 -19.42
C GLY A 147 22.66 -13.34 -20.29
N HIS A 148 23.84 -13.56 -19.72
CA HIS A 148 25.09 -13.45 -20.46
C HIS A 148 25.21 -14.58 -21.47
N HIS A 149 25.76 -14.27 -22.64
CA HIS A 149 25.74 -15.20 -23.76
C HIS A 149 26.99 -16.06 -23.80
N HIS A 150 27.01 -16.99 -24.73
CA HIS A 150 28.20 -17.80 -25.00
C HIS A 150 28.71 -17.47 -26.38
N HIS A 151 29.72 -16.62 -26.44
CA HIS A 151 30.19 -16.10 -27.72
C HIS A 151 31.64 -16.51 -28.01
N HIS A 152 31.78 -17.66 -28.66
CA HIS A 152 33.08 -18.15 -29.11
C HIS A 152 32.91 -19.47 -29.84
N HIS A 153 33.52 -19.58 -31.01
CA HIS A 153 33.46 -20.80 -31.79
C HIS A 153 34.69 -20.91 -32.71
N ASP A 4 -7.40 -6.81 -14.75
CA ASP A 4 -8.20 -7.73 -13.90
C ASP A 4 -7.69 -7.70 -12.47
N SER A 5 -7.79 -8.82 -11.77
CA SER A 5 -7.39 -8.92 -10.37
C SER A 5 -5.90 -8.63 -10.16
N LYS A 6 -5.08 -8.88 -11.20
CA LYS A 6 -3.63 -8.68 -11.12
C LYS A 6 -3.28 -7.35 -10.44
N THR A 7 -2.73 -7.48 -9.22
CA THR A 7 -2.26 -6.35 -8.40
C THR A 7 -2.37 -6.72 -6.93
N ALA A 8 -3.27 -7.64 -6.70
CA ALA A 8 -3.76 -8.02 -5.37
C ALA A 8 -5.03 -8.83 -5.62
N PRO A 9 -5.95 -8.98 -4.65
CA PRO A 9 -7.35 -9.26 -4.99
C PRO A 9 -7.88 -8.12 -5.87
N ALA A 10 -9.00 -8.33 -6.56
CA ALA A 10 -9.58 -7.29 -7.42
C ALA A 10 -9.74 -5.99 -6.65
N PHE A 11 -8.85 -5.04 -6.93
CA PHE A 11 -8.74 -3.83 -6.13
C PHE A 11 -9.36 -2.62 -6.82
N SER A 12 -10.44 -2.19 -6.23
CA SER A 12 -11.11 -0.94 -6.59
C SER A 12 -11.79 -0.40 -5.34
N LEU A 13 -11.06 0.41 -4.59
CA LEU A 13 -11.50 0.83 -3.27
C LEU A 13 -11.62 2.34 -3.19
N PRO A 14 -12.67 2.86 -2.55
CA PRO A 14 -12.80 4.29 -2.27
C PRO A 14 -11.85 4.74 -1.16
N ASP A 15 -11.29 5.93 -1.32
CA ASP A 15 -10.40 6.49 -0.32
C ASP A 15 -11.22 7.26 0.73
N LEU A 16 -10.55 7.90 1.68
CA LEU A 16 -11.24 8.61 2.75
C LEU A 16 -11.88 9.91 2.27
N HIS A 17 -11.73 10.22 1.00
CA HIS A 17 -12.32 11.42 0.42
C HIS A 17 -13.45 11.05 -0.52
N GLY A 18 -13.81 9.77 -0.51
CA GLY A 18 -14.90 9.30 -1.33
C GLY A 18 -14.56 9.26 -2.80
N LYS A 19 -13.31 8.95 -3.10
CA LYS A 19 -12.87 8.78 -4.48
C LYS A 19 -12.46 7.34 -4.73
N THR A 20 -12.92 6.77 -5.83
CA THR A 20 -12.60 5.39 -6.14
C THR A 20 -11.20 5.28 -6.72
N VAL A 21 -10.37 4.48 -6.07
CA VAL A 21 -9.02 4.24 -6.52
C VAL A 21 -8.89 2.78 -6.98
N SER A 22 -8.50 2.59 -8.22
CA SER A 22 -8.40 1.24 -8.77
C SER A 22 -6.94 0.85 -8.95
N ASN A 23 -6.74 -0.37 -9.42
CA ASN A 23 -5.40 -0.88 -9.64
C ASN A 23 -4.80 -0.28 -10.91
N ALA A 24 -5.67 0.22 -11.79
CA ALA A 24 -5.24 0.91 -13.00
C ALA A 24 -4.51 2.20 -12.64
N ASP A 25 -4.88 2.80 -11.51
CA ASP A 25 -4.24 4.03 -11.04
C ASP A 25 -2.84 3.74 -10.52
N LEU A 26 -2.55 2.47 -10.29
CA LEU A 26 -1.27 2.05 -9.73
C LEU A 26 -0.21 1.95 -10.81
N GLN A 27 -0.55 1.26 -11.92
CA GLN A 27 0.41 1.00 -12.99
C GLN A 27 1.03 2.28 -13.54
N GLY A 28 2.25 2.15 -14.03
CA GLY A 28 3.03 3.31 -14.44
C GLY A 28 3.87 3.83 -13.29
N LYS A 29 3.48 3.44 -12.09
CA LYS A 29 4.12 3.86 -10.86
C LYS A 29 4.28 2.65 -9.96
N VAL A 30 5.06 2.78 -8.90
CA VAL A 30 5.18 1.70 -7.93
C VAL A 30 4.46 2.10 -6.65
N THR A 31 3.78 1.16 -6.02
CA THR A 31 2.91 1.49 -4.92
C THR A 31 3.09 0.54 -3.73
N LEU A 32 3.05 1.09 -2.53
CA LEU A 32 3.06 0.30 -1.31
C LEU A 32 1.73 0.46 -0.60
N ILE A 33 0.98 -0.61 -0.48
CA ILE A 33 -0.31 -0.59 0.20
C ILE A 33 -0.20 -1.28 1.54
N ASN A 34 -0.33 -0.52 2.62
CA ASN A 34 -0.20 -1.08 3.95
C ASN A 34 -1.53 -1.02 4.71
N PHE A 35 -1.92 -2.15 5.26
CA PHE A 35 -3.14 -2.23 6.06
C PHE A 35 -2.85 -1.80 7.49
N TRP A 36 -3.67 -0.88 7.98
CA TRP A 36 -3.47 -0.30 9.30
C TRP A 36 -4.80 0.20 9.88
N PHE A 37 -4.71 0.83 11.05
CA PHE A 37 -5.86 1.46 11.70
C PHE A 37 -5.37 2.26 12.90
N PRO A 38 -6.16 3.24 13.37
CA PRO A 38 -5.81 4.00 14.57
C PRO A 38 -5.73 3.11 15.81
N SER A 39 -4.98 3.56 16.82
CA SER A 39 -4.82 2.82 18.07
C SER A 39 -4.04 1.52 17.86
N CYS A 40 -3.40 1.39 16.70
CA CYS A 40 -2.63 0.19 16.38
C CYS A 40 -1.22 0.30 16.97
N PRO A 41 -0.72 -0.79 17.58
CA PRO A 41 0.64 -0.84 18.11
C PRO A 41 1.70 -0.63 17.02
N GLY A 42 1.34 -0.95 15.78
CA GLY A 42 2.27 -0.83 14.67
C GLY A 42 2.60 0.62 14.34
N CYS A 43 1.83 1.55 14.88
CA CYS A 43 2.05 2.97 14.62
C CYS A 43 3.40 3.44 15.16
N VAL A 44 3.88 2.81 16.23
CA VAL A 44 5.15 3.22 16.82
C VAL A 44 6.32 2.96 15.85
N SER A 45 6.24 1.85 15.13
CA SER A 45 7.28 1.48 14.19
C SER A 45 7.03 2.12 12.82
N GLU A 46 5.86 1.84 12.26
CA GLU A 46 5.57 2.18 10.87
C GLU A 46 5.44 3.67 10.62
N MET A 47 4.77 4.37 11.53
CA MET A 47 4.39 5.77 11.30
C MET A 47 5.56 6.64 10.80
N PRO A 48 6.66 6.78 11.56
CA PRO A 48 7.79 7.63 11.13
C PRO A 48 8.38 7.18 9.80
N LYS A 49 8.55 5.87 9.65
CA LYS A 49 9.12 5.30 8.44
C LYS A 49 8.25 5.64 7.24
N ILE A 50 6.96 5.38 7.35
CA ILE A 50 6.01 5.59 6.27
C ILE A 50 5.93 7.08 5.89
N ILE A 51 5.99 7.95 6.89
CA ILE A 51 5.92 9.38 6.65
C ILE A 51 7.00 9.82 5.65
N LYS A 52 8.25 9.49 5.94
CA LYS A 52 9.32 9.89 5.04
C LYS A 52 9.34 9.03 3.78
N THR A 53 9.07 7.74 3.92
CA THR A 53 9.08 6.84 2.78
C THR A 53 8.09 7.29 1.71
N ALA A 54 6.90 7.65 2.14
CA ALA A 54 5.88 8.07 1.21
C ALA A 54 6.25 9.38 0.52
N ASN A 55 6.73 10.34 1.31
CA ASN A 55 7.09 11.65 0.77
C ASN A 55 8.28 11.56 -0.17
N ASP A 56 9.35 10.92 0.30
CA ASP A 56 10.57 10.76 -0.47
C ASP A 56 10.29 10.14 -1.82
N TYR A 57 9.48 9.09 -1.82
CA TYR A 57 9.21 8.32 -3.02
C TYR A 57 8.14 8.98 -3.89
N LYS A 58 7.25 9.75 -3.28
CA LYS A 58 6.23 10.46 -4.03
C LYS A 58 6.87 11.45 -4.98
N ASN A 59 8.02 11.99 -4.57
CA ASN A 59 8.74 12.97 -5.38
C ASN A 59 9.65 12.28 -6.41
N LYS A 60 9.10 11.27 -7.08
CA LYS A 60 9.76 10.66 -8.23
C LYS A 60 8.80 9.77 -9.02
N ASN A 61 8.20 8.77 -8.39
CA ASN A 61 7.29 7.84 -9.10
C ASN A 61 6.80 6.72 -8.18
N PHE A 62 6.52 7.05 -6.93
CA PHE A 62 6.07 6.05 -5.97
C PHE A 62 4.96 6.63 -5.11
N GLN A 63 4.14 5.76 -4.54
CA GLN A 63 3.07 6.18 -3.67
C GLN A 63 2.73 5.11 -2.65
N VAL A 64 2.22 5.55 -1.51
CA VAL A 64 1.80 4.64 -0.45
C VAL A 64 0.31 4.79 -0.21
N LEU A 65 -0.40 3.68 -0.26
CA LEU A 65 -1.83 3.67 -0.02
C LEU A 65 -2.12 2.92 1.27
N ALA A 66 -2.47 3.66 2.30
CA ALA A 66 -2.69 3.08 3.61
C ALA A 66 -4.16 2.69 3.77
N VAL A 67 -4.44 1.41 3.71
CA VAL A 67 -5.80 0.92 3.81
C VAL A 67 -6.17 0.64 5.26
N ALA A 68 -7.14 1.38 5.77
CA ALA A 68 -7.63 1.16 7.12
C ALA A 68 -8.75 0.14 7.09
N GLN A 69 -8.49 -1.03 7.64
CA GLN A 69 -9.48 -2.12 7.62
C GLN A 69 -10.47 -1.95 8.76
N PRO A 70 -11.64 -2.63 8.71
CA PRO A 70 -12.74 -2.39 9.65
C PRO A 70 -12.43 -2.86 11.07
N ILE A 71 -11.99 -1.90 11.89
CA ILE A 71 -11.76 -2.13 13.31
C ILE A 71 -12.22 -0.89 14.08
N ASP A 72 -11.54 0.22 13.83
CA ASP A 72 -12.04 1.52 14.26
C ASP A 72 -12.88 2.10 13.14
N PRO A 73 -13.97 2.81 13.45
CA PRO A 73 -14.82 3.44 12.45
C PRO A 73 -14.03 4.34 11.50
N ILE A 74 -14.54 4.49 10.28
CA ILE A 74 -13.94 5.37 9.29
C ILE A 74 -13.84 6.81 9.81
N GLU A 75 -14.70 7.16 10.76
CA GLU A 75 -14.59 8.47 11.37
C GLU A 75 -13.28 8.58 12.15
N SER A 76 -12.99 7.52 12.90
CA SER A 76 -11.78 7.46 13.71
C SER A 76 -10.55 7.57 12.81
N VAL A 77 -10.60 6.90 11.67
CA VAL A 77 -9.47 6.88 10.75
C VAL A 77 -9.25 8.25 10.10
N ARG A 78 -10.34 8.99 9.86
CA ARG A 78 -10.24 10.37 9.36
C ARG A 78 -9.71 11.28 10.45
N GLN A 79 -10.15 11.07 11.67
CA GLN A 79 -9.71 11.90 12.77
C GLN A 79 -8.21 11.77 12.95
N TYR A 80 -7.71 10.56 12.74
CA TYR A 80 -6.28 10.29 12.79
C TYR A 80 -5.56 11.07 11.68
N VAL A 81 -6.02 10.89 10.44
CA VAL A 81 -5.42 11.53 9.28
C VAL A 81 -5.54 13.07 9.36
N LYS A 82 -6.57 13.54 10.05
CA LYS A 82 -6.79 14.97 10.21
C LYS A 82 -5.84 15.60 11.21
N ASP A 83 -5.59 14.89 12.31
CA ASP A 83 -4.82 15.44 13.42
C ASP A 83 -3.33 15.55 13.09
N TYR A 84 -2.77 14.46 12.59
CA TYR A 84 -1.34 14.40 12.33
C TYR A 84 -0.99 14.91 10.94
N GLY A 85 -2.01 15.28 10.17
CA GLY A 85 -1.79 15.78 8.83
C GLY A 85 -1.05 14.79 7.95
N LEU A 86 -1.56 13.57 7.93
CA LEU A 86 -0.90 12.48 7.21
C LEU A 86 -1.09 12.63 5.70
N PRO A 87 0.03 12.82 4.98
CA PRO A 87 0.01 13.14 3.54
C PRO A 87 -0.25 11.94 2.62
N PHE A 88 0.13 10.74 3.06
CA PHE A 88 -0.05 9.56 2.22
C PHE A 88 -1.52 9.20 2.13
N THR A 89 -1.92 8.70 0.97
CA THR A 89 -3.32 8.45 0.68
C THR A 89 -3.88 7.30 1.51
N VAL A 90 -4.79 7.63 2.41
CA VAL A 90 -5.41 6.65 3.27
C VAL A 90 -6.79 6.26 2.71
N MET A 91 -7.02 4.96 2.66
CA MET A 91 -8.25 4.43 2.10
C MET A 91 -8.98 3.65 3.19
N TYR A 92 -10.25 3.35 2.99
CA TYR A 92 -11.01 2.63 4.00
C TYR A 92 -11.54 1.31 3.46
N ASP A 93 -11.28 0.25 4.20
CA ASP A 93 -11.76 -1.07 3.86
C ASP A 93 -12.97 -1.41 4.73
N ALA A 94 -14.12 -1.58 4.10
CA ALA A 94 -15.38 -1.75 4.79
C ALA A 94 -15.56 -3.14 5.40
N ASP A 95 -15.30 -4.17 4.61
CA ASP A 95 -15.64 -5.54 4.99
C ASP A 95 -14.42 -6.42 5.19
N LYS A 96 -13.26 -5.91 4.78
CA LYS A 96 -11.99 -6.60 4.96
C LYS A 96 -11.91 -7.85 4.08
N ALA A 97 -12.74 -7.94 3.05
CA ALA A 97 -12.64 -9.07 2.12
C ALA A 97 -11.34 -9.00 1.35
N VAL A 98 -10.91 -7.77 1.06
CA VAL A 98 -9.60 -7.53 0.47
C VAL A 98 -8.50 -8.00 1.43
N GLY A 99 -8.63 -7.60 2.70
CA GLY A 99 -7.69 -8.02 3.70
C GLY A 99 -7.75 -9.51 3.95
N GLN A 100 -8.95 -10.07 3.89
CA GLN A 100 -9.15 -11.50 4.07
C GLN A 100 -8.48 -12.29 2.96
N ALA A 101 -8.40 -11.69 1.77
CA ALA A 101 -7.72 -12.31 0.65
C ALA A 101 -6.22 -12.40 0.93
N PHE A 102 -5.69 -11.39 1.62
CA PHE A 102 -4.29 -11.41 2.05
C PHE A 102 -4.13 -12.22 3.35
N GLY A 103 -5.23 -12.42 4.04
CA GLY A 103 -5.19 -13.09 5.33
C GLY A 103 -4.77 -12.14 6.44
N THR A 104 -5.12 -10.87 6.30
CA THR A 104 -4.69 -9.85 7.25
C THR A 104 -5.51 -9.88 8.54
N GLN A 105 -5.04 -10.64 9.50
CA GLN A 105 -5.63 -10.61 10.83
C GLN A 105 -4.66 -9.93 11.80
N VAL A 106 -3.38 -10.00 11.47
CA VAL A 106 -2.35 -9.31 12.22
C VAL A 106 -1.81 -8.14 11.38
N TYR A 107 -1.54 -7.02 12.03
CA TYR A 107 -1.16 -5.82 11.32
C TYR A 107 0.13 -5.24 11.90
N PRO A 108 0.84 -4.38 11.15
CA PRO A 108 0.44 -3.95 9.80
C PRO A 108 0.75 -4.98 8.71
N THR A 109 0.18 -4.78 7.53
CA THR A 109 0.47 -5.64 6.40
C THR A 109 0.91 -4.79 5.21
N SER A 110 2.11 -5.03 4.71
CA SER A 110 2.68 -4.19 3.66
C SER A 110 2.71 -4.92 2.32
N VAL A 111 1.91 -4.44 1.38
CA VAL A 111 1.81 -5.05 0.06
C VAL A 111 2.55 -4.20 -0.98
N LEU A 112 3.42 -4.85 -1.74
CA LEU A 112 4.19 -4.16 -2.77
C LEU A 112 3.60 -4.43 -4.15
N ILE A 113 3.32 -3.37 -4.87
CA ILE A 113 2.75 -3.46 -6.20
C ILE A 113 3.71 -2.87 -7.21
N GLY A 114 4.05 -3.66 -8.23
CA GLY A 114 5.02 -3.25 -9.22
C GLY A 114 4.50 -2.19 -10.17
N LYS A 115 5.37 -1.74 -11.07
CA LYS A 115 5.05 -0.65 -11.98
C LYS A 115 3.98 -1.06 -13.01
N LYS A 116 3.60 -2.32 -13.03
CA LYS A 116 2.59 -2.79 -13.97
C LYS A 116 1.28 -3.06 -13.26
N GLY A 117 1.22 -2.68 -11.98
CA GLY A 117 0.03 -2.93 -11.19
C GLY A 117 -0.23 -4.40 -11.02
N GLU A 118 0.62 -5.06 -10.23
CA GLU A 118 0.56 -6.51 -10.10
C GLU A 118 1.12 -6.94 -8.74
N ILE A 119 0.85 -8.18 -8.36
CA ILE A 119 1.26 -8.73 -7.08
C ILE A 119 2.76 -9.00 -7.05
N LEU A 120 3.50 -8.12 -6.40
CA LEU A 120 4.95 -8.29 -6.26
C LEU A 120 5.31 -8.92 -4.92
N LYS A 121 4.68 -8.44 -3.84
CA LYS A 121 5.04 -8.90 -2.50
C LYS A 121 3.95 -8.56 -1.48
N THR A 122 3.86 -9.36 -0.43
CA THR A 122 3.05 -9.03 0.72
C THR A 122 3.79 -9.41 2.01
N TYR A 123 4.35 -8.41 2.67
CA TYR A 123 4.98 -8.60 3.97
C TYR A 123 3.94 -8.65 5.08
N VAL A 124 4.13 -9.56 6.01
CA VAL A 124 3.28 -9.63 7.19
C VAL A 124 4.04 -9.06 8.39
N GLY A 125 3.54 -7.95 8.92
CA GLY A 125 4.20 -7.29 10.03
C GLY A 125 5.15 -6.20 9.56
N GLU A 126 6.11 -5.86 10.41
CA GLU A 126 7.10 -4.85 10.07
C GLU A 126 8.20 -5.42 9.18
N PRO A 127 8.35 -4.87 7.96
CA PRO A 127 9.38 -5.31 7.02
C PRO A 127 10.72 -4.60 7.23
N ASP A 128 11.80 -5.29 6.87
CA ASP A 128 13.12 -4.69 6.96
C ASP A 128 13.33 -3.75 5.77
N PHE A 129 13.73 -2.53 6.04
CA PHE A 129 13.88 -1.53 5.00
C PHE A 129 15.09 -1.78 4.11
N GLY A 130 16.03 -2.59 4.58
CA GLY A 130 17.21 -2.87 3.78
C GLY A 130 16.87 -3.69 2.55
N LYS A 131 16.23 -4.83 2.77
CA LYS A 131 15.78 -5.67 1.69
C LYS A 131 14.56 -5.07 1.02
N LEU A 132 13.89 -4.17 1.72
CA LEU A 132 12.76 -3.45 1.15
C LEU A 132 13.25 -2.52 0.05
N TYR A 133 14.32 -1.77 0.32
CA TYR A 133 14.86 -0.83 -0.65
C TYR A 133 15.34 -1.55 -1.91
N GLN A 134 16.20 -2.56 -1.72
CA GLN A 134 16.76 -3.29 -2.86
C GLN A 134 15.69 -4.05 -3.64
N GLU A 135 14.62 -4.45 -2.96
CA GLU A 135 13.54 -5.18 -3.61
C GLU A 135 12.62 -4.20 -4.36
N ILE A 136 12.41 -3.03 -3.77
CA ILE A 136 11.60 -1.99 -4.42
C ILE A 136 12.29 -1.48 -5.68
N ASP A 137 13.59 -1.16 -5.58
CA ASP A 137 14.32 -0.62 -6.71
C ASP A 137 14.43 -1.66 -7.83
N THR A 138 14.34 -2.94 -7.46
CA THR A 138 14.28 -4.01 -8.45
C THR A 138 13.04 -3.85 -9.33
N ALA A 139 11.91 -3.54 -8.70
CA ALA A 139 10.67 -3.31 -9.42
C ALA A 139 10.75 -2.03 -10.25
N TRP A 140 11.62 -1.12 -9.82
CA TRP A 140 11.87 0.11 -10.55
C TRP A 140 12.78 -0.14 -11.75
N ARG A 141 13.94 -0.74 -11.51
CA ARG A 141 14.97 -0.92 -12.52
C ARG A 141 14.49 -1.87 -13.63
N ASN A 142 13.73 -2.89 -13.28
CA ASN A 142 13.21 -3.84 -14.25
C ASN A 142 12.14 -3.20 -15.13
N SER A 143 12.53 -2.84 -16.34
CA SER A 143 11.61 -2.18 -17.27
C SER A 143 10.55 -3.15 -17.78
N ASP A 144 10.96 -4.02 -18.70
CA ASP A 144 10.05 -4.95 -19.34
C ASP A 144 10.36 -6.39 -18.93
N ALA A 145 10.41 -6.62 -17.62
CA ALA A 145 10.59 -7.96 -17.10
C ALA A 145 9.41 -8.84 -17.49
N GLU A 146 8.23 -8.23 -17.52
CA GLU A 146 7.02 -8.90 -17.92
C GLU A 146 6.47 -8.19 -19.16
N GLY A 147 5.43 -8.74 -19.77
CA GLY A 147 4.94 -8.21 -21.02
C GLY A 147 5.49 -9.00 -22.18
N HIS A 148 5.95 -10.20 -21.87
CA HIS A 148 6.61 -11.06 -22.85
C HIS A 148 5.62 -11.97 -23.55
N HIS A 149 4.33 -11.67 -23.40
CA HIS A 149 3.26 -12.49 -23.99
C HIS A 149 3.28 -12.35 -25.52
N HIS A 150 4.08 -11.41 -26.01
CA HIS A 150 4.25 -11.24 -27.46
C HIS A 150 5.21 -12.30 -28.01
N HIS A 151 5.78 -13.09 -27.10
CA HIS A 151 6.63 -14.21 -27.47
C HIS A 151 6.12 -15.49 -26.83
N HIS A 152 6.24 -16.60 -27.54
CA HIS A 152 5.83 -17.89 -27.01
C HIS A 152 6.57 -19.02 -27.70
N HIS A 153 6.57 -20.18 -27.08
CA HIS A 153 7.25 -21.35 -27.61
C HIS A 153 6.29 -22.52 -27.67
N ASP A 4 -7.63 -11.63 -8.59
CA ASP A 4 -8.43 -12.56 -7.76
C ASP A 4 -7.56 -13.75 -7.37
N SER A 5 -7.81 -14.30 -6.18
CA SER A 5 -7.00 -15.39 -5.64
C SER A 5 -5.53 -14.98 -5.65
N LYS A 6 -5.18 -14.08 -4.73
CA LYS A 6 -3.91 -13.35 -4.76
C LYS A 6 -3.91 -12.42 -5.98
N THR A 7 -2.74 -11.85 -6.31
CA THR A 7 -2.62 -10.96 -7.47
C THR A 7 -3.54 -9.73 -7.31
N ALA A 8 -3.95 -9.48 -6.07
CA ALA A 8 -4.90 -8.40 -5.75
C ALA A 8 -6.29 -8.70 -6.30
N PRO A 9 -7.34 -8.20 -5.63
CA PRO A 9 -8.71 -8.33 -6.12
C PRO A 9 -9.08 -7.17 -7.02
N ALA A 10 -10.30 -7.19 -7.53
CA ALA A 10 -10.81 -6.04 -8.28
C ALA A 10 -11.44 -5.06 -7.31
N PHE A 11 -10.62 -4.22 -6.71
CA PHE A 11 -11.09 -3.33 -5.66
C PHE A 11 -11.09 -1.88 -6.14
N SER A 12 -12.28 -1.33 -6.25
CA SER A 12 -12.43 0.09 -6.47
C SER A 12 -12.68 0.76 -5.13
N LEU A 13 -11.59 1.17 -4.49
CA LEU A 13 -11.65 1.62 -3.11
C LEU A 13 -11.59 3.15 -3.03
N PRO A 14 -12.60 3.77 -2.40
CA PRO A 14 -12.63 5.21 -2.20
C PRO A 14 -11.64 5.66 -1.13
N ASP A 15 -11.10 6.86 -1.31
CA ASP A 15 -10.23 7.45 -0.32
C ASP A 15 -11.09 8.02 0.83
N LEU A 16 -10.45 8.64 1.81
CA LEU A 16 -11.16 9.18 2.96
C LEU A 16 -12.14 10.29 2.56
N HIS A 17 -11.90 10.94 1.42
CA HIS A 17 -12.80 11.97 0.97
C HIS A 17 -13.92 11.40 0.09
N GLY A 18 -13.55 10.66 -0.95
CA GLY A 18 -14.56 10.05 -1.78
C GLY A 18 -14.14 9.80 -3.22
N LYS A 19 -12.84 9.80 -3.50
CA LYS A 19 -12.35 9.44 -4.83
C LYS A 19 -12.05 7.96 -4.90
N THR A 20 -12.39 7.34 -6.02
CA THR A 20 -12.18 5.91 -6.18
C THR A 20 -10.80 5.60 -6.71
N VAL A 21 -10.05 4.81 -5.96
CA VAL A 21 -8.75 4.31 -6.36
C VAL A 21 -8.87 2.82 -6.70
N SER A 22 -8.32 2.41 -7.83
CA SER A 22 -8.54 1.04 -8.28
C SER A 22 -7.26 0.46 -8.90
N ASN A 23 -7.37 -0.77 -9.40
CA ASN A 23 -6.24 -1.51 -9.95
C ASN A 23 -5.58 -0.77 -11.11
N ALA A 24 -6.34 0.12 -11.74
CA ALA A 24 -5.85 0.91 -12.87
C ALA A 24 -4.69 1.81 -12.45
N ASP A 25 -4.67 2.21 -11.19
CA ASP A 25 -3.63 3.09 -10.68
C ASP A 25 -2.39 2.28 -10.29
N LEU A 26 -2.59 0.98 -10.10
CA LEU A 26 -1.52 0.09 -9.65
C LEU A 26 -0.67 -0.38 -10.83
N GLN A 27 -1.21 -0.29 -12.03
CA GLN A 27 -0.51 -0.76 -13.22
C GLN A 27 0.23 0.40 -13.90
N GLY A 28 1.47 0.13 -14.28
CA GLY A 28 2.29 1.16 -14.91
C GLY A 28 3.04 1.99 -13.89
N LYS A 29 2.72 1.76 -12.61
CA LYS A 29 3.34 2.47 -11.52
C LYS A 29 3.83 1.49 -10.48
N VAL A 30 4.63 1.97 -9.55
CA VAL A 30 5.08 1.15 -8.44
C VAL A 30 4.29 1.53 -7.19
N THR A 31 3.75 0.54 -6.49
CA THR A 31 2.76 0.81 -5.46
C THR A 31 3.06 0.05 -4.17
N LEU A 32 2.71 0.67 -3.04
CA LEU A 32 2.82 0.04 -1.74
C LEU A 32 1.52 0.23 -0.98
N ILE A 33 0.91 -0.85 -0.54
CA ILE A 33 -0.32 -0.79 0.21
C ILE A 33 -0.07 -1.18 1.66
N ASN A 34 -0.46 -0.31 2.58
CA ASN A 34 -0.27 -0.58 4.01
C ASN A 34 -1.62 -0.85 4.66
N PHE A 35 -1.81 -2.08 5.11
CA PHE A 35 -3.04 -2.45 5.81
C PHE A 35 -2.91 -2.11 7.29
N TRP A 36 -3.79 -1.26 7.77
CA TRP A 36 -3.71 -0.80 9.15
C TRP A 36 -5.06 -0.37 9.69
N PHE A 37 -5.08 -0.01 10.96
CA PHE A 37 -6.23 0.59 11.60
C PHE A 37 -5.76 1.55 12.69
N PRO A 38 -6.36 2.74 12.77
CA PRO A 38 -5.92 3.81 13.69
C PRO A 38 -5.92 3.43 15.17
N SER A 39 -6.60 2.34 15.53
CA SER A 39 -6.64 1.92 16.91
C SER A 39 -5.57 0.86 17.24
N CYS A 40 -4.61 0.68 16.33
CA CYS A 40 -3.56 -0.30 16.54
C CYS A 40 -2.38 0.29 17.31
N PRO A 41 -1.73 -0.53 18.15
CA PRO A 41 -0.54 -0.12 18.91
C PRO A 41 0.74 -0.13 18.06
N GLY A 42 0.66 -0.66 16.85
CA GLY A 42 1.83 -0.86 16.03
C GLY A 42 2.21 0.36 15.21
N CYS A 43 1.31 0.77 14.32
CA CYS A 43 1.61 1.78 13.30
C CYS A 43 2.20 3.07 13.88
N VAL A 44 1.85 3.39 15.12
CA VAL A 44 2.37 4.58 15.78
C VAL A 44 3.90 4.58 15.80
N SER A 45 4.50 3.39 15.73
CA SER A 45 5.94 3.24 15.76
C SER A 45 6.53 3.38 14.35
N GLU A 46 5.91 2.73 13.38
CA GLU A 46 6.44 2.68 12.02
C GLU A 46 6.13 3.94 11.23
N MET A 47 4.98 4.55 11.49
CA MET A 47 4.44 5.59 10.62
C MET A 47 5.37 6.79 10.39
N PRO A 48 6.13 7.30 11.40
CA PRO A 48 7.09 8.40 11.17
C PRO A 48 8.14 8.02 10.11
N LYS A 49 8.64 6.80 10.25
CA LYS A 49 9.59 6.24 9.29
C LYS A 49 8.96 6.22 7.91
N ILE A 50 7.67 5.90 7.88
CA ILE A 50 6.91 5.89 6.63
C ILE A 50 6.73 7.31 6.09
N ILE A 51 6.56 8.28 6.99
CA ILE A 51 6.27 9.65 6.58
C ILE A 51 7.33 10.13 5.60
N LYS A 52 8.59 10.05 6.00
CA LYS A 52 9.66 10.54 5.15
C LYS A 52 9.94 9.57 4.00
N THR A 53 10.19 8.31 4.34
CA THR A 53 10.58 7.32 3.35
C THR A 53 9.56 7.17 2.24
N ALA A 54 8.28 7.09 2.61
CA ALA A 54 7.21 6.91 1.64
C ALA A 54 7.02 8.16 0.78
N ASN A 55 7.19 9.34 1.37
CA ASN A 55 7.07 10.57 0.59
C ASN A 55 8.23 10.69 -0.38
N ASP A 56 9.44 10.41 0.12
CA ASP A 56 10.65 10.41 -0.71
C ASP A 56 10.53 9.39 -1.84
N TYR A 57 9.75 8.35 -1.59
CA TYR A 57 9.55 7.29 -2.57
C TYR A 57 8.41 7.64 -3.53
N LYS A 58 7.36 8.23 -2.99
CA LYS A 58 6.15 8.56 -3.75
C LYS A 58 6.46 9.50 -4.91
N ASN A 59 7.46 10.35 -4.72
CA ASN A 59 7.77 11.40 -5.69
C ASN A 59 8.59 10.86 -6.87
N LYS A 60 8.29 9.64 -7.30
CA LYS A 60 8.88 9.07 -8.53
C LYS A 60 8.05 7.87 -9.02
N ASN A 61 6.82 8.15 -9.45
CA ASN A 61 5.92 7.15 -10.04
C ASN A 61 5.52 6.08 -9.01
N PHE A 62 5.82 6.34 -7.75
CA PHE A 62 5.50 5.43 -6.67
C PHE A 62 4.32 5.99 -5.88
N GLN A 63 3.50 5.11 -5.32
CA GLN A 63 2.38 5.55 -4.50
C GLN A 63 2.18 4.62 -3.30
N VAL A 64 2.15 5.22 -2.12
CA VAL A 64 1.89 4.49 -0.89
C VAL A 64 0.49 4.79 -0.39
N LEU A 65 -0.34 3.77 -0.34
CA LEU A 65 -1.71 3.95 0.10
C LEU A 65 -1.98 3.09 1.34
N ALA A 66 -2.30 3.75 2.43
CA ALA A 66 -2.60 3.07 3.68
C ALA A 66 -4.09 2.85 3.81
N VAL A 67 -4.51 1.59 3.79
CA VAL A 67 -5.91 1.26 3.83
C VAL A 67 -6.33 0.82 5.22
N ALA A 68 -7.27 1.56 5.80
CA ALA A 68 -7.85 1.21 7.08
C ALA A 68 -9.04 0.30 6.87
N GLN A 69 -9.06 -0.81 7.58
CA GLN A 69 -10.15 -1.76 7.46
C GLN A 69 -11.08 -1.65 8.68
N PRO A 70 -12.30 -2.23 8.64
CA PRO A 70 -13.32 -1.99 9.66
C PRO A 70 -13.00 -2.63 11.01
N ILE A 71 -12.15 -1.97 11.77
CA ILE A 71 -11.86 -2.38 13.13
C ILE A 71 -12.21 -1.21 14.05
N ASP A 72 -11.81 -0.02 13.64
CA ASP A 72 -12.34 1.21 14.20
C ASP A 72 -12.97 2.02 13.06
N PRO A 73 -14.11 2.68 13.33
CA PRO A 73 -14.88 3.40 12.30
C PRO A 73 -14.06 4.47 11.59
N ILE A 74 -14.51 4.84 10.38
CA ILE A 74 -13.86 5.87 9.59
C ILE A 74 -13.69 7.16 10.39
N GLU A 75 -14.60 7.41 11.34
CA GLU A 75 -14.52 8.58 12.19
C GLU A 75 -13.26 8.56 13.05
N SER A 76 -12.88 7.37 13.50
CA SER A 76 -11.68 7.21 14.29
C SER A 76 -10.47 7.49 13.41
N VAL A 77 -10.59 7.08 12.14
CA VAL A 77 -9.58 7.39 11.15
C VAL A 77 -9.42 8.91 11.00
N ARG A 78 -10.56 9.62 10.94
CA ARG A 78 -10.56 11.09 10.87
C ARG A 78 -9.71 11.66 12.00
N GLN A 79 -10.05 11.19 13.20
CA GLN A 79 -9.43 11.67 14.43
C GLN A 79 -7.94 11.42 14.46
N TYR A 80 -7.53 10.23 14.01
CA TYR A 80 -6.13 9.85 14.04
C TYR A 80 -5.31 10.64 13.02
N VAL A 81 -5.86 10.79 11.82
CA VAL A 81 -5.15 11.49 10.75
C VAL A 81 -4.83 12.93 11.14
N LYS A 82 -5.80 13.62 11.74
CA LYS A 82 -5.59 15.00 12.15
C LYS A 82 -4.70 15.07 13.40
N ASP A 83 -4.73 14.03 14.21
CA ASP A 83 -4.00 14.03 15.47
C ASP A 83 -2.50 13.88 15.24
N TYR A 84 -2.12 12.90 14.42
CA TYR A 84 -0.71 12.63 14.16
C TYR A 84 -0.23 13.28 12.87
N GLY A 85 -1.16 13.92 12.16
CA GLY A 85 -0.81 14.62 10.93
C GLY A 85 -0.33 13.67 9.85
N LEU A 86 -1.20 12.79 9.41
CA LEU A 86 -0.86 11.80 8.39
C LEU A 86 -0.88 12.41 7.00
N PRO A 87 0.28 12.48 6.32
CA PRO A 87 0.40 13.03 4.98
C PRO A 87 0.18 12.00 3.87
N PHE A 88 0.36 10.73 4.19
CA PHE A 88 0.21 9.68 3.19
C PHE A 88 -1.27 9.42 2.90
N THR A 89 -1.55 8.90 1.72
CA THR A 89 -2.92 8.68 1.29
C THR A 89 -3.56 7.50 2.02
N VAL A 90 -4.66 7.77 2.70
CA VAL A 90 -5.37 6.75 3.47
C VAL A 90 -6.69 6.42 2.80
N MET A 91 -7.03 5.13 2.77
CA MET A 91 -8.30 4.68 2.23
C MET A 91 -9.06 3.89 3.30
N TYR A 92 -10.32 3.56 3.02
CA TYR A 92 -11.15 2.83 3.98
C TYR A 92 -11.98 1.77 3.28
N ASP A 93 -11.73 0.51 3.58
CA ASP A 93 -12.46 -0.59 2.95
C ASP A 93 -13.43 -1.24 3.93
N ALA A 94 -14.68 -1.34 3.52
CA ALA A 94 -15.74 -1.85 4.38
C ALA A 94 -15.72 -3.38 4.55
N ASP A 95 -15.21 -4.10 3.56
CA ASP A 95 -15.46 -5.56 3.52
C ASP A 95 -14.20 -6.39 3.74
N LYS A 96 -13.03 -5.74 3.69
CA LYS A 96 -11.74 -6.41 3.91
C LYS A 96 -11.41 -7.36 2.77
N ALA A 97 -12.22 -7.34 1.71
CA ALA A 97 -12.02 -8.21 0.55
C ALA A 97 -10.65 -7.96 -0.06
N VAL A 98 -10.21 -6.72 0.03
CA VAL A 98 -8.88 -6.34 -0.39
C VAL A 98 -7.83 -7.11 0.43
N GLY A 99 -7.98 -7.09 1.75
CA GLY A 99 -7.06 -7.80 2.61
C GLY A 99 -7.17 -9.31 2.44
N GLN A 100 -8.38 -9.76 2.17
CA GLN A 100 -8.65 -11.17 1.92
C GLN A 100 -7.84 -11.70 0.74
N ALA A 101 -7.93 -11.00 -0.38
CA ALA A 101 -7.24 -11.42 -1.61
C ALA A 101 -5.74 -11.19 -1.52
N PHE A 102 -5.32 -10.18 -0.77
CA PHE A 102 -3.90 -9.91 -0.58
C PHE A 102 -3.28 -10.90 0.40
N GLY A 103 -4.08 -11.40 1.32
CA GLY A 103 -3.59 -12.33 2.31
C GLY A 103 -3.08 -11.61 3.54
N THR A 104 -3.86 -10.65 4.02
CA THR A 104 -3.47 -9.86 5.17
C THR A 104 -4.45 -10.04 6.32
N GLN A 105 -4.07 -10.89 7.28
CA GLN A 105 -4.87 -11.09 8.48
C GLN A 105 -4.43 -10.16 9.59
N VAL A 106 -3.13 -10.11 9.82
CA VAL A 106 -2.58 -9.35 10.92
C VAL A 106 -2.02 -8.02 10.42
N TYR A 107 -1.87 -7.05 11.31
CA TYR A 107 -1.45 -5.71 10.92
C TYR A 107 -0.38 -5.19 11.89
N PRO A 108 0.45 -4.23 11.45
CA PRO A 108 0.39 -3.65 10.12
C PRO A 108 1.16 -4.46 9.08
N THR A 109 0.61 -4.56 7.89
CA THR A 109 1.24 -5.30 6.81
C THR A 109 1.30 -4.46 5.55
N SER A 110 2.48 -4.38 4.95
CA SER A 110 2.67 -3.62 3.74
C SER A 110 2.95 -4.54 2.56
N VAL A 111 2.25 -4.31 1.47
CA VAL A 111 2.42 -5.15 0.28
C VAL A 111 3.19 -4.37 -0.78
N LEU A 112 4.04 -5.08 -1.51
CA LEU A 112 4.80 -4.49 -2.59
C LEU A 112 4.21 -4.89 -3.91
N ILE A 113 3.93 -3.89 -4.73
CA ILE A 113 3.37 -4.12 -6.05
C ILE A 113 4.36 -3.68 -7.12
N GLY A 114 4.64 -4.59 -8.05
CA GLY A 114 5.62 -4.31 -9.10
C GLY A 114 5.18 -3.17 -10.01
N LYS A 115 4.61 -3.51 -11.15
CA LYS A 115 4.10 -2.49 -12.06
C LYS A 115 2.92 -3.02 -12.87
N LYS A 116 2.40 -4.17 -12.45
CA LYS A 116 1.28 -4.78 -13.14
C LYS A 116 0.01 -4.75 -12.29
N GLY A 117 0.13 -4.24 -11.07
CA GLY A 117 -1.00 -4.19 -10.18
C GLY A 117 -1.32 -5.53 -9.56
N GLU A 118 -0.28 -6.25 -9.15
CA GLU A 118 -0.45 -7.54 -8.52
C GLU A 118 0.51 -7.69 -7.35
N ILE A 119 0.26 -8.68 -6.51
CA ILE A 119 1.07 -8.91 -5.31
C ILE A 119 2.45 -9.40 -5.70
N LEU A 120 3.47 -8.62 -5.37
CA LEU A 120 4.84 -8.96 -5.67
C LEU A 120 5.56 -9.41 -4.40
N LYS A 121 5.49 -8.58 -3.35
CA LYS A 121 6.13 -8.90 -2.08
C LYS A 121 5.23 -8.51 -0.92
N THR A 122 5.59 -8.93 0.29
CA THR A 122 4.80 -8.64 1.48
C THR A 122 5.71 -8.52 2.72
N TYR A 123 5.53 -7.44 3.47
CA TYR A 123 6.27 -7.21 4.70
C TYR A 123 5.32 -6.93 5.86
N VAL A 124 5.35 -7.79 6.87
CA VAL A 124 4.48 -7.67 8.03
C VAL A 124 5.28 -7.29 9.27
N GLY A 125 4.72 -6.39 10.08
CA GLY A 125 5.39 -5.96 11.29
C GLY A 125 6.55 -5.05 11.00
N GLU A 126 6.24 -3.86 10.49
CA GLU A 126 7.24 -2.88 10.06
C GLU A 126 8.05 -3.38 8.86
N PRO A 127 7.92 -2.71 7.72
CA PRO A 127 8.74 -3.01 6.55
C PRO A 127 10.14 -2.41 6.66
N ASP A 128 11.14 -3.28 6.67
CA ASP A 128 12.53 -2.83 6.67
C ASP A 128 12.82 -2.03 5.40
N PHE A 129 12.92 -0.72 5.55
CA PHE A 129 13.01 0.17 4.40
C PHE A 129 14.28 -0.05 3.60
N GLY A 130 15.36 -0.46 4.27
CA GLY A 130 16.60 -0.70 3.58
C GLY A 130 16.46 -1.76 2.50
N LYS A 131 15.95 -2.92 2.91
CA LYS A 131 15.72 -4.00 1.97
C LYS A 131 14.46 -3.73 1.14
N LEU A 132 13.63 -2.81 1.62
CA LEU A 132 12.41 -2.47 0.91
C LEU A 132 12.73 -1.73 -0.38
N TYR A 133 13.55 -0.67 -0.31
CA TYR A 133 13.86 0.08 -1.52
C TYR A 133 14.82 -0.66 -2.43
N GLN A 134 15.75 -1.43 -1.87
CA GLN A 134 16.70 -2.17 -2.71
C GLN A 134 15.99 -3.27 -3.49
N GLU A 135 14.93 -3.82 -2.90
CA GLU A 135 14.14 -4.85 -3.56
C GLU A 135 13.23 -4.24 -4.62
N ILE A 136 12.57 -3.13 -4.28
CA ILE A 136 11.70 -2.44 -5.23
C ILE A 136 12.50 -1.91 -6.41
N ASP A 137 13.71 -1.40 -6.14
CA ASP A 137 14.60 -0.92 -7.20
C ASP A 137 14.86 -2.03 -8.21
N THR A 138 15.04 -3.25 -7.70
CA THR A 138 15.24 -4.41 -8.54
C THR A 138 14.06 -4.60 -9.49
N ALA A 139 12.86 -4.28 -9.02
CA ALA A 139 11.65 -4.37 -9.82
C ALA A 139 11.56 -3.22 -10.82
N TRP A 140 12.32 -2.16 -10.59
CA TRP A 140 12.47 -1.09 -11.57
C TRP A 140 13.36 -1.58 -12.71
N ARG A 141 14.34 -2.39 -12.35
CA ARG A 141 15.35 -2.85 -13.31
C ARG A 141 14.86 -4.07 -14.08
N ASN A 142 14.03 -4.89 -13.43
CA ASN A 142 13.59 -6.14 -14.04
C ASN A 142 12.65 -5.89 -15.22
N SER A 143 12.93 -6.54 -16.33
CA SER A 143 12.11 -6.40 -17.52
C SER A 143 10.99 -7.42 -17.51
N ASP A 144 9.84 -7.01 -16.97
CA ASP A 144 8.61 -7.82 -16.97
C ASP A 144 8.66 -8.98 -15.97
N ALA A 145 9.87 -9.46 -15.67
CA ALA A 145 10.05 -10.58 -14.76
C ALA A 145 9.79 -10.18 -13.31
N GLU A 146 8.51 -10.05 -12.97
CA GLU A 146 8.09 -9.76 -11.61
C GLU A 146 6.65 -10.26 -11.38
N GLY A 147 5.74 -9.77 -12.20
CA GLY A 147 4.38 -10.24 -12.16
C GLY A 147 3.91 -10.70 -13.53
N HIS A 148 2.77 -11.39 -13.56
CA HIS A 148 2.20 -11.87 -14.83
C HIS A 148 0.71 -12.14 -14.68
N HIS A 149 0.12 -11.59 -13.63
CA HIS A 149 -1.32 -11.68 -13.35
C HIS A 149 -1.79 -13.11 -13.11
N HIS A 150 -2.02 -13.41 -11.83
CA HIS A 150 -2.57 -14.69 -11.37
C HIS A 150 -1.56 -15.82 -11.51
N HIS A 151 -0.43 -15.51 -12.15
CA HIS A 151 0.68 -16.45 -12.22
C HIS A 151 1.57 -16.24 -11.00
N HIS A 152 1.52 -15.04 -10.45
CA HIS A 152 2.22 -14.74 -9.21
C HIS A 152 1.25 -14.93 -8.05
N HIS A 153 1.56 -15.86 -7.17
CA HIS A 153 0.66 -16.20 -6.07
C HIS A 153 0.98 -15.36 -4.84
N ASP A 4 -10.16 -10.15 -5.70
CA ASP A 4 -9.78 -11.54 -5.36
C ASP A 4 -8.32 -11.56 -4.88
N SER A 5 -7.77 -12.75 -4.67
CA SER A 5 -6.45 -12.89 -4.07
C SER A 5 -5.31 -12.82 -5.10
N LYS A 6 -4.36 -11.90 -4.83
CA LYS A 6 -3.09 -11.79 -5.58
C LYS A 6 -3.27 -11.29 -7.01
N THR A 7 -2.35 -10.42 -7.44
CA THR A 7 -2.37 -9.81 -8.76
C THR A 7 -3.51 -8.79 -8.88
N ALA A 8 -4.01 -8.37 -7.71
CA ALA A 8 -5.05 -7.34 -7.60
C ALA A 8 -6.25 -7.61 -8.53
N PRO A 9 -6.89 -8.79 -8.40
CA PRO A 9 -8.00 -9.19 -9.27
C PRO A 9 -9.26 -8.39 -8.99
N ALA A 10 -9.57 -7.49 -9.91
CA ALA A 10 -10.82 -6.71 -9.91
C ALA A 10 -11.12 -6.07 -8.55
N PHE A 11 -10.59 -4.87 -8.35
CA PHE A 11 -10.89 -4.13 -7.13
C PHE A 11 -10.88 -2.63 -7.41
N SER A 12 -11.76 -1.91 -6.75
CA SER A 12 -11.81 -0.46 -6.84
C SER A 12 -12.31 0.10 -5.52
N LEU A 13 -11.40 0.54 -4.68
CA LEU A 13 -11.74 1.00 -3.36
C LEU A 13 -11.44 2.49 -3.22
N PRO A 14 -12.43 3.29 -2.80
CA PRO A 14 -12.26 4.72 -2.58
C PRO A 14 -11.37 5.03 -1.38
N ASP A 15 -10.67 6.16 -1.46
CA ASP A 15 -9.85 6.61 -0.35
C ASP A 15 -10.74 7.32 0.68
N LEU A 16 -10.13 7.90 1.71
CA LEU A 16 -10.88 8.59 2.75
C LEU A 16 -11.53 9.89 2.24
N HIS A 17 -11.06 10.37 1.10
CA HIS A 17 -11.62 11.55 0.48
C HIS A 17 -12.79 11.18 -0.43
N GLY A 18 -12.61 10.12 -1.21
CA GLY A 18 -13.70 9.66 -2.07
C GLY A 18 -13.23 9.29 -3.46
N LYS A 19 -11.92 9.18 -3.66
CA LYS A 19 -11.38 8.78 -4.94
C LYS A 19 -11.30 7.25 -5.02
N THR A 20 -12.05 6.66 -5.93
CA THR A 20 -11.97 5.23 -6.13
C THR A 20 -10.61 4.88 -6.76
N VAL A 21 -9.87 4.01 -6.09
CA VAL A 21 -8.55 3.64 -6.53
C VAL A 21 -8.53 2.18 -6.97
N SER A 22 -8.04 1.95 -8.18
CA SER A 22 -7.98 0.62 -8.74
C SER A 22 -6.61 0.35 -9.34
N ASN A 23 -6.45 -0.82 -9.95
CA ASN A 23 -5.18 -1.18 -10.59
C ASN A 23 -4.83 -0.21 -11.72
N ALA A 24 -5.85 0.45 -12.27
CA ALA A 24 -5.65 1.43 -13.33
C ALA A 24 -4.90 2.64 -12.81
N ASP A 25 -5.10 2.96 -11.54
CA ASP A 25 -4.44 4.08 -10.90
C ASP A 25 -3.03 3.69 -10.48
N LEU A 26 -2.83 2.40 -10.25
CA LEU A 26 -1.57 1.88 -9.74
C LEU A 26 -0.54 1.67 -10.84
N GLN A 27 -0.97 1.02 -11.92
CA GLN A 27 -0.06 0.59 -12.99
C GLN A 27 0.83 1.72 -13.50
N GLY A 28 2.06 1.36 -13.85
CA GLY A 28 3.01 2.34 -14.34
C GLY A 28 3.87 2.91 -13.23
N LYS A 29 3.35 2.86 -12.01
CA LYS A 29 4.04 3.39 -10.84
C LYS A 29 4.21 2.27 -9.82
N VAL A 30 4.98 2.53 -8.78
CA VAL A 30 5.23 1.53 -7.76
C VAL A 30 4.37 1.84 -6.53
N THR A 31 3.82 0.81 -5.90
CA THR A 31 2.84 1.00 -4.86
C THR A 31 3.16 0.17 -3.62
N LEU A 32 2.84 0.73 -2.45
CA LEU A 32 2.94 -0.01 -1.20
C LEU A 32 1.57 -0.01 -0.54
N ILE A 33 0.97 -1.18 -0.44
CA ILE A 33 -0.34 -1.32 0.18
C ILE A 33 -0.19 -1.77 1.63
N ASN A 34 -0.53 -0.90 2.57
CA ASN A 34 -0.39 -1.22 3.99
C ASN A 34 -1.74 -1.20 4.68
N PHE A 35 -2.12 -2.32 5.26
CA PHE A 35 -3.38 -2.41 5.98
C PHE A 35 -3.16 -2.11 7.46
N TRP A 36 -3.84 -1.07 7.93
CA TRP A 36 -3.67 -0.58 9.29
C TRP A 36 -5.01 -0.15 9.86
N PHE A 37 -4.98 0.38 11.07
CA PHE A 37 -6.15 0.95 11.72
C PHE A 37 -5.70 1.72 12.97
N PRO A 38 -6.51 2.68 13.45
CA PRO A 38 -6.18 3.46 14.64
C PRO A 38 -6.02 2.59 15.88
N SER A 39 -5.32 3.11 16.88
CA SER A 39 -5.02 2.42 18.14
C SER A 39 -4.20 1.14 17.90
N CYS A 40 -3.69 0.96 16.69
CA CYS A 40 -2.84 -0.18 16.38
C CYS A 40 -1.47 -0.02 17.02
N PRO A 41 -1.00 -1.05 17.75
CA PRO A 41 0.30 -1.03 18.42
C PRO A 41 1.47 -0.84 17.45
N GLY A 42 1.22 -1.15 16.18
CA GLY A 42 2.26 -1.03 15.17
C GLY A 42 2.39 0.37 14.62
N CYS A 43 1.35 1.18 14.81
CA CYS A 43 1.30 2.53 14.23
C CYS A 43 2.39 3.44 14.79
N VAL A 44 2.78 3.21 16.04
CA VAL A 44 3.85 4.00 16.64
C VAL A 44 5.17 3.73 15.90
N SER A 45 5.30 2.54 15.34
CA SER A 45 6.46 2.17 14.55
C SER A 45 6.26 2.53 13.08
N GLU A 46 5.17 2.03 12.49
CA GLU A 46 4.95 2.12 11.05
C GLU A 46 4.79 3.57 10.59
N MET A 47 3.90 4.31 11.26
CA MET A 47 3.45 5.61 10.77
C MET A 47 4.60 6.60 10.55
N PRO A 48 5.45 6.88 11.57
CA PRO A 48 6.57 7.83 11.40
C PRO A 48 7.46 7.49 10.21
N LYS A 49 7.82 6.21 10.11
CA LYS A 49 8.65 5.74 9.01
C LYS A 49 7.93 5.87 7.67
N ILE A 50 6.63 5.58 7.67
CA ILE A 50 5.82 5.72 6.47
C ILE A 50 5.72 7.19 6.05
N ILE A 51 5.64 8.09 7.01
CA ILE A 51 5.60 9.53 6.71
C ILE A 51 6.79 9.92 5.86
N LYS A 52 7.97 9.51 6.31
CA LYS A 52 9.21 9.84 5.63
C LYS A 52 9.29 9.12 4.28
N THR A 53 9.13 7.80 4.31
CA THR A 53 9.27 6.98 3.11
C THR A 53 8.25 7.35 2.04
N ALA A 54 6.98 7.34 2.41
CA ALA A 54 5.90 7.56 1.47
C ALA A 54 5.96 8.95 0.85
N ASN A 55 6.32 9.95 1.63
CA ASN A 55 6.31 11.32 1.14
C ASN A 55 7.44 11.57 0.14
N ASP A 56 8.58 10.93 0.36
CA ASP A 56 9.71 11.11 -0.57
C ASP A 56 9.49 10.28 -1.82
N TYR A 57 9.14 9.01 -1.65
CA TYR A 57 8.91 8.12 -2.78
C TYR A 57 7.75 8.60 -3.64
N LYS A 58 6.82 9.31 -3.00
CA LYS A 58 5.72 9.97 -3.70
C LYS A 58 6.24 10.86 -4.81
N ASN A 59 7.36 11.52 -4.54
CA ASN A 59 7.94 12.46 -5.49
C ASN A 59 8.90 11.74 -6.43
N LYS A 60 8.89 10.42 -6.38
CA LYS A 60 9.71 9.61 -7.27
C LYS A 60 8.84 9.00 -8.37
N ASN A 61 7.97 8.10 -7.94
CA ASN A 61 7.10 7.31 -8.83
C ASN A 61 6.34 6.29 -7.97
N PHE A 62 6.24 6.59 -6.69
CA PHE A 62 5.76 5.62 -5.72
C PHE A 62 4.54 6.16 -4.99
N GLN A 63 3.51 5.34 -4.89
CA GLN A 63 2.30 5.69 -4.18
C GLN A 63 2.04 4.69 -3.07
N VAL A 64 1.64 5.18 -1.92
CA VAL A 64 1.34 4.32 -0.78
C VAL A 64 -0.15 4.32 -0.50
N LEU A 65 -0.73 3.14 -0.47
CA LEU A 65 -2.14 2.97 -0.16
C LEU A 65 -2.27 2.39 1.23
N ALA A 66 -2.47 3.24 2.22
CA ALA A 66 -2.67 2.79 3.58
C ALA A 66 -4.14 2.52 3.82
N VAL A 67 -4.53 1.26 3.70
CA VAL A 67 -5.92 0.89 3.83
C VAL A 67 -6.28 0.69 5.29
N ALA A 68 -7.08 1.60 5.82
CA ALA A 68 -7.53 1.50 7.20
C ALA A 68 -8.78 0.64 7.28
N GLN A 69 -8.68 -0.47 7.97
CA GLN A 69 -9.81 -1.37 8.15
C GLN A 69 -10.71 -0.83 9.28
N PRO A 70 -11.81 -1.52 9.66
CA PRO A 70 -12.75 -1.02 10.68
C PRO A 70 -12.15 -0.99 12.08
N ILE A 71 -12.93 -1.44 13.07
CA ILE A 71 -12.53 -1.39 14.48
C ILE A 71 -12.70 0.04 15.01
N ASP A 72 -12.03 0.98 14.36
CA ASP A 72 -12.29 2.40 14.59
C ASP A 72 -13.07 2.94 13.40
N PRO A 73 -14.14 3.71 13.66
CA PRO A 73 -15.03 4.20 12.61
C PRO A 73 -14.36 5.18 11.63
N ILE A 74 -15.09 5.55 10.59
CA ILE A 74 -14.54 6.32 9.47
C ILE A 74 -14.07 7.72 9.88
N GLU A 75 -14.73 8.33 10.85
CA GLU A 75 -14.29 9.65 11.29
C GLU A 75 -13.01 9.52 12.11
N SER A 76 -12.88 8.41 12.83
CA SER A 76 -11.68 8.12 13.60
C SER A 76 -10.49 7.87 12.68
N VAL A 77 -10.68 6.98 11.70
CA VAL A 77 -9.61 6.65 10.76
C VAL A 77 -9.19 7.87 9.95
N ARG A 78 -10.16 8.66 9.51
CA ARG A 78 -9.87 9.81 8.66
C ARG A 78 -9.26 10.95 9.47
N GLN A 79 -9.69 11.09 10.72
CA GLN A 79 -9.14 12.11 11.60
C GLN A 79 -7.71 11.75 12.00
N TYR A 80 -7.47 10.46 12.20
CA TYR A 80 -6.13 9.97 12.55
C TYR A 80 -5.13 10.44 11.50
N VAL A 81 -5.53 10.31 10.25
CA VAL A 81 -4.73 10.79 9.11
C VAL A 81 -4.48 12.30 9.20
N LYS A 82 -5.53 13.07 9.44
CA LYS A 82 -5.45 14.53 9.40
C LYS A 82 -4.76 15.11 10.63
N ASP A 83 -4.86 14.41 11.76
CA ASP A 83 -4.30 14.88 13.01
C ASP A 83 -2.79 14.74 13.03
N TYR A 84 -2.30 13.57 12.63
CA TYR A 84 -0.87 13.29 12.67
C TYR A 84 -0.17 13.79 11.40
N GLY A 85 -0.95 14.18 10.41
CA GLY A 85 -0.39 14.75 9.20
C GLY A 85 0.12 13.70 8.24
N LEU A 86 -0.73 12.76 7.90
CA LEU A 86 -0.37 11.69 6.97
C LEU A 86 -0.44 12.20 5.52
N PRO A 87 0.73 12.33 4.86
CA PRO A 87 0.82 12.85 3.51
C PRO A 87 0.77 11.76 2.43
N PHE A 88 0.03 10.70 2.69
CA PHE A 88 -0.10 9.59 1.76
C PHE A 88 -1.56 9.16 1.65
N THR A 89 -1.88 8.38 0.63
CA THR A 89 -3.25 7.98 0.36
C THR A 89 -3.72 6.92 1.35
N VAL A 90 -4.86 7.17 1.97
CA VAL A 90 -5.42 6.25 2.95
C VAL A 90 -6.80 5.78 2.50
N MET A 91 -7.06 4.49 2.66
CA MET A 91 -8.32 3.89 2.25
C MET A 91 -9.11 3.45 3.46
N TYR A 92 -10.32 2.96 3.22
CA TYR A 92 -11.16 2.42 4.29
C TYR A 92 -11.73 1.07 3.90
N ASP A 93 -11.20 0.02 4.52
CA ASP A 93 -11.65 -1.34 4.25
C ASP A 93 -12.75 -1.70 5.23
N ALA A 94 -13.99 -1.46 4.83
CA ALA A 94 -15.14 -1.65 5.70
C ALA A 94 -15.48 -3.13 5.89
N ASP A 95 -15.30 -3.93 4.84
CA ASP A 95 -15.73 -5.32 4.88
C ASP A 95 -14.60 -6.25 5.30
N LYS A 96 -13.36 -5.73 5.33
CA LYS A 96 -12.20 -6.47 5.83
C LYS A 96 -11.79 -7.59 4.84
N ALA A 97 -12.63 -7.85 3.85
CA ALA A 97 -12.39 -8.92 2.89
C ALA A 97 -11.42 -8.44 1.82
N VAL A 98 -11.34 -7.13 1.63
CA VAL A 98 -10.35 -6.55 0.75
C VAL A 98 -8.96 -6.93 1.24
N GLY A 99 -8.74 -6.71 2.53
CA GLY A 99 -7.51 -7.13 3.17
C GLY A 99 -7.30 -8.62 3.06
N GLN A 100 -8.38 -9.39 3.07
CA GLN A 100 -8.31 -10.83 2.95
C GLN A 100 -7.89 -11.24 1.54
N ALA A 101 -8.30 -10.47 0.54
CA ALA A 101 -7.93 -10.75 -0.84
C ALA A 101 -6.43 -10.56 -1.04
N PHE A 102 -5.86 -9.57 -0.39
CA PHE A 102 -4.42 -9.35 -0.45
C PHE A 102 -3.69 -10.35 0.43
N GLY A 103 -4.37 -10.83 1.46
CA GLY A 103 -3.82 -11.88 2.30
C GLY A 103 -3.24 -11.35 3.59
N THR A 104 -3.96 -10.45 4.25
CA THR A 104 -3.52 -9.89 5.51
C THR A 104 -3.56 -10.93 6.63
N GLN A 105 -2.40 -11.49 6.94
CA GLN A 105 -2.28 -12.45 8.03
C GLN A 105 -2.41 -11.73 9.36
N VAL A 106 -1.48 -10.83 9.59
CA VAL A 106 -1.43 -10.09 10.83
C VAL A 106 -1.07 -8.63 10.55
N TYR A 107 -1.70 -7.72 11.27
CA TYR A 107 -1.56 -6.30 11.01
C TYR A 107 -0.48 -5.69 11.89
N PRO A 108 0.24 -4.68 11.39
CA PRO A 108 0.04 -4.13 10.05
C PRO A 108 0.56 -5.05 8.95
N THR A 109 -0.12 -5.04 7.81
CA THR A 109 0.31 -5.86 6.68
C THR A 109 0.71 -4.96 5.52
N SER A 110 1.99 -4.96 5.20
CA SER A 110 2.51 -4.12 4.13
C SER A 110 2.92 -4.97 2.93
N VAL A 111 2.20 -4.83 1.84
CA VAL A 111 2.50 -5.57 0.62
C VAL A 111 3.14 -4.65 -0.42
N LEU A 112 4.09 -5.20 -1.15
CA LEU A 112 4.84 -4.44 -2.13
C LEU A 112 4.33 -4.73 -3.53
N ILE A 113 3.97 -3.65 -4.23
CA ILE A 113 3.45 -3.71 -5.58
C ILE A 113 4.45 -3.04 -6.52
N GLY A 114 5.12 -3.82 -7.35
CA GLY A 114 6.10 -3.27 -8.27
C GLY A 114 5.50 -2.28 -9.24
N LYS A 115 4.53 -2.75 -10.03
CA LYS A 115 3.82 -1.96 -10.99
C LYS A 115 2.68 -2.83 -11.45
N LYS A 116 1.71 -2.25 -12.14
CA LYS A 116 0.58 -2.98 -12.70
C LYS A 116 -0.46 -3.31 -11.63
N GLY A 117 -0.02 -3.92 -10.54
CA GLY A 117 -0.93 -4.32 -9.48
C GLY A 117 -0.61 -5.70 -8.94
N GLU A 118 0.47 -6.29 -9.44
CA GLU A 118 0.88 -7.63 -9.01
C GLU A 118 1.35 -7.61 -7.56
N ILE A 119 1.05 -8.68 -6.84
CA ILE A 119 1.41 -8.79 -5.43
C ILE A 119 2.79 -9.43 -5.31
N LEU A 120 3.77 -8.63 -4.95
CA LEU A 120 5.15 -9.08 -4.93
C LEU A 120 5.56 -9.59 -3.55
N LYS A 121 5.65 -8.67 -2.60
CA LYS A 121 6.19 -9.02 -1.29
C LYS A 121 5.19 -8.71 -0.19
N THR A 122 5.21 -9.49 0.88
CA THR A 122 4.30 -9.30 2.00
C THR A 122 5.05 -9.24 3.32
N TYR A 123 5.15 -8.05 3.90
CA TYR A 123 5.77 -7.86 5.21
C TYR A 123 4.71 -7.65 6.27
N VAL A 124 4.90 -8.29 7.42
CA VAL A 124 3.96 -8.15 8.52
C VAL A 124 4.66 -7.55 9.74
N GLY A 125 4.05 -6.50 10.30
CA GLY A 125 4.61 -5.87 11.49
C GLY A 125 5.76 -4.93 11.17
N GLU A 126 6.88 -5.51 10.76
CA GLU A 126 8.07 -4.74 10.43
C GLU A 126 8.55 -5.10 9.04
N PRO A 127 8.50 -4.15 8.10
CA PRO A 127 9.00 -4.37 6.74
C PRO A 127 10.52 -4.42 6.68
N ASP A 128 11.05 -5.53 6.17
CA ASP A 128 12.49 -5.69 5.96
C ASP A 128 12.99 -4.64 4.98
N PHE A 129 13.68 -3.63 5.51
CA PHE A 129 14.10 -2.48 4.71
C PHE A 129 15.18 -2.83 3.70
N GLY A 130 15.91 -3.91 3.93
CA GLY A 130 16.96 -4.28 3.00
C GLY A 130 16.39 -4.61 1.63
N LYS A 131 15.45 -5.54 1.61
CA LYS A 131 14.77 -5.91 0.38
C LYS A 131 13.66 -4.92 0.06
N LEU A 132 13.24 -4.14 1.04
CA LEU A 132 12.27 -3.08 0.83
C LEU A 132 12.85 -2.07 -0.17
N TYR A 133 14.07 -1.64 0.08
CA TYR A 133 14.74 -0.68 -0.79
C TYR A 133 15.13 -1.34 -2.12
N GLN A 134 15.61 -2.58 -2.04
CA GLN A 134 16.03 -3.32 -3.19
C GLN A 134 14.88 -3.53 -4.17
N GLU A 135 13.72 -3.88 -3.63
CA GLU A 135 12.52 -4.07 -4.42
C GLU A 135 12.11 -2.78 -5.12
N ILE A 136 12.10 -1.68 -4.37
CA ILE A 136 11.72 -0.39 -4.92
C ILE A 136 12.64 0.00 -6.09
N ASP A 137 13.94 -0.19 -5.91
CA ASP A 137 14.90 0.09 -6.98
C ASP A 137 14.68 -0.83 -8.17
N THR A 138 14.38 -2.09 -7.89
CA THR A 138 14.09 -3.06 -8.94
C THR A 138 12.88 -2.60 -9.75
N ALA A 139 11.89 -2.05 -9.08
CA ALA A 139 10.71 -1.50 -9.75
C ALA A 139 11.04 -0.16 -10.40
N TRP A 140 11.95 0.60 -9.80
CA TRP A 140 12.40 1.88 -10.35
C TRP A 140 12.92 1.69 -11.77
N ARG A 141 13.93 0.84 -11.89
CA ARG A 141 14.58 0.61 -13.17
C ARG A 141 13.84 -0.46 -13.95
N ASN A 142 13.14 -1.32 -13.22
CA ASN A 142 12.30 -2.35 -13.79
C ASN A 142 13.12 -3.31 -14.65
N SER A 143 14.32 -3.64 -14.16
CA SER A 143 15.21 -4.54 -14.88
C SER A 143 14.68 -5.97 -14.86
N ASP A 144 13.78 -6.24 -13.93
CA ASP A 144 13.09 -7.52 -13.87
C ASP A 144 11.59 -7.27 -14.02
N ALA A 145 10.84 -8.28 -14.45
CA ALA A 145 9.40 -8.13 -14.62
C ALA A 145 8.74 -7.73 -13.31
N GLU A 146 7.61 -7.03 -13.40
CA GLU A 146 6.90 -6.57 -12.21
C GLU A 146 6.59 -7.76 -11.31
N GLY A 147 5.84 -8.72 -11.86
CA GLY A 147 5.63 -9.96 -11.16
C GLY A 147 6.89 -10.79 -11.15
N HIS A 148 7.61 -10.74 -10.03
CA HIS A 148 8.93 -11.37 -9.94
C HIS A 148 8.83 -12.88 -10.06
N HIS A 149 9.98 -13.55 -10.08
CA HIS A 149 10.04 -14.97 -10.38
C HIS A 149 9.59 -15.81 -9.20
N HIS A 150 8.29 -15.77 -8.91
CA HIS A 150 7.72 -16.56 -7.84
C HIS A 150 7.24 -17.90 -8.37
N HIS A 151 8.17 -18.85 -8.42
CA HIS A 151 7.88 -20.17 -8.97
C HIS A 151 7.57 -21.17 -7.87
N HIS A 152 7.48 -20.68 -6.63
CA HIS A 152 7.12 -21.49 -5.47
C HIS A 152 8.23 -22.49 -5.11
N HIS A 153 8.25 -22.90 -3.85
CA HIS A 153 9.13 -23.98 -3.40
C HIS A 153 8.32 -25.01 -2.63
N ASP A 4 -7.40 -12.66 -9.71
CA ASP A 4 -7.64 -12.08 -8.37
C ASP A 4 -6.96 -12.93 -7.32
N SER A 5 -6.93 -12.44 -6.09
CA SER A 5 -6.10 -13.03 -5.03
C SER A 5 -4.67 -13.13 -5.53
N LYS A 6 -3.91 -12.05 -5.30
CA LYS A 6 -2.62 -11.78 -5.94
C LYS A 6 -2.85 -11.33 -7.39
N THR A 7 -1.82 -10.76 -8.00
CA THR A 7 -1.93 -10.17 -9.33
C THR A 7 -2.96 -9.03 -9.32
N ALA A 8 -3.15 -8.44 -8.13
CA ALA A 8 -4.06 -7.33 -7.91
C ALA A 8 -5.52 -7.75 -8.03
N PRO A 9 -6.31 -7.58 -6.95
CA PRO A 9 -7.73 -7.84 -6.97
C PRO A 9 -8.48 -6.83 -7.83
N ALA A 10 -9.70 -7.16 -8.21
CA ALA A 10 -10.51 -6.29 -9.04
C ALA A 10 -11.15 -5.18 -8.20
N PHE A 11 -10.33 -4.49 -7.42
CA PHE A 11 -10.83 -3.46 -6.53
C PHE A 11 -10.71 -2.08 -7.16
N SER A 12 -11.79 -1.33 -7.11
CA SER A 12 -11.77 0.08 -7.46
C SER A 12 -12.43 0.85 -6.33
N LEU A 13 -11.63 1.27 -5.38
CA LEU A 13 -12.13 1.78 -4.11
C LEU A 13 -11.81 3.27 -3.94
N PRO A 14 -12.83 4.08 -3.64
CA PRO A 14 -12.62 5.47 -3.26
C PRO A 14 -12.04 5.59 -1.85
N ASP A 15 -10.94 6.30 -1.74
CA ASP A 15 -10.33 6.54 -0.44
C ASP A 15 -11.20 7.51 0.33
N LEU A 16 -10.95 7.64 1.62
CA LEU A 16 -11.83 8.39 2.50
C LEU A 16 -11.64 9.91 2.36
N HIS A 17 -10.83 10.32 1.38
CA HIS A 17 -10.73 11.73 1.02
C HIS A 17 -11.49 12.00 -0.28
N GLY A 18 -11.79 10.94 -1.04
CA GLY A 18 -12.67 11.08 -2.19
C GLY A 18 -12.04 10.77 -3.54
N LYS A 19 -10.97 9.99 -3.59
CA LYS A 19 -10.43 9.55 -4.86
C LYS A 19 -10.55 8.04 -5.02
N THR A 20 -11.15 7.60 -6.12
CA THR A 20 -11.19 6.19 -6.42
C THR A 20 -9.84 5.73 -6.93
N VAL A 21 -9.33 4.66 -6.35
CA VAL A 21 -8.10 4.05 -6.81
C VAL A 21 -8.39 2.64 -7.30
N SER A 22 -7.72 2.24 -8.36
CA SER A 22 -7.89 0.93 -8.92
C SER A 22 -6.56 0.42 -9.47
N ASN A 23 -6.59 -0.72 -10.14
CA ASN A 23 -5.40 -1.32 -10.71
C ASN A 23 -4.80 -0.41 -11.79
N ALA A 24 -5.63 0.48 -12.33
CA ALA A 24 -5.18 1.45 -13.32
C ALA A 24 -4.19 2.44 -12.72
N ASP A 25 -4.29 2.67 -11.41
CA ASP A 25 -3.38 3.57 -10.71
C ASP A 25 -2.05 2.88 -10.43
N LEU A 26 -2.10 1.55 -10.41
CA LEU A 26 -0.95 0.74 -10.06
C LEU A 26 -0.02 0.50 -11.24
N GLN A 27 -0.61 0.31 -12.42
CA GLN A 27 0.14 -0.11 -13.59
C GLN A 27 1.24 0.88 -14.00
N GLY A 28 2.44 0.35 -14.19
CA GLY A 28 3.56 1.15 -14.66
C GLY A 28 4.38 1.74 -13.53
N LYS A 29 3.84 1.70 -12.32
CA LYS A 29 4.49 2.28 -11.17
C LYS A 29 4.37 1.35 -9.97
N VAL A 30 4.91 1.76 -8.84
CA VAL A 30 4.96 0.90 -7.67
C VAL A 30 4.08 1.48 -6.56
N THR A 31 3.51 0.61 -5.72
CA THR A 31 2.51 1.04 -4.75
C THR A 31 2.57 0.18 -3.47
N LEU A 32 2.42 0.81 -2.33
CA LEU A 32 2.33 0.10 -1.06
C LEU A 32 0.90 0.12 -0.54
N ILE A 33 0.36 -1.05 -0.24
CA ILE A 33 -0.93 -1.14 0.42
C ILE A 33 -0.75 -1.70 1.83
N ASN A 34 -1.00 -0.86 2.82
CA ASN A 34 -0.77 -1.25 4.21
C ASN A 34 -2.09 -1.36 4.95
N PHE A 35 -2.46 -2.58 5.31
CA PHE A 35 -3.68 -2.82 6.08
C PHE A 35 -3.42 -2.55 7.55
N TRP A 36 -4.15 -1.60 8.10
CA TRP A 36 -3.94 -1.20 9.48
C TRP A 36 -5.24 -0.70 10.09
N PHE A 37 -5.14 -0.18 11.29
CA PHE A 37 -6.23 0.54 11.95
C PHE A 37 -5.61 1.50 12.96
N PRO A 38 -6.22 2.68 13.16
CA PRO A 38 -5.67 3.74 14.04
C PRO A 38 -5.06 3.24 15.35
N SER A 39 -5.73 2.30 16.02
CA SER A 39 -5.26 1.81 17.31
C SER A 39 -4.14 0.78 17.19
N CYS A 40 -3.50 0.70 16.02
CA CYS A 40 -2.40 -0.24 15.82
C CYS A 40 -1.18 0.15 16.65
N PRO A 41 -0.58 -0.81 17.36
CA PRO A 41 0.63 -0.60 18.16
C PRO A 41 1.85 -0.32 17.30
N GLY A 42 1.83 -0.81 16.06
CA GLY A 42 2.96 -0.66 15.17
C GLY A 42 3.16 0.77 14.68
N CYS A 43 2.13 1.60 14.87
CA CYS A 43 2.17 2.99 14.42
C CYS A 43 3.40 3.73 14.95
N VAL A 44 3.82 3.42 16.17
CA VAL A 44 4.96 4.10 16.78
C VAL A 44 6.25 3.80 16.01
N SER A 45 6.39 2.57 15.55
CA SER A 45 7.59 2.16 14.83
C SER A 45 7.44 2.41 13.32
N GLU A 46 6.39 1.87 12.74
CA GLU A 46 6.21 1.83 11.30
C GLU A 46 5.86 3.21 10.73
N MET A 47 4.88 3.86 11.32
CA MET A 47 4.26 5.05 10.72
C MET A 47 5.25 6.19 10.44
N PRO A 48 6.14 6.57 11.39
CA PRO A 48 7.15 7.63 11.13
C PRO A 48 8.01 7.32 9.91
N LYS A 49 8.44 6.07 9.80
CA LYS A 49 9.24 5.62 8.68
C LYS A 49 8.41 5.66 7.39
N ILE A 50 7.12 5.39 7.55
CA ILE A 50 6.19 5.46 6.43
C ILE A 50 6.01 6.89 5.96
N ILE A 51 5.97 7.83 6.91
CA ILE A 51 5.82 9.26 6.59
C ILE A 51 6.92 9.69 5.61
N LYS A 52 8.16 9.40 5.98
CA LYS A 52 9.31 9.74 5.14
C LYS A 52 9.18 9.15 3.74
N THR A 53 8.93 7.85 3.69
CA THR A 53 8.89 7.12 2.43
C THR A 53 7.72 7.56 1.56
N ALA A 54 6.54 7.63 2.16
CA ALA A 54 5.32 7.93 1.44
C ALA A 54 5.31 9.35 0.90
N ASN A 55 6.01 10.25 1.58
CA ASN A 55 6.04 11.65 1.16
C ASN A 55 6.93 11.84 -0.05
N ASP A 56 8.15 11.32 0.03
CA ASP A 56 9.16 11.54 -1.00
C ASP A 56 8.77 10.93 -2.34
N TYR A 57 8.34 9.69 -2.31
CA TYR A 57 8.13 8.93 -3.54
C TYR A 57 6.84 9.32 -4.27
N LYS A 58 6.11 10.30 -3.71
CA LYS A 58 4.92 10.83 -4.37
C LYS A 58 5.26 11.34 -5.76
N ASN A 59 6.31 12.15 -5.82
CA ASN A 59 6.74 12.77 -7.06
C ASN A 59 7.84 11.93 -7.70
N LYS A 60 7.90 10.66 -7.32
CA LYS A 60 8.88 9.76 -7.87
C LYS A 60 8.20 8.67 -8.71
N ASN A 61 7.42 7.81 -8.06
CA ASN A 61 6.73 6.70 -8.74
C ASN A 61 6.06 5.74 -7.76
N PHE A 62 6.36 5.87 -6.48
CA PHE A 62 5.88 4.92 -5.49
C PHE A 62 4.64 5.50 -4.78
N GLN A 63 3.57 4.73 -4.79
CA GLN A 63 2.32 5.15 -4.18
C GLN A 63 2.11 4.48 -2.86
N VAL A 64 1.15 4.99 -2.13
CA VAL A 64 0.93 4.58 -0.77
C VAL A 64 -0.54 4.65 -0.41
N LEU A 65 -1.13 3.49 -0.20
CA LEU A 65 -2.53 3.36 0.16
C LEU A 65 -2.65 2.57 1.45
N ALA A 66 -2.78 3.29 2.56
CA ALA A 66 -2.94 2.65 3.85
C ALA A 66 -4.40 2.35 4.09
N VAL A 67 -4.78 1.10 3.91
CA VAL A 67 -6.16 0.69 4.04
C VAL A 67 -6.48 0.38 5.49
N ALA A 68 -7.25 1.26 6.11
CA ALA A 68 -7.67 1.07 7.48
C ALA A 68 -8.92 0.21 7.54
N GLN A 69 -8.78 -0.95 8.14
CA GLN A 69 -9.88 -1.88 8.29
C GLN A 69 -10.79 -1.40 9.45
N PRO A 70 -11.83 -2.16 9.87
CA PRO A 70 -12.74 -1.70 10.93
C PRO A 70 -12.06 -1.66 12.30
N ILE A 71 -12.84 -1.94 13.35
CA ILE A 71 -12.36 -1.79 14.73
C ILE A 71 -12.38 -0.30 15.10
N ASP A 72 -11.62 0.49 14.38
CA ASP A 72 -11.68 1.94 14.51
C ASP A 72 -12.58 2.50 13.41
N PRO A 73 -13.55 3.34 13.77
CA PRO A 73 -14.42 4.01 12.80
C PRO A 73 -13.63 4.84 11.78
N ILE A 74 -14.29 5.23 10.71
CA ILE A 74 -13.63 5.98 9.64
C ILE A 74 -13.20 7.36 10.14
N GLU A 75 -13.92 7.91 11.10
CA GLU A 75 -13.54 9.17 11.70
C GLU A 75 -12.29 9.01 12.55
N SER A 76 -12.09 7.82 13.09
CA SER A 76 -10.88 7.54 13.83
C SER A 76 -9.66 7.59 12.92
N VAL A 77 -9.78 7.01 11.73
CA VAL A 77 -8.66 7.01 10.79
C VAL A 77 -8.44 8.40 10.20
N ARG A 78 -9.51 9.12 9.89
CA ARG A 78 -9.39 10.46 9.33
C ARG A 78 -9.00 11.48 10.39
N GLN A 79 -9.31 11.20 11.65
CA GLN A 79 -8.78 12.01 12.74
C GLN A 79 -7.29 11.74 12.89
N TYR A 80 -6.91 10.46 12.77
CA TYR A 80 -5.53 10.04 12.89
C TYR A 80 -4.68 10.70 11.80
N VAL A 81 -5.18 10.65 10.57
CA VAL A 81 -4.49 11.24 9.42
C VAL A 81 -4.46 12.76 9.54
N LYS A 82 -5.47 13.32 10.19
CA LYS A 82 -5.56 14.75 10.41
C LYS A 82 -4.57 15.24 11.43
N ASP A 83 -4.63 14.63 12.60
CA ASP A 83 -3.87 15.09 13.76
C ASP A 83 -2.37 14.93 13.54
N TYR A 84 -1.96 13.74 13.11
CA TYR A 84 -0.54 13.46 12.92
C TYR A 84 -0.02 14.01 11.60
N GLY A 85 -0.92 14.29 10.67
CA GLY A 85 -0.51 14.79 9.37
C GLY A 85 0.06 13.69 8.50
N LEU A 86 -0.79 12.74 8.14
CA LEU A 86 -0.37 11.59 7.34
C LEU A 86 -0.40 11.93 5.85
N PRO A 87 0.78 11.96 5.20
CA PRO A 87 0.91 12.31 3.80
C PRO A 87 0.59 11.15 2.85
N PHE A 88 0.30 9.98 3.40
CA PHE A 88 -0.03 8.82 2.58
C PHE A 88 -1.53 8.64 2.52
N THR A 89 -2.03 8.28 1.33
CA THR A 89 -3.45 8.14 1.10
C THR A 89 -4.01 6.95 1.87
N VAL A 90 -5.18 7.13 2.47
CA VAL A 90 -5.78 6.09 3.29
C VAL A 90 -7.18 5.72 2.79
N MET A 91 -7.44 4.43 2.77
CA MET A 91 -8.75 3.91 2.42
C MET A 91 -9.34 3.21 3.62
N TYR A 92 -10.57 2.74 3.52
CA TYR A 92 -11.21 2.08 4.64
C TYR A 92 -11.72 0.69 4.26
N ASP A 93 -11.08 -0.32 4.83
CA ASP A 93 -11.42 -1.73 4.60
C ASP A 93 -12.56 -2.14 5.51
N ALA A 94 -13.76 -1.70 5.18
CA ALA A 94 -14.92 -1.91 6.03
C ALA A 94 -15.39 -3.36 5.98
N ASP A 95 -15.40 -3.92 4.78
CA ASP A 95 -15.89 -5.28 4.58
C ASP A 95 -14.80 -6.30 4.88
N LYS A 96 -13.56 -5.82 5.02
CA LYS A 96 -12.40 -6.67 5.30
C LYS A 96 -12.10 -7.64 4.16
N ALA A 97 -12.97 -7.69 3.15
CA ALA A 97 -12.93 -8.76 2.14
C ALA A 97 -11.86 -8.50 1.09
N VAL A 98 -11.59 -7.24 0.79
CA VAL A 98 -10.49 -6.94 -0.13
C VAL A 98 -9.17 -7.32 0.52
N GLY A 99 -9.09 -7.16 1.84
CA GLY A 99 -7.95 -7.65 2.58
C GLY A 99 -7.89 -9.15 2.59
N GLN A 100 -9.07 -9.78 2.61
CA GLN A 100 -9.18 -11.23 2.52
C GLN A 100 -8.65 -11.73 1.19
N ALA A 101 -8.93 -10.98 0.13
CA ALA A 101 -8.45 -11.31 -1.21
C ALA A 101 -6.93 -11.27 -1.28
N PHE A 102 -6.33 -10.35 -0.52
CA PHE A 102 -4.88 -10.29 -0.40
C PHE A 102 -4.35 -11.44 0.44
N GLY A 103 -5.20 -11.98 1.30
CA GLY A 103 -4.80 -13.07 2.17
C GLY A 103 -4.15 -12.55 3.44
N THR A 104 -4.46 -11.31 3.78
CA THR A 104 -3.86 -10.67 4.92
C THR A 104 -4.62 -10.99 6.20
N GLN A 105 -4.00 -11.79 7.07
CA GLN A 105 -4.60 -12.14 8.34
C GLN A 105 -3.88 -11.45 9.50
N VAL A 106 -2.62 -11.10 9.26
CA VAL A 106 -1.82 -10.42 10.28
C VAL A 106 -1.79 -8.93 10.01
N TYR A 107 -2.04 -8.13 11.05
CA TYR A 107 -2.06 -6.69 10.91
C TYR A 107 -1.18 -6.04 11.96
N PRO A 108 -0.48 -4.95 11.62
CA PRO A 108 -0.54 -4.34 10.28
C PRO A 108 0.24 -5.15 9.25
N THR A 109 -0.06 -4.93 7.98
CA THR A 109 0.61 -5.65 6.92
C THR A 109 0.86 -4.76 5.71
N SER A 110 2.12 -4.63 5.36
CA SER A 110 2.53 -3.81 4.23
C SER A 110 2.71 -4.69 2.99
N VAL A 111 1.84 -4.50 2.01
CA VAL A 111 1.88 -5.27 0.78
C VAL A 111 2.43 -4.41 -0.35
N LEU A 112 3.43 -4.93 -1.05
CA LEU A 112 4.08 -4.19 -2.12
C LEU A 112 3.60 -4.66 -3.48
N ILE A 113 3.09 -3.73 -4.25
CA ILE A 113 2.60 -4.01 -5.59
C ILE A 113 3.52 -3.36 -6.61
N GLY A 114 3.96 -4.12 -7.60
CA GLY A 114 4.87 -3.59 -8.59
C GLY A 114 4.17 -2.94 -9.75
N LYS A 115 4.87 -2.84 -10.88
CA LYS A 115 4.43 -2.03 -12.00
C LYS A 115 3.53 -2.85 -12.90
N LYS A 116 3.63 -4.16 -12.72
CA LYS A 116 2.83 -5.10 -13.45
C LYS A 116 1.44 -5.22 -12.82
N GLY A 117 1.31 -4.70 -11.61
CA GLY A 117 0.09 -4.86 -10.85
C GLY A 117 0.16 -6.10 -9.97
N GLU A 118 1.20 -6.89 -10.16
CA GLU A 118 1.37 -8.12 -9.41
C GLU A 118 1.76 -7.83 -7.96
N ILE A 119 1.30 -8.69 -7.08
CA ILE A 119 1.59 -8.59 -5.66
C ILE A 119 2.97 -9.18 -5.40
N LEU A 120 3.92 -8.31 -5.07
CA LEU A 120 5.32 -8.69 -4.98
C LEU A 120 5.71 -9.17 -3.59
N LYS A 121 5.56 -8.31 -2.60
CA LYS A 121 6.10 -8.58 -1.29
C LYS A 121 5.07 -8.31 -0.20
N THR A 122 5.20 -9.00 0.93
CA THR A 122 4.32 -8.78 2.07
C THR A 122 5.13 -8.71 3.36
N TYR A 123 4.91 -7.66 4.12
CA TYR A 123 5.53 -7.49 5.44
C TYR A 123 4.45 -7.46 6.52
N VAL A 124 4.71 -8.07 7.65
CA VAL A 124 3.77 -8.08 8.75
C VAL A 124 4.39 -7.55 10.03
N GLY A 125 3.97 -6.36 10.45
CA GLY A 125 4.49 -5.75 11.67
C GLY A 125 5.95 -5.34 11.54
N GLU A 126 6.17 -4.05 11.26
CA GLU A 126 7.52 -3.50 11.11
C GLU A 126 8.18 -4.09 9.87
N PRO A 127 8.06 -3.42 8.73
CA PRO A 127 8.58 -3.90 7.45
C PRO A 127 10.09 -3.72 7.32
N ASP A 128 10.75 -4.70 6.72
CA ASP A 128 12.17 -4.61 6.43
C ASP A 128 12.39 -3.51 5.38
N PHE A 129 12.74 -2.32 5.85
CA PHE A 129 12.95 -1.18 4.96
C PHE A 129 14.19 -1.35 4.10
N GLY A 130 15.05 -2.30 4.48
CA GLY A 130 16.20 -2.60 3.66
C GLY A 130 15.77 -3.23 2.35
N LYS A 131 14.94 -4.26 2.44
CA LYS A 131 14.42 -4.93 1.25
C LYS A 131 13.31 -4.09 0.64
N LEU A 132 12.74 -3.21 1.45
CA LEU A 132 11.74 -2.27 0.97
C LEU A 132 12.38 -1.33 -0.04
N TYR A 133 13.55 -0.79 0.31
CA TYR A 133 14.27 0.11 -0.57
C TYR A 133 14.81 -0.63 -1.79
N GLN A 134 15.40 -1.80 -1.56
CA GLN A 134 15.92 -2.61 -2.66
C GLN A 134 14.82 -3.03 -3.63
N GLU A 135 13.64 -3.32 -3.10
CA GLU A 135 12.50 -3.71 -3.92
C GLU A 135 12.06 -2.54 -4.80
N ILE A 136 11.84 -1.38 -4.19
CA ILE A 136 11.50 -0.17 -4.93
C ILE A 136 12.57 0.15 -5.97
N ASP A 137 13.82 0.02 -5.56
CA ASP A 137 14.97 0.23 -6.45
C ASP A 137 14.88 -0.67 -7.67
N THR A 138 14.47 -1.92 -7.44
CA THR A 138 14.27 -2.86 -8.53
C THR A 138 13.19 -2.36 -9.47
N ALA A 139 12.09 -1.86 -8.91
CA ALA A 139 10.99 -1.32 -9.70
C ALA A 139 11.43 -0.10 -10.51
N TRP A 140 12.42 0.61 -9.99
CA TRP A 140 12.98 1.77 -10.68
C TRP A 140 13.76 1.34 -11.92
N ARG A 141 14.73 0.46 -11.71
CA ARG A 141 15.65 0.06 -12.78
C ARG A 141 14.95 -0.79 -13.83
N ASN A 142 14.14 -1.73 -13.38
CA ASN A 142 13.50 -2.69 -14.26
C ASN A 142 12.46 -2.02 -15.15
N SER A 143 12.78 -1.94 -16.44
CA SER A 143 11.83 -1.50 -17.43
C SER A 143 10.73 -2.55 -17.57
N ASP A 144 9.58 -2.27 -16.98
CA ASP A 144 8.50 -3.23 -16.95
C ASP A 144 7.86 -3.38 -18.32
N ALA A 145 7.41 -4.59 -18.62
CA ALA A 145 6.83 -4.90 -19.92
C ALA A 145 5.53 -4.11 -20.15
N GLU A 146 5.13 -4.03 -21.41
CA GLU A 146 3.96 -3.28 -21.82
C GLU A 146 2.73 -3.65 -20.99
N GLY A 147 2.22 -2.69 -20.23
CA GLY A 147 1.12 -2.95 -19.32
C GLY A 147 -0.23 -2.75 -19.98
N HIS A 148 -1.25 -2.49 -19.16
CA HIS A 148 -2.61 -2.31 -19.66
C HIS A 148 -2.73 -1.03 -20.47
N HIS A 149 -2.82 -1.18 -21.78
CA HIS A 149 -2.95 -0.03 -22.67
C HIS A 149 -4.14 -0.24 -23.61
N HIS A 150 -4.94 0.78 -23.79
CA HIS A 150 -6.10 0.70 -24.66
C HIS A 150 -6.74 2.07 -24.83
N HIS A 151 -6.57 2.65 -26.00
CA HIS A 151 -7.25 3.90 -26.33
C HIS A 151 -8.04 3.72 -27.62
N HIS A 152 -9.32 3.44 -27.47
CA HIS A 152 -10.18 3.10 -28.59
C HIS A 152 -10.53 4.33 -29.38
N HIS A 153 -10.25 4.30 -30.66
CA HIS A 153 -10.51 5.41 -31.56
C HIS A 153 -10.80 4.88 -32.95
N ASP A 4 -7.12 -11.27 -8.44
CA ASP A 4 -7.04 -11.36 -6.97
C ASP A 4 -6.07 -12.45 -6.58
N SER A 5 -5.28 -12.20 -5.52
CA SER A 5 -4.17 -13.08 -5.16
C SER A 5 -3.21 -13.22 -6.33
N LYS A 6 -2.19 -12.35 -6.37
CA LYS A 6 -1.28 -12.22 -7.51
C LYS A 6 -1.95 -11.46 -8.65
N THR A 7 -1.14 -10.66 -9.35
CA THR A 7 -1.60 -9.90 -10.52
C THR A 7 -2.77 -8.97 -10.13
N ALA A 8 -2.74 -8.52 -8.88
CA ALA A 8 -3.70 -7.54 -8.34
C ALA A 8 -5.11 -8.12 -8.20
N PRO A 9 -5.87 -7.61 -7.23
CA PRO A 9 -7.27 -7.97 -7.04
C PRO A 9 -8.21 -7.12 -7.88
N ALA A 10 -9.47 -7.49 -7.91
CA ALA A 10 -10.49 -6.72 -8.63
C ALA A 10 -11.15 -5.73 -7.68
N PHE A 11 -10.40 -5.34 -6.65
CA PHE A 11 -10.92 -4.47 -5.61
C PHE A 11 -11.20 -3.07 -6.14
N SER A 12 -12.20 -2.43 -5.56
CA SER A 12 -12.48 -1.03 -5.84
C SER A 12 -12.94 -0.35 -4.56
N LEU A 13 -11.98 0.18 -3.82
CA LEU A 13 -12.25 0.74 -2.50
C LEU A 13 -11.96 2.24 -2.49
N PRO A 14 -12.97 3.06 -2.18
CA PRO A 14 -12.81 4.50 -2.07
C PRO A 14 -11.88 4.87 -0.93
N ASP A 15 -11.10 5.94 -1.13
CA ASP A 15 -10.19 6.41 -0.11
C ASP A 15 -10.95 7.28 0.89
N LEU A 16 -10.23 7.92 1.81
CA LEU A 16 -10.88 8.72 2.83
C LEU A 16 -11.13 10.15 2.37
N HIS A 17 -10.77 10.43 1.12
CA HIS A 17 -11.09 11.71 0.50
C HIS A 17 -12.37 11.58 -0.32
N GLY A 18 -12.53 10.47 -1.02
CA GLY A 18 -13.76 10.21 -1.72
C GLY A 18 -13.58 9.75 -3.16
N LYS A 19 -12.43 9.18 -3.49
CA LYS A 19 -12.22 8.63 -4.81
C LYS A 19 -12.05 7.12 -4.73
N THR A 20 -12.72 6.40 -5.61
CA THR A 20 -12.59 4.95 -5.67
C THR A 20 -11.19 4.56 -6.14
N VAL A 21 -10.48 3.81 -5.31
CA VAL A 21 -9.16 3.33 -5.68
C VAL A 21 -9.26 1.91 -6.22
N SER A 22 -8.69 1.68 -7.38
CA SER A 22 -8.81 0.38 -8.03
C SER A 22 -7.44 -0.15 -8.42
N ASN A 23 -7.44 -1.29 -9.11
CA ASN A 23 -6.20 -1.89 -9.60
C ASN A 23 -5.60 -1.05 -10.73
N ALA A 24 -6.44 -0.23 -11.36
CA ALA A 24 -5.98 0.67 -12.41
C ALA A 24 -5.05 1.74 -11.83
N ASP A 25 -5.27 2.07 -10.56
CA ASP A 25 -4.44 3.05 -9.86
C ASP A 25 -3.02 2.54 -9.68
N LEU A 26 -2.86 1.23 -9.75
CA LEU A 26 -1.58 0.59 -9.51
C LEU A 26 -0.67 0.65 -10.74
N GLN A 27 -1.28 0.86 -11.89
CA GLN A 27 -0.57 0.80 -13.16
C GLN A 27 0.24 2.06 -13.43
N GLY A 28 1.46 1.87 -13.93
CA GLY A 28 2.31 2.98 -14.30
C GLY A 28 3.08 3.54 -13.11
N LYS A 29 2.93 2.89 -11.96
CA LYS A 29 3.58 3.34 -10.74
C LYS A 29 3.96 2.16 -9.87
N VAL A 30 4.81 2.40 -8.89
CA VAL A 30 5.15 1.39 -7.91
C VAL A 30 4.40 1.72 -6.62
N THR A 31 3.85 0.72 -5.96
CA THR A 31 2.92 0.97 -4.88
C THR A 31 3.25 0.16 -3.62
N LEU A 32 3.01 0.75 -2.47
CA LEU A 32 3.09 0.03 -1.21
C LEU A 32 1.72 0.07 -0.55
N ILE A 33 1.04 -1.06 -0.51
CA ILE A 33 -0.27 -1.13 0.12
C ILE A 33 -0.12 -1.61 1.55
N ASN A 34 -0.39 -0.72 2.50
CA ASN A 34 -0.24 -1.05 3.91
C ASN A 34 -1.60 -1.26 4.55
N PHE A 35 -1.78 -2.42 5.17
CA PHE A 35 -3.01 -2.72 5.88
C PHE A 35 -2.85 -2.41 7.35
N TRP A 36 -3.65 -1.47 7.84
CA TRP A 36 -3.53 -0.99 9.19
C TRP A 36 -4.90 -0.68 9.77
N PHE A 37 -4.91 -0.17 11.00
CA PHE A 37 -6.13 0.27 11.66
C PHE A 37 -5.78 1.24 12.77
N PRO A 38 -6.70 2.16 13.12
CA PRO A 38 -6.47 3.13 14.19
C PRO A 38 -6.27 2.45 15.54
N SER A 39 -5.58 3.13 16.45
CA SER A 39 -5.31 2.61 17.79
C SER A 39 -4.40 1.38 17.75
N CYS A 40 -3.74 1.16 16.62
CA CYS A 40 -2.81 0.05 16.47
C CYS A 40 -1.44 0.41 17.01
N PRO A 41 -0.86 -0.46 17.86
CA PRO A 41 0.49 -0.26 18.40
C PRO A 41 1.54 -0.22 17.29
N GLY A 42 1.24 -0.87 16.18
CA GLY A 42 2.17 -0.90 15.05
C GLY A 42 2.38 0.47 14.45
N CYS A 43 1.35 1.32 14.53
CA CYS A 43 1.41 2.65 13.97
C CYS A 43 2.56 3.47 14.55
N VAL A 44 2.91 3.19 15.80
CA VAL A 44 4.03 3.87 16.43
C VAL A 44 5.32 3.59 15.67
N SER A 45 5.46 2.37 15.19
CA SER A 45 6.63 1.96 14.43
C SER A 45 6.47 2.27 12.94
N GLU A 46 5.35 1.84 12.36
CA GLU A 46 5.14 1.90 10.92
C GLU A 46 4.94 3.32 10.41
N MET A 47 4.13 4.11 11.12
CA MET A 47 3.74 5.43 10.63
C MET A 47 4.94 6.32 10.28
N PRO A 48 5.93 6.49 11.19
CA PRO A 48 7.15 7.26 10.88
C PRO A 48 7.84 6.76 9.61
N LYS A 49 7.81 5.44 9.40
CA LYS A 49 8.39 4.84 8.21
C LYS A 49 7.63 5.31 6.98
N ILE A 50 6.31 5.23 7.07
CA ILE A 50 5.44 5.56 5.96
C ILE A 50 5.53 7.05 5.62
N ILE A 51 5.65 7.89 6.65
CA ILE A 51 5.80 9.32 6.44
C ILE A 51 7.00 9.59 5.53
N LYS A 52 8.15 9.03 5.89
CA LYS A 52 9.34 9.20 5.08
C LYS A 52 9.15 8.59 3.71
N THR A 53 8.83 7.30 3.67
CA THR A 53 8.79 6.54 2.44
C THR A 53 7.78 7.10 1.44
N ALA A 54 6.58 7.42 1.91
CA ALA A 54 5.52 7.89 1.04
C ALA A 54 5.82 9.27 0.47
N ASN A 55 6.45 10.12 1.27
CA ASN A 55 6.83 11.45 0.82
C ASN A 55 8.08 11.38 -0.07
N ASP A 56 9.01 10.54 0.34
CA ASP A 56 10.30 10.37 -0.32
C ASP A 56 10.12 10.03 -1.80
N TYR A 57 9.34 9.01 -2.06
CA TYR A 57 9.16 8.52 -3.41
C TYR A 57 7.89 9.09 -4.05
N LYS A 58 7.28 10.05 -3.37
CA LYS A 58 6.09 10.74 -3.89
C LYS A 58 6.47 11.47 -5.17
N ASN A 59 7.52 12.27 -5.07
CA ASN A 59 8.05 12.99 -6.22
C ASN A 59 8.97 12.08 -7.02
N LYS A 60 8.38 11.05 -7.62
CA LYS A 60 9.16 10.04 -8.29
C LYS A 60 8.26 9.16 -9.15
N ASN A 61 7.51 8.26 -8.51
CA ASN A 61 6.66 7.29 -9.22
C ASN A 61 6.05 6.30 -8.23
N PHE A 62 6.23 6.56 -6.95
CA PHE A 62 5.81 5.60 -5.93
C PHE A 62 4.63 6.15 -5.15
N GLN A 63 3.65 5.31 -4.92
CA GLN A 63 2.47 5.69 -4.16
C GLN A 63 2.26 4.70 -3.02
N VAL A 64 1.79 5.20 -1.89
CA VAL A 64 1.51 4.35 -0.76
C VAL A 64 0.01 4.34 -0.48
N LEU A 65 -0.61 3.20 -0.72
CA LEU A 65 -2.02 3.04 -0.45
C LEU A 65 -2.21 2.43 0.93
N ALA A 66 -2.43 3.26 1.92
CA ALA A 66 -2.64 2.78 3.26
C ALA A 66 -4.10 2.46 3.46
N VAL A 67 -4.44 1.20 3.28
CA VAL A 67 -5.80 0.76 3.41
C VAL A 67 -6.08 0.38 4.85
N ALA A 68 -7.02 1.08 5.45
CA ALA A 68 -7.40 0.81 6.81
C ALA A 68 -8.51 -0.22 6.83
N GLN A 69 -8.71 -0.81 7.98
CA GLN A 69 -9.86 -1.65 8.23
C GLN A 69 -10.34 -1.30 9.62
N PRO A 70 -11.64 -1.51 9.92
CA PRO A 70 -12.37 -0.69 10.89
C PRO A 70 -11.75 -0.72 12.30
N ILE A 71 -12.23 -1.63 13.15
CA ILE A 71 -11.81 -1.70 14.55
C ILE A 71 -12.27 -0.43 15.29
N ASP A 72 -11.64 0.69 14.96
CA ASP A 72 -12.07 2.00 15.42
C ASP A 72 -12.98 2.61 14.35
N PRO A 73 -13.99 3.41 14.75
CA PRO A 73 -14.93 4.04 13.81
C PRO A 73 -14.25 4.83 12.68
N ILE A 74 -14.99 5.02 11.59
CA ILE A 74 -14.51 5.76 10.42
C ILE A 74 -14.02 7.16 10.81
N GLU A 75 -14.64 7.77 11.80
CA GLU A 75 -14.22 9.10 12.26
C GLU A 75 -12.86 9.00 12.94
N SER A 76 -12.56 7.87 13.54
CA SER A 76 -11.31 7.70 14.27
C SER A 76 -10.13 7.65 13.31
N VAL A 77 -10.24 6.83 12.28
CA VAL A 77 -9.23 6.75 11.22
C VAL A 77 -9.11 8.11 10.53
N ARG A 78 -10.24 8.79 10.48
CA ARG A 78 -10.38 10.09 9.85
C ARG A 78 -9.78 11.20 10.74
N GLN A 79 -9.80 11.01 12.04
CA GLN A 79 -9.11 11.92 12.94
C GLN A 79 -7.62 11.74 12.77
N TYR A 80 -7.21 10.48 12.65
CA TYR A 80 -5.81 10.14 12.48
C TYR A 80 -5.25 10.83 11.23
N VAL A 81 -5.95 10.67 10.11
CA VAL A 81 -5.54 11.25 8.84
C VAL A 81 -5.47 12.78 8.90
N LYS A 82 -6.41 13.40 9.61
CA LYS A 82 -6.43 14.87 9.75
C LYS A 82 -5.34 15.38 10.69
N ASP A 83 -5.31 14.80 11.89
CA ASP A 83 -4.47 15.29 12.99
C ASP A 83 -3.00 15.30 12.63
N TYR A 84 -2.51 14.20 12.08
CA TYR A 84 -1.08 14.07 11.77
C TYR A 84 -0.78 14.51 10.35
N GLY A 85 -1.82 14.95 9.63
CA GLY A 85 -1.65 15.37 8.25
C GLY A 85 -0.99 14.31 7.39
N LEU A 86 -1.63 13.16 7.31
CA LEU A 86 -1.09 12.01 6.58
C LEU A 86 -0.87 12.34 5.10
N PRO A 87 0.40 12.45 4.68
CA PRO A 87 0.77 12.87 3.32
C PRO A 87 0.78 11.70 2.33
N PHE A 88 -0.15 10.78 2.48
CA PHE A 88 -0.25 9.63 1.61
C PHE A 88 -1.71 9.19 1.48
N THR A 89 -1.99 8.45 0.43
CA THR A 89 -3.35 8.01 0.14
C THR A 89 -3.83 6.96 1.13
N VAL A 90 -4.76 7.36 1.99
CA VAL A 90 -5.35 6.46 2.96
C VAL A 90 -6.72 6.02 2.48
N MET A 91 -7.01 4.74 2.62
CA MET A 91 -8.24 4.18 2.07
C MET A 91 -9.17 3.78 3.20
N TYR A 92 -10.45 3.60 2.88
CA TYR A 92 -11.47 3.31 3.87
C TYR A 92 -11.22 2.00 4.60
N ASP A 93 -11.52 2.05 5.90
CA ASP A 93 -11.72 0.88 6.73
C ASP A 93 -12.83 -0.03 6.18
N ALA A 94 -13.73 -0.49 7.07
CA ALA A 94 -14.45 -1.79 7.07
C ALA A 94 -14.77 -2.53 5.75
N ASP A 95 -14.51 -1.95 4.61
CA ASP A 95 -14.46 -2.74 3.36
C ASP A 95 -13.18 -3.59 3.37
N LYS A 96 -12.85 -4.13 4.56
CA LYS A 96 -11.61 -4.87 4.81
C LYS A 96 -11.48 -6.11 3.91
N ALA A 97 -12.50 -6.36 3.09
CA ALA A 97 -12.52 -7.51 2.18
C ALA A 97 -11.42 -7.40 1.13
N VAL A 98 -10.98 -6.18 0.85
CA VAL A 98 -9.86 -5.98 -0.06
C VAL A 98 -8.61 -6.67 0.49
N GLY A 99 -8.45 -6.63 1.81
CA GLY A 99 -7.36 -7.34 2.46
C GLY A 99 -7.54 -8.83 2.36
N GLN A 100 -8.80 -9.24 2.36
CA GLN A 100 -9.18 -10.64 2.23
C GLN A 100 -8.89 -11.14 0.81
N ALA A 101 -8.95 -10.22 -0.16
CA ALA A 101 -8.62 -10.55 -1.54
C ALA A 101 -7.11 -10.73 -1.71
N PHE A 102 -6.34 -10.04 -0.88
CA PHE A 102 -4.89 -10.22 -0.85
C PHE A 102 -4.53 -11.47 -0.06
N GLY A 103 -5.41 -11.87 0.85
CA GLY A 103 -5.14 -13.00 1.71
C GLY A 103 -4.50 -12.59 3.02
N THR A 104 -4.14 -11.32 3.12
CA THR A 104 -3.47 -10.80 4.29
C THR A 104 -4.46 -10.53 5.42
N GLN A 105 -4.65 -11.52 6.28
CA GLN A 105 -5.53 -11.35 7.43
C GLN A 105 -4.73 -11.22 8.72
N VAL A 106 -3.42 -11.27 8.59
CA VAL A 106 -2.53 -11.00 9.71
C VAL A 106 -2.04 -9.56 9.64
N TYR A 107 -2.24 -8.83 10.74
CA TYR A 107 -1.97 -7.40 10.74
C TYR A 107 -0.93 -7.06 11.81
N PRO A 108 -0.12 -6.00 11.58
CA PRO A 108 -0.18 -5.19 10.37
C PRO A 108 0.64 -5.79 9.23
N THR A 109 0.42 -5.32 8.02
CA THR A 109 1.14 -5.87 6.88
C THR A 109 1.31 -4.85 5.76
N SER A 110 2.46 -4.89 5.09
CA SER A 110 2.73 -4.01 3.96
C SER A 110 3.01 -4.85 2.71
N VAL A 111 2.23 -4.60 1.67
CA VAL A 111 2.35 -5.35 0.42
C VAL A 111 3.01 -4.49 -0.65
N LEU A 112 3.93 -5.08 -1.40
CA LEU A 112 4.68 -4.35 -2.41
C LEU A 112 4.11 -4.65 -3.79
N ILE A 113 3.71 -3.60 -4.48
CA ILE A 113 3.15 -3.72 -5.82
C ILE A 113 4.13 -3.14 -6.83
N GLY A 114 4.40 -3.90 -7.88
CA GLY A 114 5.32 -3.42 -8.89
C GLY A 114 4.66 -2.44 -9.85
N LYS A 115 5.39 -1.99 -10.86
CA LYS A 115 4.86 -1.03 -11.82
C LYS A 115 4.26 -1.80 -12.98
N LYS A 116 3.55 -2.84 -12.60
CA LYS A 116 3.08 -3.85 -13.52
C LYS A 116 1.67 -4.30 -13.17
N GLY A 117 1.14 -3.81 -12.05
CA GLY A 117 -0.13 -4.31 -11.55
C GLY A 117 0.01 -5.68 -10.93
N GLU A 118 1.25 -6.07 -10.70
CA GLU A 118 1.56 -7.38 -10.15
C GLU A 118 1.92 -7.25 -8.68
N ILE A 119 1.60 -8.27 -7.91
CA ILE A 119 1.87 -8.29 -6.48
C ILE A 119 3.23 -8.94 -6.23
N LEU A 120 4.17 -8.13 -5.79
CA LEU A 120 5.55 -8.56 -5.64
C LEU A 120 5.79 -9.25 -4.29
N LYS A 121 5.59 -8.51 -3.21
CA LYS A 121 6.00 -8.98 -1.90
C LYS A 121 5.00 -8.62 -0.82
N THR A 122 5.18 -9.23 0.35
CA THR A 122 4.33 -8.95 1.50
C THR A 122 5.13 -9.04 2.79
N TYR A 123 5.43 -7.90 3.38
CA TYR A 123 6.16 -7.83 4.64
C TYR A 123 5.19 -7.52 5.79
N VAL A 124 5.02 -8.47 6.68
CA VAL A 124 4.14 -8.30 7.83
C VAL A 124 4.89 -7.69 9.01
N GLY A 125 4.23 -6.80 9.72
CA GLY A 125 4.84 -6.15 10.86
C GLY A 125 5.91 -5.15 10.45
N GLU A 126 6.89 -4.96 11.32
CA GLU A 126 8.01 -4.05 11.04
C GLU A 126 8.90 -4.64 9.96
N PRO A 127 8.91 -4.01 8.77
CA PRO A 127 9.66 -4.52 7.63
C PRO A 127 11.13 -4.10 7.63
N ASP A 128 12.00 -5.04 7.25
CA ASP A 128 13.42 -4.74 7.07
C ASP A 128 13.61 -3.78 5.90
N PHE A 129 13.84 -2.52 6.21
CA PHE A 129 13.94 -1.48 5.19
C PHE A 129 15.20 -1.59 4.36
N GLY A 130 16.21 -2.31 4.85
CA GLY A 130 17.43 -2.48 4.08
C GLY A 130 17.16 -3.24 2.81
N LYS A 131 16.57 -4.40 2.95
CA LYS A 131 16.20 -5.21 1.80
C LYS A 131 14.92 -4.71 1.17
N LEU A 132 14.06 -4.06 1.96
CA LEU A 132 12.83 -3.50 1.44
C LEU A 132 13.13 -2.42 0.39
N TYR A 133 14.03 -1.51 0.73
CA TYR A 133 14.39 -0.45 -0.20
C TYR A 133 15.10 -1.02 -1.42
N GLN A 134 16.08 -1.90 -1.18
CA GLN A 134 16.78 -2.57 -2.27
C GLN A 134 15.83 -3.35 -3.18
N GLU A 135 14.77 -3.88 -2.60
CA GLU A 135 13.80 -4.66 -3.35
C GLU A 135 12.81 -3.75 -4.09
N ILE A 136 12.43 -2.65 -3.45
CA ILE A 136 11.59 -1.64 -4.11
C ILE A 136 12.36 -0.99 -5.26
N ASP A 137 13.64 -0.78 -5.05
CA ASP A 137 14.52 -0.24 -6.10
C ASP A 137 14.68 -1.25 -7.23
N THR A 138 14.47 -2.52 -6.94
CA THR A 138 14.45 -3.52 -7.98
C THR A 138 13.23 -3.29 -8.87
N ALA A 139 12.16 -2.75 -8.28
CA ALA A 139 10.99 -2.36 -9.04
C ALA A 139 11.25 -1.06 -9.80
N TRP A 140 12.14 -0.23 -9.26
CA TRP A 140 12.62 0.96 -9.97
C TRP A 140 13.46 0.55 -11.17
N ARG A 141 14.48 -0.23 -10.86
CA ARG A 141 15.56 -0.60 -11.77
C ARG A 141 15.07 -1.35 -13.00
N ASN A 142 14.28 -2.38 -12.78
CA ASN A 142 13.87 -3.30 -13.84
C ASN A 142 13.16 -2.57 -14.98
N SER A 143 13.86 -2.47 -16.10
CA SER A 143 13.26 -2.03 -17.34
C SER A 143 12.51 -3.19 -17.97
N ASP A 144 11.20 -3.20 -17.79
CA ASP A 144 10.39 -4.36 -18.12
C ASP A 144 9.33 -4.02 -19.17
N ALA A 145 9.56 -2.92 -19.89
CA ALA A 145 8.65 -2.51 -20.94
C ALA A 145 9.33 -2.73 -22.29
N GLU A 146 10.42 -2.02 -22.48
CA GLU A 146 11.28 -2.22 -23.63
C GLU A 146 11.94 -3.58 -23.50
N GLY A 147 12.36 -3.90 -22.28
CA GLY A 147 12.88 -5.22 -21.99
C GLY A 147 11.76 -6.22 -21.87
N HIS A 148 11.57 -7.02 -22.91
CA HIS A 148 10.47 -7.97 -22.94
C HIS A 148 10.74 -9.15 -22.02
N HIS A 149 10.19 -9.08 -20.82
CA HIS A 149 10.37 -10.11 -19.81
C HIS A 149 9.63 -11.39 -20.22
N HIS A 150 10.35 -12.30 -20.86
CA HIS A 150 9.78 -13.59 -21.25
C HIS A 150 9.33 -14.37 -20.02
N HIS A 151 8.26 -15.12 -20.16
CA HIS A 151 7.70 -15.88 -19.05
C HIS A 151 8.04 -17.36 -19.20
N HIS A 152 7.63 -18.16 -18.22
CA HIS A 152 7.84 -19.60 -18.26
C HIS A 152 7.15 -20.28 -17.08
N HIS A 153 7.58 -19.88 -15.88
CA HIS A 153 7.24 -20.59 -14.65
C HIS A 153 7.95 -21.94 -14.67
N ASP A 4 -11.50 -11.38 -4.20
CA ASP A 4 -12.11 -11.82 -5.49
C ASP A 4 -11.07 -12.53 -6.36
N SER A 5 -10.27 -11.78 -7.09
CA SER A 5 -9.22 -12.37 -7.92
C SER A 5 -7.86 -12.25 -7.24
N LYS A 6 -6.92 -13.10 -7.63
CA LYS A 6 -5.54 -12.94 -7.20
C LYS A 6 -4.84 -12.05 -8.22
N THR A 7 -3.53 -11.85 -8.05
CA THR A 7 -2.83 -10.73 -8.70
C THR A 7 -3.57 -9.45 -8.32
N ALA A 8 -3.38 -8.37 -9.06
CA ALA A 8 -4.08 -7.13 -8.73
C ALA A 8 -5.59 -7.33 -8.96
N PRO A 9 -6.37 -7.39 -7.87
CA PRO A 9 -7.79 -7.76 -7.93
C PRO A 9 -8.66 -6.66 -8.50
N ALA A 10 -9.92 -6.99 -8.78
CA ALA A 10 -10.84 -6.03 -9.36
C ALA A 10 -11.50 -5.22 -8.26
N PHE A 11 -10.71 -4.40 -7.59
CA PHE A 11 -11.21 -3.61 -6.49
C PHE A 11 -11.33 -2.14 -6.88
N SER A 12 -12.46 -1.55 -6.56
CA SER A 12 -12.65 -0.13 -6.72
C SER A 12 -12.84 0.50 -5.35
N LEU A 13 -11.74 0.92 -4.75
CA LEU A 13 -11.76 1.38 -3.37
C LEU A 13 -11.71 2.92 -3.33
N PRO A 14 -12.73 3.53 -2.71
CA PRO A 14 -12.79 4.98 -2.52
C PRO A 14 -11.95 5.42 -1.32
N ASP A 15 -11.23 6.51 -1.51
CA ASP A 15 -10.47 7.12 -0.43
C ASP A 15 -11.41 7.72 0.60
N LEU A 16 -10.86 8.19 1.73
CA LEU A 16 -11.66 8.68 2.84
C LEU A 16 -12.64 9.80 2.43
N HIS A 17 -12.28 10.58 1.41
CA HIS A 17 -13.13 11.69 1.02
C HIS A 17 -13.93 11.37 -0.23
N GLY A 18 -13.44 10.46 -1.06
CA GLY A 18 -14.20 10.03 -2.22
C GLY A 18 -13.37 9.82 -3.47
N LYS A 19 -12.05 9.70 -3.31
CA LYS A 19 -11.17 9.42 -4.44
C LYS A 19 -11.19 7.92 -4.74
N THR A 20 -12.00 7.51 -5.70
CA THR A 20 -12.13 6.09 -6.03
C THR A 20 -11.08 5.67 -7.04
N VAL A 21 -10.30 4.65 -6.69
CA VAL A 21 -9.27 4.13 -7.58
C VAL A 21 -9.42 2.62 -7.77
N SER A 22 -8.79 2.09 -8.80
CA SER A 22 -8.84 0.66 -9.08
C SER A 22 -7.43 0.12 -9.34
N ASN A 23 -7.32 -1.14 -9.74
CA ASN A 23 -6.02 -1.76 -9.97
C ASN A 23 -5.31 -1.15 -11.17
N ALA A 24 -6.07 -0.54 -12.06
CA ALA A 24 -5.51 0.08 -13.25
C ALA A 24 -4.65 1.29 -12.89
N ASP A 25 -4.95 1.91 -11.76
CA ASP A 25 -4.19 3.06 -11.30
C ASP A 25 -2.81 2.61 -10.83
N LEU A 26 -2.72 1.38 -10.35
CA LEU A 26 -1.47 0.83 -9.85
C LEU A 26 -0.47 0.60 -10.98
N GLN A 27 -0.98 0.52 -12.20
CA GLN A 27 -0.16 0.21 -13.36
C GLN A 27 0.72 1.39 -13.75
N GLY A 28 1.99 1.11 -13.98
CA GLY A 28 2.94 2.14 -14.37
C GLY A 28 3.67 2.76 -13.19
N LYS A 29 3.05 2.71 -12.02
CA LYS A 29 3.66 3.29 -10.83
C LYS A 29 4.14 2.20 -9.89
N VAL A 30 4.60 2.62 -8.72
CA VAL A 30 4.97 1.68 -7.67
C VAL A 30 4.26 2.09 -6.39
N THR A 31 3.79 1.13 -5.61
CA THR A 31 2.91 1.43 -4.50
C THR A 31 3.13 0.50 -3.32
N LEU A 32 2.98 1.05 -2.12
CA LEU A 32 2.97 0.25 -0.90
C LEU A 32 1.59 0.33 -0.27
N ILE A 33 0.88 -0.78 -0.25
CA ILE A 33 -0.40 -0.82 0.40
C ILE A 33 -0.24 -1.39 1.80
N ASN A 34 -0.45 -0.54 2.80
CA ASN A 34 -0.28 -0.96 4.18
C ASN A 34 -1.62 -0.93 4.91
N PHE A 35 -2.07 -2.10 5.31
CA PHE A 35 -3.33 -2.26 6.01
C PHE A 35 -3.16 -1.97 7.49
N TRP A 36 -3.92 -1.03 8.01
CA TRP A 36 -3.75 -0.58 9.38
C TRP A 36 -5.08 -0.25 10.03
N PHE A 37 -5.00 0.21 11.27
CA PHE A 37 -6.15 0.68 12.01
C PHE A 37 -5.66 1.52 13.19
N PRO A 38 -6.48 2.47 13.67
CA PRO A 38 -6.14 3.25 14.86
C PRO A 38 -6.04 2.37 16.10
N SER A 39 -5.32 2.86 17.11
CA SER A 39 -5.09 2.12 18.35
C SER A 39 -4.24 0.86 18.10
N CYS A 40 -3.61 0.81 16.93
CA CYS A 40 -2.78 -0.33 16.57
C CYS A 40 -1.37 -0.16 17.11
N PRO A 41 -0.80 -1.21 17.74
CA PRO A 41 0.58 -1.19 18.24
C PRO A 41 1.59 -0.91 17.12
N GLY A 42 1.19 -1.21 15.90
CA GLY A 42 2.07 -1.03 14.76
C GLY A 42 2.06 0.38 14.22
N CYS A 43 1.11 1.21 14.64
CA CYS A 43 1.02 2.57 14.11
C CYS A 43 2.19 3.41 14.59
N VAL A 44 2.50 3.33 15.87
CA VAL A 44 3.59 4.10 16.45
C VAL A 44 4.93 3.64 15.85
N SER A 45 4.98 2.39 15.40
CA SER A 45 6.18 1.83 14.84
C SER A 45 6.30 2.13 13.34
N GLU A 46 5.24 1.87 12.58
CA GLU A 46 5.29 1.98 11.13
C GLU A 46 5.04 3.40 10.63
N MET A 47 4.08 4.09 11.23
CA MET A 47 3.63 5.39 10.73
C MET A 47 4.79 6.39 10.48
N PRO A 48 5.70 6.59 11.46
CA PRO A 48 6.86 7.49 11.27
C PRO A 48 7.65 7.15 10.01
N LYS A 49 7.90 5.87 9.79
CA LYS A 49 8.63 5.43 8.60
C LYS A 49 7.79 5.64 7.34
N ILE A 50 6.50 5.37 7.44
CA ILE A 50 5.58 5.57 6.33
C ILE A 50 5.55 7.03 5.90
N ILE A 51 5.52 7.93 6.89
CA ILE A 51 5.52 9.36 6.63
C ILE A 51 6.73 9.76 5.79
N LYS A 52 7.92 9.37 6.25
CA LYS A 52 9.15 9.72 5.56
C LYS A 52 9.20 9.11 4.16
N THR A 53 8.86 7.84 4.08
CA THR A 53 8.94 7.10 2.83
C THR A 53 7.94 7.63 1.80
N ALA A 54 6.69 7.74 2.20
CA ALA A 54 5.62 8.12 1.29
C ALA A 54 5.76 9.56 0.83
N ASN A 55 6.22 10.44 1.72
CA ASN A 55 6.34 11.86 1.41
C ASN A 55 7.52 12.10 0.48
N ASP A 56 8.54 11.26 0.62
CA ASP A 56 9.74 11.35 -0.21
C ASP A 56 9.47 10.85 -1.62
N TYR A 57 8.89 9.67 -1.73
CA TYR A 57 8.66 9.03 -3.01
C TYR A 57 7.43 9.58 -3.71
N LYS A 58 6.65 10.39 -2.98
CA LYS A 58 5.44 11.00 -3.52
C LYS A 58 5.77 11.85 -4.74
N ASN A 59 6.94 12.46 -4.71
CA ASN A 59 7.37 13.36 -5.77
C ASN A 59 8.22 12.62 -6.80
N LYS A 60 8.08 11.31 -6.83
CA LYS A 60 8.82 10.49 -7.78
C LYS A 60 7.89 9.61 -8.60
N ASN A 61 7.20 8.69 -7.93
CA ASN A 61 6.39 7.68 -8.62
C ASN A 61 5.84 6.64 -7.64
N PHE A 62 6.38 6.64 -6.43
CA PHE A 62 5.99 5.67 -5.43
C PHE A 62 5.00 6.29 -4.44
N GLN A 63 3.84 5.69 -4.34
CA GLN A 63 2.82 6.16 -3.42
C GLN A 63 2.42 5.07 -2.43
N VAL A 64 1.93 5.49 -1.29
CA VAL A 64 1.52 4.55 -0.25
C VAL A 64 0.01 4.65 -0.02
N LEU A 65 -0.65 3.51 -0.06
CA LEU A 65 -2.08 3.43 0.20
C LEU A 65 -2.30 2.77 1.55
N ALA A 66 -2.75 3.56 2.51
CA ALA A 66 -2.99 3.06 3.85
C ALA A 66 -4.45 2.68 4.01
N VAL A 67 -4.73 1.40 3.87
CA VAL A 67 -6.09 0.90 3.94
C VAL A 67 -6.44 0.50 5.36
N ALA A 68 -7.39 1.19 5.95
CA ALA A 68 -7.82 0.89 7.30
C ALA A 68 -9.05 0.00 7.28
N GLN A 69 -8.98 -1.11 7.98
CA GLN A 69 -10.12 -2.02 8.09
C GLN A 69 -10.88 -1.72 9.40
N PRO A 70 -12.15 -2.15 9.52
CA PRO A 70 -13.01 -1.77 10.64
C PRO A 70 -12.58 -2.39 11.97
N ILE A 71 -11.65 -1.75 12.64
CA ILE A 71 -11.25 -2.13 13.98
C ILE A 71 -11.59 -0.99 14.93
N ASP A 72 -11.26 0.22 14.51
CA ASP A 72 -11.65 1.43 15.22
C ASP A 72 -12.56 2.24 14.30
N PRO A 73 -13.61 2.89 14.85
CA PRO A 73 -14.54 3.73 14.07
C PRO A 73 -13.87 4.63 13.03
N ILE A 74 -14.65 5.00 12.00
CA ILE A 74 -14.13 5.79 10.89
C ILE A 74 -13.57 7.14 11.35
N GLU A 75 -14.20 7.77 12.35
CA GLU A 75 -13.66 9.02 12.91
C GLU A 75 -12.26 8.80 13.45
N SER A 76 -12.03 7.66 14.08
CA SER A 76 -10.73 7.34 14.60
C SER A 76 -9.69 7.36 13.47
N VAL A 77 -10.09 6.78 12.35
CA VAL A 77 -9.23 6.75 11.16
C VAL A 77 -9.03 8.15 10.59
N ARG A 78 -10.13 8.85 10.35
CA ARG A 78 -10.07 10.15 9.69
C ARG A 78 -9.41 11.22 10.57
N GLN A 79 -9.59 11.11 11.88
CA GLN A 79 -8.97 12.05 12.81
C GLN A 79 -7.46 11.88 12.77
N TYR A 80 -6.99 10.63 12.73
CA TYR A 80 -5.57 10.33 12.67
C TYR A 80 -4.94 11.03 11.46
N VAL A 81 -5.59 10.88 10.31
CA VAL A 81 -5.13 11.50 9.08
C VAL A 81 -5.14 13.03 9.16
N LYS A 82 -6.29 13.58 9.55
CA LYS A 82 -6.45 15.03 9.60
C LYS A 82 -5.50 15.68 10.60
N ASP A 83 -5.27 15.01 11.72
CA ASP A 83 -4.45 15.57 12.78
C ASP A 83 -2.96 15.53 12.44
N TYR A 84 -2.48 14.38 11.97
CA TYR A 84 -1.05 14.19 11.73
C TYR A 84 -0.68 14.39 10.26
N GLY A 85 -1.63 14.84 9.47
CA GLY A 85 -1.35 15.16 8.08
C GLY A 85 -1.52 13.96 7.17
N LEU A 86 -0.60 13.00 7.29
CA LEU A 86 -0.59 11.80 6.45
C LEU A 86 -0.65 12.14 4.96
N PRO A 87 0.52 12.42 4.35
CA PRO A 87 0.61 12.83 2.93
C PRO A 87 0.46 11.67 1.94
N PHE A 88 -0.07 10.56 2.42
CA PHE A 88 -0.31 9.40 1.58
C PHE A 88 -1.80 9.10 1.56
N THR A 89 -2.24 8.37 0.54
CA THR A 89 -3.66 8.12 0.35
C THR A 89 -4.17 7.09 1.35
N VAL A 90 -5.01 7.55 2.25
CA VAL A 90 -5.61 6.69 3.27
C VAL A 90 -7.01 6.29 2.85
N MET A 91 -7.34 5.02 3.03
CA MET A 91 -8.63 4.49 2.62
C MET A 91 -9.27 3.70 3.74
N TYR A 92 -10.55 3.40 3.60
CA TYR A 92 -11.27 2.65 4.60
C TYR A 92 -12.02 1.49 3.95
N ASP A 93 -11.66 0.28 4.31
CA ASP A 93 -12.31 -0.92 3.77
C ASP A 93 -13.27 -1.48 4.82
N ALA A 94 -14.55 -1.33 4.56
CA ALA A 94 -15.58 -1.76 5.51
C ALA A 94 -15.76 -3.27 5.54
N ASP A 95 -15.35 -3.94 4.48
CA ASP A 95 -15.58 -5.38 4.36
C ASP A 95 -14.29 -6.16 4.58
N LYS A 96 -13.17 -5.44 4.58
CA LYS A 96 -11.83 -6.02 4.73
C LYS A 96 -11.53 -6.87 3.50
N ALA A 97 -12.28 -6.64 2.43
CA ALA A 97 -12.19 -7.44 1.21
C ALA A 97 -10.87 -7.23 0.49
N VAL A 98 -10.33 -6.02 0.61
CA VAL A 98 -9.04 -5.71 0.02
C VAL A 98 -7.95 -6.50 0.74
N GLY A 99 -8.06 -6.53 2.07
CA GLY A 99 -7.14 -7.31 2.88
C GLY A 99 -7.32 -8.80 2.62
N GLN A 100 -8.56 -9.19 2.35
CA GLN A 100 -8.89 -10.57 2.04
C GLN A 100 -8.25 -11.02 0.73
N ALA A 101 -8.30 -10.15 -0.27
CA ALA A 101 -7.72 -10.45 -1.57
C ALA A 101 -6.20 -10.52 -1.51
N PHE A 102 -5.59 -9.53 -0.87
CA PHE A 102 -4.14 -9.45 -0.78
C PHE A 102 -3.57 -10.50 0.18
N GLY A 103 -4.37 -10.90 1.15
CA GLY A 103 -3.94 -11.96 2.07
C GLY A 103 -3.28 -11.41 3.31
N THR A 104 -3.98 -10.52 4.01
CA THR A 104 -3.46 -9.91 5.22
C THR A 104 -3.33 -10.93 6.36
N GLN A 105 -2.10 -11.35 6.63
CA GLN A 105 -1.84 -12.30 7.70
C GLN A 105 -2.08 -11.64 9.05
N VAL A 106 -1.35 -10.56 9.28
CA VAL A 106 -1.40 -9.86 10.54
C VAL A 106 -1.15 -8.37 10.30
N TYR A 107 -1.83 -7.53 11.05
CA TYR A 107 -1.76 -6.10 10.84
C TYR A 107 -0.72 -5.47 11.75
N PRO A 108 0.04 -4.47 11.25
CA PRO A 108 -0.11 -3.95 9.88
C PRO A 108 0.45 -4.90 8.82
N THR A 109 -0.14 -4.84 7.62
CA THR A 109 0.30 -5.67 6.51
C THR A 109 0.77 -4.77 5.36
N SER A 110 2.04 -4.86 5.02
CA SER A 110 2.62 -4.03 3.97
C SER A 110 2.87 -4.84 2.70
N VAL A 111 2.10 -4.55 1.66
CA VAL A 111 2.25 -5.26 0.40
C VAL A 111 2.92 -4.37 -0.65
N LEU A 112 3.76 -4.97 -1.47
CA LEU A 112 4.51 -4.25 -2.49
C LEU A 112 3.85 -4.42 -3.84
N ILE A 113 3.48 -3.29 -4.42
CA ILE A 113 2.76 -3.23 -5.67
C ILE A 113 3.71 -2.86 -6.82
N GLY A 114 3.71 -3.66 -7.87
CA GLY A 114 4.53 -3.36 -9.03
C GLY A 114 3.84 -2.42 -10.00
N LYS A 115 4.40 -2.27 -11.20
CA LYS A 115 3.85 -1.36 -12.21
C LYS A 115 2.61 -1.96 -12.89
N LYS A 116 1.73 -2.53 -12.08
CA LYS A 116 0.51 -3.17 -12.54
C LYS A 116 -0.19 -3.75 -11.32
N GLY A 117 0.62 -4.12 -10.34
CA GLY A 117 0.11 -4.63 -9.10
C GLY A 117 0.53 -6.06 -8.90
N GLU A 118 -0.29 -6.94 -9.44
CA GLU A 118 -0.07 -8.40 -9.41
C GLU A 118 0.09 -8.96 -8.00
N ILE A 119 -0.02 -8.09 -6.99
CA ILE A 119 0.23 -8.46 -5.60
C ILE A 119 1.57 -9.19 -5.49
N LEU A 120 2.64 -8.40 -5.53
CA LEU A 120 4.00 -8.93 -5.63
C LEU A 120 4.50 -9.47 -4.30
N LYS A 121 4.83 -8.57 -3.39
CA LYS A 121 5.50 -8.97 -2.16
C LYS A 121 4.66 -8.61 -0.94
N THR A 122 4.77 -9.39 0.12
CA THR A 122 3.98 -9.15 1.32
C THR A 122 4.84 -9.24 2.59
N TYR A 123 4.90 -8.14 3.31
CA TYR A 123 5.61 -8.10 4.58
C TYR A 123 4.62 -7.96 5.73
N VAL A 124 4.94 -8.58 6.86
CA VAL A 124 4.12 -8.49 8.04
C VAL A 124 4.77 -7.56 9.07
N GLY A 125 4.06 -6.51 9.45
CA GLY A 125 4.60 -5.54 10.38
C GLY A 125 5.62 -4.64 9.70
N GLU A 126 6.81 -4.56 10.28
CA GLU A 126 7.87 -3.71 9.73
C GLU A 126 8.68 -4.45 8.68
N PRO A 127 8.67 -3.94 7.44
CA PRO A 127 9.55 -4.46 6.39
C PRO A 127 10.98 -3.96 6.56
N ASP A 128 11.92 -4.89 6.69
CA ASP A 128 13.32 -4.54 6.89
C ASP A 128 13.83 -3.72 5.70
N PHE A 129 14.11 -2.45 5.96
CA PHE A 129 14.42 -1.48 4.92
C PHE A 129 15.64 -1.88 4.09
N GLY A 130 16.57 -2.59 4.70
CA GLY A 130 17.75 -3.02 3.96
C GLY A 130 17.39 -3.83 2.73
N LYS A 131 16.61 -4.88 2.93
CA LYS A 131 16.20 -5.72 1.82
C LYS A 131 15.04 -5.08 1.08
N LEU A 132 14.25 -4.28 1.80
CA LEU A 132 13.15 -3.55 1.18
C LEU A 132 13.67 -2.60 0.09
N TYR A 133 14.71 -1.84 0.44
CA TYR A 133 15.32 -0.91 -0.51
C TYR A 133 15.90 -1.65 -1.72
N GLN A 134 16.69 -2.69 -1.48
CA GLN A 134 17.32 -3.42 -2.58
C GLN A 134 16.28 -4.18 -3.42
N GLU A 135 15.21 -4.63 -2.78
CA GLU A 135 14.14 -5.35 -3.47
C GLU A 135 13.34 -4.39 -4.35
N ILE A 136 13.10 -3.19 -3.85
CA ILE A 136 12.46 -2.14 -4.65
C ILE A 136 13.40 -1.70 -5.77
N ASP A 137 14.69 -1.61 -5.44
CA ASP A 137 15.72 -1.28 -6.42
C ASP A 137 15.81 -2.37 -7.49
N THR A 138 15.46 -3.60 -7.12
CA THR A 138 15.38 -4.69 -8.08
C THR A 138 14.29 -4.39 -9.11
N ALA A 139 13.13 -3.95 -8.64
CA ALA A 139 12.04 -3.56 -9.52
C ALA A 139 12.43 -2.33 -10.33
N TRP A 140 13.27 -1.49 -9.74
CA TRP A 140 13.84 -0.34 -10.41
C TRP A 140 14.70 -0.79 -11.60
N ARG A 141 15.53 -1.80 -11.37
CA ARG A 141 16.44 -2.32 -12.39
C ARG A 141 15.69 -3.12 -13.45
N ASN A 142 14.61 -3.78 -13.04
CA ASN A 142 13.84 -4.61 -13.97
C ASN A 142 13.01 -3.74 -14.90
N SER A 143 13.59 -3.36 -16.03
CA SER A 143 12.89 -2.60 -17.03
C SER A 143 12.05 -3.52 -17.89
N ASP A 144 10.77 -3.65 -17.53
CA ASP A 144 9.84 -4.49 -18.27
C ASP A 144 9.55 -3.92 -19.65
N ALA A 145 10.24 -4.48 -20.64
CA ALA A 145 10.06 -4.12 -22.03
C ALA A 145 10.68 -5.20 -22.91
N GLU A 146 11.93 -5.50 -22.61
CA GLU A 146 12.64 -6.59 -23.27
C GLU A 146 13.67 -7.13 -22.29
N GLY A 147 13.77 -8.45 -22.19
CA GLY A 147 14.68 -9.05 -21.25
C GLY A 147 14.98 -10.50 -21.58
N HIS A 148 14.77 -10.86 -22.84
CA HIS A 148 15.03 -12.21 -23.35
C HIS A 148 14.39 -13.28 -22.46
N HIS A 149 13.10 -13.52 -22.68
CA HIS A 149 12.37 -14.53 -21.92
C HIS A 149 11.66 -15.47 -22.86
N HIS A 150 11.90 -16.77 -22.68
CA HIS A 150 11.21 -17.81 -23.43
C HIS A 150 11.26 -19.13 -22.70
N HIS A 151 10.41 -19.26 -21.69
CA HIS A 151 10.31 -20.49 -20.90
C HIS A 151 9.09 -20.41 -20.03
N HIS A 152 9.06 -19.40 -19.17
CA HIS A 152 7.86 -19.03 -18.45
C HIS A 152 7.26 -17.83 -19.17
N HIS A 153 6.81 -18.10 -20.40
CA HIS A 153 6.58 -17.08 -21.42
C HIS A 153 7.90 -16.72 -22.09
N ASP A 4 -8.13 -13.60 -2.34
CA ASP A 4 -8.91 -13.55 -3.60
C ASP A 4 -8.03 -13.78 -4.80
N SER A 5 -8.51 -13.38 -5.98
CA SER A 5 -7.76 -13.55 -7.21
C SER A 5 -6.38 -12.88 -7.11
N LYS A 6 -5.36 -13.60 -7.55
CA LYS A 6 -4.01 -13.10 -7.49
C LYS A 6 -3.69 -12.24 -8.71
N THR A 7 -2.50 -11.64 -8.71
CA THR A 7 -2.09 -10.67 -9.72
C THR A 7 -3.15 -9.59 -9.92
N ALA A 8 -3.29 -8.75 -8.90
CA ALA A 8 -4.20 -7.62 -8.89
C ALA A 8 -5.67 -8.02 -9.08
N PRO A 9 -6.47 -7.94 -8.00
CA PRO A 9 -7.88 -8.31 -8.03
C PRO A 9 -8.78 -7.20 -8.60
N ALA A 10 -8.16 -6.25 -9.28
CA ALA A 10 -8.88 -5.14 -9.94
C ALA A 10 -9.74 -4.35 -8.95
N PHE A 11 -9.33 -4.32 -7.69
CA PHE A 11 -10.09 -3.63 -6.65
C PHE A 11 -10.10 -2.12 -6.90
N SER A 12 -11.25 -1.50 -6.69
CA SER A 12 -11.39 -0.06 -6.87
C SER A 12 -12.35 0.51 -5.82
N LEU A 13 -11.81 0.98 -4.72
CA LEU A 13 -12.62 1.55 -3.65
C LEU A 13 -12.25 3.01 -3.41
N PRO A 14 -13.18 3.80 -2.85
CA PRO A 14 -12.96 5.21 -2.53
C PRO A 14 -12.13 5.39 -1.27
N ASP A 15 -11.28 6.41 -1.27
CA ASP A 15 -10.50 6.74 -0.08
C ASP A 15 -11.21 7.82 0.72
N LEU A 16 -10.58 8.28 1.80
CA LEU A 16 -11.21 9.21 2.73
C LEU A 16 -11.62 10.54 2.08
N HIS A 17 -11.00 10.86 0.94
CA HIS A 17 -11.33 12.11 0.24
C HIS A 17 -12.64 11.98 -0.51
N GLY A 18 -13.15 10.76 -0.61
CA GLY A 18 -14.40 10.53 -1.29
C GLY A 18 -14.22 10.29 -2.78
N LYS A 19 -12.99 9.98 -3.18
CA LYS A 19 -12.69 9.67 -4.56
C LYS A 19 -12.24 8.21 -4.69
N THR A 20 -12.49 7.60 -5.84
CA THR A 20 -12.21 6.19 -6.03
C THR A 20 -10.83 5.96 -6.64
N VAL A 21 -10.01 5.17 -5.95
CA VAL A 21 -8.72 4.76 -6.49
C VAL A 21 -8.87 3.36 -7.07
N SER A 22 -8.04 3.03 -8.04
CA SER A 22 -8.14 1.75 -8.71
C SER A 22 -6.76 1.15 -8.99
N ASN A 23 -6.76 0.00 -9.63
CA ASN A 23 -5.52 -0.67 -10.02
C ASN A 23 -4.82 0.11 -11.12
N ALA A 24 -5.58 0.93 -11.83
CA ALA A 24 -5.05 1.76 -12.90
C ALA A 24 -4.02 2.75 -12.37
N ASP A 25 -4.23 3.20 -11.13
CA ASP A 25 -3.34 4.16 -10.49
C ASP A 25 -1.99 3.53 -10.16
N LEU A 26 -1.98 2.21 -10.07
CA LEU A 26 -0.79 1.47 -9.65
C LEU A 26 0.17 1.26 -10.82
N GLN A 27 -0.36 1.33 -12.03
CA GLN A 27 0.41 1.01 -13.22
C GLN A 27 1.58 1.97 -13.41
N GLY A 28 2.69 1.44 -13.92
CA GLY A 28 3.84 2.26 -14.27
C GLY A 28 4.73 2.62 -13.09
N LYS A 29 4.17 2.62 -11.89
CA LYS A 29 4.90 3.04 -10.72
C LYS A 29 4.96 1.93 -9.68
N VAL A 30 5.54 2.23 -8.53
CA VAL A 30 5.57 1.28 -7.43
C VAL A 30 4.62 1.76 -6.34
N THR A 31 3.91 0.84 -5.71
CA THR A 31 2.88 1.20 -4.75
C THR A 31 3.00 0.38 -3.47
N LEU A 32 2.84 1.03 -2.34
CA LEU A 32 2.83 0.36 -1.06
C LEU A 32 1.43 0.36 -0.46
N ILE A 33 0.77 -0.79 -0.47
CA ILE A 33 -0.50 -0.94 0.21
C ILE A 33 -0.26 -1.47 1.62
N ASN A 34 -0.53 -0.66 2.62
CA ASN A 34 -0.27 -1.05 4.00
C ASN A 34 -1.56 -1.04 4.82
N PHE A 35 -1.87 -2.18 5.42
CA PHE A 35 -3.07 -2.33 6.22
C PHE A 35 -2.82 -1.97 7.68
N TRP A 36 -3.61 -1.05 8.20
CA TRP A 36 -3.47 -0.57 9.56
C TRP A 36 -4.84 -0.24 10.15
N PHE A 37 -4.84 0.32 11.35
CA PHE A 37 -6.06 0.83 11.97
C PHE A 37 -5.70 1.89 13.02
N PRO A 38 -6.57 2.91 13.18
CA PRO A 38 -6.32 4.05 14.08
C PRO A 38 -5.75 3.67 15.45
N SER A 39 -6.47 2.86 16.21
CA SER A 39 -6.07 2.55 17.59
C SER A 39 -5.03 1.43 17.63
N CYS A 40 -4.30 1.27 16.54
CA CYS A 40 -3.25 0.25 16.46
C CYS A 40 -2.02 0.71 17.25
N PRO A 41 -1.47 -0.18 18.10
CA PRO A 41 -0.25 0.10 18.86
C PRO A 41 0.95 0.36 17.94
N GLY A 42 0.83 -0.07 16.69
CA GLY A 42 1.91 0.11 15.73
C GLY A 42 2.01 1.54 15.23
N CYS A 43 1.00 2.37 15.52
CA CYS A 43 0.94 3.73 15.01
C CYS A 43 2.18 4.54 15.42
N VAL A 44 2.64 4.35 16.64
CA VAL A 44 3.78 5.09 17.16
C VAL A 44 5.04 4.78 16.33
N SER A 45 5.15 3.55 15.85
CA SER A 45 6.29 3.15 15.03
C SER A 45 6.02 3.43 13.55
N GLU A 46 4.90 2.90 13.06
CA GLU A 46 4.57 2.94 11.64
C GLU A 46 4.31 4.35 11.13
N MET A 47 3.46 5.09 11.82
CA MET A 47 2.93 6.37 11.31
C MET A 47 4.06 7.33 10.88
N PRO A 48 5.02 7.67 11.76
CA PRO A 48 6.14 8.57 11.40
C PRO A 48 7.03 7.96 10.32
N LYS A 49 7.22 6.64 10.39
CA LYS A 49 8.05 5.92 9.44
C LYS A 49 7.45 5.99 8.04
N ILE A 50 6.12 5.88 7.98
CA ILE A 50 5.39 5.99 6.72
C ILE A 50 5.61 7.35 6.08
N ILE A 51 5.48 8.40 6.88
CA ILE A 51 5.61 9.77 6.38
C ILE A 51 6.95 9.98 5.67
N LYS A 52 8.04 9.66 6.34
CA LYS A 52 9.37 9.91 5.81
C LYS A 52 9.68 9.02 4.61
N THR A 53 9.32 7.74 4.71
CA THR A 53 9.58 6.79 3.63
C THR A 53 8.77 7.15 2.39
N ALA A 54 7.49 7.46 2.60
CA ALA A 54 6.61 7.82 1.50
C ALA A 54 7.06 9.12 0.84
N ASN A 55 7.42 10.10 1.66
CA ASN A 55 7.85 11.41 1.18
C ASN A 55 9.01 11.27 0.20
N ASP A 56 9.93 10.37 0.51
CA ASP A 56 11.11 10.16 -0.31
C ASP A 56 10.75 9.55 -1.67
N TYR A 57 9.99 8.47 -1.63
CA TYR A 57 9.66 7.72 -2.85
C TYR A 57 8.62 8.43 -3.70
N LYS A 58 7.76 9.21 -3.06
CA LYS A 58 6.66 9.91 -3.74
C LYS A 58 7.19 10.86 -4.81
N ASN A 59 8.41 11.35 -4.62
CA ASN A 59 8.96 12.38 -5.49
C ASN A 59 9.36 11.87 -6.85
N LYS A 60 9.60 10.57 -6.97
CA LYS A 60 9.91 10.01 -8.28
C LYS A 60 8.65 9.43 -8.91
N ASN A 61 8.07 8.43 -8.27
CA ASN A 61 6.93 7.68 -8.83
C ASN A 61 6.51 6.53 -7.91
N PHE A 62 5.97 6.89 -6.76
CA PHE A 62 5.55 5.90 -5.78
C PHE A 62 4.18 6.25 -5.22
N GLN A 63 3.29 5.28 -5.17
CA GLN A 63 1.97 5.48 -4.63
C GLN A 63 1.87 4.83 -3.26
N VAL A 64 1.15 5.47 -2.36
CA VAL A 64 1.00 4.97 -0.99
C VAL A 64 -0.46 4.77 -0.67
N LEU A 65 -0.85 3.53 -0.43
CA LEU A 65 -2.22 3.20 -0.12
C LEU A 65 -2.31 2.61 1.28
N ALA A 66 -2.63 3.46 2.24
CA ALA A 66 -2.77 3.02 3.62
C ALA A 66 -4.23 2.64 3.88
N VAL A 67 -4.49 1.35 3.95
CA VAL A 67 -5.85 0.86 4.11
C VAL A 67 -6.14 0.54 5.56
N ALA A 68 -7.05 1.28 6.16
CA ALA A 68 -7.47 1.02 7.52
C ALA A 68 -8.52 -0.07 7.52
N GLN A 69 -8.21 -1.18 8.17
CA GLN A 69 -9.14 -2.31 8.24
C GLN A 69 -10.28 -1.99 9.20
N PRO A 70 -11.39 -2.75 9.15
CA PRO A 70 -12.61 -2.44 9.92
C PRO A 70 -12.49 -2.78 11.41
N ILE A 71 -11.49 -2.24 12.06
CA ILE A 71 -11.37 -2.34 13.50
C ILE A 71 -12.02 -1.13 14.14
N ASP A 72 -11.37 0.02 13.97
CA ASP A 72 -11.90 1.28 14.46
C ASP A 72 -12.93 1.82 13.48
N PRO A 73 -13.88 2.64 13.96
CA PRO A 73 -14.88 3.27 13.10
C PRO A 73 -14.25 4.20 12.06
N ILE A 74 -14.98 4.44 10.98
CA ILE A 74 -14.52 5.32 9.90
C ILE A 74 -14.21 6.72 10.46
N GLU A 75 -14.94 7.11 11.49
CA GLU A 75 -14.75 8.41 12.12
C GLU A 75 -13.37 8.50 12.77
N SER A 76 -12.98 7.42 13.44
CA SER A 76 -11.68 7.36 14.10
C SER A 76 -10.55 7.45 13.08
N VAL A 77 -10.78 6.88 11.90
CA VAL A 77 -9.80 6.95 10.82
C VAL A 77 -9.63 8.40 10.38
N ARG A 78 -10.74 9.10 10.22
CA ARG A 78 -10.74 10.51 9.82
C ARG A 78 -10.09 11.37 10.91
N GLN A 79 -10.30 10.99 12.16
CA GLN A 79 -9.73 11.70 13.30
C GLN A 79 -8.21 11.66 13.25
N TYR A 80 -7.65 10.51 12.91
CA TYR A 80 -6.19 10.37 12.83
C TYR A 80 -5.63 11.25 11.72
N VAL A 81 -6.30 11.29 10.57
CA VAL A 81 -5.90 12.16 9.47
C VAL A 81 -6.02 13.63 9.89
N LYS A 82 -7.04 13.93 10.67
CA LYS A 82 -7.24 15.27 11.22
C LYS A 82 -6.08 15.66 12.13
N ASP A 83 -5.85 14.82 13.12
CA ASP A 83 -4.88 15.08 14.17
C ASP A 83 -3.43 14.99 13.70
N TYR A 84 -3.12 14.03 12.84
CA TYR A 84 -1.74 13.81 12.44
C TYR A 84 -1.47 14.31 11.02
N GLY A 85 -2.48 14.89 10.38
CA GLY A 85 -2.27 15.44 9.05
C GLY A 85 -2.38 14.38 7.98
N LEU A 86 -1.27 13.68 7.78
CA LEU A 86 -1.22 12.50 6.92
C LEU A 86 -1.57 12.83 5.46
N PRO A 87 -0.53 13.11 4.64
CA PRO A 87 -0.70 13.49 3.25
C PRO A 87 -0.77 12.30 2.29
N PHE A 88 -0.73 11.09 2.83
CA PHE A 88 -0.78 9.89 1.99
C PHE A 88 -2.23 9.44 1.80
N THR A 89 -2.45 8.54 0.85
CA THR A 89 -3.78 8.08 0.53
C THR A 89 -4.28 7.06 1.56
N VAL A 90 -5.30 7.45 2.32
CA VAL A 90 -5.86 6.59 3.34
C VAL A 90 -7.22 6.05 2.90
N MET A 91 -7.36 4.75 2.93
CA MET A 91 -8.62 4.10 2.58
C MET A 91 -9.17 3.35 3.80
N TYR A 92 -10.38 2.83 3.67
CA TYR A 92 -10.98 2.07 4.75
C TYR A 92 -11.56 0.77 4.21
N ASP A 93 -11.11 -0.34 4.76
CA ASP A 93 -11.62 -1.65 4.40
C ASP A 93 -12.90 -1.90 5.20
N ALA A 94 -14.00 -2.09 4.50
CA ALA A 94 -15.30 -2.17 5.14
C ALA A 94 -15.50 -3.49 5.88
N ASP A 95 -15.10 -4.59 5.27
CA ASP A 95 -15.35 -5.92 5.84
C ASP A 95 -14.06 -6.72 5.95
N LYS A 96 -12.93 -6.02 5.82
CA LYS A 96 -11.60 -6.65 5.87
C LYS A 96 -11.39 -7.51 4.63
N ALA A 97 -12.19 -7.24 3.60
CA ALA A 97 -12.19 -8.05 2.39
C ALA A 97 -10.98 -7.73 1.52
N VAL A 98 -10.45 -6.52 1.66
CA VAL A 98 -9.26 -6.15 0.90
C VAL A 98 -8.05 -6.82 1.52
N GLY A 99 -8.03 -6.87 2.85
CA GLY A 99 -7.01 -7.61 3.56
C GLY A 99 -7.11 -9.09 3.28
N GLN A 100 -8.34 -9.58 3.22
CA GLN A 100 -8.62 -10.97 2.90
C GLN A 100 -8.27 -11.29 1.45
N ALA A 101 -8.32 -10.27 0.60
CA ALA A 101 -7.96 -10.42 -0.80
C ALA A 101 -6.48 -10.74 -0.96
N PHE A 102 -5.64 -9.97 -0.26
CA PHE A 102 -4.19 -10.16 -0.35
C PHE A 102 -3.72 -11.27 0.58
N GLY A 103 -4.46 -11.51 1.65
CA GLY A 103 -4.11 -12.57 2.57
C GLY A 103 -3.31 -12.06 3.75
N THR A 104 -3.86 -11.08 4.46
CA THR A 104 -3.20 -10.48 5.61
C THR A 104 -3.00 -11.50 6.73
N GLN A 105 -1.74 -11.83 6.98
CA GLN A 105 -1.39 -12.73 8.08
C GLN A 105 -1.45 -12.01 9.40
N VAL A 106 -0.67 -10.95 9.50
CA VAL A 106 -0.55 -10.20 10.73
C VAL A 106 -0.35 -8.73 10.41
N TYR A 107 -0.86 -7.87 11.27
CA TYR A 107 -0.84 -6.43 11.02
C TYR A 107 0.25 -5.75 11.82
N PRO A 108 0.85 -4.67 11.27
CA PRO A 108 0.49 -4.13 9.95
C PRO A 108 0.91 -5.05 8.80
N THR A 109 0.21 -4.94 7.68
CA THR A 109 0.53 -5.75 6.52
C THR A 109 0.84 -4.86 5.32
N SER A 110 2.09 -4.87 4.88
CA SER A 110 2.50 -4.02 3.78
C SER A 110 2.81 -4.84 2.53
N VAL A 111 2.01 -4.64 1.49
CA VAL A 111 2.18 -5.36 0.24
C VAL A 111 2.77 -4.45 -0.82
N LEU A 112 3.65 -5.01 -1.65
CA LEU A 112 4.34 -4.24 -2.67
C LEU A 112 3.72 -4.51 -4.03
N ILE A 113 3.33 -3.43 -4.70
CA ILE A 113 2.71 -3.51 -6.00
C ILE A 113 3.73 -3.09 -7.07
N GLY A 114 3.76 -3.83 -8.17
CA GLY A 114 4.74 -3.56 -9.21
C GLY A 114 4.27 -2.53 -10.22
N LYS A 115 4.99 -2.42 -11.32
CA LYS A 115 4.73 -1.40 -12.35
C LYS A 115 3.69 -1.95 -13.32
N LYS A 116 2.79 -2.72 -12.77
CA LYS A 116 1.91 -3.56 -13.54
C LYS A 116 0.57 -3.73 -12.85
N GLY A 117 0.60 -3.77 -11.53
CA GLY A 117 -0.59 -4.03 -10.75
C GLY A 117 -0.47 -5.37 -10.04
N GLU A 118 0.30 -6.26 -10.66
CA GLU A 118 0.59 -7.56 -10.09
C GLU A 118 1.17 -7.42 -8.69
N ILE A 119 0.76 -8.34 -7.81
CA ILE A 119 1.19 -8.32 -6.43
C ILE A 119 2.58 -8.95 -6.32
N LEU A 120 3.53 -8.20 -5.78
CA LEU A 120 4.90 -8.66 -5.70
C LEU A 120 5.22 -9.21 -4.32
N LYS A 121 5.09 -8.37 -3.31
CA LYS A 121 5.56 -8.72 -1.98
C LYS A 121 4.46 -8.58 -0.94
N THR A 122 4.65 -9.27 0.18
CA THR A 122 3.81 -9.10 1.35
C THR A 122 4.68 -9.16 2.61
N TYR A 123 4.94 -8.00 3.19
CA TYR A 123 5.69 -7.91 4.43
C TYR A 123 4.75 -7.91 5.63
N VAL A 124 5.06 -8.75 6.61
CA VAL A 124 4.28 -8.83 7.81
C VAL A 124 4.94 -8.06 8.96
N GLY A 125 4.28 -7.03 9.43
CA GLY A 125 4.82 -6.22 10.50
C GLY A 125 5.80 -5.18 10.01
N GLU A 126 7.08 -5.40 10.26
CA GLU A 126 8.12 -4.46 9.90
C GLU A 126 8.65 -4.74 8.49
N PRO A 127 8.41 -3.80 7.55
CA PRO A 127 8.96 -3.91 6.20
C PRO A 127 10.46 -3.66 6.17
N ASP A 128 11.22 -4.76 6.15
CA ASP A 128 12.68 -4.71 6.10
C ASP A 128 13.15 -3.78 4.98
N PHE A 129 13.76 -2.66 5.37
CA PHE A 129 14.17 -1.64 4.41
C PHE A 129 15.29 -2.13 3.49
N GLY A 130 16.18 -2.97 4.02
CA GLY A 130 17.28 -3.47 3.22
C GLY A 130 16.79 -4.23 2.01
N LYS A 131 15.91 -5.19 2.25
CA LYS A 131 15.35 -5.99 1.18
C LYS A 131 14.27 -5.20 0.44
N LEU A 132 13.67 -4.22 1.12
CA LEU A 132 12.71 -3.35 0.48
C LEU A 132 13.37 -2.55 -0.65
N TYR A 133 14.52 -1.96 -0.34
CA TYR A 133 15.25 -1.16 -1.32
C TYR A 133 15.71 -1.99 -2.50
N GLN A 134 16.28 -3.16 -2.22
CA GLN A 134 16.82 -4.01 -3.28
C GLN A 134 15.70 -4.63 -4.13
N GLU A 135 14.57 -4.94 -3.50
CA GLU A 135 13.48 -5.59 -4.19
C GLU A 135 12.68 -4.56 -5.00
N ILE A 136 12.61 -3.33 -4.52
CA ILE A 136 12.01 -2.25 -5.29
C ILE A 136 12.79 -2.05 -6.58
N ASP A 137 14.11 -1.99 -6.48
CA ASP A 137 14.99 -1.91 -7.66
C ASP A 137 14.80 -3.12 -8.56
N THR A 138 14.51 -4.27 -7.96
CA THR A 138 14.25 -5.48 -8.73
C THR A 138 13.09 -5.26 -9.70
N ALA A 139 11.96 -4.77 -9.19
CA ALA A 139 10.80 -4.47 -10.01
C ALA A 139 11.03 -3.20 -10.82
N TRP A 140 11.90 -2.34 -10.30
CA TRP A 140 12.25 -1.09 -10.94
C TRP A 140 12.98 -1.34 -12.26
N ARG A 141 13.69 -2.45 -12.32
CA ARG A 141 14.42 -2.84 -13.53
C ARG A 141 13.51 -3.62 -14.48
N ASN A 142 12.63 -4.44 -13.91
CA ASN A 142 11.82 -5.37 -14.70
C ASN A 142 10.53 -4.74 -15.18
N SER A 143 10.49 -4.46 -16.48
CA SER A 143 9.29 -3.93 -17.15
C SER A 143 8.86 -2.60 -16.54
N ASP A 144 9.66 -1.57 -16.80
CA ASP A 144 9.35 -0.22 -16.34
C ASP A 144 8.02 0.26 -16.90
N ALA A 145 7.79 0.00 -18.17
CA ALA A 145 6.55 0.40 -18.81
C ALA A 145 5.82 -0.82 -19.37
N GLU A 146 6.40 -1.46 -20.36
CA GLU A 146 5.79 -2.63 -20.99
C GLU A 146 6.76 -3.82 -20.90
N GLY A 147 6.29 -5.00 -21.26
CA GLY A 147 7.08 -6.21 -21.11
C GLY A 147 8.18 -6.35 -22.15
N HIS A 148 7.82 -6.63 -23.39
CA HIS A 148 8.81 -6.95 -24.43
C HIS A 148 8.22 -6.74 -25.82
N HIS A 149 7.30 -5.80 -25.92
CA HIS A 149 6.50 -5.60 -27.13
C HIS A 149 5.65 -6.83 -27.37
N HIS A 150 4.92 -7.22 -26.33
CA HIS A 150 4.05 -8.38 -26.39
C HIS A 150 2.86 -8.06 -27.29
N HIS A 151 2.37 -9.08 -27.98
CA HIS A 151 1.23 -8.92 -28.86
C HIS A 151 -0.03 -8.65 -28.06
N HIS A 152 -1.01 -8.00 -28.68
CA HIS A 152 -2.28 -7.76 -28.02
C HIS A 152 -3.10 -9.05 -28.01
N HIS A 153 -2.70 -9.97 -28.87
CA HIS A 153 -3.28 -11.31 -28.92
C HIS A 153 -2.16 -12.34 -29.07
N ASP A 4 -8.84 -13.05 -6.74
CA ASP A 4 -8.01 -12.18 -5.86
C ASP A 4 -6.62 -12.80 -5.67
N SER A 5 -5.80 -12.11 -4.88
CA SER A 5 -4.43 -12.55 -4.58
C SER A 5 -3.58 -12.64 -5.84
N LYS A 6 -2.40 -13.23 -5.71
CA LYS A 6 -1.48 -13.45 -6.81
C LYS A 6 -1.05 -12.13 -7.46
N THR A 7 -1.65 -11.82 -8.57
CA THR A 7 -1.31 -10.62 -9.31
C THR A 7 -2.52 -9.71 -9.51
N ALA A 8 -2.84 -8.97 -8.46
CA ALA A 8 -3.92 -7.98 -8.46
C ALA A 8 -5.31 -8.61 -8.56
N PRO A 9 -6.21 -8.22 -7.64
CA PRO A 9 -7.61 -8.58 -7.72
C PRO A 9 -8.41 -7.53 -8.50
N ALA A 10 -9.72 -7.68 -8.54
CA ALA A 10 -10.57 -6.68 -9.18
C ALA A 10 -11.20 -5.78 -8.12
N PHE A 11 -10.46 -4.77 -7.69
CA PHE A 11 -10.94 -3.90 -6.63
C PHE A 11 -11.17 -2.48 -7.15
N SER A 12 -12.23 -1.86 -6.67
CA SER A 12 -12.51 -0.47 -6.97
C SER A 12 -13.03 0.16 -5.68
N LEU A 13 -12.10 0.69 -4.90
CA LEU A 13 -12.38 1.08 -3.54
C LEU A 13 -12.21 2.59 -3.37
N PRO A 14 -13.28 3.28 -2.98
CA PRO A 14 -13.24 4.71 -2.69
C PRO A 14 -12.42 5.04 -1.44
N ASP A 15 -11.47 5.95 -1.58
CA ASP A 15 -10.67 6.41 -0.45
C ASP A 15 -11.58 7.07 0.58
N LEU A 16 -11.08 7.27 1.79
CA LEU A 16 -11.95 7.76 2.88
C LEU A 16 -12.43 9.18 2.62
N HIS A 17 -11.76 9.88 1.74
CA HIS A 17 -12.16 11.22 1.35
C HIS A 17 -13.23 11.16 0.25
N GLY A 18 -13.23 10.08 -0.52
CA GLY A 18 -14.28 9.87 -1.50
C GLY A 18 -13.75 9.69 -2.92
N LYS A 19 -12.45 9.57 -3.07
CA LYS A 19 -11.87 9.36 -4.40
C LYS A 19 -11.67 7.88 -4.68
N THR A 20 -12.31 7.40 -5.73
CA THR A 20 -12.26 5.99 -6.10
C THR A 20 -10.86 5.60 -6.56
N VAL A 21 -10.31 4.56 -5.95
CA VAL A 21 -9.00 4.05 -6.33
C VAL A 21 -9.15 2.61 -6.85
N SER A 22 -8.50 2.29 -7.96
CA SER A 22 -8.62 0.97 -8.55
C SER A 22 -7.30 0.54 -9.23
N ASN A 23 -7.35 -0.60 -9.93
CA ASN A 23 -6.17 -1.18 -10.56
C ASN A 23 -5.47 -0.20 -11.50
N ALA A 24 -6.24 0.58 -12.25
CA ALA A 24 -5.70 1.53 -13.22
C ALA A 24 -4.78 2.55 -12.56
N ASP A 25 -5.02 2.84 -11.29
CA ASP A 25 -4.21 3.80 -10.54
C ASP A 25 -2.85 3.21 -10.22
N LEU A 26 -2.78 1.89 -10.15
CA LEU A 26 -1.55 1.21 -9.79
C LEU A 26 -0.63 1.04 -11.00
N GLN A 27 -1.20 0.50 -12.07
CA GLN A 27 -0.43 0.12 -13.26
C GLN A 27 0.36 1.29 -13.84
N GLY A 28 1.64 1.04 -14.08
CA GLY A 28 2.54 2.05 -14.59
C GLY A 28 3.45 2.60 -13.51
N LYS A 29 2.99 2.50 -12.27
CA LYS A 29 3.72 3.02 -11.14
C LYS A 29 3.95 1.92 -10.11
N VAL A 30 4.73 2.22 -9.09
CA VAL A 30 4.95 1.25 -8.01
C VAL A 30 4.12 1.69 -6.80
N THR A 31 3.52 0.73 -6.11
CA THR A 31 2.51 1.04 -5.12
C THR A 31 2.83 0.39 -3.77
N LEU A 32 2.61 1.16 -2.70
CA LEU A 32 2.69 0.64 -1.34
C LEU A 32 1.31 0.56 -0.74
N ILE A 33 0.77 -0.63 -0.58
CA ILE A 33 -0.48 -0.78 0.13
C ILE A 33 -0.19 -1.20 1.56
N ASN A 34 -0.46 -0.31 2.48
CA ASN A 34 -0.20 -0.57 3.88
C ASN A 34 -1.50 -0.74 4.64
N PHE A 35 -1.63 -1.88 5.29
CA PHE A 35 -2.82 -2.19 6.07
C PHE A 35 -2.61 -1.74 7.50
N TRP A 36 -3.46 -0.83 7.95
CA TRP A 36 -3.34 -0.27 9.28
C TRP A 36 -4.72 0.10 9.81
N PHE A 37 -4.76 0.63 11.01
CA PHE A 37 -6.00 1.06 11.62
C PHE A 37 -5.73 2.15 12.65
N PRO A 38 -6.63 3.13 12.78
CA PRO A 38 -6.51 4.16 13.81
C PRO A 38 -6.51 3.55 15.21
N SER A 39 -5.86 4.24 16.15
CA SER A 39 -5.73 3.77 17.53
C SER A 39 -4.81 2.55 17.60
N CYS A 40 -4.00 2.35 16.56
CA CYS A 40 -3.10 1.22 16.48
C CYS A 40 -1.98 1.30 17.51
N PRO A 41 -1.61 0.17 18.13
CA PRO A 41 -0.47 0.10 19.03
C PRO A 41 0.86 0.17 18.29
N GLY A 42 0.83 -0.18 17.00
CA GLY A 42 2.03 -0.22 16.19
C GLY A 42 2.46 1.15 15.69
N CYS A 43 1.68 2.18 16.02
CA CYS A 43 1.96 3.54 15.57
C CYS A 43 3.35 4.00 15.98
N VAL A 44 3.84 3.49 17.10
CA VAL A 44 5.18 3.81 17.58
C VAL A 44 6.21 3.60 16.47
N SER A 45 6.16 2.45 15.83
CA SER A 45 7.04 2.15 14.71
C SER A 45 6.43 2.65 13.39
N GLU A 46 5.20 2.21 13.11
CA GLU A 46 4.59 2.39 11.80
C GLU A 46 4.44 3.86 11.39
N MET A 47 4.06 4.72 12.33
CA MET A 47 3.68 6.09 11.97
C MET A 47 4.82 6.85 11.26
N PRO A 48 6.00 7.05 11.91
CA PRO A 48 7.13 7.73 11.26
C PRO A 48 7.70 6.91 10.12
N LYS A 49 7.57 5.60 10.25
CA LYS A 49 8.01 4.64 9.24
C LYS A 49 7.28 4.88 7.91
N ILE A 50 5.98 5.13 7.98
CA ILE A 50 5.19 5.43 6.80
C ILE A 50 5.53 6.82 6.27
N ILE A 51 5.75 7.76 7.19
CA ILE A 51 6.06 9.14 6.82
C ILE A 51 7.29 9.20 5.92
N LYS A 52 8.39 8.60 6.36
CA LYS A 52 9.62 8.62 5.59
C LYS A 52 9.48 7.85 4.27
N THR A 53 8.96 6.64 4.36
CA THR A 53 8.86 5.76 3.19
C THR A 53 7.98 6.37 2.10
N ALA A 54 6.75 6.72 2.45
CA ALA A 54 5.78 7.17 1.46
C ALA A 54 6.14 8.53 0.87
N ASN A 55 6.74 9.40 1.68
CA ASN A 55 7.09 10.75 1.23
C ASN A 55 8.32 10.72 0.33
N ASP A 56 9.30 9.90 0.69
CA ASP A 56 10.55 9.85 -0.06
C ASP A 56 10.34 9.20 -1.42
N TYR A 57 9.59 8.12 -1.44
CA TYR A 57 9.34 7.39 -2.67
C TYR A 57 8.32 8.10 -3.55
N LYS A 58 7.67 9.12 -3.01
CA LYS A 58 6.64 9.86 -3.74
C LYS A 58 7.20 10.42 -5.05
N ASN A 59 8.50 10.67 -5.08
CA ASN A 59 9.17 11.22 -6.25
C ASN A 59 9.94 10.13 -7.01
N LYS A 60 9.67 8.88 -6.70
CA LYS A 60 10.28 7.75 -7.40
C LYS A 60 9.24 7.00 -8.24
N ASN A 61 8.16 7.69 -8.60
CA ASN A 61 7.04 7.07 -9.34
C ASN A 61 6.31 6.07 -8.43
N PHE A 62 6.55 6.21 -7.15
CA PHE A 62 5.95 5.33 -6.16
C PHE A 62 4.75 6.03 -5.53
N GLN A 63 3.87 5.29 -4.88
CA GLN A 63 2.68 5.89 -4.31
C GLN A 63 2.19 5.14 -3.08
N VAL A 64 1.52 5.87 -2.21
CA VAL A 64 1.00 5.35 -0.95
C VAL A 64 -0.49 5.06 -1.05
N LEU A 65 -0.86 3.83 -0.72
CA LEU A 65 -2.25 3.47 -0.55
C LEU A 65 -2.41 2.77 0.80
N ALA A 66 -2.76 3.54 1.81
CA ALA A 66 -2.88 3.01 3.16
C ALA A 66 -4.32 2.76 3.51
N VAL A 67 -4.73 1.50 3.45
CA VAL A 67 -6.12 1.15 3.70
C VAL A 67 -6.33 0.69 5.14
N ALA A 68 -7.29 1.31 5.81
CA ALA A 68 -7.60 0.96 7.19
C ALA A 68 -8.74 -0.03 7.24
N GLN A 69 -8.59 -1.04 8.08
CA GLN A 69 -9.66 -2.01 8.29
C GLN A 69 -10.48 -1.59 9.53
N PRO A 70 -11.71 -2.11 9.70
CA PRO A 70 -12.68 -1.59 10.69
C PRO A 70 -12.35 -1.97 12.14
N ILE A 71 -11.14 -1.67 12.58
CA ILE A 71 -10.80 -1.80 13.99
C ILE A 71 -11.26 -0.54 14.71
N ASP A 72 -11.31 0.55 13.96
CA ASP A 72 -11.85 1.82 14.44
C ASP A 72 -12.67 2.43 13.31
N PRO A 73 -13.87 2.96 13.61
CA PRO A 73 -14.81 3.51 12.60
C PRO A 73 -14.18 4.52 11.65
N ILE A 74 -14.89 4.77 10.55
CA ILE A 74 -14.45 5.71 9.51
C ILE A 74 -14.20 7.11 10.09
N GLU A 75 -15.01 7.50 11.07
CA GLU A 75 -14.85 8.79 11.71
C GLU A 75 -13.54 8.85 12.49
N SER A 76 -13.17 7.72 13.07
CA SER A 76 -11.95 7.61 13.86
C SER A 76 -10.71 7.83 13.00
N VAL A 77 -10.66 7.16 11.85
CA VAL A 77 -9.50 7.27 10.97
C VAL A 77 -9.40 8.69 10.38
N ARG A 78 -10.56 9.31 10.14
CA ARG A 78 -10.60 10.68 9.65
C ARG A 78 -10.07 11.65 10.70
N GLN A 79 -10.37 11.38 11.97
CA GLN A 79 -9.86 12.19 13.05
C GLN A 79 -8.35 11.96 13.18
N TYR A 80 -7.94 10.72 12.96
CA TYR A 80 -6.54 10.34 13.08
C TYR A 80 -5.69 11.07 12.03
N VAL A 81 -6.10 11.01 10.77
CA VAL A 81 -5.40 11.68 9.69
C VAL A 81 -5.36 13.19 9.93
N LYS A 82 -6.39 13.70 10.60
CA LYS A 82 -6.47 15.11 10.96
C LYS A 82 -5.45 15.47 12.04
N ASP A 83 -5.51 14.75 13.14
CA ASP A 83 -4.68 15.04 14.31
C ASP A 83 -3.20 14.81 14.04
N TYR A 84 -2.88 13.65 13.47
CA TYR A 84 -1.50 13.29 13.22
C TYR A 84 -0.96 13.92 11.94
N GLY A 85 -1.88 14.35 11.08
CA GLY A 85 -1.50 15.01 9.85
C GLY A 85 -0.83 14.08 8.86
N LEU A 86 -1.57 13.09 8.39
CA LEU A 86 -1.05 12.14 7.41
C LEU A 86 -1.27 12.67 5.99
N PRO A 87 -0.19 13.05 5.30
CA PRO A 87 -0.27 13.60 3.95
C PRO A 87 -0.21 12.54 2.85
N PHE A 88 -0.58 11.32 3.19
CA PHE A 88 -0.58 10.22 2.21
C PHE A 88 -1.98 9.66 2.08
N THR A 89 -2.27 9.05 0.94
CA THR A 89 -3.61 8.58 0.62
C THR A 89 -4.03 7.42 1.52
N VAL A 90 -5.15 7.60 2.22
CA VAL A 90 -5.66 6.59 3.14
C VAL A 90 -7.08 6.18 2.75
N MET A 91 -7.35 4.88 2.76
CA MET A 91 -8.67 4.37 2.44
C MET A 91 -9.25 3.65 3.65
N TYR A 92 -10.49 3.21 3.53
CA TYR A 92 -11.17 2.49 4.61
C TYR A 92 -11.96 1.31 4.04
N ASP A 93 -11.59 0.11 4.44
CA ASP A 93 -12.30 -1.09 4.02
C ASP A 93 -13.17 -1.59 5.16
N ALA A 94 -14.48 -1.53 4.99
CA ALA A 94 -15.42 -1.87 6.05
C ALA A 94 -15.50 -3.37 6.32
N ASP A 95 -14.98 -4.19 5.41
CA ASP A 95 -15.12 -5.64 5.55
C ASP A 95 -13.77 -6.32 5.57
N LYS A 96 -12.70 -5.52 5.47
CA LYS A 96 -11.34 -6.04 5.30
C LYS A 96 -11.22 -6.75 3.96
N ALA A 97 -12.19 -6.54 3.08
CA ALA A 97 -12.38 -7.38 1.90
C ALA A 97 -11.20 -7.30 0.93
N VAL A 98 -10.69 -6.11 0.65
CA VAL A 98 -9.57 -6.01 -0.29
C VAL A 98 -8.29 -6.48 0.38
N GLY A 99 -8.21 -6.33 1.70
CA GLY A 99 -7.08 -6.87 2.44
C GLY A 99 -7.14 -8.37 2.53
N GLN A 100 -8.36 -8.87 2.62
CA GLN A 100 -8.61 -10.29 2.60
C GLN A 100 -8.39 -10.85 1.20
N ALA A 101 -8.58 -10.00 0.20
CA ALA A 101 -8.32 -10.35 -1.19
C ALA A 101 -6.81 -10.38 -1.47
N PHE A 102 -6.05 -9.68 -0.65
CA PHE A 102 -4.59 -9.69 -0.78
C PHE A 102 -3.98 -10.83 0.01
N GLY A 103 -4.71 -11.31 1.01
CA GLY A 103 -4.24 -12.44 1.78
C GLY A 103 -3.47 -12.02 3.02
N THR A 104 -4.15 -11.34 3.93
CA THR A 104 -3.52 -10.86 5.16
C THR A 104 -3.93 -11.71 6.35
N GLN A 105 -2.93 -12.21 7.08
CA GLN A 105 -3.19 -12.97 8.30
C GLN A 105 -3.30 -12.04 9.49
N VAL A 106 -2.32 -11.17 9.64
CA VAL A 106 -2.27 -10.27 10.77
C VAL A 106 -1.67 -8.93 10.36
N TYR A 107 -2.11 -7.87 11.01
CA TYR A 107 -1.69 -6.51 10.66
C TYR A 107 -0.70 -5.99 11.71
N PRO A 108 0.08 -4.93 11.38
CA PRO A 108 0.03 -4.27 10.07
C PRO A 108 0.68 -5.07 8.95
N THR A 109 0.41 -4.68 7.71
CA THR A 109 0.98 -5.36 6.56
C THR A 109 1.40 -4.35 5.49
N SER A 110 2.61 -4.52 4.97
CA SER A 110 3.12 -3.62 3.93
C SER A 110 3.25 -4.39 2.61
N VAL A 111 2.43 -4.03 1.64
CA VAL A 111 2.40 -4.75 0.37
C VAL A 111 3.06 -3.95 -0.75
N LEU A 112 3.93 -4.62 -1.49
CA LEU A 112 4.62 -4.01 -2.63
C LEU A 112 3.98 -4.50 -3.92
N ILE A 113 3.58 -3.55 -4.77
CA ILE A 113 2.93 -3.87 -6.03
C ILE A 113 3.77 -3.34 -7.20
N GLY A 114 3.83 -4.12 -8.27
CA GLY A 114 4.64 -3.75 -9.43
C GLY A 114 3.91 -2.86 -10.41
N LYS A 115 4.49 -2.72 -11.60
CA LYS A 115 4.00 -1.78 -12.62
C LYS A 115 2.79 -2.34 -13.36
N LYS A 116 2.62 -3.65 -13.32
CA LYS A 116 1.51 -4.28 -14.00
C LYS A 116 0.40 -4.57 -13.00
N GLY A 117 0.68 -4.26 -11.75
CA GLY A 117 -0.27 -4.51 -10.69
C GLY A 117 0.03 -5.81 -9.97
N GLU A 118 1.21 -6.36 -10.22
CA GLU A 118 1.60 -7.62 -9.60
C GLU A 118 1.80 -7.43 -8.12
N ILE A 119 1.07 -8.19 -7.32
CA ILE A 119 1.26 -8.18 -5.89
C ILE A 119 2.55 -8.92 -5.57
N LEU A 120 3.64 -8.19 -5.46
CA LEU A 120 4.96 -8.76 -5.34
C LEU A 120 5.20 -9.32 -3.95
N LYS A 121 5.34 -8.44 -2.99
CA LYS A 121 5.74 -8.83 -1.65
C LYS A 121 4.76 -8.37 -0.59
N THR A 122 4.59 -9.19 0.42
CA THR A 122 3.78 -8.85 1.57
C THR A 122 4.60 -8.89 2.84
N TYR A 123 4.95 -7.73 3.34
CA TYR A 123 5.70 -7.63 4.58
C TYR A 123 4.75 -7.67 5.76
N VAL A 124 4.69 -8.81 6.44
CA VAL A 124 3.83 -8.96 7.59
C VAL A 124 4.53 -8.42 8.84
N GLY A 125 4.02 -7.30 9.33
CA GLY A 125 4.62 -6.68 10.50
C GLY A 125 5.76 -5.75 10.14
N GLU A 126 6.95 -6.08 10.60
CA GLU A 126 8.11 -5.22 10.42
C GLU A 126 9.02 -5.77 9.32
N PRO A 127 9.18 -5.00 8.23
CA PRO A 127 10.11 -5.35 7.15
C PRO A 127 11.52 -4.85 7.41
N ASP A 128 12.30 -4.75 6.34
CA ASP A 128 13.67 -4.24 6.44
C ASP A 128 13.85 -3.07 5.49
N PHE A 129 14.28 -1.93 6.02
CA PHE A 129 14.41 -0.71 5.22
C PHE A 129 15.50 -0.86 4.16
N GLY A 130 16.58 -1.54 4.50
CA GLY A 130 17.68 -1.70 3.55
C GLY A 130 17.27 -2.50 2.35
N LYS A 131 16.68 -3.67 2.58
CA LYS A 131 16.23 -4.52 1.48
C LYS A 131 15.09 -3.86 0.73
N LEU A 132 14.35 -3.00 1.42
CA LEU A 132 13.24 -2.29 0.81
C LEU A 132 13.74 -1.42 -0.33
N TYR A 133 14.81 -0.67 -0.08
CA TYR A 133 15.39 0.20 -1.09
C TYR A 133 15.89 -0.61 -2.28
N GLN A 134 16.75 -1.59 -2.02
CA GLN A 134 17.36 -2.36 -3.10
C GLN A 134 16.32 -3.20 -3.85
N GLU A 135 15.30 -3.69 -3.16
CA GLU A 135 14.29 -4.52 -3.78
C GLU A 135 13.40 -3.70 -4.72
N ILE A 136 12.96 -2.53 -4.25
CA ILE A 136 12.17 -1.64 -5.09
C ILE A 136 13.02 -1.11 -6.24
N ASP A 137 14.30 -0.87 -5.98
CA ASP A 137 15.23 -0.45 -7.01
C ASP A 137 15.36 -1.52 -8.08
N THR A 138 15.55 -2.76 -7.65
CA THR A 138 15.61 -3.88 -8.58
C THR A 138 14.35 -3.93 -9.44
N ALA A 139 13.24 -3.56 -8.85
CA ALA A 139 11.94 -3.59 -9.52
C ALA A 139 11.82 -2.49 -10.57
N TRP A 140 12.67 -1.46 -10.49
CA TRP A 140 12.65 -0.39 -11.50
C TRP A 140 12.85 -0.98 -12.89
N ARG A 141 13.95 -1.68 -13.05
CA ARG A 141 14.30 -2.30 -14.32
C ARG A 141 13.70 -3.70 -14.44
N ASN A 142 14.05 -4.55 -13.48
CA ASN A 142 13.75 -5.97 -13.56
C ASN A 142 12.37 -6.28 -13.00
N SER A 143 11.38 -6.25 -13.87
CA SER A 143 10.05 -6.71 -13.51
C SER A 143 9.75 -8.00 -14.27
N ASP A 144 10.31 -9.09 -13.77
CA ASP A 144 10.26 -10.36 -14.47
C ASP A 144 10.09 -11.51 -13.46
N ALA A 145 9.82 -12.71 -13.96
CA ALA A 145 9.61 -13.87 -13.10
C ALA A 145 10.95 -14.43 -12.62
N GLU A 146 12.03 -13.79 -13.05
CA GLU A 146 13.39 -14.21 -12.67
C GLU A 146 13.75 -13.68 -11.28
N GLY A 147 12.78 -13.06 -10.62
CA GLY A 147 13.03 -12.48 -9.30
C GLY A 147 13.47 -13.51 -8.28
N HIS A 148 12.63 -14.49 -8.00
CA HIS A 148 12.93 -15.56 -7.06
C HIS A 148 12.39 -16.89 -7.55
N HIS A 149 13.19 -17.93 -7.43
CA HIS A 149 12.76 -19.27 -7.84
C HIS A 149 12.12 -20.01 -6.68
N HIS A 150 12.11 -19.38 -5.52
CA HIS A 150 11.37 -19.91 -4.38
C HIS A 150 10.03 -19.20 -4.28
N HIS A 151 8.95 -19.97 -4.40
CA HIS A 151 7.62 -19.39 -4.45
C HIS A 151 7.15 -18.97 -3.06
N HIS A 152 7.60 -17.80 -2.65
CA HIS A 152 7.14 -17.19 -1.41
C HIS A 152 6.48 -15.86 -1.72
N HIS A 153 6.07 -15.14 -0.69
CA HIS A 153 5.41 -13.87 -0.88
C HIS A 153 5.77 -12.93 0.26
N ASP A 4 -10.38 -8.78 -5.62
CA ASP A 4 -8.92 -8.93 -5.77
C ASP A 4 -8.45 -10.20 -5.07
N SER A 5 -7.15 -10.48 -5.16
CA SER A 5 -6.54 -11.67 -4.58
C SER A 5 -5.01 -11.49 -4.60
N LYS A 6 -4.46 -11.54 -5.80
CA LYS A 6 -3.05 -11.29 -6.03
C LYS A 6 -2.85 -10.98 -7.51
N THR A 7 -1.96 -10.04 -7.82
CA THR A 7 -1.71 -9.63 -9.20
C THR A 7 -2.92 -8.86 -9.75
N ALA A 8 -3.59 -8.16 -8.83
CA ALA A 8 -4.69 -7.24 -9.13
C ALA A 8 -5.86 -7.89 -9.87
N PRO A 9 -6.53 -8.88 -9.25
CA PRO A 9 -7.84 -9.39 -9.72
C PRO A 9 -8.98 -8.41 -9.42
N ALA A 10 -8.70 -7.12 -9.60
CA ALA A 10 -9.69 -6.05 -9.47
C ALA A 10 -10.06 -5.73 -8.02
N PHE A 11 -9.67 -4.53 -7.59
CA PHE A 11 -10.09 -3.99 -6.31
C PHE A 11 -10.37 -2.50 -6.46
N SER A 12 -11.51 -2.05 -5.96
CA SER A 12 -11.88 -0.65 -6.07
C SER A 12 -12.73 -0.22 -4.88
N LEU A 13 -12.11 0.49 -3.95
CA LEU A 13 -12.82 1.00 -2.78
C LEU A 13 -12.72 2.52 -2.75
N PRO A 14 -13.65 3.20 -2.05
CA PRO A 14 -13.60 4.65 -1.92
C PRO A 14 -12.58 5.10 -0.88
N ASP A 15 -12.03 6.29 -1.07
CA ASP A 15 -11.09 6.87 -0.13
C ASP A 15 -11.86 7.51 1.03
N LEU A 16 -11.15 8.03 2.02
CA LEU A 16 -11.76 8.63 3.19
C LEU A 16 -12.72 9.78 2.83
N HIS A 17 -12.47 10.42 1.70
CA HIS A 17 -13.34 11.51 1.25
C HIS A 17 -14.45 10.97 0.35
N GLY A 18 -14.12 10.04 -0.53
CA GLY A 18 -15.14 9.43 -1.37
C GLY A 18 -14.66 9.13 -2.78
N LYS A 19 -13.40 9.36 -3.06
CA LYS A 19 -12.85 9.06 -4.38
C LYS A 19 -12.58 7.57 -4.51
N THR A 20 -13.11 6.96 -5.55
CA THR A 20 -12.84 5.56 -5.81
C THR A 20 -11.37 5.37 -6.18
N VAL A 21 -10.73 4.41 -5.54
CA VAL A 21 -9.35 4.10 -5.84
C VAL A 21 -9.27 2.64 -6.33
N SER A 22 -8.47 2.39 -7.35
CA SER A 22 -8.44 1.07 -7.96
C SER A 22 -7.03 0.63 -8.31
N ASN A 23 -6.93 -0.54 -8.92
CA ASN A 23 -5.66 -1.07 -9.41
C ASN A 23 -5.19 -0.28 -10.63
N ALA A 24 -6.12 0.37 -11.30
CA ALA A 24 -5.79 1.19 -12.47
C ALA A 24 -4.91 2.38 -12.08
N ASP A 25 -5.11 2.86 -10.86
CA ASP A 25 -4.34 3.99 -10.33
C ASP A 25 -2.86 3.60 -10.20
N LEU A 26 -2.61 2.31 -10.10
CA LEU A 26 -1.28 1.78 -9.79
C LEU A 26 -0.42 1.66 -11.05
N GLN A 27 -1.07 1.62 -12.20
CA GLN A 27 -0.38 1.36 -13.47
C GLN A 27 0.70 2.39 -13.78
N GLY A 28 1.95 1.96 -13.76
CA GLY A 28 3.04 2.81 -14.16
C GLY A 28 3.98 3.17 -13.03
N LYS A 29 3.51 3.03 -11.80
CA LYS A 29 4.31 3.42 -10.65
C LYS A 29 4.45 2.26 -9.67
N VAL A 30 5.33 2.43 -8.69
CA VAL A 30 5.61 1.40 -7.70
C VAL A 30 4.89 1.72 -6.40
N THR A 31 4.08 0.81 -5.93
CA THR A 31 3.06 1.14 -4.94
C THR A 31 3.27 0.44 -3.60
N LEU A 32 2.96 1.16 -2.53
CA LEU A 32 2.91 0.58 -1.20
C LEU A 32 1.48 0.57 -0.70
N ILE A 33 0.91 -0.61 -0.57
CA ILE A 33 -0.40 -0.74 0.07
C ILE A 33 -0.19 -1.17 1.52
N ASN A 34 -0.51 -0.26 2.43
CA ASN A 34 -0.31 -0.51 3.85
C ASN A 34 -1.64 -0.62 4.56
N PHE A 35 -1.85 -1.74 5.22
CA PHE A 35 -3.07 -1.96 5.99
C PHE A 35 -2.85 -1.60 7.45
N TRP A 36 -3.62 -0.64 7.93
CA TRP A 36 -3.49 -0.16 9.30
C TRP A 36 -4.85 0.28 9.84
N PHE A 37 -4.87 0.65 11.11
CA PHE A 37 -6.05 1.19 11.73
C PHE A 37 -5.63 2.07 12.90
N PRO A 38 -6.36 3.17 13.15
CA PRO A 38 -6.03 4.19 14.15
C PRO A 38 -5.44 3.63 15.46
N SER A 39 -6.24 2.90 16.22
CA SER A 39 -5.78 2.35 17.50
C SER A 39 -4.88 1.13 17.32
N CYS A 40 -3.80 1.30 16.58
CA CYS A 40 -2.84 0.23 16.39
C CYS A 40 -1.48 0.61 16.96
N PRO A 41 -0.87 -0.29 17.74
CA PRO A 41 0.47 -0.07 18.29
C PRO A 41 1.52 0.14 17.21
N GLY A 42 1.22 -0.30 16.00
CA GLY A 42 2.15 -0.15 14.90
C GLY A 42 2.28 1.29 14.42
N CYS A 43 1.27 2.11 14.70
CA CYS A 43 1.24 3.49 14.25
C CYS A 43 2.42 4.28 14.81
N VAL A 44 2.82 3.98 16.04
CA VAL A 44 3.90 4.72 16.67
C VAL A 44 5.23 4.49 15.96
N SER A 45 5.49 3.26 15.56
CA SER A 45 6.73 2.93 14.87
C SER A 45 6.62 3.10 13.35
N GLU A 46 5.57 2.52 12.79
CA GLU A 46 5.44 2.39 11.34
C GLU A 46 4.97 3.67 10.66
N MET A 47 4.00 4.35 11.26
CA MET A 47 3.38 5.51 10.60
C MET A 47 4.39 6.60 10.21
N PRO A 48 5.27 7.05 11.14
CA PRO A 48 6.33 8.03 10.79
C PRO A 48 7.26 7.50 9.70
N LYS A 49 7.51 6.20 9.77
CA LYS A 49 8.33 5.51 8.78
C LYS A 49 7.67 5.57 7.40
N ILE A 50 6.34 5.46 7.40
CA ILE A 50 5.56 5.58 6.18
C ILE A 50 5.62 7.01 5.64
N ILE A 51 5.66 7.97 6.56
CA ILE A 51 5.72 9.39 6.19
C ILE A 51 6.90 9.64 5.27
N LYS A 52 8.09 9.20 5.69
CA LYS A 52 9.29 9.36 4.87
C LYS A 52 9.11 8.65 3.53
N THR A 53 8.81 7.35 3.61
CA THR A 53 8.70 6.51 2.43
C THR A 53 7.73 7.08 1.39
N ALA A 54 6.52 7.40 1.84
CA ALA A 54 5.47 7.83 0.94
C ALA A 54 5.76 9.21 0.34
N ASN A 55 6.21 10.15 1.17
CA ASN A 55 6.38 11.53 0.74
C ASN A 55 7.64 11.69 -0.12
N ASP A 56 8.69 10.98 0.23
CA ASP A 56 9.99 11.12 -0.43
C ASP A 56 9.99 10.47 -1.82
N TYR A 57 9.59 9.21 -1.89
CA TYR A 57 9.66 8.46 -3.15
C TYR A 57 8.49 8.85 -4.08
N LYS A 58 7.62 9.70 -3.58
CA LYS A 58 6.49 10.19 -4.36
C LYS A 58 6.99 10.90 -5.62
N ASN A 59 8.11 11.60 -5.49
CA ASN A 59 8.67 12.36 -6.59
C ASN A 59 9.60 11.51 -7.43
N LYS A 60 9.69 10.24 -7.07
CA LYS A 60 10.53 9.30 -7.79
C LYS A 60 9.67 8.54 -8.79
N ASN A 61 8.76 7.73 -8.26
CA ASN A 61 7.86 6.90 -9.08
C ASN A 61 7.02 6.01 -8.17
N PHE A 62 6.95 6.37 -6.90
CA PHE A 62 6.34 5.50 -5.90
C PHE A 62 4.94 6.04 -5.53
N GLN A 63 4.04 5.12 -5.21
CA GLN A 63 2.68 5.47 -4.79
C GLN A 63 2.40 4.89 -3.41
N VAL A 64 1.53 5.55 -2.67
CA VAL A 64 1.15 5.07 -1.35
C VAL A 64 -0.36 4.97 -1.24
N LEU A 65 -0.84 3.76 -0.96
CA LEU A 65 -2.26 3.52 -0.78
C LEU A 65 -2.48 2.81 0.55
N ALA A 66 -2.80 3.58 1.58
CA ALA A 66 -2.99 3.04 2.91
C ALA A 66 -4.45 2.67 3.12
N VAL A 67 -4.73 1.39 3.26
CA VAL A 67 -6.07 0.92 3.47
C VAL A 67 -6.32 0.66 4.95
N ALA A 68 -7.24 1.42 5.51
CA ALA A 68 -7.63 1.23 6.89
C ALA A 68 -8.75 0.20 6.96
N GLN A 69 -8.51 -0.86 7.69
CA GLN A 69 -9.54 -1.87 7.91
C GLN A 69 -10.35 -1.50 9.16
N PRO A 70 -11.49 -2.17 9.44
CA PRO A 70 -12.34 -1.84 10.60
C PRO A 70 -11.64 -2.04 11.95
N ILE A 71 -12.38 -2.60 12.92
CA ILE A 71 -11.92 -2.74 14.30
C ILE A 71 -12.07 -1.41 15.03
N ASP A 72 -11.59 -0.34 14.41
CA ASP A 72 -11.79 1.01 14.93
C ASP A 72 -12.80 1.73 14.05
N PRO A 73 -13.72 2.49 14.66
CA PRO A 73 -14.76 3.22 13.92
C PRO A 73 -14.18 4.22 12.92
N ILE A 74 -14.99 4.58 11.92
CA ILE A 74 -14.55 5.45 10.84
C ILE A 74 -14.15 6.84 11.37
N GLU A 75 -14.79 7.27 12.44
CA GLU A 75 -14.45 8.54 13.06
C GLU A 75 -13.05 8.49 13.68
N SER A 76 -12.63 7.29 14.11
CA SER A 76 -11.29 7.12 14.64
C SER A 76 -10.29 7.29 13.51
N VAL A 77 -10.63 6.74 12.35
CA VAL A 77 -9.80 6.89 11.16
C VAL A 77 -9.70 8.36 10.76
N ARG A 78 -10.83 9.06 10.83
CA ARG A 78 -10.87 10.49 10.52
C ARG A 78 -10.03 11.28 11.50
N GLN A 79 -10.01 10.85 12.76
CA GLN A 79 -9.26 11.55 13.80
C GLN A 79 -7.78 11.58 13.47
N TYR A 80 -7.25 10.43 13.06
CA TYR A 80 -5.83 10.33 12.73
C TYR A 80 -5.47 11.22 11.54
N VAL A 81 -6.20 11.09 10.45
CA VAL A 81 -5.94 11.88 9.25
C VAL A 81 -6.21 13.36 9.50
N LYS A 82 -7.08 13.65 10.45
CA LYS A 82 -7.41 15.03 10.80
C LYS A 82 -6.27 15.68 11.57
N ASP A 83 -5.87 15.03 12.64
CA ASP A 83 -4.90 15.60 13.56
C ASP A 83 -3.49 15.59 12.98
N TYR A 84 -3.08 14.44 12.45
CA TYR A 84 -1.71 14.27 11.98
C TYR A 84 -1.58 14.63 10.50
N GLY A 85 -2.70 14.93 9.86
CA GLY A 85 -2.68 15.32 8.46
C GLY A 85 -2.57 14.14 7.52
N LEU A 86 -1.51 13.36 7.70
CA LEU A 86 -1.25 12.17 6.87
C LEU A 86 -1.02 12.53 5.40
N PRO A 87 0.26 12.68 5.00
CA PRO A 87 0.64 13.03 3.63
C PRO A 87 0.53 11.86 2.65
N PHE A 88 -0.09 10.78 3.10
CA PHE A 88 -0.28 9.62 2.26
C PHE A 88 -1.77 9.32 2.11
N THR A 89 -2.15 8.83 0.93
CA THR A 89 -3.55 8.57 0.63
C THR A 89 -4.08 7.40 1.46
N VAL A 90 -5.16 7.67 2.19
CA VAL A 90 -5.78 6.66 3.05
C VAL A 90 -7.21 6.37 2.60
N MET A 91 -7.54 5.09 2.54
CA MET A 91 -8.89 4.66 2.21
C MET A 91 -9.40 3.76 3.32
N TYR A 92 -10.66 3.35 3.25
CA TYR A 92 -11.24 2.54 4.31
C TYR A 92 -12.02 1.36 3.72
N ASP A 93 -11.68 0.16 4.15
CA ASP A 93 -12.43 -1.03 3.77
C ASP A 93 -13.22 -1.52 4.98
N ALA A 94 -14.54 -1.40 4.90
CA ALA A 94 -15.40 -1.73 6.04
C ALA A 94 -15.49 -3.24 6.25
N ASP A 95 -15.27 -4.00 5.20
CA ASP A 95 -15.44 -5.44 5.25
C ASP A 95 -14.09 -6.15 5.17
N LYS A 96 -13.01 -5.36 5.21
CA LYS A 96 -11.62 -5.86 5.13
C LYS A 96 -11.46 -6.88 3.99
N ALA A 97 -12.23 -6.70 2.93
CA ALA A 97 -12.28 -7.67 1.83
C ALA A 97 -11.04 -7.57 0.94
N VAL A 98 -10.52 -6.35 0.75
CA VAL A 98 -9.29 -6.21 -0.01
C VAL A 98 -8.12 -6.69 0.82
N GLY A 99 -8.24 -6.56 2.14
CA GLY A 99 -7.26 -7.12 3.04
C GLY A 99 -7.32 -8.64 3.02
N GLN A 100 -8.53 -9.15 2.97
CA GLN A 100 -8.78 -10.59 2.84
C GLN A 100 -8.11 -11.15 1.58
N ALA A 101 -8.07 -10.33 0.55
CA ALA A 101 -7.45 -10.73 -0.70
C ALA A 101 -5.94 -10.86 -0.56
N PHE A 102 -5.32 -9.85 0.06
CA PHE A 102 -3.87 -9.83 0.19
C PHE A 102 -3.38 -10.68 1.36
N GLY A 103 -4.30 -11.08 2.22
CA GLY A 103 -3.94 -11.92 3.35
C GLY A 103 -3.63 -11.10 4.59
N THR A 104 -4.39 -10.05 4.81
CA THR A 104 -4.20 -9.18 5.95
C THR A 104 -4.75 -9.82 7.22
N GLN A 105 -3.89 -10.58 7.90
CA GLN A 105 -4.25 -11.17 9.18
C GLN A 105 -3.63 -10.37 10.30
N VAL A 106 -2.31 -10.25 10.25
CA VAL A 106 -1.55 -9.56 11.27
C VAL A 106 -1.22 -8.15 10.81
N TYR A 107 -1.14 -7.23 11.75
CA TYR A 107 -0.97 -5.83 11.42
C TYR A 107 0.38 -5.31 11.89
N PRO A 108 1.00 -4.41 11.12
CA PRO A 108 0.44 -3.91 9.86
C PRO A 108 0.79 -4.82 8.68
N THR A 109 0.09 -4.64 7.56
CA THR A 109 0.40 -5.40 6.36
C THR A 109 1.01 -4.49 5.30
N SER A 110 2.08 -4.94 4.68
CA SER A 110 2.79 -4.14 3.69
C SER A 110 2.84 -4.85 2.35
N VAL A 111 2.11 -4.33 1.38
CA VAL A 111 2.06 -4.92 0.05
C VAL A 111 2.78 -4.04 -0.96
N LEU A 112 3.74 -4.63 -1.66
CA LEU A 112 4.53 -3.92 -2.65
C LEU A 112 4.06 -4.27 -4.06
N ILE A 113 3.95 -3.25 -4.90
CA ILE A 113 3.58 -3.44 -6.29
C ILE A 113 4.64 -2.82 -7.18
N GLY A 114 5.01 -3.50 -8.27
CA GLY A 114 6.12 -3.06 -9.08
C GLY A 114 5.77 -1.91 -9.99
N LYS A 115 5.37 -2.21 -11.23
CA LYS A 115 5.04 -1.15 -12.19
C LYS A 115 3.89 -1.57 -13.09
N LYS A 116 3.41 -2.79 -12.92
CA LYS A 116 2.41 -3.33 -13.81
C LYS A 116 1.21 -3.84 -13.02
N GLY A 117 1.15 -3.48 -11.74
CA GLY A 117 0.04 -3.90 -10.89
C GLY A 117 0.03 -5.40 -10.68
N GLU A 118 1.21 -6.00 -10.73
CA GLU A 118 1.33 -7.44 -10.63
C GLU A 118 1.52 -7.86 -9.18
N ILE A 119 1.76 -6.86 -8.33
CA ILE A 119 1.95 -7.07 -6.90
C ILE A 119 3.18 -7.93 -6.64
N LEU A 120 4.30 -7.25 -6.46
CA LEU A 120 5.60 -7.88 -6.34
C LEU A 120 5.76 -8.65 -5.03
N LYS A 121 5.17 -8.14 -3.96
CA LYS A 121 5.48 -8.65 -2.64
C LYS A 121 4.35 -8.41 -1.65
N THR A 122 4.08 -9.39 -0.80
CA THR A 122 3.17 -9.21 0.32
C THR A 122 3.86 -9.61 1.63
N TYR A 123 4.29 -8.61 2.39
CA TYR A 123 4.84 -8.83 3.74
C TYR A 123 3.75 -8.65 4.79
N VAL A 124 3.76 -9.55 5.77
CA VAL A 124 2.91 -9.39 6.94
C VAL A 124 3.76 -8.90 8.12
N GLY A 125 3.56 -7.64 8.50
CA GLY A 125 4.37 -7.02 9.52
C GLY A 125 5.45 -6.14 8.91
N GLU A 126 6.46 -5.81 9.69
CA GLU A 126 7.58 -5.03 9.18
C GLU A 126 8.58 -5.93 8.48
N PRO A 127 8.92 -5.61 7.22
CA PRO A 127 9.92 -6.36 6.45
C PRO A 127 11.35 -5.97 6.82
N ASP A 128 12.31 -6.68 6.24
CA ASP A 128 13.72 -6.32 6.39
C ASP A 128 13.97 -4.98 5.72
N PHE A 129 14.23 -3.95 6.52
CA PHE A 129 14.27 -2.59 6.01
C PHE A 129 15.39 -2.39 5.00
N GLY A 130 16.54 -3.01 5.25
CA GLY A 130 17.66 -2.88 4.34
C GLY A 130 17.45 -3.69 3.06
N LYS A 131 17.02 -4.93 3.23
CA LYS A 131 16.72 -5.79 2.11
C LYS A 131 15.61 -5.19 1.25
N LEU A 132 14.65 -4.56 1.91
CA LEU A 132 13.52 -3.94 1.23
C LEU A 132 13.99 -2.88 0.24
N TYR A 133 14.91 -2.03 0.68
CA TYR A 133 15.47 -1.01 -0.19
C TYR A 133 16.10 -1.63 -1.43
N GLN A 134 16.86 -2.69 -1.23
CA GLN A 134 17.53 -3.38 -2.30
C GLN A 134 16.54 -4.09 -3.23
N GLU A 135 15.48 -4.65 -2.66
CA GLU A 135 14.50 -5.37 -3.46
C GLU A 135 13.59 -4.38 -4.19
N ILE A 136 13.48 -3.17 -3.66
CA ILE A 136 12.78 -2.09 -4.33
C ILE A 136 13.48 -1.76 -5.65
N ASP A 137 14.80 -1.58 -5.62
CA ASP A 137 15.57 -1.32 -6.83
C ASP A 137 15.46 -2.48 -7.80
N THR A 138 15.38 -3.68 -7.25
CA THR A 138 15.22 -4.89 -8.04
C THR A 138 13.92 -4.82 -8.84
N ALA A 139 12.86 -4.34 -8.20
CA ALA A 139 11.56 -4.18 -8.86
C ALA A 139 11.61 -3.05 -9.89
N TRP A 140 12.41 -2.03 -9.61
CA TRP A 140 12.59 -0.91 -10.54
C TRP A 140 13.19 -1.40 -11.84
N ARG A 141 14.11 -2.36 -11.74
CA ARG A 141 14.83 -2.89 -12.88
C ARG A 141 14.05 -4.02 -13.57
N ASN A 142 13.51 -4.92 -12.76
CA ASN A 142 12.83 -6.10 -13.29
C ASN A 142 11.47 -5.74 -13.88
N SER A 143 11.45 -5.49 -15.18
CA SER A 143 10.22 -5.11 -15.89
C SER A 143 9.69 -6.27 -16.71
N ASP A 144 10.52 -7.28 -16.90
CA ASP A 144 10.17 -8.42 -17.75
C ASP A 144 9.55 -9.55 -16.92
N ALA A 145 9.13 -9.22 -15.71
CA ALA A 145 8.46 -10.19 -14.85
C ALA A 145 6.96 -10.16 -15.09
N GLU A 146 6.48 -11.11 -15.88
CA GLU A 146 5.06 -11.21 -16.17
C GLU A 146 4.54 -12.62 -15.90
N GLY A 147 3.40 -12.69 -15.23
CA GLY A 147 2.80 -13.98 -14.93
C GLY A 147 1.30 -13.96 -15.15
N HIS A 148 0.91 -14.02 -16.42
CA HIS A 148 -0.51 -13.98 -16.77
C HIS A 148 -0.86 -15.14 -17.71
N HIS A 149 -0.02 -16.18 -17.72
CA HIS A 149 -0.24 -17.32 -18.59
C HIS A 149 -1.58 -17.99 -18.28
N HIS A 150 -1.94 -18.02 -17.01
CA HIS A 150 -3.20 -18.57 -16.58
C HIS A 150 -4.01 -17.52 -15.82
N HIS A 151 -5.10 -17.08 -16.41
CA HIS A 151 -5.94 -16.05 -15.82
C HIS A 151 -6.77 -16.62 -14.68
N HIS A 152 -6.83 -15.89 -13.57
CA HIS A 152 -7.67 -16.28 -12.44
C HIS A 152 -9.04 -15.61 -12.57
N HIS A 153 -9.22 -14.92 -13.68
CA HIS A 153 -10.48 -14.27 -14.01
C HIS A 153 -10.59 -14.11 -15.51
N ASP A 4 -9.99 -11.54 -9.16
CA ASP A 4 -8.97 -11.18 -8.16
C ASP A 4 -7.96 -12.30 -7.98
N SER A 5 -7.40 -12.41 -6.77
CA SER A 5 -6.44 -13.45 -6.42
C SER A 5 -5.11 -13.25 -7.15
N LYS A 6 -4.19 -12.56 -6.48
CA LYS A 6 -2.86 -12.25 -7.02
C LYS A 6 -2.99 -11.27 -8.21
N THR A 7 -1.85 -10.73 -8.66
CA THR A 7 -1.82 -9.82 -9.80
C THR A 7 -2.68 -8.57 -9.53
N ALA A 8 -2.81 -8.23 -8.25
CA ALA A 8 -3.55 -7.05 -7.80
C ALA A 8 -5.04 -7.14 -8.16
N PRO A 9 -5.88 -7.43 -7.17
CA PRO A 9 -7.34 -7.53 -7.35
C PRO A 9 -7.94 -6.22 -7.85
N ALA A 10 -9.02 -6.32 -8.59
CA ALA A 10 -9.70 -5.14 -9.12
C ALA A 10 -10.50 -4.44 -8.03
N PHE A 11 -9.80 -3.78 -7.12
CA PHE A 11 -10.44 -2.99 -6.08
C PHE A 11 -10.74 -1.59 -6.60
N SER A 12 -11.82 -1.00 -6.11
CA SER A 12 -12.16 0.37 -6.46
C SER A 12 -12.88 1.03 -5.30
N LEU A 13 -12.12 1.64 -4.41
CA LEU A 13 -12.69 2.32 -3.27
C LEU A 13 -12.26 3.77 -3.23
N PRO A 14 -13.12 4.67 -2.74
CA PRO A 14 -12.76 6.07 -2.51
C PRO A 14 -11.76 6.19 -1.37
N ASP A 15 -10.70 6.94 -1.57
CA ASP A 15 -9.71 7.15 -0.52
C ASP A 15 -10.30 8.03 0.57
N LEU A 16 -9.59 8.16 1.68
CA LEU A 16 -10.11 8.79 2.86
C LEU A 16 -9.99 10.33 2.75
N HIS A 17 -9.66 10.81 1.55
CA HIS A 17 -9.71 12.22 1.25
C HIS A 17 -10.86 12.50 0.28
N GLY A 18 -11.21 11.50 -0.51
CA GLY A 18 -12.31 11.62 -1.45
C GLY A 18 -11.91 11.32 -2.87
N LYS A 19 -10.76 10.68 -3.05
CA LYS A 19 -10.27 10.35 -4.38
C LYS A 19 -10.26 8.83 -4.58
N THR A 20 -11.08 8.36 -5.52
CA THR A 20 -11.20 6.93 -5.79
C THR A 20 -9.86 6.34 -6.25
N VAL A 21 -9.45 5.27 -5.58
CA VAL A 21 -8.27 4.53 -5.98
C VAL A 21 -8.70 3.16 -6.48
N SER A 22 -8.28 2.81 -7.69
CA SER A 22 -8.69 1.55 -8.28
C SER A 22 -7.51 0.79 -8.85
N ASN A 23 -7.78 -0.41 -9.33
CA ASN A 23 -6.76 -1.28 -9.93
C ASN A 23 -6.07 -0.59 -11.11
N ALA A 24 -6.84 0.26 -11.80
CA ALA A 24 -6.33 0.95 -12.99
C ALA A 24 -5.24 1.96 -12.63
N ASP A 25 -5.31 2.49 -11.40
CA ASP A 25 -4.36 3.51 -10.96
C ASP A 25 -2.99 2.88 -10.67
N LEU A 26 -2.99 1.57 -10.50
CA LEU A 26 -1.78 0.82 -10.19
C LEU A 26 -0.95 0.57 -11.45
N GLN A 27 -1.57 0.68 -12.60
CA GLN A 27 -0.94 0.31 -13.86
C GLN A 27 0.14 1.29 -14.26
N GLY A 28 1.40 0.95 -13.97
CA GLY A 28 2.51 1.77 -14.40
C GLY A 28 3.28 2.37 -13.24
N LYS A 29 2.74 2.20 -12.04
CA LYS A 29 3.38 2.73 -10.84
C LYS A 29 3.78 1.59 -9.93
N VAL A 30 4.60 1.90 -8.93
CA VAL A 30 4.96 0.93 -7.91
C VAL A 30 4.18 1.25 -6.65
N THR A 31 3.69 0.22 -5.96
CA THR A 31 2.70 0.44 -4.91
C THR A 31 3.09 -0.25 -3.62
N LEU A 32 2.80 0.41 -2.51
CA LEU A 32 2.94 -0.18 -1.19
C LEU A 32 1.60 -0.09 -0.47
N ILE A 33 0.91 -1.22 -0.37
CA ILE A 33 -0.37 -1.24 0.32
C ILE A 33 -0.18 -1.73 1.75
N ASN A 34 -0.46 -0.86 2.69
CA ASN A 34 -0.31 -1.18 4.11
C ASN A 34 -1.67 -1.30 4.77
N PHE A 35 -2.00 -2.51 5.19
CA PHE A 35 -3.23 -2.75 5.92
C PHE A 35 -3.03 -2.40 7.39
N TRP A 36 -3.82 -1.45 7.87
CA TRP A 36 -3.67 -0.97 9.23
C TRP A 36 -5.04 -0.68 9.85
N PHE A 37 -5.00 -0.20 11.10
CA PHE A 37 -6.19 0.22 11.80
C PHE A 37 -5.79 1.17 12.92
N PRO A 38 -6.66 2.12 13.28
CA PRO A 38 -6.38 3.08 14.36
C PRO A 38 -6.21 2.39 15.71
N SER A 39 -5.75 3.14 16.70
CA SER A 39 -5.57 2.64 18.07
C SER A 39 -4.52 1.52 18.13
N CYS A 40 -3.86 1.26 17.01
CA CYS A 40 -2.86 0.22 16.94
C CYS A 40 -1.50 0.72 17.42
N PRO A 41 -0.84 -0.03 18.31
CA PRO A 41 0.50 0.30 18.80
C PRO A 41 1.53 0.31 17.68
N GLY A 42 1.22 -0.39 16.58
CA GLY A 42 2.12 -0.46 15.45
C GLY A 42 2.31 0.88 14.77
N CYS A 43 1.37 1.79 15.01
CA CYS A 43 1.45 3.14 14.44
C CYS A 43 2.71 3.86 14.92
N VAL A 44 3.10 3.59 16.16
CA VAL A 44 4.28 4.21 16.74
C VAL A 44 5.53 3.83 15.95
N SER A 45 5.55 2.60 15.48
CA SER A 45 6.69 2.08 14.74
C SER A 45 6.61 2.41 13.24
N GLU A 46 5.50 2.07 12.62
CA GLU A 46 5.40 2.09 11.17
C GLU A 46 5.04 3.47 10.61
N MET A 47 4.26 4.26 11.35
CA MET A 47 3.78 5.54 10.84
C MET A 47 4.94 6.46 10.42
N PRO A 48 5.94 6.71 11.29
CA PRO A 48 7.11 7.53 10.92
C PRO A 48 7.80 7.02 9.64
N LYS A 49 7.88 5.69 9.52
CA LYS A 49 8.47 5.08 8.33
C LYS A 49 7.70 5.49 7.08
N ILE A 50 6.38 5.31 7.15
CA ILE A 50 5.51 5.61 6.02
C ILE A 50 5.58 7.08 5.63
N ILE A 51 5.60 7.96 6.62
CA ILE A 51 5.62 9.39 6.37
C ILE A 51 6.80 9.78 5.48
N LYS A 52 8.01 9.38 5.86
CA LYS A 52 9.21 9.79 5.14
C LYS A 52 9.35 9.03 3.81
N THR A 53 9.19 7.72 3.85
CA THR A 53 9.38 6.88 2.68
C THR A 53 8.37 7.22 1.59
N ALA A 54 7.10 7.38 1.97
CA ALA A 54 6.05 7.72 1.03
C ALA A 54 6.24 9.13 0.49
N ASN A 55 6.76 10.01 1.33
CA ASN A 55 6.96 11.42 0.97
C ASN A 55 7.83 11.55 -0.28
N ASP A 56 8.97 10.89 -0.28
CA ASP A 56 9.88 10.96 -1.42
C ASP A 56 9.28 10.22 -2.64
N TYR A 57 8.85 9.00 -2.40
CA TYR A 57 8.40 8.13 -3.48
C TYR A 57 7.13 8.63 -4.15
N LYS A 58 6.27 9.30 -3.40
CA LYS A 58 5.03 9.84 -3.95
C LYS A 58 5.33 10.89 -5.01
N ASN A 59 6.47 11.54 -4.88
CA ASN A 59 6.87 12.56 -5.84
C ASN A 59 7.80 11.99 -6.88
N LYS A 60 7.76 10.67 -7.02
CA LYS A 60 8.56 9.98 -8.01
C LYS A 60 7.65 9.18 -8.95
N ASN A 61 6.97 8.19 -8.39
CA ASN A 61 6.04 7.31 -9.13
C ASN A 61 5.62 6.14 -8.24
N PHE A 62 5.79 6.30 -6.95
CA PHE A 62 5.50 5.24 -6.00
C PHE A 62 4.33 5.67 -5.11
N GLN A 63 3.33 4.83 -5.02
CA GLN A 63 2.13 5.16 -4.28
C GLN A 63 1.97 4.26 -3.05
N VAL A 64 1.76 4.89 -1.91
CA VAL A 64 1.50 4.15 -0.69
C VAL A 64 0.01 4.23 -0.37
N LEU A 65 -0.62 3.06 -0.29
CA LEU A 65 -2.04 2.97 -0.03
C LEU A 65 -2.28 2.32 1.33
N ALA A 66 -2.58 3.15 2.32
CA ALA A 66 -2.84 2.66 3.66
C ALA A 66 -4.29 2.28 3.82
N VAL A 67 -4.58 0.99 3.74
CA VAL A 67 -5.93 0.50 3.80
C VAL A 67 -6.34 0.23 5.24
N ALA A 68 -7.17 1.10 5.78
CA ALA A 68 -7.73 0.90 7.11
C ALA A 68 -8.96 0.01 7.01
N GLN A 69 -9.03 -0.99 7.86
CA GLN A 69 -10.16 -1.91 7.85
C GLN A 69 -11.04 -1.67 9.09
N PRO A 70 -12.27 -2.20 9.10
CA PRO A 70 -13.23 -1.94 10.18
C PRO A 70 -12.79 -2.48 11.54
N ILE A 71 -12.18 -1.61 12.32
CA ILE A 71 -11.85 -1.89 13.71
C ILE A 71 -12.38 -0.75 14.55
N ASP A 72 -11.82 0.43 14.34
CA ASP A 72 -12.35 1.66 14.91
C ASP A 72 -13.36 2.25 13.94
N PRO A 73 -14.35 3.00 14.44
CA PRO A 73 -15.35 3.65 13.58
C PRO A 73 -14.72 4.61 12.57
N ILE A 74 -15.47 4.92 11.52
CA ILE A 74 -14.99 5.77 10.44
C ILE A 74 -14.51 7.13 10.95
N GLU A 75 -15.15 7.64 12.00
CA GLU A 75 -14.75 8.92 12.57
C GLU A 75 -13.36 8.84 13.17
N SER A 76 -13.07 7.71 13.81
CA SER A 76 -11.78 7.52 14.44
C SER A 76 -10.66 7.54 13.41
N VAL A 77 -10.85 6.84 12.30
CA VAL A 77 -9.84 6.75 11.27
C VAL A 77 -9.72 8.08 10.50
N ARG A 78 -10.85 8.76 10.29
CA ARG A 78 -10.82 10.03 9.57
C ARG A 78 -10.23 11.14 10.44
N GLN A 79 -10.51 11.07 11.73
CA GLN A 79 -9.95 12.02 12.69
C GLN A 79 -8.45 11.86 12.75
N TYR A 80 -8.00 10.60 12.71
CA TYR A 80 -6.58 10.26 12.74
C TYR A 80 -5.84 11.00 11.62
N VAL A 81 -6.32 10.81 10.39
CA VAL A 81 -5.69 11.42 9.21
C VAL A 81 -5.68 12.94 9.31
N LYS A 82 -6.74 13.52 9.84
CA LYS A 82 -6.84 14.97 9.98
C LYS A 82 -5.87 15.48 11.02
N ASP A 83 -5.91 14.88 12.20
CA ASP A 83 -5.14 15.36 13.35
C ASP A 83 -3.64 15.27 13.11
N TYR A 84 -3.18 14.11 12.65
CA TYR A 84 -1.75 13.88 12.48
C TYR A 84 -1.28 14.33 11.10
N GLY A 85 -2.22 14.79 10.28
CA GLY A 85 -1.89 15.31 8.97
C GLY A 85 -1.21 14.28 8.08
N LEU A 86 -1.82 13.13 7.94
CA LEU A 86 -1.26 12.06 7.11
C LEU A 86 -1.30 12.43 5.63
N PRO A 87 -0.12 12.61 5.02
CA PRO A 87 0.00 13.07 3.63
C PRO A 87 -0.13 11.97 2.59
N PHE A 88 0.09 10.72 3.00
CA PHE A 88 0.02 9.60 2.08
C PHE A 88 -1.44 9.21 1.85
N THR A 89 -1.66 8.34 0.86
CA THR A 89 -3.01 7.96 0.49
C THR A 89 -3.58 6.93 1.47
N VAL A 90 -4.48 7.40 2.31
CA VAL A 90 -5.15 6.55 3.27
C VAL A 90 -6.53 6.18 2.73
N MET A 91 -6.95 4.96 2.95
CA MET A 91 -8.26 4.51 2.50
C MET A 91 -8.95 3.71 3.60
N TYR A 92 -10.22 3.43 3.40
CA TYR A 92 -10.98 2.67 4.39
C TYR A 92 -11.83 1.60 3.71
N ASP A 93 -11.39 0.35 3.82
CA ASP A 93 -12.17 -0.76 3.31
C ASP A 93 -13.07 -1.28 4.41
N ALA A 94 -14.34 -0.91 4.35
CA ALA A 94 -15.28 -1.18 5.42
C ALA A 94 -15.67 -2.65 5.50
N ASP A 95 -15.31 -3.43 4.49
CA ASP A 95 -15.71 -4.82 4.44
C ASP A 95 -14.55 -5.75 4.78
N LYS A 96 -13.33 -5.20 4.82
CA LYS A 96 -12.12 -5.96 5.19
C LYS A 96 -11.82 -7.05 4.15
N ALA A 97 -12.59 -7.08 3.07
CA ALA A 97 -12.55 -8.16 2.11
C ALA A 97 -11.28 -8.17 1.28
N VAL A 98 -10.68 -7.00 1.05
CA VAL A 98 -9.45 -6.96 0.27
C VAL A 98 -8.28 -7.51 1.10
N GLY A 99 -8.33 -7.27 2.41
CA GLY A 99 -7.35 -7.85 3.29
C GLY A 99 -7.56 -9.35 3.43
N GLN A 100 -8.83 -9.74 3.39
CA GLN A 100 -9.22 -11.14 3.43
C GLN A 100 -8.83 -11.86 2.13
N ALA A 101 -8.86 -11.11 1.03
CA ALA A 101 -8.50 -11.65 -0.27
C ALA A 101 -7.04 -12.07 -0.31
N PHE A 102 -6.17 -11.22 0.22
CA PHE A 102 -4.76 -11.55 0.33
C PHE A 102 -4.52 -12.57 1.45
N GLY A 103 -5.41 -12.57 2.44
CA GLY A 103 -5.29 -13.49 3.55
C GLY A 103 -4.42 -12.93 4.64
N THR A 104 -4.56 -11.64 4.89
CA THR A 104 -3.79 -10.97 5.93
C THR A 104 -4.44 -11.15 7.29
N GLN A 105 -3.77 -11.85 8.19
CA GLN A 105 -4.30 -12.10 9.52
C GLN A 105 -3.64 -11.18 10.53
N VAL A 106 -2.34 -11.00 10.38
CA VAL A 106 -1.58 -10.13 11.26
C VAL A 106 -1.38 -8.76 10.63
N TYR A 107 -1.37 -7.72 11.45
CA TYR A 107 -1.22 -6.36 10.96
C TYR A 107 -0.19 -5.61 11.78
N PRO A 108 0.44 -4.57 11.21
CA PRO A 108 0.17 -4.12 9.84
C PRO A 108 0.85 -5.00 8.79
N THR A 109 0.36 -4.94 7.56
CA THR A 109 0.94 -5.69 6.46
C THR A 109 1.15 -4.78 5.25
N SER A 110 2.39 -4.73 4.77
CA SER A 110 2.72 -3.93 3.61
C SER A 110 3.01 -4.82 2.40
N VAL A 111 2.20 -4.69 1.35
CA VAL A 111 2.40 -5.46 0.14
C VAL A 111 2.97 -4.58 -0.97
N LEU A 112 3.96 -5.10 -1.68
CA LEU A 112 4.62 -4.35 -2.73
C LEU A 112 4.13 -4.81 -4.10
N ILE A 113 3.64 -3.87 -4.88
CA ILE A 113 3.15 -4.15 -6.23
C ILE A 113 4.10 -3.57 -7.26
N GLY A 114 4.42 -4.37 -8.27
CA GLY A 114 5.32 -3.92 -9.32
C GLY A 114 4.63 -3.04 -10.34
N LYS A 115 5.42 -2.25 -11.07
CA LYS A 115 4.89 -1.31 -12.05
C LYS A 115 4.27 -2.04 -13.24
N LYS A 116 3.00 -2.38 -13.06
CA LYS A 116 2.20 -3.11 -14.03
C LYS A 116 0.95 -3.61 -13.33
N GLY A 117 1.07 -3.86 -12.03
CA GLY A 117 -0.01 -4.41 -11.27
C GLY A 117 0.24 -5.86 -10.91
N GLU A 118 1.48 -6.16 -10.56
CA GLU A 118 1.87 -7.52 -10.21
C GLU A 118 2.25 -7.58 -8.73
N ILE A 119 1.73 -8.56 -8.00
CA ILE A 119 2.01 -8.68 -6.58
C ILE A 119 3.38 -9.29 -6.37
N LEU A 120 4.26 -8.55 -5.73
CA LEU A 120 5.63 -8.97 -5.56
C LEU A 120 5.89 -9.47 -4.14
N LYS A 121 5.86 -8.55 -3.19
CA LYS A 121 6.33 -8.84 -1.84
C LYS A 121 5.29 -8.56 -0.78
N THR A 122 5.44 -9.21 0.36
CA THR A 122 4.55 -9.03 1.49
C THR A 122 5.33 -8.95 2.80
N TYR A 123 5.38 -7.77 3.39
CA TYR A 123 6.07 -7.57 4.66
C TYR A 123 5.07 -7.32 5.79
N VAL A 124 4.95 -8.29 6.67
CA VAL A 124 4.05 -8.19 7.81
C VAL A 124 4.82 -7.74 9.05
N GLY A 125 4.23 -6.84 9.82
CA GLY A 125 4.87 -6.37 11.02
C GLY A 125 5.73 -5.14 10.77
N GLU A 126 6.91 -5.38 10.22
CA GLU A 126 7.84 -4.30 9.88
C GLU A 126 8.71 -4.70 8.70
N PRO A 127 8.65 -3.95 7.59
CA PRO A 127 9.45 -4.23 6.40
C PRO A 127 10.94 -4.01 6.63
N ASP A 128 11.75 -4.99 6.26
CA ASP A 128 13.20 -4.87 6.37
C ASP A 128 13.71 -3.86 5.36
N PHE A 129 14.18 -2.71 5.86
CA PHE A 129 14.58 -1.61 5.00
C PHE A 129 15.67 -2.00 4.01
N GLY A 130 16.67 -2.72 4.49
CA GLY A 130 17.76 -3.13 3.63
C GLY A 130 17.28 -3.92 2.43
N LYS A 131 16.49 -4.97 2.70
CA LYS A 131 15.95 -5.79 1.63
C LYS A 131 15.02 -4.97 0.77
N LEU A 132 14.11 -4.26 1.41
CA LEU A 132 13.04 -3.55 0.72
C LEU A 132 13.57 -2.47 -0.21
N TYR A 133 14.47 -1.64 0.30
CA TYR A 133 14.98 -0.53 -0.51
C TYR A 133 15.76 -1.05 -1.71
N GLN A 134 16.51 -2.13 -1.52
CA GLN A 134 17.25 -2.72 -2.62
C GLN A 134 16.32 -3.45 -3.59
N GLU A 135 15.33 -4.14 -3.06
CA GLU A 135 14.46 -4.97 -3.88
C GLU A 135 13.46 -4.11 -4.67
N ILE A 136 12.96 -3.05 -4.04
CA ILE A 136 12.09 -2.10 -4.73
C ILE A 136 12.86 -1.42 -5.86
N ASP A 137 14.07 -0.97 -5.54
CA ASP A 137 14.93 -0.31 -6.51
C ASP A 137 15.26 -1.22 -7.67
N THR A 138 15.35 -2.52 -7.41
CA THR A 138 15.62 -3.50 -8.46
C THR A 138 14.54 -3.42 -9.54
N ALA A 139 13.28 -3.41 -9.11
CA ALA A 139 12.15 -3.30 -10.03
C ALA A 139 12.00 -1.87 -10.55
N TRP A 140 12.43 -0.91 -9.73
CA TRP A 140 12.32 0.50 -10.06
C TRP A 140 13.33 0.91 -11.13
N ARG A 141 14.59 0.62 -10.85
CA ARG A 141 15.71 1.07 -11.67
C ARG A 141 15.70 0.45 -13.06
N ASN A 142 15.27 -0.81 -13.13
CA ASN A 142 15.20 -1.51 -14.40
C ASN A 142 13.98 -1.05 -15.19
N SER A 143 14.23 -0.32 -16.27
CA SER A 143 13.15 0.19 -17.10
C SER A 143 13.39 -0.13 -18.58
N ASP A 144 14.66 -0.23 -18.96
CA ASP A 144 15.02 -0.51 -20.34
C ASP A 144 14.94 -2.01 -20.60
N ALA A 145 13.79 -2.46 -21.08
CA ALA A 145 13.57 -3.88 -21.34
C ALA A 145 13.43 -4.14 -22.83
N GLU A 146 13.15 -5.39 -23.18
CA GLU A 146 13.00 -5.78 -24.57
C GLU A 146 11.57 -6.20 -24.86
N GLY A 147 11.33 -6.68 -26.06
CA GLY A 147 10.05 -7.24 -26.40
C GLY A 147 10.05 -8.74 -26.29
N HIS A 148 10.19 -9.42 -27.44
CA HIS A 148 10.21 -10.89 -27.51
C HIS A 148 8.86 -11.46 -27.09
N HIS A 149 8.67 -11.60 -25.79
CA HIS A 149 7.42 -12.09 -25.22
C HIS A 149 7.45 -11.87 -23.72
N HIS A 150 7.90 -10.67 -23.32
CA HIS A 150 8.04 -10.28 -21.90
C HIS A 150 9.27 -10.95 -21.28
N HIS A 151 9.43 -12.23 -21.54
CA HIS A 151 10.60 -12.97 -21.08
C HIS A 151 11.71 -12.91 -22.12
N HIS A 152 12.93 -12.67 -21.68
CA HIS A 152 14.09 -12.63 -22.57
C HIS A 152 14.53 -14.04 -22.95
N HIS A 153 14.69 -14.27 -24.24
CA HIS A 153 15.25 -15.52 -24.73
C HIS A 153 16.41 -15.20 -25.65
N ASP A 4 -13.25 -6.97 -9.72
CA ASP A 4 -11.83 -7.04 -10.11
C ASP A 4 -11.29 -8.44 -9.82
N SER A 5 -10.23 -8.82 -10.52
CA SER A 5 -9.61 -10.13 -10.34
C SER A 5 -8.17 -10.10 -10.81
N LYS A 6 -7.23 -10.38 -9.90
CA LYS A 6 -5.79 -10.33 -10.22
C LYS A 6 -5.38 -8.89 -10.54
N THR A 7 -4.07 -8.64 -10.51
CA THR A 7 -3.53 -7.30 -10.70
C THR A 7 -3.75 -6.49 -9.41
N ALA A 8 -4.37 -7.16 -8.45
CA ALA A 8 -4.71 -6.59 -7.16
C ALA A 8 -5.52 -7.62 -6.38
N PRO A 9 -5.75 -7.40 -5.06
CA PRO A 9 -6.61 -8.28 -4.25
C PRO A 9 -8.10 -8.18 -4.61
N ALA A 10 -8.36 -7.77 -5.84
CA ALA A 10 -9.72 -7.61 -6.35
C ALA A 10 -10.48 -6.56 -5.56
N PHE A 11 -9.94 -5.35 -5.55
CA PHE A 11 -10.50 -4.29 -4.74
C PHE A 11 -10.97 -3.12 -5.59
N SER A 12 -12.06 -2.51 -5.16
CA SER A 12 -12.54 -1.26 -5.73
C SER A 12 -13.26 -0.47 -4.64
N LEU A 13 -12.50 0.32 -3.91
CA LEU A 13 -13.04 1.05 -2.77
C LEU A 13 -12.85 2.55 -2.93
N PRO A 14 -13.69 3.36 -2.26
CA PRO A 14 -13.53 4.81 -2.24
C PRO A 14 -12.45 5.23 -1.24
N ASP A 15 -11.75 6.30 -1.59
CA ASP A 15 -10.72 6.84 -0.71
C ASP A 15 -11.33 7.88 0.22
N LEU A 16 -10.49 8.56 0.98
CA LEU A 16 -10.96 9.58 1.91
C LEU A 16 -11.29 10.90 1.19
N HIS A 17 -11.52 10.80 -0.12
CA HIS A 17 -11.95 11.96 -0.90
C HIS A 17 -13.31 11.68 -1.49
N GLY A 18 -13.62 10.41 -1.65
CA GLY A 18 -14.92 10.01 -2.17
C GLY A 18 -14.84 9.47 -3.59
N LYS A 19 -13.63 9.13 -4.03
CA LYS A 19 -13.46 8.56 -5.37
C LYS A 19 -13.00 7.12 -5.26
N THR A 20 -13.51 6.28 -6.15
CA THR A 20 -13.17 4.87 -6.15
C THR A 20 -11.77 4.67 -6.72
N VAL A 21 -10.91 4.04 -5.93
CA VAL A 21 -9.55 3.76 -6.35
C VAL A 21 -9.39 2.28 -6.61
N SER A 22 -8.62 1.93 -7.63
CA SER A 22 -8.40 0.55 -7.99
C SER A 22 -6.98 0.35 -8.50
N ASN A 23 -6.69 -0.84 -8.99
CA ASN A 23 -5.35 -1.20 -9.44
C ASN A 23 -4.92 -0.41 -10.68
N ALA A 24 -5.90 0.10 -11.44
CA ALA A 24 -5.62 0.84 -12.67
C ALA A 24 -4.80 2.11 -12.39
N ASP A 25 -5.02 2.70 -11.21
CA ASP A 25 -4.26 3.88 -10.81
C ASP A 25 -2.79 3.51 -10.60
N LEU A 26 -2.59 2.32 -10.07
CA LEU A 26 -1.26 1.85 -9.69
C LEU A 26 -0.42 1.53 -10.91
N GLN A 27 -1.07 1.28 -12.05
CA GLN A 27 -0.39 0.84 -13.25
C GLN A 27 0.57 1.91 -13.79
N GLY A 28 1.85 1.72 -13.52
CA GLY A 28 2.89 2.63 -13.96
C GLY A 28 3.57 3.32 -12.81
N LYS A 29 2.86 3.45 -11.70
CA LYS A 29 3.41 4.06 -10.50
C LYS A 29 3.91 2.96 -9.57
N VAL A 30 4.74 3.32 -8.61
CA VAL A 30 5.18 2.37 -7.61
C VAL A 30 4.42 2.63 -6.33
N THR A 31 3.80 1.60 -5.77
CA THR A 31 2.84 1.80 -4.70
C THR A 31 3.11 0.86 -3.52
N LEU A 32 2.91 1.38 -2.32
CA LEU A 32 2.95 0.58 -1.11
C LEU A 32 1.57 0.58 -0.46
N ILE A 33 0.94 -0.58 -0.40
CA ILE A 33 -0.34 -0.69 0.27
C ILE A 33 -0.12 -1.14 1.72
N ASN A 34 -0.41 -0.27 2.66
CA ASN A 34 -0.16 -0.58 4.06
C ASN A 34 -1.46 -0.60 4.85
N PHE A 35 -1.77 -1.76 5.42
CA PHE A 35 -2.97 -1.95 6.20
C PHE A 35 -2.75 -1.50 7.64
N TRP A 36 -3.60 -0.60 8.11
CA TRP A 36 -3.46 -0.05 9.45
C TRP A 36 -4.82 0.26 10.06
N PHE A 37 -4.78 0.68 11.32
CA PHE A 37 -5.95 1.17 12.03
C PHE A 37 -5.50 1.96 13.25
N PRO A 38 -6.28 2.98 13.67
CA PRO A 38 -5.90 3.90 14.75
C PRO A 38 -5.41 3.21 16.03
N SER A 39 -6.14 2.18 16.48
CA SER A 39 -5.84 1.53 17.75
C SER A 39 -4.67 0.54 17.63
N CYS A 40 -3.88 0.66 16.58
CA CYS A 40 -2.76 -0.25 16.36
C CYS A 40 -1.52 0.23 17.12
N PRO A 41 -0.92 -0.65 17.94
CA PRO A 41 0.28 -0.32 18.71
C PRO A 41 1.51 -0.13 17.82
N GLY A 42 1.44 -0.64 16.60
CA GLY A 42 2.54 -0.54 15.66
C GLY A 42 2.61 0.83 15.00
N CYS A 43 1.56 1.62 15.15
CA CYS A 43 1.50 2.94 14.53
C CYS A 43 2.64 3.83 15.03
N VAL A 44 2.89 3.82 16.33
CA VAL A 44 3.92 4.67 16.92
C VAL A 44 5.29 4.38 16.31
N SER A 45 5.48 3.14 15.87
CA SER A 45 6.73 2.73 15.29
C SER A 45 6.78 3.02 13.79
N GLU A 46 5.80 2.51 13.07
CA GLU A 46 5.82 2.50 11.62
C GLU A 46 5.32 3.81 11.00
N MET A 47 4.35 4.46 11.64
CA MET A 47 3.70 5.63 11.05
C MET A 47 4.69 6.76 10.68
N PRO A 48 5.54 7.22 11.63
CA PRO A 48 6.55 8.26 11.34
C PRO A 48 7.48 7.84 10.21
N LYS A 49 7.81 6.56 10.18
CA LYS A 49 8.67 6.00 9.15
C LYS A 49 7.97 6.05 7.79
N ILE A 50 6.66 5.77 7.79
CA ILE A 50 5.86 5.84 6.57
C ILE A 50 5.82 7.27 6.03
N ILE A 51 5.71 8.23 6.95
CA ILE A 51 5.69 9.65 6.57
C ILE A 51 6.91 9.98 5.73
N LYS A 52 8.09 9.65 6.25
CA LYS A 52 9.33 9.94 5.56
C LYS A 52 9.41 9.16 4.25
N THR A 53 9.17 7.85 4.32
CA THR A 53 9.28 6.98 3.15
C THR A 53 8.38 7.47 2.01
N ALA A 54 7.13 7.77 2.34
CA ALA A 54 6.17 8.19 1.35
C ALA A 54 6.55 9.53 0.72
N ASN A 55 7.03 10.45 1.55
CA ASN A 55 7.35 11.79 1.09
C ASN A 55 8.65 11.78 0.27
N ASP A 56 9.60 10.96 0.68
CA ASP A 56 10.90 10.86 0.01
C ASP A 56 10.74 10.41 -1.44
N TYR A 57 10.00 9.33 -1.63
CA TYR A 57 9.87 8.73 -2.95
C TYR A 57 8.68 9.29 -3.71
N LYS A 58 7.94 10.18 -3.07
CA LYS A 58 6.79 10.83 -3.68
C LYS A 58 7.21 11.60 -4.93
N ASN A 59 8.41 12.16 -4.88
CA ASN A 59 8.93 12.99 -5.96
C ASN A 59 9.37 12.14 -7.15
N LYS A 60 9.69 10.89 -6.89
CA LYS A 60 10.04 9.97 -7.97
C LYS A 60 8.78 9.63 -8.76
N ASN A 61 7.91 8.86 -8.14
CA ASN A 61 6.69 8.35 -8.76
C ASN A 61 6.02 7.34 -7.84
N PHE A 62 6.34 7.43 -6.56
CA PHE A 62 5.88 6.46 -5.58
C PHE A 62 4.69 7.02 -4.81
N GLN A 63 3.71 6.18 -4.56
CA GLN A 63 2.55 6.57 -3.77
C GLN A 63 2.23 5.48 -2.75
N VAL A 64 1.93 5.88 -1.53
CA VAL A 64 1.57 4.94 -0.49
C VAL A 64 0.08 4.97 -0.24
N LEU A 65 -0.57 3.84 -0.45
CA LEU A 65 -1.99 3.73 -0.20
C LEU A 65 -2.23 2.97 1.08
N ALA A 66 -2.47 3.70 2.15
CA ALA A 66 -2.71 3.10 3.44
C ALA A 66 -4.17 2.69 3.58
N VAL A 67 -4.41 1.41 3.57
CA VAL A 67 -5.77 0.89 3.66
C VAL A 67 -6.13 0.58 5.10
N ALA A 68 -6.98 1.40 5.67
CA ALA A 68 -7.49 1.15 7.00
C ALA A 68 -8.61 0.12 6.92
N GLN A 69 -8.50 -0.92 7.73
CA GLN A 69 -9.49 -1.98 7.72
C GLN A 69 -10.46 -1.77 8.89
N PRO A 70 -11.65 -2.41 8.86
CA PRO A 70 -12.74 -2.13 9.82
C PRO A 70 -12.48 -2.62 11.26
N ILE A 71 -11.27 -2.42 11.76
CA ILE A 71 -10.97 -2.70 13.16
C ILE A 71 -11.36 -1.49 13.99
N ASP A 72 -11.26 -0.32 13.38
CA ASP A 72 -11.80 0.92 13.94
C ASP A 72 -12.73 1.55 12.93
N PRO A 73 -13.75 2.30 13.39
CA PRO A 73 -14.66 3.02 12.49
C PRO A 73 -13.92 4.01 11.60
N ILE A 74 -14.49 4.33 10.45
CA ILE A 74 -13.86 5.23 9.50
C ILE A 74 -13.69 6.62 10.09
N GLU A 75 -14.54 7.00 11.03
CA GLU A 75 -14.42 8.28 11.69
C GLU A 75 -13.16 8.30 12.55
N SER A 76 -12.83 7.15 13.13
CA SER A 76 -11.60 7.00 13.90
C SER A 76 -10.39 7.07 12.97
N VAL A 77 -10.47 6.37 11.85
CA VAL A 77 -9.35 6.28 10.92
C VAL A 77 -9.11 7.63 10.22
N ARG A 78 -10.19 8.34 9.92
CA ARG A 78 -10.11 9.62 9.22
C ARG A 78 -9.61 10.71 10.18
N GLN A 79 -9.88 10.53 11.47
CA GLN A 79 -9.40 11.46 12.49
C GLN A 79 -7.88 11.35 12.63
N TYR A 80 -7.36 10.13 12.51
CA TYR A 80 -5.92 9.90 12.60
C TYR A 80 -5.21 10.60 11.44
N VAL A 81 -5.74 10.41 10.23
CA VAL A 81 -5.20 11.05 9.04
C VAL A 81 -5.29 12.57 9.16
N LYS A 82 -6.43 13.03 9.66
CA LYS A 82 -6.70 14.46 9.84
C LYS A 82 -5.73 15.10 10.82
N ASP A 83 -5.68 14.54 12.02
CA ASP A 83 -4.97 15.14 13.15
C ASP A 83 -3.47 15.25 12.89
N TYR A 84 -2.86 14.16 12.44
CA TYR A 84 -1.43 14.13 12.22
C TYR A 84 -1.06 14.71 10.86
N GLY A 85 -2.03 14.81 9.97
CA GLY A 85 -1.77 15.32 8.64
C GLY A 85 -0.98 14.34 7.81
N LEU A 86 -1.57 13.17 7.59
CA LEU A 86 -0.94 12.12 6.81
C LEU A 86 -0.82 12.52 5.34
N PRO A 87 0.41 12.62 4.82
CA PRO A 87 0.64 13.03 3.43
C PRO A 87 0.32 11.93 2.42
N PHE A 88 0.47 10.68 2.84
CA PHE A 88 0.19 9.55 1.98
C PHE A 88 -1.32 9.28 1.94
N THR A 89 -1.78 8.75 0.83
CA THR A 89 -3.20 8.56 0.61
C THR A 89 -3.75 7.40 1.42
N VAL A 90 -4.85 7.64 2.12
CA VAL A 90 -5.46 6.62 2.95
C VAL A 90 -6.83 6.23 2.40
N MET A 91 -7.13 4.95 2.44
CA MET A 91 -8.42 4.43 2.02
C MET A 91 -9.00 3.57 3.13
N TYR A 92 -10.28 3.23 3.02
CA TYR A 92 -10.94 2.44 4.05
C TYR A 92 -11.82 1.38 3.43
N ASP A 93 -11.44 0.12 3.59
CA ASP A 93 -12.23 -0.99 3.06
C ASP A 93 -13.21 -1.46 4.13
N ALA A 94 -14.49 -1.37 3.82
CA ALA A 94 -15.54 -1.71 4.75
C ALA A 94 -15.65 -3.23 4.95
N ASP A 95 -15.15 -4.00 3.99
CA ASP A 95 -15.31 -5.45 4.04
C ASP A 95 -14.00 -6.18 4.29
N LYS A 96 -12.87 -5.48 4.18
CA LYS A 96 -11.56 -6.06 4.48
C LYS A 96 -11.23 -7.16 3.47
N ALA A 97 -11.97 -7.17 2.36
CA ALA A 97 -11.75 -8.15 1.30
C ALA A 97 -10.35 -8.01 0.74
N VAL A 98 -9.87 -6.78 0.80
CA VAL A 98 -8.50 -6.48 0.41
C VAL A 98 -7.51 -7.26 1.28
N GLY A 99 -7.75 -7.24 2.59
CA GLY A 99 -6.90 -7.93 3.52
C GLY A 99 -7.14 -9.42 3.51
N GLN A 100 -8.39 -9.81 3.28
CA GLN A 100 -8.77 -11.21 3.17
C GLN A 100 -8.00 -11.91 2.06
N ALA A 101 -7.74 -11.18 0.98
CA ALA A 101 -6.99 -11.73 -0.14
C ALA A 101 -5.51 -11.87 0.19
N PHE A 102 -4.93 -10.82 0.78
CA PHE A 102 -3.50 -10.83 1.10
C PHE A 102 -3.19 -11.74 2.29
N GLY A 103 -4.16 -11.92 3.18
CA GLY A 103 -3.93 -12.69 4.38
C GLY A 103 -3.57 -11.77 5.54
N THR A 104 -4.20 -10.61 5.57
CA THR A 104 -3.94 -9.61 6.58
C THR A 104 -4.59 -9.97 7.91
N GLN A 105 -3.87 -10.73 8.72
CA GLN A 105 -4.34 -11.12 10.04
C GLN A 105 -3.65 -10.28 11.11
N VAL A 106 -2.34 -10.14 10.98
CA VAL A 106 -1.54 -9.36 11.92
C VAL A 106 -1.21 -8.00 11.32
N TYR A 107 -1.43 -6.96 12.08
CA TYR A 107 -1.19 -5.60 11.61
C TYR A 107 0.09 -5.07 12.25
N PRO A 108 0.82 -4.17 11.55
CA PRO A 108 0.48 -3.69 10.21
C PRO A 108 0.85 -4.68 9.10
N THR A 109 0.32 -4.46 7.92
CA THR A 109 0.65 -5.29 6.77
C THR A 109 1.01 -4.42 5.57
N SER A 110 2.25 -4.49 5.14
CA SER A 110 2.72 -3.69 4.01
C SER A 110 2.94 -4.58 2.79
N VAL A 111 2.15 -4.36 1.75
CA VAL A 111 2.28 -5.13 0.53
C VAL A 111 2.92 -4.30 -0.57
N LEU A 112 3.66 -4.96 -1.45
CA LEU A 112 4.43 -4.27 -2.46
C LEU A 112 3.71 -4.30 -3.80
N ILE A 113 3.49 -3.12 -4.35
CA ILE A 113 2.93 -2.98 -5.68
C ILE A 113 3.99 -2.41 -6.61
N GLY A 114 4.34 -3.17 -7.64
CA GLY A 114 5.32 -2.68 -8.60
C GLY A 114 4.74 -1.57 -9.47
N LYS A 115 5.44 -1.22 -10.53
CA LYS A 115 5.01 -0.10 -11.36
C LYS A 115 4.23 -0.66 -12.51
N LYS A 116 3.76 -1.85 -12.29
CA LYS A 116 2.89 -2.53 -13.21
C LYS A 116 1.48 -2.53 -12.64
N GLY A 117 1.34 -1.95 -11.45
CA GLY A 117 0.06 -1.83 -10.79
C GLY A 117 -0.58 -3.15 -10.47
N GLU A 118 0.19 -4.08 -9.92
CA GLU A 118 -0.34 -5.38 -9.57
C GLU A 118 0.36 -5.96 -8.35
N ILE A 119 -0.25 -7.03 -7.80
CA ILE A 119 0.26 -7.68 -6.60
C ILE A 119 1.65 -8.26 -6.81
N LEU A 120 2.58 -7.92 -5.93
CA LEU A 120 3.92 -8.49 -5.97
C LEU A 120 4.26 -9.21 -4.66
N LYS A 121 4.26 -8.47 -3.55
CA LYS A 121 4.68 -9.03 -2.27
C LYS A 121 3.72 -8.67 -1.15
N THR A 122 3.69 -9.49 -0.11
CA THR A 122 2.93 -9.19 1.10
C THR A 122 3.79 -9.41 2.35
N TYR A 123 4.29 -8.33 2.93
CA TYR A 123 4.91 -8.38 4.26
C TYR A 123 3.89 -8.19 5.36
N VAL A 124 3.98 -8.99 6.40
CA VAL A 124 3.06 -8.91 7.52
C VAL A 124 3.83 -8.68 8.83
N GLY A 125 3.49 -7.60 9.52
CA GLY A 125 4.09 -7.34 10.82
C GLY A 125 5.27 -6.41 10.75
N GLU A 126 6.33 -6.84 10.06
CA GLU A 126 7.58 -6.09 10.04
C GLU A 126 8.51 -6.61 8.95
N PRO A 127 8.83 -5.76 7.95
CA PRO A 127 9.75 -6.09 6.87
C PRO A 127 11.20 -5.66 7.16
N ASP A 128 12.14 -6.22 6.41
CA ASP A 128 13.54 -5.81 6.49
C ASP A 128 13.86 -4.84 5.35
N PHE A 129 14.05 -3.58 5.72
CA PHE A 129 14.03 -2.48 4.75
C PHE A 129 15.23 -2.44 3.80
N GLY A 130 16.40 -2.90 4.23
CA GLY A 130 17.56 -2.86 3.36
C GLY A 130 17.34 -3.65 2.08
N LYS A 131 16.96 -4.90 2.25
CA LYS A 131 16.62 -5.78 1.15
C LYS A 131 15.36 -5.28 0.45
N LEU A 132 14.45 -4.73 1.24
CA LEU A 132 13.17 -4.21 0.75
C LEU A 132 13.40 -3.06 -0.24
N TYR A 133 14.25 -2.12 0.12
CA TYR A 133 14.57 -1.01 -0.76
C TYR A 133 15.16 -1.52 -2.07
N GLN A 134 16.00 -2.55 -1.98
CA GLN A 134 16.59 -3.13 -3.16
C GLN A 134 15.58 -3.93 -3.98
N GLU A 135 14.61 -4.53 -3.31
CA GLU A 135 13.63 -5.37 -4.01
C GLU A 135 12.52 -4.51 -4.63
N ILE A 136 12.31 -3.31 -4.10
CA ILE A 136 11.46 -2.33 -4.77
C ILE A 136 12.15 -1.89 -6.05
N ASP A 137 13.46 -1.67 -5.96
CA ASP A 137 14.29 -1.34 -7.12
C ASP A 137 14.29 -2.50 -8.12
N THR A 138 14.07 -3.72 -7.60
CA THR A 138 13.98 -4.90 -8.45
C THR A 138 12.82 -4.77 -9.43
N ALA A 139 11.76 -4.08 -9.03
CA ALA A 139 10.62 -3.85 -9.92
C ALA A 139 11.03 -2.98 -11.10
N TRP A 140 11.98 -2.09 -10.85
CA TRP A 140 12.53 -1.22 -11.89
C TRP A 140 13.50 -2.00 -12.76
N ARG A 141 14.31 -2.83 -12.11
CA ARG A 141 15.28 -3.68 -12.79
C ARG A 141 14.60 -4.81 -13.56
N ASN A 142 13.35 -5.06 -13.23
CA ASN A 142 12.61 -6.18 -13.81
C ASN A 142 12.11 -5.85 -15.21
N SER A 143 12.12 -4.57 -15.56
CA SER A 143 11.68 -4.15 -16.88
C SER A 143 12.86 -3.88 -17.81
N ASP A 144 13.95 -3.33 -17.23
CA ASP A 144 15.14 -2.94 -17.99
C ASP A 144 14.84 -1.77 -18.93
N ALA A 145 14.26 -2.12 -20.07
CA ALA A 145 13.97 -1.17 -21.14
C ALA A 145 13.26 -1.90 -22.27
N GLU A 146 13.65 -3.16 -22.44
CA GLU A 146 13.01 -4.02 -23.41
C GLU A 146 12.40 -5.21 -22.69
N GLY A 147 11.15 -5.05 -22.25
CA GLY A 147 10.51 -6.03 -21.39
C GLY A 147 10.19 -7.33 -22.10
N HIS A 148 10.47 -7.38 -23.40
CA HIS A 148 10.18 -8.54 -24.21
C HIS A 148 11.05 -9.73 -23.78
N HIS A 149 12.15 -9.43 -23.08
CA HIS A 149 13.04 -10.47 -22.57
C HIS A 149 12.45 -11.11 -21.32
N HIS A 150 11.61 -10.36 -20.62
CA HIS A 150 11.03 -10.82 -19.36
C HIS A 150 9.64 -11.38 -19.60
N HIS A 151 8.91 -10.77 -20.55
CA HIS A 151 7.52 -11.13 -20.85
C HIS A 151 6.61 -10.71 -19.71
N HIS A 152 6.77 -11.39 -18.58
CA HIS A 152 6.00 -11.14 -17.37
C HIS A 152 6.46 -12.13 -16.32
N HIS A 153 6.77 -13.34 -16.78
CA HIS A 153 7.32 -14.39 -15.94
C HIS A 153 8.19 -15.30 -16.80
N ASP A 4 -7.24 -10.63 -10.39
CA ASP A 4 -8.45 -11.03 -9.65
C ASP A 4 -8.07 -11.83 -8.40
N SER A 5 -8.16 -11.17 -7.25
CA SER A 5 -7.65 -11.70 -5.98
C SER A 5 -6.13 -11.87 -6.08
N LYS A 6 -5.70 -12.89 -6.81
CA LYS A 6 -4.29 -13.07 -7.11
C LYS A 6 -3.89 -12.05 -8.17
N THR A 7 -2.67 -11.52 -8.06
CA THR A 7 -2.19 -10.46 -8.94
C THR A 7 -3.21 -9.34 -9.09
N ALA A 8 -3.28 -8.50 -8.06
CA ALA A 8 -4.24 -7.40 -7.98
C ALA A 8 -5.68 -7.92 -7.87
N PRO A 9 -6.38 -7.59 -6.76
CA PRO A 9 -7.75 -8.06 -6.53
C PRO A 9 -8.80 -7.30 -7.33
N ALA A 10 -8.35 -6.58 -8.35
CA ALA A 10 -9.25 -5.76 -9.18
C ALA A 10 -10.13 -4.86 -8.31
N PHE A 11 -9.51 -4.29 -7.29
CA PHE A 11 -10.26 -3.55 -6.27
C PHE A 11 -10.60 -2.14 -6.73
N SER A 12 -11.71 -1.63 -6.22
CA SER A 12 -12.12 -0.25 -6.44
C SER A 12 -12.60 0.33 -5.11
N LEU A 13 -11.70 1.02 -4.44
CA LEU A 13 -11.96 1.48 -3.08
C LEU A 13 -11.91 2.99 -3.01
N PRO A 14 -12.97 3.63 -2.50
CA PRO A 14 -12.97 5.07 -2.25
C PRO A 14 -12.06 5.44 -1.08
N ASP A 15 -11.22 6.43 -1.28
CA ASP A 15 -10.31 6.88 -0.23
C ASP A 15 -11.06 7.72 0.79
N LEU A 16 -10.38 8.16 1.83
CA LEU A 16 -11.01 8.92 2.90
C LEU A 16 -11.55 10.25 2.40
N HIS A 17 -10.89 10.83 1.41
CA HIS A 17 -11.25 12.16 0.92
C HIS A 17 -12.39 12.08 -0.10
N GLY A 18 -12.63 10.89 -0.63
CA GLY A 18 -13.81 10.68 -1.46
C GLY A 18 -13.51 10.51 -2.93
N LYS A 19 -12.36 9.92 -3.26
CA LYS A 19 -12.06 9.57 -4.63
C LYS A 19 -11.97 8.06 -4.77
N THR A 20 -12.58 7.53 -5.82
CA THR A 20 -12.50 6.12 -6.12
C THR A 20 -11.14 5.81 -6.76
N VAL A 21 -10.40 4.89 -6.16
CA VAL A 21 -9.13 4.48 -6.72
C VAL A 21 -9.12 2.98 -6.94
N SER A 22 -8.31 2.53 -7.88
CA SER A 22 -8.25 1.12 -8.23
C SER A 22 -6.81 0.71 -8.50
N ASN A 23 -6.62 -0.56 -8.84
CA ASN A 23 -5.30 -1.08 -9.15
C ASN A 23 -4.83 -0.59 -10.51
N ALA A 24 -5.79 -0.18 -11.35
CA ALA A 24 -5.48 0.42 -12.64
C ALA A 24 -4.70 1.73 -12.45
N ASP A 25 -4.92 2.39 -11.32
CA ASP A 25 -4.18 3.62 -11.00
C ASP A 25 -2.72 3.31 -10.74
N LEU A 26 -2.47 2.11 -10.26
CA LEU A 26 -1.14 1.67 -9.87
C LEU A 26 -0.26 1.38 -11.09
N GLN A 27 -0.92 1.18 -12.24
CA GLN A 27 -0.22 0.87 -13.48
C GLN A 27 0.82 1.94 -13.82
N GLY A 28 2.04 1.49 -14.08
CA GLY A 28 3.12 2.40 -14.40
C GLY A 28 3.85 2.89 -13.17
N LYS A 29 3.17 2.88 -12.04
CA LYS A 29 3.73 3.39 -10.79
C LYS A 29 4.33 2.27 -9.96
N VAL A 30 4.69 2.62 -8.74
CA VAL A 30 5.07 1.65 -7.73
C VAL A 30 4.36 2.01 -6.44
N THR A 31 3.84 1.02 -5.72
CA THR A 31 2.96 1.28 -4.61
C THR A 31 3.20 0.33 -3.45
N LEU A 32 2.95 0.81 -2.23
CA LEU A 32 3.00 -0.02 -1.05
C LEU A 32 1.68 0.12 -0.29
N ILE A 33 1.00 -0.98 -0.05
CA ILE A 33 -0.27 -0.96 0.64
C ILE A 33 -0.12 -1.44 2.08
N ASN A 34 -0.36 -0.54 3.02
CA ASN A 34 -0.21 -0.86 4.44
C ASN A 34 -1.58 -0.96 5.10
N PHE A 35 -1.91 -2.14 5.60
CA PHE A 35 -3.16 -2.34 6.32
C PHE A 35 -2.97 -2.07 7.79
N TRP A 36 -3.69 -1.10 8.31
CA TRP A 36 -3.53 -0.66 9.69
C TRP A 36 -4.86 -0.21 10.28
N PHE A 37 -4.79 0.26 11.52
CA PHE A 37 -5.94 0.79 12.22
C PHE A 37 -5.46 1.81 13.26
N PRO A 38 -6.34 2.71 13.71
CA PRO A 38 -5.98 3.70 14.75
C PRO A 38 -5.37 3.03 15.98
N SER A 39 -4.20 3.53 16.40
CA SER A 39 -3.48 3.02 17.56
C SER A 39 -2.86 1.64 17.27
N CYS A 40 -2.58 1.37 15.99
CA CYS A 40 -1.93 0.12 15.60
C CYS A 40 -0.52 0.04 16.18
N PRO A 41 -0.14 -1.12 16.76
CA PRO A 41 1.19 -1.35 17.32
C PRO A 41 2.30 -1.12 16.29
N GLY A 42 2.16 -1.74 15.12
CA GLY A 42 3.16 -1.58 14.07
C GLY A 42 3.21 -0.17 13.53
N CYS A 43 2.10 0.56 13.67
CA CYS A 43 2.00 1.93 13.20
C CYS A 43 3.05 2.82 13.86
N VAL A 44 3.40 2.51 15.11
CA VAL A 44 4.40 3.28 15.83
C VAL A 44 5.76 3.18 15.14
N SER A 45 6.05 2.01 14.59
CA SER A 45 7.30 1.78 13.90
C SER A 45 7.22 2.16 12.41
N GLU A 46 6.24 1.59 11.71
CA GLU A 46 6.14 1.75 10.26
C GLU A 46 5.90 3.20 9.84
N MET A 47 4.91 3.84 10.47
CA MET A 47 4.43 5.15 10.03
C MET A 47 5.55 6.18 9.87
N PRO A 48 6.45 6.37 10.87
CA PRO A 48 7.60 7.29 10.73
C PRO A 48 8.37 7.09 9.44
N LYS A 49 8.71 5.84 9.14
CA LYS A 49 9.41 5.51 7.89
C LYS A 49 8.55 5.88 6.70
N ILE A 50 7.28 5.48 6.75
CA ILE A 50 6.35 5.73 5.66
C ILE A 50 6.20 7.22 5.38
N ILE A 51 6.26 8.03 6.44
CA ILE A 51 6.19 9.48 6.28
C ILE A 51 7.33 9.97 5.41
N LYS A 52 8.55 9.59 5.77
CA LYS A 52 9.74 10.04 5.05
C LYS A 52 9.82 9.39 3.66
N THR A 53 9.47 8.13 3.59
CA THR A 53 9.53 7.37 2.35
C THR A 53 8.49 7.89 1.36
N ALA A 54 7.24 7.92 1.77
CA ALA A 54 6.14 8.28 0.88
C ALA A 54 6.26 9.72 0.44
N ASN A 55 6.73 10.59 1.33
CA ASN A 55 6.87 12.01 1.01
C ASN A 55 7.88 12.21 -0.11
N ASP A 56 9.05 11.58 0.02
CA ASP A 56 10.10 11.70 -0.98
C ASP A 56 9.70 11.02 -2.28
N TYR A 57 9.29 9.77 -2.17
CA TYR A 57 8.98 8.97 -3.35
C TYR A 57 7.69 9.43 -4.03
N LYS A 58 6.94 10.30 -3.34
CA LYS A 58 5.75 10.90 -3.92
C LYS A 58 6.13 11.71 -5.14
N ASN A 59 7.30 12.34 -5.07
CA ASN A 59 7.81 13.18 -6.15
C ASN A 59 8.52 12.32 -7.19
N LYS A 60 8.67 11.05 -6.89
CA LYS A 60 9.27 10.11 -7.83
C LYS A 60 8.18 9.51 -8.71
N ASN A 61 7.36 8.67 -8.09
CA ASN A 61 6.29 7.90 -8.77
C ASN A 61 5.82 6.78 -7.85
N PHE A 62 6.22 6.85 -6.59
CA PHE A 62 5.86 5.83 -5.63
C PHE A 62 4.79 6.39 -4.69
N GLN A 63 3.72 5.65 -4.52
CA GLN A 63 2.64 6.07 -3.64
C GLN A 63 2.31 4.99 -2.62
N VAL A 64 2.03 5.41 -1.40
CA VAL A 64 1.67 4.48 -0.34
C VAL A 64 0.17 4.55 -0.09
N LEU A 65 -0.47 3.40 -0.13
CA LEU A 65 -1.90 3.31 0.08
C LEU A 65 -2.17 2.54 1.36
N ALA A 66 -2.46 3.26 2.43
CA ALA A 66 -2.71 2.64 3.71
C ALA A 66 -4.19 2.33 3.88
N VAL A 67 -4.55 1.07 3.79
CA VAL A 67 -5.93 0.67 3.91
C VAL A 67 -6.26 0.26 5.34
N ALA A 68 -7.13 1.02 5.97
CA ALA A 68 -7.58 0.70 7.31
C ALA A 68 -8.69 -0.33 7.25
N GLN A 69 -8.64 -1.30 8.15
CA GLN A 69 -9.67 -2.33 8.20
C GLN A 69 -10.64 -2.02 9.35
N PRO A 70 -11.83 -2.65 9.37
CA PRO A 70 -12.89 -2.32 10.34
C PRO A 70 -12.51 -2.68 11.79
N ILE A 71 -11.76 -1.79 12.41
CA ILE A 71 -11.48 -1.87 13.84
C ILE A 71 -12.17 -0.70 14.52
N ASP A 72 -12.03 0.47 13.89
CA ASP A 72 -12.74 1.68 14.33
C ASP A 72 -13.42 2.28 13.11
N PRO A 73 -14.52 3.04 13.28
CA PRO A 73 -15.30 3.60 12.16
C PRO A 73 -14.49 4.43 11.16
N ILE A 74 -15.07 4.62 9.98
CA ILE A 74 -14.49 5.43 8.92
C ILE A 74 -14.08 6.82 9.43
N GLU A 75 -14.88 7.35 10.35
CA GLU A 75 -14.65 8.66 10.93
C GLU A 75 -13.31 8.70 11.68
N SER A 76 -13.08 7.67 12.49
CA SER A 76 -11.85 7.55 13.27
C SER A 76 -10.62 7.56 12.36
N VAL A 77 -10.71 6.85 11.24
CA VAL A 77 -9.61 6.80 10.29
C VAL A 77 -9.37 8.17 9.67
N ARG A 78 -10.45 8.82 9.26
CA ARG A 78 -10.39 10.17 8.71
C ARG A 78 -9.80 11.15 9.71
N GLN A 79 -10.12 10.93 10.98
CA GLN A 79 -9.66 11.80 12.06
C GLN A 79 -8.13 11.78 12.12
N TYR A 80 -7.55 10.59 12.21
CA TYR A 80 -6.10 10.43 12.35
C TYR A 80 -5.36 11.13 11.20
N VAL A 81 -5.79 10.88 9.97
CA VAL A 81 -5.15 11.47 8.79
C VAL A 81 -5.10 13.00 8.85
N LYS A 82 -6.21 13.62 9.26
CA LYS A 82 -6.27 15.08 9.39
C LYS A 82 -5.37 15.56 10.52
N ASP A 83 -5.52 14.89 11.65
CA ASP A 83 -4.91 15.31 12.90
C ASP A 83 -3.39 15.24 12.87
N TYR A 84 -2.87 14.19 12.24
CA TYR A 84 -1.42 14.01 12.18
C TYR A 84 -0.85 14.55 10.87
N GLY A 85 -1.73 14.90 9.94
CA GLY A 85 -1.30 15.42 8.65
C GLY A 85 -0.48 14.41 7.88
N LEU A 86 -1.14 13.34 7.45
CA LEU A 86 -0.47 12.24 6.80
C LEU A 86 -0.49 12.38 5.27
N PRO A 87 0.70 12.29 4.64
CA PRO A 87 0.87 12.55 3.20
C PRO A 87 0.54 11.37 2.29
N PHE A 88 0.41 10.18 2.86
CA PHE A 88 0.06 9.01 2.05
C PHE A 88 -1.45 8.81 2.03
N THR A 89 -1.93 8.17 0.97
CA THR A 89 -3.36 8.00 0.77
C THR A 89 -3.89 6.87 1.64
N VAL A 90 -4.92 7.17 2.42
CA VAL A 90 -5.49 6.18 3.31
C VAL A 90 -6.88 5.77 2.83
N MET A 91 -7.14 4.46 2.87
CA MET A 91 -8.43 3.92 2.48
C MET A 91 -9.08 3.26 3.68
N TYR A 92 -10.33 2.85 3.52
CA TYR A 92 -11.02 2.14 4.58
C TYR A 92 -11.88 1.02 4.00
N ASP A 93 -11.47 -0.21 4.24
CA ASP A 93 -12.25 -1.36 3.81
C ASP A 93 -13.19 -1.77 4.93
N ALA A 94 -14.48 -1.71 4.68
CA ALA A 94 -15.48 -1.98 5.70
C ALA A 94 -15.61 -3.47 6.02
N ASP A 95 -15.07 -4.34 5.17
CA ASP A 95 -15.27 -5.77 5.33
C ASP A 95 -13.94 -6.52 5.37
N LYS A 96 -12.84 -5.80 5.07
CA LYS A 96 -11.48 -6.35 5.01
C LYS A 96 -11.25 -7.12 3.72
N ALA A 97 -12.21 -7.10 2.80
CA ALA A 97 -12.20 -7.97 1.62
C ALA A 97 -10.96 -7.78 0.76
N VAL A 98 -10.51 -6.53 0.57
CA VAL A 98 -9.32 -6.30 -0.25
C VAL A 98 -8.09 -6.81 0.48
N GLY A 99 -8.09 -6.66 1.81
CA GLY A 99 -7.01 -7.16 2.63
C GLY A 99 -7.04 -8.67 2.70
N GLN A 100 -8.24 -9.23 2.67
CA GLN A 100 -8.46 -10.65 2.65
C GLN A 100 -7.84 -11.28 1.41
N ALA A 101 -7.85 -10.52 0.32
CA ALA A 101 -7.23 -10.95 -0.93
C ALA A 101 -5.71 -10.90 -0.83
N PHE A 102 -5.18 -9.87 -0.20
CA PHE A 102 -3.72 -9.72 -0.03
C PHE A 102 -3.20 -10.69 1.02
N GLY A 103 -4.07 -11.13 1.91
CA GLY A 103 -3.69 -12.09 2.92
C GLY A 103 -3.35 -11.45 4.24
N THR A 104 -4.23 -10.58 4.73
CA THR A 104 -4.04 -9.95 6.02
C THR A 104 -4.27 -10.94 7.16
N GLN A 105 -3.21 -11.64 7.55
CA GLN A 105 -3.29 -12.61 8.63
C GLN A 105 -3.12 -11.92 9.97
N VAL A 106 -2.06 -11.13 10.08
CA VAL A 106 -1.77 -10.42 11.32
C VAL A 106 -1.53 -8.95 11.02
N TYR A 107 -1.99 -8.08 11.92
CA TYR A 107 -1.78 -6.66 11.75
C TYR A 107 -0.44 -6.26 12.34
N PRO A 108 0.32 -5.38 11.66
CA PRO A 108 -0.07 -4.80 10.38
C PRO A 108 0.40 -5.62 9.18
N THR A 109 -0.14 -5.32 8.01
CA THR A 109 0.22 -6.02 6.80
C THR A 109 0.62 -5.03 5.70
N SER A 110 1.89 -5.03 5.33
CA SER A 110 2.39 -4.12 4.31
C SER A 110 2.76 -4.89 3.04
N VAL A 111 2.00 -4.66 1.97
CA VAL A 111 2.20 -5.37 0.72
C VAL A 111 2.83 -4.47 -0.33
N LEU A 112 3.62 -5.08 -1.22
CA LEU A 112 4.29 -4.36 -2.29
C LEU A 112 3.55 -4.57 -3.60
N ILE A 113 3.32 -3.47 -4.30
CA ILE A 113 2.53 -3.48 -5.52
C ILE A 113 3.40 -3.12 -6.73
N GLY A 114 3.26 -3.91 -7.79
CA GLY A 114 4.02 -3.68 -9.00
C GLY A 114 3.38 -2.67 -9.93
N LYS A 115 3.96 -2.51 -11.10
CA LYS A 115 3.57 -1.47 -12.06
C LYS A 115 2.27 -1.81 -12.78
N LYS A 116 1.47 -2.69 -12.19
CA LYS A 116 0.20 -3.09 -12.81
C LYS A 116 -0.82 -3.47 -11.73
N GLY A 117 -0.49 -3.16 -10.47
CA GLY A 117 -1.36 -3.55 -9.38
C GLY A 117 -1.03 -4.94 -8.88
N GLU A 118 -0.25 -5.67 -9.69
CA GLU A 118 0.18 -7.02 -9.37
C GLU A 118 0.88 -7.07 -8.02
N ILE A 119 0.53 -8.07 -7.23
CA ILE A 119 1.02 -8.20 -5.87
C ILE A 119 2.42 -8.80 -5.89
N LEU A 120 3.41 -7.99 -5.51
CA LEU A 120 4.80 -8.42 -5.57
C LEU A 120 5.24 -9.05 -4.27
N LYS A 121 4.83 -8.48 -3.15
CA LYS A 121 5.38 -8.88 -1.86
C LYS A 121 4.38 -8.65 -0.74
N THR A 122 4.50 -9.44 0.33
CA THR A 122 3.64 -9.29 1.50
C THR A 122 4.46 -9.38 2.80
N TYR A 123 4.62 -8.25 3.48
CA TYR A 123 5.27 -8.22 4.78
C TYR A 123 4.24 -8.19 5.90
N VAL A 124 4.24 -9.21 6.74
CA VAL A 124 3.30 -9.30 7.83
C VAL A 124 3.99 -9.07 9.17
N GLY A 125 3.51 -8.09 9.91
CA GLY A 125 4.04 -7.83 11.24
C GLY A 125 5.18 -6.82 11.23
N GLU A 126 6.33 -7.25 10.75
CA GLU A 126 7.52 -6.41 10.73
C GLU A 126 8.20 -6.46 9.36
N PRO A 127 8.06 -5.38 8.57
CA PRO A 127 8.71 -5.27 7.28
C PRO A 127 10.16 -4.80 7.39
N ASP A 128 11.07 -5.56 6.80
CA ASP A 128 12.48 -5.17 6.77
C ASP A 128 12.64 -3.91 5.93
N PHE A 129 12.80 -2.76 6.59
CA PHE A 129 12.79 -1.47 5.90
C PHE A 129 14.01 -1.32 4.99
N GLY A 130 15.18 -1.67 5.50
CA GLY A 130 16.39 -1.57 4.68
C GLY A 130 16.29 -2.41 3.42
N LYS A 131 15.85 -3.65 3.59
CA LYS A 131 15.66 -4.55 2.47
C LYS A 131 14.50 -4.07 1.61
N LEU A 132 13.52 -3.43 2.22
CA LEU A 132 12.40 -2.86 1.50
C LEU A 132 12.90 -1.84 0.48
N TYR A 133 13.81 -0.97 0.91
CA TYR A 133 14.34 0.07 0.03
C TYR A 133 15.05 -0.52 -1.18
N GLN A 134 15.96 -1.46 -0.94
CA GLN A 134 16.69 -2.08 -2.05
C GLN A 134 15.76 -2.97 -2.89
N GLU A 135 14.73 -3.49 -2.25
CA GLU A 135 13.76 -4.35 -2.91
C GLU A 135 12.85 -3.52 -3.84
N ILE A 136 12.51 -2.31 -3.39
CA ILE A 136 11.80 -1.35 -4.23
C ILE A 136 12.68 -0.96 -5.41
N ASP A 137 13.96 -0.74 -5.13
CA ASP A 137 14.94 -0.38 -6.15
C ASP A 137 14.98 -1.47 -7.23
N THR A 138 14.86 -2.72 -6.80
CA THR A 138 14.83 -3.84 -7.71
C THR A 138 13.57 -3.81 -8.58
N ALA A 139 12.46 -3.40 -7.99
CA ALA A 139 11.20 -3.29 -8.71
C ALA A 139 11.26 -2.18 -9.74
N TRP A 140 12.16 -1.22 -9.53
CA TRP A 140 12.37 -0.14 -10.48
C TRP A 140 13.16 -0.63 -11.69
N ARG A 141 13.95 -1.68 -11.49
CA ARG A 141 14.78 -2.24 -12.55
C ARG A 141 13.91 -2.99 -13.55
N ASN A 142 12.94 -3.72 -13.02
CA ASN A 142 12.03 -4.51 -13.84
C ASN A 142 11.13 -3.61 -14.67
N SER A 143 11.39 -3.56 -15.95
CA SER A 143 10.64 -2.72 -16.85
C SER A 143 10.58 -3.38 -18.24
N ASP A 144 9.39 -3.81 -18.61
CA ASP A 144 9.19 -4.46 -19.90
C ASP A 144 9.17 -3.41 -21.01
N ALA A 145 10.28 -3.29 -21.72
CA ALA A 145 10.41 -2.26 -22.74
C ALA A 145 11.25 -2.74 -23.92
N GLU A 146 11.35 -1.90 -24.94
CA GLU A 146 12.11 -2.21 -26.14
C GLU A 146 13.56 -1.75 -25.98
N GLY A 147 14.46 -2.32 -26.77
CA GLY A 147 15.87 -2.01 -26.63
C GLY A 147 16.40 -1.18 -27.77
N HIS A 148 15.53 -0.38 -28.37
CA HIS A 148 15.92 0.49 -29.47
C HIS A 148 16.71 1.67 -28.94
N HIS A 149 18.03 1.56 -28.98
CA HIS A 149 18.92 2.56 -28.41
C HIS A 149 18.72 3.90 -29.10
N HIS A 150 18.71 3.92 -30.42
CA HIS A 150 18.49 5.15 -31.16
C HIS A 150 16.98 5.43 -31.24
N HIS A 151 16.44 5.89 -30.13
CA HIS A 151 15.02 6.23 -30.06
C HIS A 151 14.79 7.65 -30.56
N HIS A 152 15.87 8.41 -30.62
CA HIS A 152 15.86 9.80 -31.04
C HIS A 152 17.28 10.33 -30.91
N HIS A 153 17.95 9.82 -29.89
CA HIS A 153 19.35 10.06 -29.66
C HIS A 153 20.04 8.72 -29.42
N ASP A 4 -10.75 -12.85 -1.67
CA ASP A 4 -10.81 -13.65 -2.90
C ASP A 4 -9.42 -14.15 -3.30
N SER A 5 -8.63 -13.29 -3.94
CA SER A 5 -7.32 -13.67 -4.45
C SER A 5 -6.33 -12.53 -4.31
N LYS A 6 -5.06 -12.84 -4.51
CA LYS A 6 -4.01 -11.82 -4.52
C LYS A 6 -3.81 -11.30 -5.94
N THR A 7 -2.66 -10.64 -6.19
CA THR A 7 -2.36 -10.05 -7.49
C THR A 7 -3.37 -8.93 -7.79
N ALA A 8 -3.90 -8.34 -6.72
CA ALA A 8 -4.89 -7.27 -6.80
C ALA A 8 -6.18 -7.77 -7.45
N PRO A 9 -7.17 -8.16 -6.64
CA PRO A 9 -8.42 -8.77 -7.11
C PRO A 9 -9.41 -7.77 -7.69
N ALA A 10 -8.89 -6.75 -8.35
CA ALA A 10 -9.69 -5.67 -8.94
C ALA A 10 -10.55 -4.98 -7.88
N PHE A 11 -9.96 -4.02 -7.18
CA PHE A 11 -10.65 -3.37 -6.09
C PHE A 11 -10.96 -1.92 -6.43
N SER A 12 -12.22 -1.54 -6.21
CA SER A 12 -12.62 -0.15 -6.34
C SER A 12 -12.94 0.39 -4.95
N LEU A 13 -11.95 0.94 -4.30
CA LEU A 13 -12.10 1.35 -2.90
C LEU A 13 -12.06 2.87 -2.79
N PRO A 14 -13.09 3.46 -2.14
CA PRO A 14 -13.13 4.90 -1.90
C PRO A 14 -12.13 5.33 -0.81
N ASP A 15 -11.61 6.54 -0.96
CA ASP A 15 -10.71 7.09 0.03
C ASP A 15 -11.52 7.66 1.20
N LEU A 16 -10.86 8.29 2.16
CA LEU A 16 -11.53 8.81 3.34
C LEU A 16 -12.41 10.01 3.01
N HIS A 17 -12.17 10.64 1.87
CA HIS A 17 -12.96 11.79 1.44
C HIS A 17 -14.15 11.33 0.61
N GLY A 18 -13.91 10.46 -0.35
CA GLY A 18 -14.99 9.91 -1.14
C GLY A 18 -14.65 9.71 -2.61
N LYS A 19 -13.36 9.56 -2.91
CA LYS A 19 -12.93 9.28 -4.28
C LYS A 19 -12.61 7.81 -4.43
N THR A 20 -13.01 7.23 -5.56
CA THR A 20 -12.79 5.81 -5.80
C THR A 20 -11.38 5.57 -6.36
N VAL A 21 -10.61 4.73 -5.68
CA VAL A 21 -9.29 4.34 -6.13
C VAL A 21 -9.32 2.89 -6.61
N SER A 22 -8.72 2.61 -7.75
CA SER A 22 -8.73 1.26 -8.31
C SER A 22 -7.42 0.94 -9.03
N ASN A 23 -7.32 -0.29 -9.52
CA ASN A 23 -6.10 -0.83 -10.15
C ASN A 23 -5.55 0.09 -11.25
N ALA A 24 -6.45 0.79 -11.93
CA ALA A 24 -6.08 1.61 -13.09
C ALA A 24 -5.04 2.69 -12.75
N ASP A 25 -5.02 3.14 -11.50
CA ASP A 25 -4.12 4.21 -11.12
C ASP A 25 -2.71 3.69 -10.81
N LEU A 26 -2.64 2.41 -10.47
CA LEU A 26 -1.37 1.82 -10.01
C LEU A 26 -0.46 1.45 -11.18
N GLN A 27 -1.04 1.17 -12.34
CA GLN A 27 -0.27 0.74 -13.50
C GLN A 27 0.68 1.84 -13.98
N GLY A 28 1.93 1.45 -14.18
CA GLY A 28 2.96 2.39 -14.64
C GLY A 28 3.72 3.02 -13.49
N LYS A 29 3.21 2.83 -12.29
CA LYS A 29 3.83 3.35 -11.09
C LYS A 29 4.29 2.21 -10.21
N VAL A 30 4.76 2.55 -9.02
CA VAL A 30 5.04 1.55 -8.00
C VAL A 30 4.30 1.95 -6.72
N THR A 31 3.72 0.99 -6.04
CA THR A 31 2.80 1.31 -4.96
C THR A 31 3.03 0.43 -3.74
N LEU A 32 2.82 1.00 -2.56
CA LEU A 32 2.86 0.24 -1.32
C LEU A 32 1.48 0.25 -0.68
N ILE A 33 0.77 -0.86 -0.75
CA ILE A 33 -0.51 -0.98 -0.09
C ILE A 33 -0.30 -1.49 1.32
N ASN A 34 -0.55 -0.65 2.31
CA ASN A 34 -0.29 -1.01 3.68
C ASN A 34 -1.58 -1.03 4.49
N PHE A 35 -1.99 -2.22 4.89
CA PHE A 35 -3.20 -2.39 5.70
C PHE A 35 -2.91 -2.11 7.16
N TRP A 36 -3.76 -1.30 7.77
CA TRP A 36 -3.56 -0.87 9.14
C TRP A 36 -4.88 -0.42 9.75
N PHE A 37 -4.78 0.18 10.94
CA PHE A 37 -5.91 0.84 11.58
C PHE A 37 -5.38 1.83 12.60
N PRO A 38 -5.98 3.03 12.69
CA PRO A 38 -5.49 4.12 13.53
C PRO A 38 -5.35 3.77 15.01
N SER A 39 -6.16 2.82 15.48
CA SER A 39 -6.11 2.43 16.89
C SER A 39 -5.10 1.30 17.11
N CYS A 40 -4.10 1.21 16.24
CA CYS A 40 -3.09 0.16 16.32
C CYS A 40 -1.81 0.68 16.98
N PRO A 41 -1.27 -0.07 17.96
CA PRO A 41 0.01 0.26 18.59
C PRO A 41 1.17 0.24 17.61
N GLY A 42 1.03 -0.56 16.56
CA GLY A 42 2.06 -0.65 15.53
C GLY A 42 2.20 0.64 14.76
N CYS A 43 1.16 1.45 14.76
CA CYS A 43 1.16 2.73 14.06
C CYS A 43 2.21 3.65 14.65
N VAL A 44 2.33 3.64 15.98
CA VAL A 44 3.27 4.50 16.68
C VAL A 44 4.70 4.24 16.21
N SER A 45 5.01 2.98 15.92
CA SER A 45 6.34 2.60 15.50
C SER A 45 6.52 2.73 13.97
N GLU A 46 5.58 2.18 13.20
CA GLU A 46 5.75 2.06 11.77
C GLU A 46 5.34 3.32 10.99
N MET A 47 4.41 4.11 11.51
CA MET A 47 3.99 5.31 10.80
C MET A 47 5.18 6.24 10.48
N PRO A 48 6.08 6.52 11.45
CA PRO A 48 7.33 7.26 11.16
C PRO A 48 8.10 6.67 9.98
N LYS A 49 8.16 5.33 9.94
CA LYS A 49 8.83 4.62 8.85
C LYS A 49 8.16 4.98 7.53
N ILE A 50 6.84 4.91 7.54
CA ILE A 50 6.03 5.20 6.36
C ILE A 50 6.21 6.66 5.92
N ILE A 51 6.20 7.58 6.88
CA ILE A 51 6.27 9.00 6.58
C ILE A 51 7.49 9.34 5.73
N LYS A 52 8.68 8.94 6.18
CA LYS A 52 9.90 9.29 5.48
C LYS A 52 10.03 8.55 4.15
N THR A 53 9.62 7.27 4.15
CA THR A 53 9.71 6.45 2.96
C THR A 53 8.77 6.95 1.87
N ALA A 54 7.52 7.19 2.25
CA ALA A 54 6.51 7.63 1.30
C ALA A 54 6.84 9.01 0.77
N ASN A 55 7.21 9.92 1.67
CA ASN A 55 7.51 11.31 1.29
C ASN A 55 8.57 11.36 0.19
N ASP A 56 9.61 10.56 0.35
CA ASP A 56 10.70 10.51 -0.61
C ASP A 56 10.26 9.93 -1.95
N TYR A 57 9.63 8.77 -1.91
CA TYR A 57 9.27 8.05 -3.13
C TYR A 57 8.02 8.61 -3.80
N LYS A 58 7.21 9.33 -3.05
CA LYS A 58 5.98 9.91 -3.59
C LYS A 58 6.30 10.87 -4.72
N ASN A 59 7.38 11.63 -4.55
CA ASN A 59 7.78 12.61 -5.54
C ASN A 59 8.66 11.97 -6.61
N LYS A 60 8.78 10.65 -6.54
CA LYS A 60 9.50 9.90 -7.55
C LYS A 60 8.49 9.29 -8.53
N ASN A 61 7.70 8.35 -8.02
CA ASN A 61 6.65 7.65 -8.79
C ASN A 61 6.10 6.51 -7.94
N PHE A 62 6.32 6.59 -6.64
CA PHE A 62 5.92 5.55 -5.72
C PHE A 62 4.90 6.11 -4.74
N GLN A 63 3.71 5.54 -4.73
CA GLN A 63 2.67 6.01 -3.84
C GLN A 63 2.32 4.95 -2.80
N VAL A 64 1.92 5.40 -1.63
CA VAL A 64 1.54 4.49 -0.56
C VAL A 64 0.05 4.56 -0.31
N LEU A 65 -0.61 3.43 -0.47
CA LEU A 65 -2.03 3.31 -0.22
C LEU A 65 -2.25 2.62 1.12
N ALA A 66 -2.44 3.42 2.15
CA ALA A 66 -2.65 2.88 3.49
C ALA A 66 -4.12 2.59 3.69
N VAL A 67 -4.46 1.31 3.70
CA VAL A 67 -5.84 0.90 3.80
C VAL A 67 -6.17 0.49 5.23
N ALA A 68 -7.12 1.18 5.83
CA ALA A 68 -7.58 0.84 7.16
C ALA A 68 -8.80 -0.06 7.08
N GLN A 69 -8.74 -1.19 7.76
CA GLN A 69 -9.84 -2.15 7.74
C GLN A 69 -10.75 -1.93 8.94
N PRO A 70 -11.93 -2.60 8.99
CA PRO A 70 -12.92 -2.40 10.05
C PRO A 70 -12.46 -2.88 11.43
N ILE A 71 -11.64 -2.07 12.07
CA ILE A 71 -11.32 -2.25 13.47
C ILE A 71 -11.93 -1.09 14.24
N ASP A 72 -11.38 0.09 14.02
CA ASP A 72 -12.02 1.33 14.47
C ASP A 72 -12.86 1.88 13.33
N PRO A 73 -13.92 2.66 13.65
CA PRO A 73 -14.82 3.22 12.64
C PRO A 73 -14.14 4.18 11.68
N ILE A 74 -14.76 4.38 10.52
CA ILE A 74 -14.22 5.26 9.47
C ILE A 74 -13.92 6.65 10.01
N GLU A 75 -14.74 7.12 10.95
CA GLU A 75 -14.54 8.42 11.56
C GLU A 75 -13.19 8.50 12.26
N SER A 76 -12.86 7.42 12.97
CA SER A 76 -11.62 7.38 13.74
C SER A 76 -10.41 7.49 12.82
N VAL A 77 -10.52 6.84 11.66
CA VAL A 77 -9.46 6.93 10.64
C VAL A 77 -9.27 8.38 10.20
N ARG A 78 -10.38 9.08 10.00
CA ARG A 78 -10.34 10.47 9.59
C ARG A 78 -9.78 11.35 10.70
N GLN A 79 -10.02 10.99 11.95
CA GLN A 79 -9.46 11.74 13.07
C GLN A 79 -7.95 11.70 13.01
N TYR A 80 -7.41 10.54 12.69
CA TYR A 80 -5.97 10.34 12.62
C TYR A 80 -5.39 11.14 11.44
N VAL A 81 -6.02 11.00 10.28
CA VAL A 81 -5.54 11.67 9.08
C VAL A 81 -5.72 13.20 9.17
N LYS A 82 -6.72 13.64 9.93
CA LYS A 82 -6.99 15.06 10.09
C LYS A 82 -5.96 15.69 11.02
N ASP A 83 -5.84 15.13 12.21
CA ASP A 83 -5.00 15.71 13.25
C ASP A 83 -3.53 15.74 12.87
N TYR A 84 -3.01 14.62 12.38
CA TYR A 84 -1.59 14.51 12.08
C TYR A 84 -1.29 14.97 10.66
N GLY A 85 -2.30 14.96 9.80
CA GLY A 85 -2.12 15.39 8.43
C GLY A 85 -1.31 14.39 7.63
N LEU A 86 -1.83 13.17 7.53
CA LEU A 86 -1.17 12.10 6.80
C LEU A 86 -1.07 12.44 5.31
N PRO A 87 0.16 12.45 4.77
CA PRO A 87 0.42 12.82 3.38
C PRO A 87 0.22 11.66 2.40
N PHE A 88 0.30 10.43 2.90
CA PHE A 88 0.09 9.26 2.06
C PHE A 88 -1.39 8.96 1.94
N THR A 89 -1.78 8.40 0.79
CA THR A 89 -3.19 8.17 0.50
C THR A 89 -3.76 7.07 1.38
N VAL A 90 -4.73 7.44 2.21
CA VAL A 90 -5.35 6.50 3.13
C VAL A 90 -6.76 6.15 2.67
N MET A 91 -7.06 4.86 2.66
CA MET A 91 -8.38 4.37 2.30
C MET A 91 -8.96 3.54 3.43
N TYR A 92 -10.20 3.13 3.30
CA TYR A 92 -10.85 2.32 4.33
C TYR A 92 -11.71 1.24 3.68
N ASP A 93 -11.36 -0.02 3.92
CA ASP A 93 -12.14 -1.11 3.36
C ASP A 93 -13.11 -1.64 4.40
N ALA A 94 -14.34 -1.16 4.34
CA ALA A 94 -15.36 -1.51 5.32
C ALA A 94 -15.85 -2.94 5.10
N ASP A 95 -15.49 -3.52 3.96
CA ASP A 95 -15.92 -4.87 3.64
C ASP A 95 -14.88 -5.89 4.11
N LYS A 96 -13.68 -5.40 4.42
CA LYS A 96 -12.58 -6.20 4.98
C LYS A 96 -12.07 -7.31 4.04
N ALA A 97 -12.92 -7.78 3.13
CA ALA A 97 -12.61 -8.92 2.26
C ALA A 97 -11.41 -8.67 1.36
N VAL A 98 -11.11 -7.41 1.05
CA VAL A 98 -9.97 -7.11 0.21
C VAL A 98 -8.67 -7.37 0.96
N GLY A 99 -8.62 -6.99 2.23
CA GLY A 99 -7.47 -7.30 3.06
C GLY A 99 -7.35 -8.78 3.30
N GLN A 100 -8.51 -9.43 3.44
CA GLN A 100 -8.58 -10.88 3.59
C GLN A 100 -8.02 -11.57 2.35
N ALA A 101 -8.22 -10.94 1.19
CA ALA A 101 -7.70 -11.47 -0.07
C ALA A 101 -6.18 -11.33 -0.14
N PHE A 102 -5.68 -10.19 0.33
CA PHE A 102 -4.24 -9.94 0.35
C PHE A 102 -3.56 -10.88 1.34
N GLY A 103 -4.30 -11.30 2.36
CA GLY A 103 -3.76 -12.24 3.33
C GLY A 103 -3.20 -11.53 4.54
N THR A 104 -3.87 -10.48 4.97
CA THR A 104 -3.41 -9.70 6.11
C THR A 104 -3.58 -10.47 7.42
N GLN A 105 -2.48 -11.04 7.90
CA GLN A 105 -2.50 -11.77 9.16
C GLN A 105 -2.27 -10.81 10.32
N VAL A 106 -1.14 -10.13 10.27
CA VAL A 106 -0.75 -9.21 11.33
C VAL A 106 -0.55 -7.82 10.74
N TYR A 107 -0.92 -6.81 11.51
CA TYR A 107 -0.89 -5.44 11.03
C TYR A 107 0.19 -4.64 11.74
N PRO A 108 0.79 -3.66 11.04
CA PRO A 108 0.44 -3.32 9.65
C PRO A 108 0.99 -4.32 8.65
N THR A 109 0.31 -4.44 7.52
CA THR A 109 0.74 -5.33 6.45
C THR A 109 1.20 -4.51 5.25
N SER A 110 2.49 -4.56 4.95
CA SER A 110 3.05 -3.79 3.85
C SER A 110 3.11 -4.64 2.57
N VAL A 111 2.28 -4.30 1.61
CA VAL A 111 2.23 -5.03 0.35
C VAL A 111 2.84 -4.19 -0.77
N LEU A 112 3.67 -4.80 -1.58
CA LEU A 112 4.35 -4.10 -2.66
C LEU A 112 3.66 -4.40 -3.99
N ILE A 113 3.38 -3.34 -4.73
CA ILE A 113 2.71 -3.45 -6.02
C ILE A 113 3.68 -3.10 -7.13
N GLY A 114 3.74 -3.96 -8.13
CA GLY A 114 4.62 -3.73 -9.26
C GLY A 114 4.05 -2.71 -10.23
N LYS A 115 4.69 -2.57 -11.38
CA LYS A 115 4.32 -1.54 -12.36
C LYS A 115 3.10 -2.01 -13.14
N LYS A 116 2.72 -3.25 -12.90
CA LYS A 116 1.69 -3.93 -13.64
C LYS A 116 0.35 -3.86 -12.89
N GLY A 117 0.38 -3.35 -11.67
CA GLY A 117 -0.82 -3.34 -10.85
C GLY A 117 -1.15 -4.71 -10.30
N GLU A 118 -0.24 -5.26 -9.52
CA GLU A 118 -0.39 -6.58 -8.94
C GLU A 118 0.56 -6.76 -7.76
N ILE A 119 0.18 -7.63 -6.84
CA ILE A 119 0.97 -7.88 -5.64
C ILE A 119 2.30 -8.54 -5.98
N LEU A 120 3.35 -7.74 -5.89
CA LEU A 120 4.69 -8.21 -6.17
C LEU A 120 5.30 -8.87 -4.93
N LYS A 121 5.01 -8.31 -3.77
CA LYS A 121 5.61 -8.76 -2.53
C LYS A 121 4.70 -8.46 -1.35
N THR A 122 4.81 -9.22 -0.28
CA THR A 122 3.99 -8.98 0.90
C THR A 122 4.79 -9.19 2.20
N TYR A 123 4.95 -8.12 2.97
CA TYR A 123 5.56 -8.19 4.28
C TYR A 123 4.53 -7.97 5.37
N VAL A 124 4.56 -8.80 6.39
CA VAL A 124 3.68 -8.65 7.54
C VAL A 124 4.46 -8.10 8.74
N GLY A 125 4.15 -6.87 9.12
CA GLY A 125 4.88 -6.23 10.20
C GLY A 125 6.04 -5.42 9.68
N GLU A 126 7.01 -5.15 10.55
CA GLU A 126 8.20 -4.39 10.15
C GLU A 126 9.11 -5.25 9.29
N PRO A 127 9.37 -4.82 8.05
CA PRO A 127 10.23 -5.54 7.12
C PRO A 127 11.70 -5.12 7.25
N ASP A 128 12.57 -5.94 6.67
CA ASP A 128 13.99 -5.60 6.58
C ASP A 128 14.15 -4.41 5.64
N PHE A 129 14.36 -3.23 6.19
CA PHE A 129 14.39 -2.01 5.39
C PHE A 129 15.53 -2.02 4.38
N GLY A 130 16.69 -2.51 4.78
CA GLY A 130 17.81 -2.60 3.86
C GLY A 130 17.48 -3.45 2.65
N LYS A 131 16.91 -4.61 2.92
CA LYS A 131 16.49 -5.53 1.85
C LYS A 131 15.31 -4.94 1.10
N LEU A 132 14.42 -4.28 1.82
CA LEU A 132 13.23 -3.67 1.24
C LEU A 132 13.61 -2.62 0.20
N TYR A 133 14.56 -1.75 0.54
CA TYR A 133 15.00 -0.70 -0.37
C TYR A 133 15.60 -1.30 -1.64
N GLN A 134 16.48 -2.27 -1.48
CA GLN A 134 17.12 -2.92 -2.62
C GLN A 134 16.12 -3.73 -3.43
N GLU A 135 15.20 -4.39 -2.75
CA GLU A 135 14.17 -5.19 -3.42
C GLU A 135 13.24 -4.30 -4.24
N ILE A 136 12.91 -3.12 -3.71
CA ILE A 136 12.17 -2.13 -4.48
C ILE A 136 12.95 -1.72 -5.71
N ASP A 137 14.25 -1.46 -5.52
CA ASP A 137 15.14 -1.07 -6.62
C ASP A 137 15.21 -2.18 -7.68
N THR A 138 15.18 -3.43 -7.22
CA THR A 138 15.18 -4.57 -8.13
C THR A 138 13.95 -4.54 -9.03
N ALA A 139 12.79 -4.24 -8.45
CA ALA A 139 11.56 -4.12 -9.21
C ALA A 139 11.53 -2.81 -10.00
N TRP A 140 12.19 -1.80 -9.44
CA TRP A 140 12.25 -0.48 -10.03
C TRP A 140 13.02 -0.52 -11.36
N ARG A 141 14.24 -1.02 -11.30
CA ARG A 141 15.07 -1.14 -12.50
C ARG A 141 14.65 -2.35 -13.31
N ASN A 142 14.45 -3.47 -12.60
CA ASN A 142 13.94 -4.72 -13.17
C ASN A 142 14.71 -5.19 -14.41
N SER A 143 14.27 -4.75 -15.59
CA SER A 143 14.87 -5.21 -16.83
C SER A 143 15.96 -4.24 -17.31
N ASP A 144 15.90 -3.01 -16.81
CA ASP A 144 16.87 -1.95 -17.16
C ASP A 144 16.67 -1.44 -18.59
N ALA A 145 16.38 -2.35 -19.51
CA ALA A 145 16.14 -2.00 -20.90
C ALA A 145 14.70 -1.55 -21.11
N GLU A 146 14.07 -1.14 -20.01
CA GLU A 146 12.69 -0.66 -20.06
C GLU A 146 12.65 0.79 -20.53
N GLY A 147 11.53 1.16 -21.14
CA GLY A 147 11.36 2.52 -21.59
C GLY A 147 10.15 2.66 -22.49
N HIS A 148 10.34 3.26 -23.65
CA HIS A 148 9.28 3.38 -24.63
C HIS A 148 9.45 2.31 -25.70
N HIS A 149 10.69 2.15 -26.15
CA HIS A 149 11.06 1.10 -27.10
C HIS A 149 12.56 1.11 -27.36
N HIS A 150 13.25 0.17 -26.73
CA HIS A 150 14.70 0.06 -26.86
C HIS A 150 15.08 -0.71 -28.12
N HIS A 151 15.16 0.01 -29.23
CA HIS A 151 15.62 -0.56 -30.50
C HIS A 151 16.00 0.55 -31.46
N HIS A 152 17.26 0.54 -31.89
CA HIS A 152 17.75 1.53 -32.82
C HIS A 152 18.99 0.99 -33.52
N HIS A 153 19.27 1.48 -34.71
CA HIS A 153 20.51 1.16 -35.40
C HIS A 153 21.09 2.45 -35.99
#